data_2WYR
#
_entry.id   2WYR
#
_cell.length_a   113.263
_cell.length_b   205.218
_cell.length_c   113.488
_cell.angle_alpha   90.00
_cell.angle_beta   100.78
_cell.angle_gamma   90.00
#
_symmetry.space_group_name_H-M   'P 1 21 1'
#
loop_
_entity.id
_entity.type
_entity.pdbx_description
1 polymer 'COBALT-ACTIVATED PEPTIDASE TET1'
2 non-polymer 'COBALT (II) ION'
3 water water
#
_entity_poly.entity_id   1
_entity_poly.type   'polypeptide(L)'
_entity_poly.pdbx_seq_one_letter_code
;MMSMIEKLKKFTQIPGISGYEERIREEIIREIKDFADYKVDAIGNLIVELGEGEERILFMAHMDEIGLLITGITDEGKLR
FRKVGGIDDRLLYGRHVNVVTEKGILDGVIGATPPHLSLERDKSVIPWYDLVIDIGAESKEEALELVKPLDFAVFKKHFS
VLNGKYVSTRGLDDRFGVVALIEAIKDLVDHELEGKVIFAFTVQEEVGLKGAKFLANHYYPQYAFAIDSFACCSPLTGDV
KLGKGPVIRAVDNSAIYSRDLARKVWSIAEKNGIEIQIGVTGGGTDASAFQDRSKTLALSVPIKYLHSEVETLHLNDLEK
LVKLIEALAFEL
;
_entity_poly.pdbx_strand_id   A,B,C,D,E,F,G,H,I,J,K,L
#
loop_
_chem_comp.id
_chem_comp.type
_chem_comp.name
_chem_comp.formula
CO non-polymer 'COBALT (II) ION' 'Co 2'
#
# COMPACT_ATOMS: atom_id res chain seq x y z
N MET A 2 23.75 46.45 32.02
CA MET A 2 22.45 45.84 32.29
C MET A 2 21.56 45.74 31.04
N SER A 3 22.17 45.33 29.91
CA SER A 3 21.49 45.24 28.62
C SER A 3 20.27 44.32 28.61
N MET A 4 19.38 44.58 27.66
CA MET A 4 18.21 43.75 27.42
C MET A 4 18.62 42.30 27.13
N ILE A 5 19.68 42.15 26.34
CA ILE A 5 20.20 40.83 25.99
C ILE A 5 20.60 40.02 27.21
N GLU A 6 21.24 40.69 28.17
CA GLU A 6 21.64 40.07 29.42
C GLU A 6 20.45 39.70 30.30
N LYS A 7 19.39 40.50 30.26
CA LYS A 7 18.20 40.20 31.03
C LYS A 7 17.49 38.95 30.44
N LEU A 8 17.38 38.91 29.13
CA LEU A 8 16.78 37.78 28.43
C LEU A 8 17.55 36.52 28.79
N LYS A 9 18.86 36.59 28.68
CA LYS A 9 19.69 35.44 29.02
C LYS A 9 19.46 35.00 30.46
N LYS A 10 19.45 35.96 31.38
CA LYS A 10 19.32 35.61 32.79
C LYS A 10 18.00 34.89 33.04
N PHE A 11 16.91 35.45 32.52
CA PHE A 11 15.60 34.88 32.77
C PHE A 11 15.31 33.60 31.99
N THR A 12 15.84 33.49 30.76
CA THR A 12 15.67 32.26 30.00
C THR A 12 16.42 31.09 30.64
N GLN A 13 17.55 31.36 31.28
CA GLN A 13 18.37 30.29 31.83
C GLN A 13 17.79 29.65 33.09
N ILE A 14 16.81 30.30 33.72
CA ILE A 14 16.21 29.74 34.94
C ILE A 14 15.25 28.62 34.59
N PRO A 15 15.44 27.45 35.21
CA PRO A 15 14.62 26.24 34.96
C PRO A 15 13.28 26.34 35.67
N GLY A 16 12.17 26.06 34.98
CA GLY A 16 10.88 25.93 35.63
C GLY A 16 9.72 25.60 34.72
N ILE A 17 9.35 24.33 34.68
CA ILE A 17 8.23 23.93 33.86
C ILE A 17 6.91 24.29 34.55
N SER A 18 5.79 24.07 33.87
CA SER A 18 4.48 24.31 34.47
C SER A 18 4.35 23.56 35.77
N GLY A 19 3.80 24.22 36.79
CA GLY A 19 3.67 23.62 38.10
C GLY A 19 4.95 23.71 38.93
N TYR A 20 6.04 24.11 38.29
CA TYR A 20 7.35 24.16 38.94
C TYR A 20 8.04 25.48 38.67
N GLU A 21 7.29 26.57 38.82
CA GLU A 21 7.79 27.91 38.51
C GLU A 21 8.57 28.62 39.65
N GLU A 22 8.78 27.96 40.80
CA GLU A 22 9.44 28.61 41.95
C GLU A 22 10.64 29.48 41.61
N ARG A 23 11.63 28.88 40.95
CA ARG A 23 12.90 29.57 40.68
C ARG A 23 12.70 30.84 39.88
N ILE A 24 11.71 30.84 39.00
CA ILE A 24 11.48 32.02 38.17
C ILE A 24 10.80 33.07 39.03
N ARG A 25 9.78 32.66 39.78
CA ARG A 25 9.03 33.59 40.61
C ARG A 25 9.99 34.26 41.62
N GLU A 26 10.85 33.45 42.22
CA GLU A 26 11.82 33.96 43.17
CA GLU A 26 11.83 33.95 43.18
C GLU A 26 12.71 35.04 42.55
N GLU A 27 13.14 34.84 41.31
CA GLU A 27 14.00 35.84 40.67
C GLU A 27 13.27 37.12 40.25
N ILE A 28 11.99 36.98 39.89
CA ILE A 28 11.19 38.16 39.59
C ILE A 28 10.96 38.93 40.90
N ILE A 29 10.75 38.21 41.99
CA ILE A 29 10.56 38.87 43.29
C ILE A 29 11.80 39.67 43.66
N ARG A 30 12.98 39.06 43.50
CA ARG A 30 14.24 39.75 43.74
C ARG A 30 14.35 41.08 42.97
N GLU A 31 13.86 41.10 41.74
CA GLU A 31 14.05 42.24 40.85
C GLU A 31 13.09 43.40 41.08
N ILE A 32 11.95 43.11 41.70
CA ILE A 32 10.93 44.13 41.89
C ILE A 32 10.76 44.42 43.37
N LYS A 33 11.43 43.64 44.20
CA LYS A 33 11.36 43.74 45.65
C LYS A 33 11.46 45.20 46.10
N ASP A 34 12.49 45.89 45.62
CA ASP A 34 12.77 47.28 46.00
C ASP A 34 11.84 48.31 45.36
N PHE A 35 10.87 47.87 44.55
CA PHE A 35 10.09 48.79 43.73
C PHE A 35 8.59 48.80 44.01
N ALA A 36 8.03 47.64 44.30
CA ALA A 36 6.59 47.55 44.54
C ALA A 36 6.27 46.39 45.46
N ASP A 37 5.10 46.42 46.08
CA ASP A 37 4.64 45.26 46.83
C ASP A 37 4.07 44.21 45.87
N TYR A 38 3.87 42.99 46.37
CA TYR A 38 3.44 41.91 45.52
C TYR A 38 2.80 40.85 46.38
N LYS A 39 1.92 40.05 45.77
CA LYS A 39 1.36 38.89 46.44
C LYS A 39 1.52 37.64 45.57
N VAL A 40 1.60 36.49 46.22
CA VAL A 40 1.64 35.23 45.52
C VAL A 40 0.38 34.50 45.91
N ASP A 41 -0.41 34.07 44.93
CA ASP A 41 -1.64 33.36 45.26
C ASP A 41 -1.40 31.87 45.47
N ALA A 42 -2.48 31.14 45.73
CA ALA A 42 -2.39 29.74 46.15
C ALA A 42 -1.91 28.77 45.06
N ILE A 43 -1.96 29.20 43.81
CA ILE A 43 -1.48 28.35 42.71
C ILE A 43 -0.07 28.74 42.25
N GLY A 44 0.39 29.93 42.62
CA GLY A 44 1.74 30.33 42.30
C GLY A 44 1.89 31.64 41.53
N ASN A 45 0.78 32.23 41.10
CA ASN A 45 0.89 33.49 40.36
C ASN A 45 1.57 34.55 41.22
N LEU A 46 2.37 35.39 40.59
CA LEU A 46 2.94 36.56 41.26
C LEU A 46 2.23 37.81 40.75
N ILE A 47 1.55 38.52 41.64
CA ILE A 47 0.77 39.68 41.24
C ILE A 47 1.32 40.97 41.84
N VAL A 48 1.46 41.98 40.98
CA VAL A 48 1.90 43.30 41.38
C VAL A 48 0.83 44.31 40.99
N GLU A 49 0.29 45.02 41.96
CA GLU A 49 -0.74 46.02 41.69
C GLU A 49 -0.17 47.43 41.70
N LEU A 50 -0.48 48.19 40.65
CA LEU A 50 -0.12 49.59 40.59
C LEU A 50 -1.38 50.44 40.61
N GLY A 51 -1.34 51.51 41.41
CA GLY A 51 -2.45 52.43 41.47
C GLY A 51 -3.52 52.05 42.47
N GLU A 52 -4.63 52.78 42.40
CA GLU A 52 -5.70 52.63 43.37
C GLU A 52 -7.01 52.80 42.63
N GLY A 53 -8.01 52.04 43.04
CA GLY A 53 -9.36 52.23 42.51
C GLY A 53 -9.91 51.07 41.71
N GLU A 54 -10.55 51.42 40.59
CA GLU A 54 -11.13 50.41 39.71
CA GLU A 54 -11.13 50.43 39.68
C GLU A 54 -10.04 49.63 38.98
N GLU A 55 -10.28 48.33 38.80
CA GLU A 55 -9.34 47.46 38.11
C GLU A 55 -9.45 47.68 36.61
N ARG A 56 -8.50 48.45 36.08
CA ARG A 56 -8.61 48.91 34.72
C ARG A 56 -7.93 47.97 33.74
N ILE A 57 -6.66 47.67 34.01
CA ILE A 57 -5.85 46.88 33.10
C ILE A 57 -5.21 45.71 33.82
N LEU A 58 -5.23 44.54 33.20
CA LEU A 58 -4.46 43.40 33.67
C LEU A 58 -3.46 43.03 32.57
N PHE A 59 -2.20 42.82 32.94
CA PHE A 59 -1.18 42.35 32.01
C PHE A 59 -0.66 41.01 32.53
N MET A 60 -0.70 39.98 31.69
CA MET A 60 -0.25 38.67 32.11
C MET A 60 0.86 38.17 31.22
N ALA A 61 1.94 37.71 31.85
CA ALA A 61 3.03 37.04 31.13
C ALA A 61 3.40 35.81 31.95
N HIS A 62 3.70 34.71 31.28
CA HIS A 62 3.77 33.46 32.02
C HIS A 62 5.20 33.06 32.37
N MET A 63 5.34 32.42 33.53
CA MET A 63 6.64 32.05 34.07
C MET A 63 7.06 30.64 33.66
N ASP A 64 6.09 29.79 33.35
CA ASP A 64 6.40 28.40 33.04
C ASP A 64 6.90 28.25 31.61
N GLU A 65 7.80 27.28 31.42
CA GLU A 65 8.26 26.90 30.10
C GLU A 65 7.86 25.45 29.84
N ILE A 66 7.96 24.99 28.60
CA ILE A 66 7.71 23.57 28.33
C ILE A 66 8.91 22.74 28.81
N GLY A 67 8.67 21.46 29.05
CA GLY A 67 9.74 20.60 29.54
C GLY A 67 9.31 19.16 29.80
N LEU A 68 10.11 18.45 30.58
CA LEU A 68 9.92 17.03 30.85
C LEU A 68 9.65 16.79 32.33
N LEU A 69 8.71 15.90 32.61
CA LEU A 69 8.37 15.47 33.97
C LEU A 69 8.87 14.03 34.20
N ILE A 70 9.74 13.82 35.19
CA ILE A 70 10.28 12.49 35.44
C ILE A 70 9.18 11.59 36.00
N THR A 71 8.90 10.49 35.32
CA THR A 71 7.79 9.62 35.73
C THR A 71 8.28 8.36 36.44
N GLY A 72 9.53 7.99 36.25
CA GLY A 72 10.02 6.75 36.81
C GLY A 72 11.44 6.45 36.43
N ILE A 73 11.99 5.41 37.02
CA ILE A 73 13.40 5.08 36.86
C ILE A 73 13.53 3.62 36.46
N THR A 74 14.25 3.36 35.39
CA THR A 74 14.35 2.01 34.84
C THR A 74 15.32 1.14 35.63
N ASP A 75 15.37 -0.14 35.28
CA ASP A 75 16.25 -1.07 35.94
C ASP A 75 17.70 -0.70 35.72
N GLU A 76 17.99 -0.17 34.54
CA GLU A 76 19.37 0.17 34.22
C GLU A 76 19.72 1.59 34.65
N GLY A 77 18.82 2.21 35.43
CA GLY A 77 19.04 3.51 36.02
C GLY A 77 18.82 4.74 35.13
N LYS A 78 18.09 4.60 34.03
CA LYS A 78 17.73 5.74 33.21
C LYS A 78 16.41 6.36 33.69
N LEU A 79 16.12 7.59 33.27
CA LEU A 79 14.91 8.27 33.69
C LEU A 79 13.86 8.24 32.59
N ARG A 80 12.69 7.69 32.90
CA ARG A 80 11.56 7.81 31.98
C ARG A 80 10.84 9.12 32.26
N PHE A 81 10.14 9.64 31.26
CA PHE A 81 9.52 10.94 31.39
C PHE A 81 8.27 11.12 30.56
N ARG A 82 7.56 12.19 30.90
CA ARG A 82 6.34 12.63 30.26
C ARG A 82 6.63 14.05 29.76
N LYS A 83 6.03 14.45 28.64
CA LYS A 83 6.12 15.83 28.17
C LYS A 83 5.15 16.76 28.89
N VAL A 84 5.60 17.99 29.15
CA VAL A 84 4.75 19.03 29.76
C VAL A 84 4.70 20.25 28.85
N GLY A 85 3.53 20.50 28.27
CA GLY A 85 3.38 21.52 27.24
C GLY A 85 3.70 20.91 25.88
N GLY A 86 3.45 21.64 24.80
CA GLY A 86 3.66 21.10 23.46
C GLY A 86 5.11 21.09 22.98
N ILE A 87 5.64 19.90 22.78
CA ILE A 87 7.00 19.73 22.25
C ILE A 87 6.97 18.73 21.10
N ASP A 88 7.54 19.11 19.96
CA ASP A 88 7.73 18.19 18.84
C ASP A 88 8.75 17.13 19.26
N ASP A 89 8.36 15.87 19.17
CA ASP A 89 9.23 14.74 19.51
C ASP A 89 10.59 14.78 18.80
N ARG A 90 10.61 15.40 17.62
CA ARG A 90 11.87 15.55 16.87
C ARG A 90 12.92 16.34 17.63
N LEU A 91 12.48 17.20 18.55
CA LEU A 91 13.41 18.04 19.33
C LEU A 91 13.95 17.39 20.62
N LEU A 92 13.53 16.15 20.91
CA LEU A 92 13.97 15.47 22.14
C LEU A 92 15.22 14.61 21.91
N TYR A 93 15.42 14.20 20.66
CA TYR A 93 16.42 13.18 20.34
C TYR A 93 17.84 13.75 20.32
N GLY A 94 18.75 13.15 21.06
CA GLY A 94 20.15 13.58 21.03
C GLY A 94 20.40 14.96 21.65
N ARG A 95 19.93 15.13 22.88
CA ARG A 95 19.92 16.45 23.52
C ARG A 95 20.49 16.41 24.92
N HIS A 96 21.16 17.48 25.34
CA HIS A 96 21.50 17.67 26.76
C HIS A 96 20.31 18.24 27.54
N VAL A 97 20.12 17.75 28.77
CA VAL A 97 19.09 18.32 29.63
C VAL A 97 19.65 18.66 31.00
N ASN A 98 19.00 19.59 31.69
CA ASN A 98 19.21 19.78 33.13
C ASN A 98 18.07 19.15 33.89
N VAL A 99 18.39 18.16 34.73
CA VAL A 99 17.40 17.51 35.59
C VAL A 99 17.36 18.23 36.94
N VAL A 100 16.21 18.79 37.28
CA VAL A 100 16.03 19.60 38.49
C VAL A 100 15.40 18.77 39.62
N THR A 101 16.14 18.62 40.72
CA THR A 101 15.74 17.81 41.85
C THR A 101 15.63 18.71 43.07
N GLU A 102 15.17 18.15 44.18
CA GLU A 102 15.10 18.91 45.42
C GLU A 102 16.51 19.22 45.91
N LYS A 103 17.45 18.33 45.57
CA LYS A 103 18.82 18.41 46.01
C LYS A 103 19.70 19.35 45.15
N GLY A 104 19.38 19.46 43.87
CA GLY A 104 20.16 20.31 42.96
C GLY A 104 19.93 20.01 41.49
N ILE A 105 20.77 20.60 40.63
CA ILE A 105 20.66 20.40 39.18
C ILE A 105 21.72 19.41 38.70
N LEU A 106 21.29 18.36 38.01
CA LEU A 106 22.18 17.32 37.46
C LEU A 106 22.21 17.37 35.93
N ASP A 107 23.33 16.97 35.34
CA ASP A 107 23.41 16.88 33.89
CA ASP A 107 23.41 16.88 33.89
C ASP A 107 22.68 15.62 33.44
N GLY A 108 22.10 15.67 32.25
CA GLY A 108 21.40 14.52 31.70
C GLY A 108 21.49 14.52 30.19
N VAL A 109 21.22 13.38 29.59
CA VAL A 109 21.36 13.26 28.16
C VAL A 109 20.30 12.32 27.56
N ILE A 110 19.63 12.76 26.51
CA ILE A 110 18.77 11.86 25.75
C ILE A 110 19.57 11.42 24.52
N GLY A 111 19.91 10.14 24.48
CA GLY A 111 20.91 9.64 23.53
C GLY A 111 20.48 9.68 22.07
N ALA A 112 21.37 9.21 21.20
CA ALA A 112 21.03 9.00 19.80
C ALA A 112 21.81 7.76 19.36
N THR A 113 21.17 6.91 18.56
CA THR A 113 21.85 5.72 18.06
C THR A 113 22.72 6.03 16.84
N PRO A 114 23.99 5.61 16.88
CA PRO A 114 24.91 5.95 15.79
C PRO A 114 24.64 5.10 14.55
N PRO A 115 25.00 5.61 13.37
CA PRO A 115 25.02 4.81 12.14
C PRO A 115 25.85 3.54 12.32
N HIS A 116 26.91 3.63 13.11
CA HIS A 116 27.82 2.50 13.37
C HIS A 116 27.12 1.28 13.96
N LEU A 117 25.92 1.46 14.51
CA LEU A 117 25.24 0.36 15.19
C LEU A 117 23.77 0.25 14.80
N LYS A 123 15.82 7.23 10.61
CA LYS A 123 14.86 7.08 9.51
CA LYS A 123 14.90 7.23 9.48
C LYS A 123 13.48 7.61 9.91
N SER A 124 13.12 7.32 11.16
CA SER A 124 11.82 7.71 11.70
C SER A 124 12.00 8.58 12.95
N VAL A 125 10.96 9.31 13.31
CA VAL A 125 10.97 10.06 14.56
C VAL A 125 10.75 9.06 15.70
N ILE A 126 11.60 9.09 16.70
CA ILE A 126 11.44 8.22 17.86
C ILE A 126 10.49 8.91 18.83
N PRO A 127 9.36 8.24 19.13
CA PRO A 127 8.35 8.83 20.03
C PRO A 127 8.90 9.09 21.43
N TRP A 128 8.37 10.14 22.06
CA TRP A 128 8.74 10.48 23.42
C TRP A 128 8.75 9.28 24.38
N TYR A 129 7.74 8.42 24.29
CA TYR A 129 7.63 7.31 25.25
C TYR A 129 8.73 6.24 25.02
N ASP A 130 9.40 6.28 23.87
CA ASP A 130 10.54 5.38 23.63
C ASP A 130 11.89 5.96 24.08
N LEU A 131 11.87 7.18 24.63
CA LEU A 131 13.11 7.86 25.04
C LEU A 131 13.33 7.85 26.55
N VAL A 132 14.59 7.93 26.96
CA VAL A 132 14.91 8.03 28.37
C VAL A 132 16.06 9.02 28.53
N ILE A 133 16.23 9.52 29.74
CA ILE A 133 17.36 10.35 30.06
C ILE A 133 18.45 9.53 30.77
N ASP A 134 19.68 9.66 30.28
CA ASP A 134 20.86 9.07 30.88
C ASP A 134 21.53 10.07 31.84
N ILE A 135 21.65 9.71 33.11
CA ILE A 135 22.32 10.59 34.09
C ILE A 135 23.59 9.95 34.65
N GLY A 136 24.03 8.85 34.05
CA GLY A 136 25.24 8.18 34.50
C GLY A 136 25.11 7.36 35.78
N ALA A 137 23.88 6.94 36.09
CA ALA A 137 23.65 5.98 37.16
C ALA A 137 23.84 4.57 36.62
N GLU A 138 24.32 3.68 37.46
CA GLU A 138 24.59 2.31 37.03
C GLU A 138 23.37 1.41 37.30
N SER A 139 22.45 1.88 38.11
CA SER A 139 21.29 1.07 38.47
C SER A 139 20.17 1.94 38.97
N LYS A 140 19.00 1.34 39.07
CA LYS A 140 17.84 1.95 39.67
C LYS A 140 18.18 2.52 41.05
N GLU A 141 18.93 1.76 41.84
CA GLU A 141 19.27 2.17 43.20
C GLU A 141 20.08 3.47 43.21
N GLU A 142 21.15 3.49 42.42
CA GLU A 142 22.00 4.67 42.37
C GLU A 142 21.25 5.86 41.79
N ALA A 143 20.41 5.60 40.79
CA ALA A 143 19.62 6.66 40.17
C ALA A 143 18.63 7.29 41.14
N LEU A 144 18.01 6.47 41.98
CA LEU A 144 16.98 6.94 42.91
C LEU A 144 17.58 7.76 44.01
N GLU A 145 18.88 7.59 44.25
CA GLU A 145 19.60 8.46 45.17
C GLU A 145 19.80 9.85 44.57
N LEU A 146 19.78 9.93 43.23
CA LEU A 146 20.04 11.20 42.54
C LEU A 146 18.78 11.94 42.10
N VAL A 147 17.74 11.19 41.73
CA VAL A 147 16.54 11.78 41.14
C VAL A 147 15.31 10.96 41.53
N LYS A 148 14.17 11.63 41.70
CA LYS A 148 12.92 10.93 41.99
C LYS A 148 11.83 11.27 40.99
N PRO A 149 10.87 10.36 40.81
CA PRO A 149 9.67 10.70 40.04
C PRO A 149 9.07 12.02 40.55
N LEU A 150 8.53 12.83 39.62
CA LEU A 150 7.98 14.17 39.91
C LEU A 150 9.04 15.28 40.00
N ASP A 151 10.30 14.90 39.87
CA ASP A 151 11.31 15.87 39.48
C ASP A 151 11.09 16.18 37.99
N PHE A 152 11.76 17.21 37.50
CA PHE A 152 11.57 17.63 36.11
C PHE A 152 12.91 17.93 35.42
N ALA A 153 12.84 18.15 34.11
CA ALA A 153 14.01 18.43 33.32
C ALA A 153 13.66 19.41 32.21
N VAL A 154 14.62 20.27 31.88
CA VAL A 154 14.53 21.15 30.72
C VAL A 154 15.81 21.01 29.89
N PHE A 155 15.73 21.39 28.63
CA PHE A 155 16.91 21.40 27.77
C PHE A 155 18.01 22.29 28.34
N LYS A 156 19.26 21.88 28.18
CA LYS A 156 20.35 22.84 28.30
C LYS A 156 20.14 23.88 27.21
N LYS A 157 20.48 25.13 27.51
CA LYS A 157 20.12 26.22 26.61
C LYS A 157 21.29 27.03 26.10
N HIS A 158 21.60 26.86 24.82
CA HIS A 158 22.49 27.79 24.14
C HIS A 158 21.76 29.12 24.00
N PHE A 159 22.54 30.19 23.91
CA PHE A 159 22.01 31.52 23.72
C PHE A 159 22.80 32.13 22.58
N SER A 160 22.11 32.52 21.52
CA SER A 160 22.76 33.10 20.33
C SER A 160 22.21 34.49 20.01
N VAL A 161 23.11 35.35 19.55
CA VAL A 161 22.73 36.65 19.02
C VAL A 161 23.00 36.57 17.53
N LEU A 162 21.99 36.85 16.70
CA LEU A 162 22.17 36.70 15.28
C LEU A 162 22.31 38.07 14.62
N ASN A 163 23.49 38.33 14.07
CA ASN A 163 23.78 39.58 13.38
C ASN A 163 23.43 40.78 14.25
N GLY A 164 23.68 40.68 15.55
CA GLY A 164 23.49 41.78 16.46
C GLY A 164 22.07 42.14 16.85
N LYS A 165 21.08 41.75 16.04
CA LYS A 165 19.70 42.17 16.30
C LYS A 165 18.66 41.11 16.69
N TYR A 166 19.03 39.83 16.60
CA TYR A 166 18.12 38.74 16.94
C TYR A 166 18.69 37.96 18.10
N VAL A 167 17.82 37.58 19.03
CA VAL A 167 18.22 36.69 20.10
C VAL A 167 17.50 35.36 19.91
N SER A 168 18.20 34.26 20.16
CA SER A 168 17.68 32.90 20.04
C SER A 168 18.07 32.05 21.22
N THR A 169 17.07 31.44 21.84
CA THR A 169 17.27 30.53 22.96
C THR A 169 15.92 29.97 23.39
N ARG A 170 15.91 28.79 23.99
CA ARG A 170 14.68 28.24 24.58
C ARG A 170 14.18 29.13 25.72
N GLY A 171 12.89 29.45 25.72
CA GLY A 171 12.30 30.17 26.84
C GLY A 171 12.05 31.64 26.61
N LEU A 172 12.35 32.15 25.43
CA LEU A 172 11.96 33.53 25.11
C LEU A 172 10.46 33.58 25.31
N ASP A 173 9.81 32.48 24.97
CA ASP A 173 8.42 32.27 25.32
C ASP A 173 8.35 31.57 26.68
N ASP A 174 7.95 32.26 27.75
CA ASP A 174 7.52 33.65 27.69
C ASP A 174 8.38 34.47 28.65
N ARG A 175 9.67 34.17 28.73
CA ARG A 175 10.56 34.97 29.58
C ARG A 175 10.79 36.38 29.00
N PHE A 176 10.55 36.57 27.70
CA PHE A 176 10.63 37.93 27.16
C PHE A 176 9.46 38.74 27.73
N GLY A 177 8.33 38.09 27.95
CA GLY A 177 7.16 38.81 28.46
C GLY A 177 7.36 39.17 29.92
N VAL A 178 7.96 38.25 30.66
CA VAL A 178 8.31 38.47 32.06
C VAL A 178 9.22 39.67 32.23
N VAL A 179 10.26 39.72 31.40
CA VAL A 179 11.18 40.85 31.38
C VAL A 179 10.46 42.13 30.94
N ALA A 180 9.61 42.03 29.91
CA ALA A 180 8.87 43.18 29.44
C ALA A 180 8.01 43.79 30.54
N LEU A 181 7.34 42.94 31.32
CA LEU A 181 6.49 43.40 32.42
C LEU A 181 7.28 43.95 33.62
N ILE A 182 8.40 43.31 33.94
CA ILE A 182 9.28 43.86 34.96
C ILE A 182 9.68 45.28 34.56
N GLU A 183 10.15 45.42 33.33
CA GLU A 183 10.60 46.71 32.80
C GLU A 183 9.50 47.77 32.95
N ALA A 184 8.27 47.40 32.64
CA ALA A 184 7.17 48.35 32.70
C ALA A 184 6.84 48.74 34.14
N ILE A 185 6.94 47.77 35.05
CA ILE A 185 6.65 48.01 36.46
C ILE A 185 7.64 49.02 37.05
N LYS A 186 8.91 48.92 36.64
CA LYS A 186 9.90 49.88 37.09
C LYS A 186 9.61 51.27 36.51
N ASP A 187 9.14 51.30 35.26
CA ASP A 187 8.90 52.55 34.53
C ASP A 187 7.55 53.21 34.85
N LEU A 188 6.77 52.63 35.75
CA LEU A 188 5.44 53.15 36.01
C LEU A 188 5.19 53.42 37.48
N VAL A 189 6.05 52.88 38.34
CA VAL A 189 5.82 52.93 39.77
C VAL A 189 5.89 54.36 40.33
N ASP A 190 6.73 55.19 39.71
CA ASP A 190 6.85 56.58 40.10
C ASP A 190 5.91 57.48 39.30
N HIS A 191 4.72 57.00 39.01
CA HIS A 191 3.74 57.79 38.29
C HIS A 191 2.34 57.50 38.79
N GLU A 192 1.44 58.45 38.62
CA GLU A 192 0.07 58.28 39.07
C GLU A 192 -0.79 57.81 37.91
N LEU A 193 -1.37 56.62 38.04
CA LEU A 193 -2.23 56.06 37.01
C LEU A 193 -3.69 56.28 37.34
N GLU A 194 -4.55 56.14 36.34
CA GLU A 194 -5.98 56.04 36.58
C GLU A 194 -6.32 54.61 36.98
N GLY A 195 -7.08 54.46 38.05
CA GLY A 195 -7.45 53.15 38.55
C GLY A 195 -6.24 52.29 38.88
N LYS A 196 -6.42 50.97 38.79
CA LYS A 196 -5.33 50.04 39.02
C LYS A 196 -4.83 49.49 37.69
N VAL A 197 -3.52 49.25 37.61
CA VAL A 197 -2.96 48.47 36.54
C VAL A 197 -2.30 47.27 37.18
N ILE A 198 -2.74 46.08 36.80
CA ILE A 198 -2.32 44.84 37.47
C ILE A 198 -1.35 44.05 36.59
N PHE A 199 -0.20 43.72 37.17
CA PHE A 199 0.82 42.94 36.46
C PHE A 199 0.89 41.56 37.09
N ALA A 200 0.68 40.54 36.27
CA ALA A 200 0.67 39.18 36.81
C ALA A 200 1.59 38.28 36.03
N PHE A 201 2.43 37.55 36.75
CA PHE A 201 3.29 36.54 36.19
C PHE A 201 2.63 35.22 36.53
N THR A 202 2.00 34.60 35.53
CA THR A 202 1.14 33.44 35.76
C THR A 202 1.89 32.12 35.78
N VAL A 203 1.23 31.09 36.30
CA VAL A 203 1.78 29.75 36.27
C VAL A 203 0.98 28.94 35.26
N GLN A 204 1.55 27.83 34.81
CA GLN A 204 0.80 26.79 34.13
C GLN A 204 0.09 27.25 32.87
N GLU A 205 0.63 28.29 32.22
CA GLU A 205 0.12 28.74 30.95
C GLU A 205 0.17 27.65 29.87
N GLU A 206 1.25 26.86 29.86
CA GLU A 206 1.54 25.92 28.78
C GLU A 206 0.70 24.64 28.91
N VAL A 207 0.01 24.50 30.03
CA VAL A 207 -0.86 23.36 30.24
C VAL A 207 -2.31 23.78 30.46
N GLY A 208 -2.77 24.73 29.65
CA GLY A 208 -4.16 25.09 29.63
C GLY A 208 -4.53 26.30 30.47
N LEU A 209 -3.59 27.22 30.64
CA LEU A 209 -3.90 28.51 31.23
C LEU A 209 -4.41 28.44 32.69
N LYS A 210 -3.92 27.46 33.43
CA LYS A 210 -4.43 27.19 34.78
C LYS A 210 -4.20 28.34 35.75
N GLY A 211 -3.01 28.93 35.72
CA GLY A 211 -2.74 30.10 36.54
C GLY A 211 -3.68 31.26 36.21
N ALA A 212 -3.89 31.53 34.93
CA ALA A 212 -4.77 32.64 34.55
C ALA A 212 -6.22 32.36 34.94
N LYS A 213 -6.67 31.11 34.76
CA LYS A 213 -7.99 30.72 35.22
C LYS A 213 -8.18 30.95 36.72
N PHE A 214 -7.12 30.71 37.50
CA PHE A 214 -7.16 30.93 38.94
C PHE A 214 -7.25 32.42 39.26
N LEU A 215 -6.49 33.20 38.50
CA LEU A 215 -6.44 34.64 38.63
C LEU A 215 -7.79 35.27 38.32
N ALA A 216 -8.49 34.70 37.34
CA ALA A 216 -9.77 35.23 36.89
C ALA A 216 -10.88 35.15 37.95
N ASN A 217 -10.66 34.36 39.00
CA ASN A 217 -11.61 34.32 40.11
C ASN A 217 -11.24 35.30 41.21
N HIS A 218 -10.14 36.02 41.01
CA HIS A 218 -9.69 36.98 42.01
C HIS A 218 -9.54 38.39 41.46
N TYR A 219 -9.70 38.54 40.15
CA TYR A 219 -9.59 39.84 39.50
C TYR A 219 -10.60 39.97 38.38
N TYR A 220 -11.16 41.18 38.26
CA TYR A 220 -12.17 41.47 37.27
C TYR A 220 -11.82 42.79 36.59
N PRO A 221 -10.76 42.78 35.75
CA PRO A 221 -10.31 43.97 35.03
C PRO A 221 -11.22 44.34 33.85
N GLN A 222 -11.27 45.62 33.52
CA GLN A 222 -12.00 46.06 32.34
C GLN A 222 -11.27 45.50 31.13
N TYR A 223 -9.95 45.59 31.15
CA TYR A 223 -9.16 45.07 30.05
C TYR A 223 -8.17 44.03 30.56
N ALA A 224 -8.08 42.91 29.85
CA ALA A 224 -7.15 41.85 30.21
C ALA A 224 -6.22 41.59 29.04
N PHE A 225 -4.92 41.78 29.29
CA PHE A 225 -3.89 41.59 28.28
C PHE A 225 -2.97 40.42 28.60
N ALA A 226 -2.74 39.58 27.60
CA ALA A 226 -1.64 38.62 27.65
C ALA A 226 -0.45 39.16 26.85
N ILE A 227 0.72 39.12 27.46
CA ILE A 227 1.95 39.43 26.78
C ILE A 227 2.64 38.10 26.56
N ASP A 228 2.70 37.68 25.30
CA ASP A 228 3.13 36.34 24.97
C ASP A 228 3.60 36.32 23.52
N SER A 229 4.22 35.21 23.12
CA SER A 229 4.77 35.05 21.78
C SER A 229 3.72 35.09 20.67
N PHE A 230 4.16 35.36 19.44
CA PHE A 230 3.29 35.24 18.28
C PHE A 230 4.04 34.42 17.23
N ALA A 231 3.61 33.18 17.03
CA ALA A 231 4.32 32.28 16.12
C ALA A 231 4.31 32.88 14.72
N CYS A 232 5.47 32.88 14.09
CA CYS A 232 5.66 33.50 12.78
C CYS A 232 6.77 32.67 12.15
N CYS A 233 6.84 32.58 10.82
CA CYS A 233 5.95 33.22 9.89
C CYS A 233 5.51 32.14 8.89
N SER A 234 4.28 32.22 8.41
CA SER A 234 3.78 31.27 7.43
C SER A 234 2.66 31.95 6.63
N PRO A 235 2.02 31.22 5.71
CA PRO A 235 0.88 31.80 4.99
C PRO A 235 -0.23 32.24 5.92
N LEU A 236 -0.37 31.58 7.07
CA LEU A 236 -1.39 31.95 8.04
C LEU A 236 -1.16 33.31 8.66
N THR A 237 0.11 33.73 8.78
CA THR A 237 0.43 34.96 9.51
C THR A 237 0.53 36.21 8.63
N GLY A 238 0.13 36.10 7.36
CA GLY A 238 0.07 37.26 6.49
C GLY A 238 1.43 37.91 6.32
N ASP A 239 1.49 39.22 6.53
CA ASP A 239 2.73 39.98 6.36
C ASP A 239 3.40 40.35 7.68
N VAL A 240 2.99 39.72 8.77
CA VAL A 240 3.68 39.90 10.04
C VAL A 240 5.12 39.42 9.88
N LYS A 241 6.08 40.22 10.34
CA LYS A 241 7.49 39.89 10.17
C LYS A 241 8.26 40.42 11.38
N LEU A 242 9.32 39.71 11.78
CA LEU A 242 10.17 40.16 12.87
C LEU A 242 10.89 41.45 12.47
N GLY A 243 10.96 42.40 13.39
CA GLY A 243 11.61 43.65 13.07
C GLY A 243 10.63 44.76 12.73
N LYS A 244 9.41 44.38 12.34
CA LYS A 244 8.39 45.37 12.00
C LYS A 244 7.50 45.76 13.18
N GLY A 245 7.90 45.36 14.38
CA GLY A 245 7.28 45.87 15.59
C GLY A 245 6.42 44.87 16.33
N PRO A 246 5.93 45.27 17.52
CA PRO A 246 5.03 44.43 18.32
C PRO A 246 3.83 44.02 17.50
N VAL A 247 3.28 42.85 17.77
CA VAL A 247 2.13 42.37 17.00
C VAL A 247 0.89 42.25 17.88
N ILE A 248 -0.23 42.73 17.37
CA ILE A 248 -1.52 42.48 18.02
C ILE A 248 -1.97 41.10 17.57
N ARG A 249 -2.01 40.16 18.51
CA ARG A 249 -2.46 38.81 18.20
C ARG A 249 -3.97 38.82 18.29
N ALA A 250 -4.65 39.02 17.16
CA ALA A 250 -6.07 39.37 17.18
C ALA A 250 -6.96 38.14 17.21
N VAL A 251 -6.47 37.07 16.60
CA VAL A 251 -7.15 35.79 16.58
C VAL A 251 -6.07 34.70 16.70
N ASP A 252 -6.33 33.72 17.56
CA ASP A 252 -5.53 32.51 17.56
C ASP A 252 -6.48 31.32 17.64
N ASN A 253 -6.01 30.18 18.14
CA ASN A 253 -6.88 29.00 18.24
C ASN A 253 -7.73 29.04 19.51
N SER A 254 -7.31 29.82 20.50
CA SER A 254 -8.05 29.93 21.76
C SER A 254 -9.14 31.01 21.77
N ALA A 255 -9.07 31.99 20.88
CA ALA A 255 -10.08 33.05 20.83
C ALA A 255 -10.02 34.00 19.64
N ILE A 256 -11.19 34.55 19.30
CA ILE A 256 -11.26 35.79 18.53
C ILE A 256 -11.34 36.89 19.57
N TYR A 257 -10.22 37.58 19.78
CA TYR A 257 -10.10 38.61 20.81
C TYR A 257 -10.91 39.88 20.52
N SER A 258 -10.95 40.77 21.50
CA SER A 258 -11.82 41.94 21.40
C SER A 258 -11.33 42.91 20.32
N ARG A 259 -12.15 43.09 19.29
CA ARG A 259 -11.81 43.93 18.16
C ARG A 259 -11.71 45.40 18.53
N ASP A 260 -12.62 45.87 19.37
CA ASP A 260 -12.60 47.27 19.78
C ASP A 260 -11.37 47.55 20.65
N LEU A 261 -11.02 46.60 21.50
CA LEU A 261 -9.76 46.71 22.25
C LEU A 261 -8.56 46.76 21.30
N ALA A 262 -8.60 45.98 20.21
CA ALA A 262 -7.50 46.03 19.25
C ALA A 262 -7.39 47.43 18.63
N ARG A 263 -8.52 47.98 18.20
CA ARG A 263 -8.58 49.35 17.68
C ARG A 263 -7.97 50.37 18.63
N LYS A 264 -8.33 50.29 19.90
CA LYS A 264 -7.79 51.22 20.88
C LYS A 264 -6.26 51.14 20.96
N VAL A 265 -5.74 49.92 21.05
CA VAL A 265 -4.30 49.71 21.14
C VAL A 265 -3.63 50.24 19.89
N TRP A 266 -4.21 49.89 18.74
CA TRP A 266 -3.71 50.36 17.46
C TRP A 266 -3.54 51.86 17.49
N SER A 267 -4.59 52.53 17.95
CA SER A 267 -4.68 53.98 18.00
C SER A 267 -3.71 54.63 18.98
N ILE A 268 -3.56 54.05 20.17
CA ILE A 268 -2.60 54.55 21.15
C ILE A 268 -1.16 54.33 20.66
N ALA A 269 -0.98 53.32 19.83
CA ALA A 269 0.34 53.01 19.28
C ALA A 269 0.76 54.06 18.25
N GLU A 270 -0.11 54.31 17.28
CA GLU A 270 0.12 55.33 16.27
C GLU A 270 0.31 56.68 16.95
N LYS A 271 -0.59 56.99 17.88
CA LYS A 271 -0.50 58.20 18.67
C LYS A 271 0.91 58.40 19.23
N ASN A 272 1.61 57.29 19.50
CA ASN A 272 2.95 57.39 20.08
C ASN A 272 4.07 57.11 19.08
N GLY A 273 3.72 57.04 17.80
CA GLY A 273 4.70 56.79 16.76
C GLY A 273 5.36 55.43 16.91
N ILE A 274 4.62 54.50 17.51
CA ILE A 274 5.12 53.14 17.73
C ILE A 274 4.67 52.23 16.60
N GLU A 275 5.64 51.73 15.84
CA GLU A 275 5.39 50.80 14.76
C GLU A 275 4.70 49.54 15.31
N ILE A 276 3.75 48.98 14.56
CA ILE A 276 2.94 47.92 15.11
C ILE A 276 2.30 47.07 14.03
N GLN A 277 2.03 45.81 14.36
CA GLN A 277 1.47 44.86 13.40
C GLN A 277 0.27 44.16 14.02
N ILE A 278 -0.51 43.51 13.17
CA ILE A 278 -1.65 42.75 13.63
C ILE A 278 -1.75 41.52 12.73
N GLY A 279 -2.20 40.39 13.27
CA GLY A 279 -2.38 39.20 12.48
C GLY A 279 -3.01 38.03 13.21
N VAL A 280 -3.02 36.90 12.51
CA VAL A 280 -3.60 35.64 12.97
C VAL A 280 -2.47 34.65 13.18
N THR A 281 -2.56 33.83 14.23
CA THR A 281 -1.54 32.83 14.50
C THR A 281 -2.20 31.64 15.17
N GLY A 282 -1.39 30.65 15.54
CA GLY A 282 -1.89 29.48 16.24
C GLY A 282 -1.65 29.56 17.75
N GLY A 283 -2.25 28.63 18.49
CA GLY A 283 -2.07 28.52 19.93
C GLY A 283 -3.08 29.30 20.74
N GLY A 284 -2.91 29.33 22.07
CA GLY A 284 -3.77 30.12 22.94
C GLY A 284 -2.94 30.99 23.89
N THR A 285 -3.57 31.95 24.56
CA THR A 285 -2.89 32.78 25.57
C THR A 285 -3.72 32.94 26.82
N ASP A 286 -3.06 33.36 27.90
CA ASP A 286 -3.70 33.66 29.18
C ASP A 286 -4.93 34.58 29.06
N ALA A 287 -4.91 35.50 28.09
CA ALA A 287 -6.02 36.44 27.89
C ALA A 287 -7.35 35.73 27.69
N SER A 288 -7.27 34.55 27.07
CA SER A 288 -8.44 33.75 26.75
C SER A 288 -9.24 33.33 27.99
N ALA A 289 -8.58 33.31 29.13
CA ALA A 289 -9.21 32.93 30.40
C ALA A 289 -10.10 34.05 30.94
N PHE A 290 -10.00 35.23 30.33
CA PHE A 290 -10.74 36.41 30.81
C PHE A 290 -11.82 36.82 29.81
N GLN A 291 -11.95 36.07 28.73
CA GLN A 291 -12.92 36.38 27.69
C GLN A 291 -14.33 36.24 28.26
N ASP A 292 -14.37 35.67 29.45
CA ASP A 292 -15.54 35.39 30.27
C ASP A 292 -16.18 36.62 30.86
N ARG A 293 -15.42 37.71 30.96
CA ARG A 293 -15.72 38.78 31.89
C ARG A 293 -15.08 40.11 31.52
N SER A 294 -14.11 40.09 30.60
CA SER A 294 -13.38 41.32 30.26
C SER A 294 -13.18 41.46 28.76
N LYS A 295 -12.88 42.68 28.32
CA LYS A 295 -12.34 42.89 27.00
C LYS A 295 -10.97 42.20 27.02
N THR A 296 -10.68 41.39 26.01
CA THR A 296 -9.43 40.65 26.02
C THR A 296 -8.59 40.91 24.79
N LEU A 297 -7.29 40.98 24.99
CA LEU A 297 -6.37 41.04 23.86
C LEU A 297 -5.03 40.40 24.22
N ALA A 298 -4.31 39.97 23.20
CA ALA A 298 -2.95 39.49 23.38
C ALA A 298 -1.99 40.32 22.55
N LEU A 299 -0.88 40.72 23.17
CA LEU A 299 0.14 41.56 22.56
C LEU A 299 1.46 40.80 22.56
N SER A 300 2.19 40.87 21.45
CA SER A 300 3.34 40.00 21.26
C SER A 300 4.55 40.67 20.64
N VAL A 301 5.68 39.96 20.65
CA VAL A 301 6.65 40.13 19.59
C VAL A 301 6.55 38.85 18.73
N PRO A 302 6.78 38.97 17.41
CA PRO A 302 6.79 37.76 16.59
C PRO A 302 7.99 36.90 16.98
N ILE A 303 7.77 35.59 17.06
CA ILE A 303 8.84 34.65 17.34
C ILE A 303 8.94 33.55 16.28
N LYS A 304 10.15 33.35 15.75
CA LYS A 304 10.40 32.23 14.85
C LYS A 304 10.82 30.98 15.63
N TYR A 305 10.48 29.81 15.08
CA TYR A 305 10.94 28.53 15.61
C TYR A 305 10.46 28.30 17.04
N LEU A 306 9.22 28.73 17.30
CA LEU A 306 8.63 28.63 18.62
C LEU A 306 8.64 27.23 19.23
N HIS A 307 8.91 27.16 20.53
CA HIS A 307 8.92 25.88 21.25
C HIS A 307 10.08 24.97 20.83
N SER A 308 11.24 25.58 20.61
CA SER A 308 12.47 24.86 20.30
C SER A 308 13.61 25.59 20.96
N GLU A 309 14.82 25.03 20.84
CA GLU A 309 16.02 25.65 21.38
C GLU A 309 16.44 26.88 20.59
N VAL A 310 15.91 27.04 19.39
CA VAL A 310 16.32 28.16 18.56
C VAL A 310 15.24 29.22 18.34
N GLU A 311 14.24 29.26 19.22
CA GLU A 311 13.21 30.27 19.06
C GLU A 311 13.85 31.66 19.12
N THR A 312 13.39 32.54 18.23
CA THR A 312 14.11 33.75 17.87
C THR A 312 13.19 34.98 17.90
N LEU A 313 13.66 36.07 18.53
CA LEU A 313 12.96 37.35 18.47
C LEU A 313 13.90 38.49 18.03
N HIS A 314 13.31 39.58 17.58
CA HIS A 314 14.03 40.78 17.18
C HIS A 314 14.02 41.79 18.34
N LEU A 315 15.21 42.20 18.77
CA LEU A 315 15.34 43.08 19.93
C LEU A 315 14.54 44.39 19.83
N ASN A 316 14.42 44.93 18.63
CA ASN A 316 13.65 46.16 18.47
CA ASN A 316 13.65 46.16 18.46
C ASN A 316 12.17 45.95 18.73
N ASP A 317 11.62 44.83 18.25
CA ASP A 317 10.22 44.51 18.50
C ASP A 317 9.97 44.53 20.00
N LEU A 318 10.91 43.99 20.77
CA LEU A 318 10.77 43.93 22.23
C LEU A 318 10.89 45.30 22.86
N GLU A 319 11.79 46.11 22.32
CA GLU A 319 11.98 47.48 22.75
C GLU A 319 10.67 48.24 22.62
N LYS A 320 10.04 48.09 21.46
CA LYS A 320 8.80 48.80 21.19
C LYS A 320 7.62 48.30 22.01
N LEU A 321 7.54 47.00 22.23
CA LEU A 321 6.48 46.40 23.05
C LEU A 321 6.47 47.02 24.44
N VAL A 322 7.66 47.21 25.02
CA VAL A 322 7.74 47.82 26.33
C VAL A 322 7.19 49.26 26.32
N LYS A 323 7.54 50.03 25.31
CA LYS A 323 6.99 51.39 25.19
C LYS A 323 5.47 51.34 25.03
N LEU A 324 5.00 50.36 24.27
CA LEU A 324 3.56 50.24 24.04
C LEU A 324 2.80 49.93 25.33
N ILE A 325 3.29 48.96 26.09
CA ILE A 325 2.68 48.61 27.36
C ILE A 325 2.58 49.83 28.29
N GLU A 326 3.67 50.57 28.41
CA GLU A 326 3.68 51.75 29.26
C GLU A 326 2.68 52.80 28.79
N ALA A 327 2.60 53.01 27.47
CA ALA A 327 1.61 53.96 26.96
C ALA A 327 0.19 53.48 27.25
N LEU A 328 -0.01 52.17 27.22
CA LEU A 328 -1.35 51.61 27.43
C LEU A 328 -1.77 51.88 28.87
N ALA A 329 -0.79 51.85 29.78
CA ALA A 329 -1.03 52.12 31.19
C ALA A 329 -1.44 53.58 31.40
N PHE A 330 -0.79 54.49 30.69
CA PHE A 330 -1.16 55.90 30.74
C PHE A 330 -2.49 56.20 30.05
N GLU A 331 -2.65 55.74 28.82
CA GLU A 331 -3.72 56.23 27.96
C GLU A 331 -4.91 55.31 27.72
N LEU A 332 -4.76 54.01 27.93
CA LEU A 332 -5.86 53.11 27.61
C LEU A 332 -7.08 53.53 28.42
N MET B 2 46.78 -39.12 -5.47
CA MET B 2 45.63 -38.33 -5.02
C MET B 2 44.96 -37.57 -6.18
N SER B 3 43.73 -37.93 -6.50
CA SER B 3 43.01 -37.34 -7.62
C SER B 3 42.63 -35.87 -7.44
N MET B 4 42.20 -35.24 -8.53
CA MET B 4 41.78 -33.85 -8.47
CA MET B 4 41.74 -33.85 -8.52
C MET B 4 40.58 -33.71 -7.55
N ILE B 5 39.61 -34.61 -7.68
CA ILE B 5 38.48 -34.64 -6.76
C ILE B 5 38.94 -34.63 -5.30
N GLU B 6 39.97 -35.39 -4.99
CA GLU B 6 40.40 -35.52 -3.61
C GLU B 6 41.19 -34.33 -3.08
N LYS B 7 41.94 -33.65 -3.94
CA LYS B 7 42.67 -32.46 -3.50
C LYS B 7 41.67 -31.35 -3.22
N LEU B 8 40.73 -31.19 -4.13
CA LEU B 8 39.65 -30.22 -3.98
C LEU B 8 38.94 -30.46 -2.65
N LYS B 9 38.71 -31.72 -2.35
CA LYS B 9 38.00 -32.08 -1.13
C LYS B 9 38.86 -31.72 0.07
N LYS B 10 40.15 -32.06 -0.01
CA LYS B 10 41.05 -31.81 1.09
C LYS B 10 41.09 -30.31 1.42
N PHE B 11 41.29 -29.50 0.39
CA PHE B 11 41.47 -28.06 0.58
C PHE B 11 40.16 -27.29 0.88
N THR B 12 39.04 -27.76 0.33
CA THR B 12 37.76 -27.12 0.65
C THR B 12 37.33 -27.40 2.09
N GLN B 13 37.76 -28.52 2.67
CA GLN B 13 37.36 -28.85 4.04
C GLN B 13 38.05 -28.01 5.13
N ILE B 14 39.19 -27.41 4.81
CA ILE B 14 39.92 -26.66 5.81
C ILE B 14 39.21 -25.32 6.09
N PRO B 15 39.00 -25.00 7.38
CA PRO B 15 38.31 -23.77 7.79
C PRO B 15 39.25 -22.57 7.87
N GLY B 16 38.91 -21.48 7.18
CA GLY B 16 39.62 -20.24 7.36
C GLY B 16 38.98 -19.06 6.65
N ILE B 17 38.34 -18.18 7.42
CA ILE B 17 37.76 -16.98 6.84
C ILE B 17 38.85 -15.91 6.67
N SER B 18 38.46 -14.81 6.03
CA SER B 18 39.34 -13.66 5.90
C SER B 18 39.98 -13.33 7.24
N GLY B 19 41.30 -13.16 7.25
CA GLY B 19 42.01 -12.79 8.47
C GLY B 19 42.28 -13.96 9.41
N TYR B 20 41.74 -15.13 9.04
CA TYR B 20 41.91 -16.36 9.82
C TYR B 20 42.31 -17.49 8.87
N GLU B 21 43.32 -17.23 8.04
CA GLU B 21 43.76 -18.19 7.03
C GLU B 21 44.86 -19.17 7.46
N GLU B 22 45.24 -19.19 8.74
CA GLU B 22 46.38 -20.02 9.23
C GLU B 22 46.30 -21.45 8.74
N ARG B 23 45.19 -22.11 9.07
CA ARG B 23 45.02 -23.51 8.72
CA ARG B 23 44.97 -23.51 8.72
C ARG B 23 45.21 -23.78 7.23
N ILE B 24 44.60 -22.98 6.36
CA ILE B 24 44.80 -23.20 4.92
C ILE B 24 46.26 -22.97 4.54
N ARG B 25 46.85 -21.89 5.04
CA ARG B 25 48.24 -21.57 4.74
C ARG B 25 49.15 -22.73 5.15
N GLU B 26 49.01 -23.19 6.40
CA GLU B 26 49.83 -24.27 6.92
CA GLU B 26 49.84 -24.27 6.92
C GLU B 26 49.74 -25.53 6.04
N GLU B 27 48.53 -25.87 5.64
CA GLU B 27 48.33 -27.04 4.77
C GLU B 27 48.99 -26.88 3.38
N ILE B 28 48.99 -25.66 2.85
CA ILE B 28 49.58 -25.42 1.53
C ILE B 28 51.09 -25.55 1.63
N ILE B 29 51.63 -25.05 2.73
CA ILE B 29 53.06 -25.09 2.98
C ILE B 29 53.50 -26.56 3.00
N ARG B 30 52.88 -27.36 3.83
CA ARG B 30 53.31 -28.74 4.00
C ARG B 30 53.14 -29.54 2.70
N GLU B 31 52.48 -28.93 1.72
CA GLU B 31 52.36 -29.60 0.43
C GLU B 31 53.31 -29.02 -0.63
N ILE B 32 53.92 -27.87 -0.38
CA ILE B 32 54.86 -27.31 -1.36
C ILE B 32 56.32 -27.32 -0.90
N LYS B 33 56.55 -27.53 0.39
CA LYS B 33 57.91 -27.58 0.93
C LYS B 33 58.88 -28.36 0.02
N ASP B 34 58.44 -29.51 -0.45
CA ASP B 34 59.32 -30.44 -1.17
C ASP B 34 59.53 -30.06 -2.63
N PHE B 35 59.19 -28.83 -2.99
CA PHE B 35 59.36 -28.38 -4.36
C PHE B 35 59.95 -27.00 -4.41
N ALA B 36 59.48 -26.13 -3.53
CA ALA B 36 59.94 -24.75 -3.56
C ALA B 36 60.17 -24.16 -2.16
N ASP B 37 61.04 -23.15 -2.11
CA ASP B 37 61.11 -22.30 -0.93
C ASP B 37 59.85 -21.43 -0.92
N TYR B 38 59.53 -20.88 0.24
CA TYR B 38 58.37 -20.02 0.35
C TYR B 38 58.65 -18.95 1.36
N LYS B 39 57.78 -17.95 1.39
CA LYS B 39 57.91 -16.81 2.28
C LYS B 39 56.51 -16.50 2.81
N VAL B 40 56.44 -16.01 4.04
CA VAL B 40 55.16 -15.61 4.63
C VAL B 40 55.16 -14.15 5.06
N ASP B 41 54.22 -13.40 4.48
CA ASP B 41 54.00 -11.97 4.70
C ASP B 41 53.64 -11.56 6.11
N ALA B 42 53.80 -10.27 6.39
CA ALA B 42 53.32 -9.70 7.65
C ALA B 42 51.79 -9.76 7.78
N ILE B 43 51.09 -9.88 6.65
CA ILE B 43 49.64 -9.92 6.68
C ILE B 43 49.13 -11.34 6.53
N GLY B 44 49.95 -12.21 5.96
CA GLY B 44 49.65 -13.62 5.91
C GLY B 44 49.75 -14.27 4.54
N ASN B 45 50.04 -13.48 3.51
CA ASN B 45 50.21 -14.06 2.18
C ASN B 45 51.32 -15.10 2.22
N LEU B 46 51.17 -16.14 1.42
CA LEU B 46 52.21 -17.15 1.26
C LEU B 46 52.75 -17.01 -0.15
N ILE B 47 54.04 -16.67 -0.29
CA ILE B 47 54.60 -16.40 -1.61
C ILE B 47 55.69 -17.40 -2.01
N VAL B 48 55.62 -17.86 -3.26
CA VAL B 48 56.59 -18.80 -3.80
C VAL B 48 57.15 -18.24 -5.11
N GLU B 49 58.44 -17.95 -5.12
CA GLU B 49 59.10 -17.46 -6.34
C GLU B 49 59.83 -18.58 -7.07
N LEU B 50 59.55 -18.72 -8.36
CA LEU B 50 60.27 -19.63 -9.21
C LEU B 50 61.14 -18.83 -10.16
N GLY B 51 62.46 -19.02 -10.06
CA GLY B 51 63.38 -18.38 -10.99
C GLY B 51 64.10 -17.16 -10.43
N GLU B 52 64.63 -16.35 -11.32
CA GLU B 52 65.48 -15.23 -10.94
C GLU B 52 65.44 -14.14 -11.98
N GLY B 53 65.73 -12.91 -11.57
CA GLY B 53 65.77 -11.78 -12.47
C GLY B 53 64.57 -10.87 -12.35
N GLU B 54 64.03 -10.48 -13.50
CA GLU B 54 62.88 -9.57 -13.56
C GLU B 54 61.59 -10.26 -13.09
N GLU B 55 60.78 -9.52 -12.33
CA GLU B 55 59.44 -9.99 -11.98
C GLU B 55 58.52 -9.97 -13.20
N ARG B 56 58.32 -11.13 -13.80
CA ARG B 56 57.62 -11.24 -15.08
C ARG B 56 56.13 -11.64 -14.98
N ILE B 57 55.83 -12.69 -14.21
CA ILE B 57 54.44 -13.06 -13.94
C ILE B 57 54.14 -13.25 -12.45
N LEU B 58 52.98 -12.75 -12.01
CA LEU B 58 52.45 -13.01 -10.67
C LEU B 58 51.11 -13.74 -10.86
N PHE B 59 50.90 -14.82 -10.13
CA PHE B 59 49.61 -15.49 -10.09
C PHE B 59 49.10 -15.43 -8.67
N MET B 60 47.83 -15.08 -8.50
CA MET B 60 47.25 -15.02 -7.15
C MET B 60 45.99 -15.87 -7.02
N ALA B 61 45.90 -16.63 -5.93
CA ALA B 61 44.69 -17.34 -5.57
C ALA B 61 44.51 -17.18 -4.09
N HIS B 62 43.30 -16.76 -3.67
CA HIS B 62 43.09 -16.47 -2.25
C HIS B 62 42.72 -17.68 -1.37
N MET B 63 43.24 -17.66 -0.15
CA MET B 63 43.06 -18.75 0.80
C MET B 63 41.77 -18.57 1.65
N ASP B 64 41.40 -17.32 1.93
CA ASP B 64 40.20 -17.03 2.73
C ASP B 64 38.90 -17.48 2.05
N GLU B 65 37.95 -17.96 2.86
CA GLU B 65 36.58 -18.20 2.40
C GLU B 65 35.66 -17.25 3.14
N ILE B 66 34.41 -17.14 2.70
CA ILE B 66 33.43 -16.35 3.45
C ILE B 66 32.99 -17.14 4.69
N GLY B 67 32.60 -16.44 5.73
CA GLY B 67 32.13 -17.11 6.92
C GLY B 67 31.48 -16.19 7.92
N LEU B 68 31.56 -16.59 9.17
CA LEU B 68 30.90 -15.89 10.26
C LEU B 68 31.92 -15.55 11.32
N LEU B 69 31.83 -14.36 11.87
CA LEU B 69 32.72 -13.95 12.94
C LEU B 69 31.91 -13.85 14.21
N ILE B 70 32.38 -14.46 15.30
CA ILE B 70 31.66 -14.45 16.56
C ILE B 70 31.85 -13.11 17.28
N THR B 71 30.75 -12.46 17.63
CA THR B 71 30.83 -11.13 18.26
C THR B 71 30.50 -11.12 19.77
N GLY B 72 29.75 -12.13 20.23
CA GLY B 72 29.39 -12.18 21.64
C GLY B 72 28.55 -13.42 21.97
N ILE B 73 28.33 -13.63 23.27
CA ILE B 73 27.53 -14.77 23.75
C ILE B 73 26.24 -14.28 24.39
N THR B 74 25.10 -14.85 24.02
CA THR B 74 23.83 -14.47 24.65
C THR B 74 23.75 -14.95 26.10
N ASP B 75 22.79 -14.41 26.84
CA ASP B 75 22.51 -14.86 28.20
C ASP B 75 22.23 -16.36 28.29
N GLU B 76 21.67 -16.91 27.21
CA GLU B 76 21.28 -18.31 27.17
C GLU B 76 22.41 -19.20 26.62
N GLY B 77 23.56 -18.59 26.35
CA GLY B 77 24.72 -19.36 25.94
C GLY B 77 24.83 -19.56 24.45
N LYS B 78 24.03 -18.81 23.68
CA LYS B 78 24.11 -18.88 22.22
C LYS B 78 25.15 -17.88 21.69
N LEU B 79 25.60 -18.09 20.47
CA LEU B 79 26.61 -17.23 19.88
C LEU B 79 26.00 -16.23 18.88
N ARG B 80 26.19 -14.94 19.14
CA ARG B 80 25.87 -13.94 18.15
C ARG B 80 27.04 -13.82 17.17
N PHE B 81 26.74 -13.41 15.96
CA PHE B 81 27.78 -13.29 14.95
C PHE B 81 27.54 -12.18 13.95
N ARG B 82 28.54 -11.99 13.10
CA ARG B 82 28.54 -11.01 12.04
C ARG B 82 29.02 -11.79 10.81
N LYS B 83 28.66 -11.36 9.61
CA LYS B 83 29.17 -12.03 8.41
C LYS B 83 30.52 -11.47 7.94
N VAL B 84 31.32 -12.33 7.31
CA VAL B 84 32.57 -11.90 6.69
C VAL B 84 32.55 -12.32 5.23
N GLY B 85 32.54 -11.34 4.33
CA GLY B 85 32.39 -11.62 2.91
C GLY B 85 30.91 -11.64 2.59
N GLY B 86 30.59 -11.67 1.30
CA GLY B 86 29.22 -11.64 0.87
C GLY B 86 28.51 -12.97 1.04
N ILE B 87 27.48 -12.99 1.88
CA ILE B 87 26.65 -14.17 2.06
C ILE B 87 25.17 -13.84 2.05
N ASP B 88 24.41 -14.49 1.18
CA ASP B 88 22.97 -14.35 1.17
C ASP B 88 22.40 -14.88 2.48
N ASP B 89 21.68 -14.04 3.23
CA ASP B 89 21.08 -14.45 4.51
C ASP B 89 20.22 -15.70 4.37
N ARG B 90 19.63 -15.95 3.21
CA ARG B 90 18.80 -17.14 3.07
C ARG B 90 19.60 -18.43 3.24
N LEU B 91 20.93 -18.32 3.14
CA LEU B 91 21.79 -19.50 3.26
C LEU B 91 22.25 -19.83 4.69
N LEU B 92 21.84 -19.02 5.68
CA LEU B 92 22.29 -19.21 7.05
C LEU B 92 21.30 -20.02 7.91
N TYR B 93 20.09 -20.19 7.41
CA TYR B 93 18.99 -20.61 8.25
C TYR B 93 18.89 -22.16 8.31
N GLY B 94 18.81 -22.72 9.51
CA GLY B 94 18.77 -24.18 9.67
C GLY B 94 20.00 -24.84 9.08
N ARG B 95 21.15 -24.55 9.67
CA ARG B 95 22.45 -24.91 9.14
C ARG B 95 23.42 -25.44 10.19
N HIS B 96 24.09 -26.53 9.87
CA HIS B 96 25.24 -26.98 10.67
C HIS B 96 26.45 -26.09 10.42
N VAL B 97 27.15 -25.73 11.48
CA VAL B 97 28.40 -25.00 11.31
C VAL B 97 29.52 -25.59 12.17
N ASN B 98 30.75 -25.29 11.80
CA ASN B 98 31.89 -25.57 12.64
C ASN B 98 32.36 -24.28 13.30
N VAL B 99 32.42 -24.25 14.62
CA VAL B 99 32.95 -23.10 15.32
C VAL B 99 34.44 -23.29 15.60
N VAL B 100 35.26 -22.52 14.92
CA VAL B 100 36.72 -22.61 15.08
C VAL B 100 37.25 -21.73 16.21
N THR B 101 37.62 -22.35 17.31
CA THR B 101 38.11 -21.63 18.48
C THR B 101 39.60 -21.83 18.63
N GLU B 102 40.18 -21.23 19.66
CA GLU B 102 41.61 -21.33 19.88
C GLU B 102 41.99 -22.75 20.32
N LYS B 103 41.06 -23.41 21.02
CA LYS B 103 41.29 -24.75 21.56
C LYS B 103 40.83 -25.89 20.65
N GLY B 104 40.27 -25.56 19.49
CA GLY B 104 39.82 -26.57 18.57
C GLY B 104 38.52 -26.19 17.88
N ILE B 105 37.81 -27.19 17.36
CA ILE B 105 36.55 -26.97 16.69
C ILE B 105 35.38 -27.54 17.48
N LEU B 106 34.30 -26.77 17.61
CA LEU B 106 33.07 -27.23 18.25
C LEU B 106 31.98 -27.28 17.19
N ASP B 107 31.04 -28.22 17.35
CA ASP B 107 29.90 -28.25 16.44
C ASP B 107 28.85 -27.25 16.92
N GLY B 108 28.14 -26.65 15.98
CA GLY B 108 27.05 -25.73 16.31
C GLY B 108 26.01 -25.80 15.22
N VAL B 109 24.85 -25.17 15.46
CA VAL B 109 23.78 -25.13 14.49
C VAL B 109 23.09 -23.76 14.57
N ILE B 110 22.67 -23.26 13.43
CA ILE B 110 21.78 -22.13 13.38
C ILE B 110 20.40 -22.76 13.19
N GLY B 111 19.51 -22.52 14.14
CA GLY B 111 18.25 -23.22 14.20
C GLY B 111 17.25 -22.84 13.11
N ALA B 112 16.12 -23.55 13.12
CA ALA B 112 14.94 -23.19 12.34
C ALA B 112 13.72 -23.47 13.20
N THR B 113 12.72 -22.59 13.14
CA THR B 113 11.46 -22.78 13.86
C THR B 113 10.53 -23.70 13.07
N PRO B 114 10.11 -24.82 13.67
CA PRO B 114 9.23 -25.75 12.95
C PRO B 114 7.86 -25.12 12.69
N PRO B 115 7.12 -25.67 11.71
CA PRO B 115 5.73 -25.27 11.48
C PRO B 115 4.88 -25.54 12.73
N HIS B 116 5.12 -26.68 13.37
CA HIS B 116 4.46 -27.07 14.62
C HIS B 116 4.33 -25.94 15.67
N LEU B 117 5.30 -25.04 15.72
CA LEU B 117 5.36 -23.99 16.73
C LEU B 117 5.18 -22.59 16.14
N SER B 124 9.12 -15.13 6.07
CA SER B 124 10.05 -14.24 5.37
C SER B 124 11.50 -14.65 5.63
N VAL B 125 12.43 -13.97 4.96
CA VAL B 125 13.85 -14.25 5.12
C VAL B 125 14.37 -13.63 6.42
N ILE B 126 14.94 -14.46 7.28
CA ILE B 126 15.36 -13.96 8.59
C ILE B 126 16.74 -13.32 8.46
N PRO B 127 16.86 -12.04 8.86
CA PRO B 127 18.16 -11.38 8.70
C PRO B 127 19.23 -11.94 9.66
N TRP B 128 20.49 -11.83 9.21
CA TRP B 128 21.63 -12.38 9.93
C TRP B 128 21.72 -11.88 11.35
N TYR B 129 21.27 -10.65 11.60
CA TYR B 129 21.37 -10.13 12.97
C TYR B 129 20.32 -10.72 13.93
N ASP B 130 19.33 -11.43 13.40
CA ASP B 130 18.37 -12.11 14.29
C ASP B 130 18.69 -13.60 14.51
N LEU B 131 19.77 -14.07 13.90
CA LEU B 131 20.19 -15.47 14.03
C LEU B 131 21.27 -15.66 15.09
N VAL B 132 21.31 -16.84 15.71
CA VAL B 132 22.37 -17.17 16.67
C VAL B 132 22.85 -18.58 16.45
N ILE B 133 24.04 -18.90 16.94
CA ILE B 133 24.57 -20.25 16.85
C ILE B 133 24.36 -20.99 18.17
N ASP B 134 23.71 -22.15 18.08
CA ASP B 134 23.50 -23.02 19.23
C ASP B 134 24.65 -24.02 19.28
N ILE B 135 25.36 -24.09 20.41
CA ILE B 135 26.50 -25.01 20.57
C ILE B 135 26.24 -25.97 21.73
N GLY B 136 25.04 -25.92 22.29
CA GLY B 136 24.67 -26.78 23.38
C GLY B 136 25.14 -26.31 24.75
N ALA B 137 25.48 -25.04 24.89
CA ALA B 137 25.79 -24.49 26.22
C ALA B 137 24.47 -24.14 26.90
N GLU B 138 24.44 -24.19 28.23
CA GLU B 138 23.22 -23.95 28.98
C GLU B 138 23.18 -22.53 29.51
N SER B 139 24.35 -21.94 29.69
CA SER B 139 24.45 -20.60 30.24
C SER B 139 25.51 -19.83 29.49
N LYS B 140 25.52 -18.53 29.70
CA LYS B 140 26.55 -17.69 29.15
C LYS B 140 27.88 -18.16 29.70
N GLU B 141 27.86 -18.51 30.98
CA GLU B 141 29.08 -18.88 31.71
C GLU B 141 29.77 -20.08 31.05
N GLU B 142 28.96 -21.08 30.70
CA GLU B 142 29.45 -22.30 30.08
C GLU B 142 29.86 -22.07 28.62
N ALA B 143 29.10 -21.24 27.91
CA ALA B 143 29.47 -20.88 26.54
C ALA B 143 30.85 -20.20 26.52
N LEU B 144 31.10 -19.30 27.48
CA LEU B 144 32.38 -18.59 27.50
C LEU B 144 33.58 -19.51 27.71
N GLU B 145 33.37 -20.60 28.43
CA GLU B 145 34.42 -21.61 28.55
C GLU B 145 34.72 -22.31 27.23
N LEU B 146 33.80 -22.24 26.26
CA LEU B 146 34.00 -22.98 25.01
C LEU B 146 34.40 -22.07 23.86
N VAL B 147 33.85 -20.86 23.87
CA VAL B 147 34.01 -19.93 22.77
C VAL B 147 34.21 -18.51 23.28
N LYS B 148 34.95 -17.72 22.52
CA LYS B 148 35.16 -16.33 22.85
CA LYS B 148 35.21 -16.33 22.83
C LYS B 148 34.85 -15.46 21.63
N PRO B 149 34.45 -14.21 21.88
CA PRO B 149 34.28 -13.29 20.76
C PRO B 149 35.58 -13.26 19.92
N LEU B 150 35.42 -13.19 18.60
CA LEU B 150 36.52 -13.16 17.64
C LEU B 150 36.98 -14.57 17.21
N ASP B 151 36.33 -15.60 17.75
CA ASP B 151 36.42 -16.90 17.08
C ASP B 151 35.56 -16.84 15.82
N PHE B 152 35.68 -17.82 14.95
CA PHE B 152 34.90 -17.76 13.74
C PHE B 152 34.12 -19.04 13.48
N ALA B 153 33.36 -19.06 12.41
CA ALA B 153 32.63 -20.28 12.08
C ALA B 153 32.39 -20.35 10.60
N VAL B 154 32.39 -21.57 10.08
CA VAL B 154 32.01 -21.82 8.70
C VAL B 154 30.96 -22.90 8.69
N PHE B 155 30.25 -23.02 7.57
CA PHE B 155 29.30 -24.11 7.40
C PHE B 155 30.03 -25.45 7.38
N LYS B 156 29.43 -26.50 7.95
CA LYS B 156 29.86 -27.86 7.65
C LYS B 156 29.63 -28.04 6.17
N LYS B 157 30.46 -28.86 5.53
CA LYS B 157 30.51 -28.91 4.07
C LYS B 157 30.28 -30.32 3.52
N HIS B 158 29.15 -30.50 2.83
CA HIS B 158 28.95 -31.70 2.06
C HIS B 158 29.83 -31.58 0.81
N PHE B 159 30.32 -32.73 0.34
CA PHE B 159 31.07 -32.79 -0.89
C PHE B 159 30.36 -33.72 -1.86
N SER B 160 30.03 -33.19 -3.03
CA SER B 160 29.27 -33.94 -4.00
C SER B 160 29.96 -33.94 -5.36
N VAL B 161 29.81 -35.06 -6.06
CA VAL B 161 30.28 -35.20 -7.43
C VAL B 161 29.05 -35.49 -8.25
N LEU B 162 28.77 -34.67 -9.23
CA LEU B 162 27.55 -34.84 -10.01
C LEU B 162 27.86 -35.44 -11.36
N ASN B 163 27.28 -36.60 -11.63
CA ASN B 163 27.47 -37.31 -12.88
C ASN B 163 28.95 -37.47 -13.28
N GLY B 164 29.81 -37.63 -12.28
CA GLY B 164 31.24 -37.82 -12.51
C GLY B 164 32.08 -36.63 -12.97
N LYS B 165 31.44 -35.57 -13.46
CA LYS B 165 32.16 -34.44 -14.05
C LYS B 165 32.11 -33.10 -13.28
N TYR B 166 31.16 -32.98 -12.35
CA TYR B 166 31.00 -31.77 -11.56
C TYR B 166 31.31 -32.03 -10.11
N VAL B 167 32.02 -31.09 -9.50
CA VAL B 167 32.23 -31.11 -8.06
C VAL B 167 31.45 -29.93 -7.45
N SER B 168 30.68 -30.19 -6.39
CA SER B 168 29.93 -29.18 -5.65
C SER B 168 30.28 -29.19 -4.17
N THR B 169 30.74 -28.06 -3.66
CA THR B 169 31.01 -27.91 -2.24
C THR B 169 31.30 -26.45 -1.93
N ARG B 170 31.08 -26.03 -0.69
CA ARG B 170 31.47 -24.71 -0.24
C ARG B 170 32.99 -24.57 -0.28
N GLY B 171 33.47 -23.44 -0.78
CA GLY B 171 34.90 -23.18 -0.79
C GLY B 171 35.67 -23.45 -2.08
N LEU B 172 35.02 -24.03 -3.10
CA LEU B 172 35.66 -24.12 -4.41
C LEU B 172 36.26 -22.73 -4.74
N ASP B 173 35.49 -21.70 -4.41
CA ASP B 173 35.99 -20.35 -4.43
C ASP B 173 36.67 -20.07 -3.08
N ASP B 174 38.00 -20.01 -3.05
CA ASP B 174 38.86 -20.15 -4.22
C ASP B 174 39.90 -21.27 -3.99
N ARG B 175 39.51 -22.30 -3.25
CA ARG B 175 40.39 -23.44 -3.03
C ARG B 175 40.67 -24.21 -4.33
N PHE B 176 39.82 -24.06 -5.34
CA PHE B 176 40.16 -24.60 -6.66
C PHE B 176 41.37 -23.83 -7.20
N GLY B 177 41.38 -22.52 -6.97
CA GLY B 177 42.53 -21.70 -7.38
C GLY B 177 43.81 -22.10 -6.66
N VAL B 178 43.69 -22.41 -5.38
CA VAL B 178 44.84 -22.81 -4.59
C VAL B 178 45.40 -24.10 -5.15
N VAL B 179 44.52 -25.08 -5.31
CA VAL B 179 44.91 -26.35 -5.87
C VAL B 179 45.57 -26.16 -7.23
N ALA B 180 44.98 -25.34 -8.09
CA ALA B 180 45.56 -25.09 -9.41
C ALA B 180 46.99 -24.54 -9.35
N LEU B 181 47.23 -23.59 -8.45
CA LEU B 181 48.57 -23.01 -8.31
C LEU B 181 49.56 -24.01 -7.69
N ILE B 182 49.08 -24.89 -6.83
CA ILE B 182 49.97 -25.90 -6.24
C ILE B 182 50.43 -26.86 -7.33
N GLU B 183 49.48 -27.30 -8.16
CA GLU B 183 49.80 -28.11 -9.32
C GLU B 183 50.78 -27.41 -10.25
N ALA B 184 50.51 -26.14 -10.56
CA ALA B 184 51.36 -25.42 -11.49
C ALA B 184 52.78 -25.34 -10.95
N ILE B 185 52.91 -25.04 -9.67
CA ILE B 185 54.21 -25.00 -9.03
C ILE B 185 54.95 -26.34 -9.19
N LYS B 186 54.27 -27.44 -8.88
CA LYS B 186 54.87 -28.77 -8.93
C LYS B 186 55.34 -29.13 -10.34
N ASP B 187 54.63 -28.67 -11.36
CA ASP B 187 54.96 -29.06 -12.73
C ASP B 187 56.00 -28.15 -13.37
N LEU B 188 56.17 -26.97 -12.81
CA LEU B 188 57.26 -26.11 -13.21
C LEU B 188 58.35 -26.48 -12.22
N VAL B 189 59.12 -25.49 -11.75
CA VAL B 189 60.09 -25.74 -10.67
C VAL B 189 61.20 -26.72 -11.09
N ASP B 190 60.92 -27.51 -12.11
CA ASP B 190 61.92 -28.37 -12.72
C ASP B 190 62.15 -27.87 -14.14
N HIS B 191 62.04 -26.56 -14.32
CA HIS B 191 62.11 -25.99 -15.65
C HIS B 191 62.82 -24.66 -15.73
N GLU B 192 63.42 -24.40 -16.89
CA GLU B 192 64.05 -23.13 -17.18
C GLU B 192 62.97 -22.09 -17.45
N LEU B 193 62.82 -21.12 -16.57
CA LEU B 193 61.85 -20.07 -16.80
C LEU B 193 62.48 -18.73 -17.14
N GLU B 194 61.84 -18.02 -18.07
CA GLU B 194 62.40 -16.81 -18.67
C GLU B 194 62.41 -15.60 -17.74
N GLY B 195 62.61 -15.84 -16.46
CA GLY B 195 62.68 -14.77 -15.49
C GLY B 195 62.04 -15.26 -14.21
N LYS B 196 61.48 -14.34 -13.43
CA LYS B 196 60.85 -14.70 -12.17
C LYS B 196 59.33 -14.90 -12.33
N VAL B 197 58.85 -16.04 -11.88
CA VAL B 197 57.41 -16.31 -11.89
C VAL B 197 56.97 -16.52 -10.46
N ILE B 198 56.05 -15.66 -10.00
CA ILE B 198 55.64 -15.63 -8.61
C ILE B 198 54.26 -16.22 -8.40
N PHE B 199 54.14 -17.10 -7.41
CA PHE B 199 52.86 -17.69 -7.03
C PHE B 199 52.52 -17.21 -5.63
N ALA B 200 51.39 -16.52 -5.49
CA ALA B 200 50.98 -16.00 -4.19
C ALA B 200 49.63 -16.58 -3.76
N PHE B 201 49.59 -17.11 -2.54
CA PHE B 201 48.35 -17.52 -1.90
C PHE B 201 47.91 -16.42 -0.95
N THR B 202 46.89 -15.67 -1.36
CA THR B 202 46.56 -14.41 -0.71
C THR B 202 45.58 -14.53 0.45
N VAL B 203 45.67 -13.58 1.38
CA VAL B 203 44.71 -13.44 2.46
C VAL B 203 43.67 -12.36 2.13
N GLN B 204 42.54 -12.43 2.81
CA GLN B 204 41.54 -11.36 2.82
C GLN B 204 41.06 -10.85 1.45
N GLU B 205 40.87 -11.74 0.50
CA GLU B 205 40.38 -11.30 -0.81
C GLU B 205 38.90 -10.94 -0.73
N GLU B 206 38.19 -11.66 0.13
CA GLU B 206 36.73 -11.58 0.24
C GLU B 206 36.28 -10.35 1.00
N VAL B 207 37.25 -9.59 1.53
CA VAL B 207 36.96 -8.36 2.27
C VAL B 207 37.75 -7.18 1.72
N GLY B 208 37.80 -7.08 0.40
CA GLY B 208 38.39 -5.94 -0.27
C GLY B 208 39.84 -6.15 -0.69
N LEU B 209 40.23 -7.41 -0.95
CA LEU B 209 41.56 -7.70 -1.50
C LEU B 209 42.74 -7.20 -0.65
N LYS B 210 42.63 -7.29 0.67
CA LYS B 210 43.65 -6.74 1.56
C LYS B 210 45.00 -7.43 1.35
N GLY B 211 44.93 -8.72 1.02
CA GLY B 211 46.12 -9.52 0.81
C GLY B 211 46.86 -9.08 -0.43
N ALA B 212 46.14 -8.92 -1.53
CA ALA B 212 46.77 -8.48 -2.75
C ALA B 212 47.26 -7.04 -2.67
N LYS B 213 46.54 -6.19 -1.94
CA LYS B 213 46.99 -4.81 -1.82
C LYS B 213 48.31 -4.72 -1.03
N PHE B 214 48.48 -5.57 -0.02
CA PHE B 214 49.73 -5.62 0.72
C PHE B 214 50.81 -6.14 -0.22
N LEU B 215 50.47 -7.18 -0.98
CA LEU B 215 51.42 -7.82 -1.89
C LEU B 215 51.92 -6.83 -2.93
N ALA B 216 51.07 -5.88 -3.30
CA ALA B 216 51.36 -4.91 -4.35
C ALA B 216 52.46 -3.93 -3.93
N ASN B 217 52.70 -3.82 -2.63
CA ASN B 217 53.79 -2.99 -2.14
C ASN B 217 55.14 -3.73 -2.05
N HIS B 218 55.22 -4.94 -2.60
CA HIS B 218 56.44 -5.75 -2.50
C HIS B 218 56.82 -6.38 -3.84
N TYR B 219 55.90 -6.35 -4.79
CA TYR B 219 56.10 -7.03 -6.05
C TYR B 219 55.61 -6.14 -7.17
N TYR B 220 56.38 -6.08 -8.23
CA TYR B 220 56.07 -5.19 -9.34
CA TYR B 220 56.10 -5.18 -9.34
C TYR B 220 56.21 -5.94 -10.67
N PRO B 221 55.34 -6.94 -10.87
CA PRO B 221 55.37 -7.82 -12.04
C PRO B 221 54.95 -7.15 -13.33
N GLN B 222 55.46 -7.66 -14.44
CA GLN B 222 54.99 -7.20 -15.72
C GLN B 222 53.54 -7.63 -15.91
N TYR B 223 53.23 -8.85 -15.47
CA TYR B 223 51.87 -9.38 -15.61
C TYR B 223 51.34 -9.93 -14.30
N ALA B 224 50.15 -9.48 -13.89
CA ALA B 224 49.57 -9.96 -12.65
C ALA B 224 48.22 -10.63 -12.90
N PHE B 225 48.13 -11.90 -12.50
CA PHE B 225 46.94 -12.72 -12.73
C PHE B 225 46.25 -13.09 -11.42
N ALA B 226 44.93 -13.07 -11.45
CA ALA B 226 44.14 -13.61 -10.37
C ALA B 226 43.56 -14.92 -10.87
N ILE B 227 43.68 -15.99 -10.08
CA ILE B 227 43.01 -17.24 -10.40
C ILE B 227 41.83 -17.38 -9.48
N ASP B 228 40.64 -17.07 -9.98
CA ASP B 228 39.46 -16.96 -9.12
C ASP B 228 38.24 -17.46 -9.87
N SER B 229 37.11 -17.54 -9.17
CA SER B 229 35.87 -18.00 -9.79
C SER B 229 35.32 -17.01 -10.81
N PHE B 230 34.43 -17.49 -11.66
CA PHE B 230 33.72 -16.65 -12.60
C PHE B 230 32.27 -17.07 -12.45
N ALA B 231 31.45 -16.26 -11.78
CA ALA B 231 30.05 -16.63 -11.57
C ALA B 231 29.33 -16.83 -12.90
N CYS B 232 28.60 -17.93 -13.00
CA CYS B 232 27.92 -18.32 -14.21
C CYS B 232 26.66 -19.02 -13.73
N CYS B 233 25.55 -18.93 -14.47
CA CYS B 233 25.48 -18.33 -15.79
C CYS B 233 24.16 -17.58 -15.86
N SER B 234 24.11 -16.55 -16.69
CA SER B 234 22.94 -15.66 -16.78
C SER B 234 23.07 -14.78 -18.01
N PRO B 235 22.14 -13.82 -18.18
CA PRO B 235 22.25 -12.90 -19.31
C PRO B 235 23.57 -12.13 -19.36
N LEU B 236 24.10 -11.72 -18.21
CA LEU B 236 25.36 -10.98 -18.17
C LEU B 236 26.54 -11.80 -18.72
N THR B 237 26.50 -13.11 -18.55
CA THR B 237 27.66 -13.95 -18.84
C THR B 237 27.66 -14.57 -20.23
N GLY B 238 26.91 -13.96 -21.15
CA GLY B 238 26.89 -14.42 -22.53
C GLY B 238 26.86 -15.93 -22.69
N ASP B 239 27.79 -16.46 -23.46
CA ASP B 239 27.76 -17.87 -23.80
C ASP B 239 28.77 -18.73 -23.05
N VAL B 240 29.37 -18.15 -22.00
CA VAL B 240 30.19 -18.91 -21.08
C VAL B 240 29.34 -20.01 -20.43
N LYS B 241 29.91 -21.21 -20.33
CA LYS B 241 29.19 -22.40 -19.91
C LYS B 241 30.19 -23.30 -19.23
N LEU B 242 29.73 -24.08 -18.26
CA LEU B 242 30.62 -25.03 -17.60
C LEU B 242 30.97 -26.16 -18.55
N GLY B 243 32.23 -26.59 -18.53
CA GLY B 243 32.69 -27.64 -19.42
C GLY B 243 33.22 -27.19 -20.78
N LYS B 244 33.13 -25.89 -21.07
CA LYS B 244 33.71 -25.34 -22.30
C LYS B 244 35.08 -24.70 -22.08
N GLY B 245 35.70 -24.97 -20.93
CA GLY B 245 37.07 -24.55 -20.70
C GLY B 245 37.24 -23.38 -19.73
N PRO B 246 38.48 -23.10 -19.33
CA PRO B 246 38.82 -21.94 -18.49
C PRO B 246 38.31 -20.66 -19.13
N VAL B 247 38.00 -19.65 -18.32
CA VAL B 247 37.45 -18.41 -18.85
C VAL B 247 38.29 -17.19 -18.49
N ILE B 248 38.58 -16.37 -19.50
CA ILE B 248 39.18 -15.08 -19.26
C ILE B 248 38.11 -14.14 -18.69
N ARG B 249 38.18 -13.87 -17.39
CA ARG B 249 37.34 -12.86 -16.78
C ARG B 249 37.88 -11.50 -17.22
N ALA B 250 37.33 -10.95 -18.30
CA ALA B 250 37.91 -9.78 -18.96
C ALA B 250 37.40 -8.47 -18.36
N VAL B 251 36.18 -8.52 -17.83
CA VAL B 251 35.58 -7.37 -17.19
C VAL B 251 34.72 -7.82 -16.02
N ASP B 252 34.90 -7.18 -14.88
CA ASP B 252 33.99 -7.37 -13.77
C ASP B 252 33.69 -6.03 -13.09
N ASN B 253 33.19 -6.05 -11.86
CA ASN B 253 32.86 -4.80 -11.15
C ASN B 253 34.07 -4.05 -10.58
N SER B 254 35.18 -4.75 -10.43
CA SER B 254 36.40 -4.14 -9.87
C SER B 254 37.31 -3.56 -10.95
N ALA B 255 37.10 -3.96 -12.21
CA ALA B 255 38.00 -3.55 -13.28
C ALA B 255 37.59 -4.00 -14.68
N ILE B 256 37.96 -3.18 -15.65
CA ILE B 256 38.12 -3.59 -17.03
C ILE B 256 39.59 -3.96 -17.17
N TYR B 257 39.87 -5.25 -17.24
CA TYR B 257 41.24 -5.76 -17.26
C TYR B 257 41.97 -5.47 -18.59
N SER B 258 43.24 -5.84 -18.66
CA SER B 258 44.09 -5.47 -19.79
C SER B 258 43.76 -6.26 -21.05
N ARG B 259 43.19 -5.60 -22.05
CA ARG B 259 42.81 -6.26 -23.29
C ARG B 259 44.03 -6.78 -24.05
N ASP B 260 45.15 -6.09 -23.91
CA ASP B 260 46.40 -6.54 -24.51
C ASP B 260 46.75 -7.91 -23.96
N LEU B 261 46.70 -8.03 -22.64
CA LEU B 261 47.04 -9.29 -21.97
C LEU B 261 46.06 -10.43 -22.27
N ALA B 262 44.77 -10.10 -22.41
CA ALA B 262 43.77 -11.11 -22.77
C ALA B 262 44.02 -11.69 -24.15
N ARG B 263 44.52 -10.87 -25.08
CA ARG B 263 44.80 -11.31 -26.44
C ARG B 263 46.01 -12.24 -26.48
N LYS B 264 47.01 -11.94 -25.64
CA LYS B 264 48.17 -12.81 -25.50
C LYS B 264 47.77 -14.16 -24.91
N VAL B 265 46.88 -14.13 -23.93
CA VAL B 265 46.43 -15.36 -23.30
C VAL B 265 45.61 -16.19 -24.27
N TRP B 266 44.74 -15.53 -25.03
CA TRP B 266 43.95 -16.21 -26.03
C TRP B 266 44.85 -16.88 -27.08
N SER B 267 45.88 -16.17 -27.52
CA SER B 267 46.81 -16.70 -28.52
C SER B 267 47.58 -17.90 -27.97
N ILE B 268 48.06 -17.77 -26.74
CA ILE B 268 48.83 -18.83 -26.11
C ILE B 268 47.98 -20.08 -25.84
N ALA B 269 46.70 -19.89 -25.54
CA ALA B 269 45.81 -21.03 -25.35
C ALA B 269 45.52 -21.74 -26.68
N GLU B 270 45.31 -20.95 -27.71
CA GLU B 270 44.98 -21.45 -29.04
C GLU B 270 46.16 -22.21 -29.63
N LYS B 271 47.35 -21.66 -29.45
CA LYS B 271 48.59 -22.32 -29.80
C LYS B 271 48.68 -23.70 -29.15
N ASN B 272 48.46 -23.75 -27.84
CA ASN B 272 48.55 -25.00 -27.08
C ASN B 272 47.31 -25.88 -27.18
N GLY B 273 46.41 -25.56 -28.09
CA GLY B 273 45.19 -26.33 -28.27
C GLY B 273 44.29 -26.41 -27.05
N ILE B 274 44.35 -25.42 -26.17
CA ILE B 274 43.51 -25.39 -24.97
C ILE B 274 42.21 -24.63 -25.23
N GLU B 275 41.08 -25.30 -25.01
CA GLU B 275 39.76 -24.67 -25.13
C GLU B 275 39.60 -23.53 -24.12
N ILE B 276 39.12 -22.38 -24.59
CA ILE B 276 39.11 -21.20 -23.74
C ILE B 276 37.89 -20.33 -23.97
N GLN B 277 37.40 -19.68 -22.91
CA GLN B 277 36.25 -18.78 -22.99
C GLN B 277 36.61 -17.37 -22.52
N ILE B 278 35.75 -16.41 -22.83
CA ILE B 278 35.94 -15.05 -22.38
C ILE B 278 34.57 -14.45 -22.08
N GLY B 279 34.50 -13.63 -21.04
CA GLY B 279 33.25 -12.98 -20.72
C GLY B 279 33.28 -11.96 -19.60
N VAL B 280 32.10 -11.42 -19.32
CA VAL B 280 31.89 -10.38 -18.33
C VAL B 280 31.13 -10.95 -17.13
N THR B 281 31.50 -10.55 -15.92
CA THR B 281 30.79 -11.06 -14.74
C THR B 281 30.77 -10.08 -13.58
N GLY B 282 30.18 -10.49 -12.46
CA GLY B 282 30.15 -9.67 -11.26
C GLY B 282 31.29 -9.92 -10.28
N GLY B 283 31.54 -8.97 -9.38
CA GLY B 283 32.54 -9.14 -8.36
C GLY B 283 33.87 -8.49 -8.71
N GLY B 284 34.88 -8.71 -7.87
CA GLY B 284 36.22 -8.22 -8.12
C GLY B 284 37.24 -9.33 -7.88
N THR B 285 38.50 -9.11 -8.24
CA THR B 285 39.56 -10.08 -7.96
C THR B 285 40.84 -9.38 -7.49
N ASP B 286 41.74 -10.16 -6.89
CA ASP B 286 43.06 -9.70 -6.48
C ASP B 286 43.83 -8.96 -7.60
N ALA B 287 43.62 -9.33 -8.85
CA ALA B 287 44.36 -8.72 -9.94
C ALA B 287 44.05 -7.24 -10.08
N SER B 288 42.89 -6.81 -9.58
CA SER B 288 42.53 -5.40 -9.72
C SER B 288 43.42 -4.56 -8.80
N ALA B 289 44.06 -5.20 -7.84
CA ALA B 289 44.91 -4.46 -6.90
C ALA B 289 46.27 -4.17 -7.53
N PHE B 290 46.47 -4.58 -8.78
CA PHE B 290 47.72 -4.36 -9.47
C PHE B 290 47.57 -3.54 -10.74
N GLN B 291 46.36 -3.07 -11.07
CA GLN B 291 46.22 -2.32 -12.32
C GLN B 291 46.79 -0.92 -12.16
N ASP B 292 47.07 -0.63 -10.91
CA ASP B 292 47.97 0.41 -10.43
C ASP B 292 49.34 0.46 -11.13
N ARG B 293 49.90 -0.70 -11.47
CA ARG B 293 51.28 -0.72 -11.94
C ARG B 293 51.67 -1.86 -12.89
N SER B 294 50.80 -2.86 -13.05
CA SER B 294 51.06 -3.98 -13.94
C SER B 294 49.97 -4.09 -14.97
N LYS B 295 50.19 -4.91 -16.00
CA LYS B 295 49.11 -5.33 -16.88
C LYS B 295 48.34 -6.46 -16.18
N THR B 296 47.04 -6.31 -16.04
CA THR B 296 46.29 -7.25 -15.21
C THR B 296 45.27 -8.06 -15.98
N LEU B 297 44.94 -9.21 -15.40
CA LEU B 297 43.89 -10.08 -15.94
C LEU B 297 43.50 -11.12 -14.90
N ALA B 298 42.25 -11.54 -14.95
CA ALA B 298 41.81 -12.65 -14.11
C ALA B 298 41.51 -13.83 -15.00
N LEU B 299 41.82 -15.03 -14.55
CA LEU B 299 41.37 -16.21 -15.28
C LEU B 299 40.78 -17.24 -14.34
N SER B 300 39.81 -17.99 -14.85
CA SER B 300 38.83 -18.62 -13.98
C SER B 300 38.32 -19.96 -14.50
N VAL B 301 37.72 -20.73 -13.59
CA VAL B 301 36.74 -21.73 -14.01
C VAL B 301 35.37 -21.12 -13.74
N PRO B 302 34.44 -21.33 -14.67
CA PRO B 302 33.06 -20.90 -14.42
C PRO B 302 32.51 -21.69 -13.24
N ILE B 303 31.87 -20.99 -12.30
CA ILE B 303 31.27 -21.66 -11.14
C ILE B 303 29.78 -21.31 -10.99
N LYS B 304 28.95 -22.34 -10.82
CA LYS B 304 27.52 -22.14 -10.59
C LYS B 304 27.23 -22.04 -9.09
N TYR B 305 26.19 -21.27 -8.74
CA TYR B 305 25.73 -21.17 -7.37
C TYR B 305 26.82 -20.62 -6.45
N LEU B 306 27.55 -19.64 -6.97
CA LEU B 306 28.73 -19.11 -6.26
C LEU B 306 28.34 -18.57 -4.91
N HIS B 307 29.20 -18.82 -3.93
CA HIS B 307 29.03 -18.33 -2.57
C HIS B 307 27.98 -19.07 -1.73
N SER B 308 27.76 -20.34 -2.05
CA SER B 308 26.86 -21.20 -1.28
C SER B 308 27.54 -22.53 -0.97
N GLU B 309 26.88 -23.43 -0.27
CA GLU B 309 27.51 -24.73 -0.06
C GLU B 309 27.34 -25.68 -1.24
N VAL B 310 26.63 -25.24 -2.28
CA VAL B 310 26.56 -26.02 -3.51
C VAL B 310 27.25 -25.39 -4.72
N GLU B 311 28.17 -24.47 -4.49
CA GLU B 311 28.92 -23.92 -5.62
C GLU B 311 29.56 -25.08 -6.38
N THR B 312 29.52 -24.99 -7.70
CA THR B 312 29.79 -26.12 -8.57
C THR B 312 30.73 -25.77 -9.71
N LEU B 313 31.78 -26.57 -9.89
CA LEU B 313 32.63 -26.43 -11.09
C LEU B 313 32.76 -27.75 -11.87
N HIS B 314 33.09 -27.62 -13.16
CA HIS B 314 33.33 -28.74 -14.04
C HIS B 314 34.81 -29.10 -14.03
N LEU B 315 35.13 -30.35 -13.71
CA LEU B 315 36.53 -30.81 -13.53
C LEU B 315 37.45 -30.59 -14.73
N ASN B 316 36.93 -30.78 -15.93
CA ASN B 316 37.74 -30.59 -17.12
C ASN B 316 38.18 -29.13 -17.30
N ASP B 317 37.31 -28.19 -16.93
CA ASP B 317 37.65 -26.77 -16.98
C ASP B 317 38.88 -26.52 -16.12
N LEU B 318 38.90 -27.16 -14.96
CA LEU B 318 40.01 -26.99 -14.04
C LEU B 318 41.27 -27.61 -14.61
N GLU B 319 41.13 -28.73 -15.33
CA GLU B 319 42.31 -29.42 -15.87
C GLU B 319 43.00 -28.50 -16.84
N LYS B 320 42.23 -28.00 -17.79
CA LYS B 320 42.75 -27.13 -18.82
C LYS B 320 43.33 -25.84 -18.25
N LEU B 321 42.72 -25.36 -17.16
CA LEU B 321 43.17 -24.15 -16.51
C LEU B 321 44.61 -24.30 -16.02
N VAL B 322 44.88 -25.40 -15.32
CA VAL B 322 46.22 -25.67 -14.82
C VAL B 322 47.17 -25.74 -16.01
N LYS B 323 46.69 -26.35 -17.09
CA LYS B 323 47.44 -26.47 -18.33
C LYS B 323 47.72 -25.08 -18.90
N LEU B 324 46.72 -24.21 -18.88
CA LEU B 324 46.87 -22.85 -19.39
C LEU B 324 47.88 -22.06 -18.55
N ILE B 325 47.80 -22.21 -17.23
CA ILE B 325 48.71 -21.52 -16.33
C ILE B 325 50.17 -21.87 -16.61
N GLU B 326 50.44 -23.17 -16.76
CA GLU B 326 51.79 -23.64 -17.09
C GLU B 326 52.24 -23.09 -18.43
N ALA B 327 51.38 -23.19 -19.44
CA ALA B 327 51.69 -22.65 -20.76
C ALA B 327 52.10 -21.17 -20.69
N LEU B 328 51.35 -20.39 -19.93
CA LEU B 328 51.66 -18.98 -19.75
C LEU B 328 53.02 -18.79 -19.08
N ALA B 329 53.30 -19.61 -18.08
CA ALA B 329 54.59 -19.54 -17.41
C ALA B 329 55.74 -19.63 -18.41
N PHE B 330 55.55 -20.49 -19.42
CA PHE B 330 56.58 -20.73 -20.42
C PHE B 330 56.60 -19.68 -21.54
N GLU B 331 55.43 -19.22 -21.95
CA GLU B 331 55.30 -18.47 -23.21
C GLU B 331 54.91 -16.99 -23.12
N LEU B 332 54.37 -16.56 -22.00
CA LEU B 332 53.90 -15.18 -21.88
C LEU B 332 55.09 -14.22 -21.98
N MET C 2 45.28 21.35 35.29
CA MET C 2 44.15 21.13 34.38
C MET C 2 43.73 19.66 34.43
N SER C 3 42.55 19.38 34.96
CA SER C 3 41.99 18.03 34.98
C SER C 3 41.83 17.47 33.57
N MET C 4 41.52 16.19 33.48
CA MET C 4 41.19 15.57 32.19
C MET C 4 39.89 16.16 31.64
N ILE C 5 38.90 16.34 32.52
CA ILE C 5 37.67 17.02 32.16
C ILE C 5 37.96 18.28 31.36
N GLU C 6 38.78 19.16 31.94
CA GLU C 6 39.06 20.45 31.33
C GLU C 6 39.90 20.37 30.06
N LYS C 7 40.82 19.41 29.99
CA LYS C 7 41.58 19.19 28.78
C LYS C 7 40.64 18.68 27.68
N LEU C 8 39.69 17.81 28.03
CA LEU C 8 38.74 17.33 27.04
C LEU C 8 37.87 18.47 26.52
N LYS C 9 37.37 19.29 27.44
CA LYS C 9 36.49 20.39 27.06
C LYS C 9 37.21 21.40 26.17
N LYS C 10 38.43 21.74 26.56
CA LYS C 10 39.28 22.62 25.76
C LYS C 10 39.35 22.21 24.28
N PHE C 11 39.80 20.98 24.05
CA PHE C 11 40.00 20.48 22.69
C PHE C 11 38.70 20.19 21.93
N THR C 12 37.63 19.81 22.63
CA THR C 12 36.35 19.59 21.95
C THR C 12 35.65 20.89 21.57
N GLN C 13 35.93 21.97 22.28
CA GLN C 13 35.28 23.25 21.97
C GLN C 13 35.81 23.92 20.70
N ILE C 14 36.97 23.47 20.22
CA ILE C 14 37.57 24.10 19.05
C ILE C 14 36.99 23.54 17.76
N PRO C 15 36.53 24.43 16.86
CA PRO C 15 35.93 24.04 15.58
C PRO C 15 36.96 23.70 14.51
N GLY C 16 36.74 22.56 13.85
CA GLY C 16 37.57 22.16 12.73
C GLY C 16 37.03 20.89 12.11
N ILE C 17 36.30 21.04 11.02
CA ILE C 17 35.83 19.90 10.27
C ILE C 17 36.92 19.40 9.33
N SER C 18 36.63 18.30 8.64
CA SER C 18 37.56 17.71 7.70
C SER C 18 38.02 18.77 6.72
N GLY C 19 39.33 18.84 6.49
CA GLY C 19 39.92 19.79 5.55
C GLY C 19 40.12 21.18 6.14
N TYR C 20 39.58 21.39 7.34
CA TYR C 20 39.58 22.71 7.99
C TYR C 20 40.10 22.59 9.41
N GLU C 21 41.19 21.85 9.58
CA GLU C 21 41.66 21.50 10.92
C GLU C 21 42.57 22.53 11.59
N GLU C 22 42.83 23.67 10.94
CA GLU C 22 43.80 24.68 11.42
C GLU C 22 43.81 24.91 12.93
N ARG C 23 42.63 25.22 13.46
CA ARG C 23 42.50 25.66 14.85
C ARG C 23 42.87 24.58 15.85
N ILE C 24 42.60 23.33 15.51
CA ILE C 24 42.99 22.21 16.38
C ILE C 24 44.51 22.01 16.34
N ARG C 25 45.08 21.96 15.13
CA ARG C 25 46.52 21.80 14.97
C ARG C 25 47.31 22.90 15.71
N GLU C 26 46.87 24.15 15.60
CA GLU C 26 47.57 25.25 16.26
C GLU C 26 47.55 25.08 17.78
N GLU C 27 46.44 24.58 18.30
CA GLU C 27 46.33 24.40 19.73
C GLU C 27 47.16 23.20 20.20
N ILE C 28 47.24 22.18 19.36
CA ILE C 28 48.03 21.02 19.72
C ILE C 28 49.51 21.40 19.77
N ILE C 29 49.96 22.15 18.77
CA ILE C 29 51.31 22.71 18.73
C ILE C 29 51.60 23.54 19.98
N ARG C 30 50.69 24.42 20.33
CA ARG C 30 50.83 25.22 21.55
CA ARG C 30 50.83 25.23 21.55
C ARG C 30 51.07 24.35 22.77
N GLU C 31 50.44 23.18 22.79
CA GLU C 31 50.50 22.29 23.95
C GLU C 31 51.73 21.38 23.94
N ILE C 32 52.32 21.21 22.77
CA ILE C 32 53.39 20.23 22.56
C ILE C 32 54.74 20.88 22.25
N LYS C 33 54.67 22.16 21.87
CA LYS C 33 55.83 22.98 21.52
C LYS C 33 57.01 22.88 22.48
N ASP C 34 56.73 22.97 23.78
CA ASP C 34 57.76 22.98 24.81
C ASP C 34 58.46 21.63 24.93
N PHE C 35 57.78 20.56 24.51
CA PHE C 35 58.19 19.21 24.87
C PHE C 35 58.90 18.47 23.74
N ALA C 36 58.66 18.87 22.51
CA ALA C 36 59.19 18.10 21.40
C ALA C 36 59.10 18.84 20.11
N ASP C 37 59.90 18.43 19.14
CA ASP C 37 59.83 18.97 17.78
C ASP C 37 58.63 18.39 17.04
N TYR C 38 58.21 19.08 15.99
CA TYR C 38 57.07 18.66 15.19
C TYR C 38 57.19 19.16 13.76
N LYS C 39 56.44 18.52 12.87
CA LYS C 39 56.44 18.86 11.46
C LYS C 39 54.98 18.90 10.98
N VAL C 40 54.70 19.71 9.97
CA VAL C 40 53.39 19.74 9.36
C VAL C 40 53.41 19.31 7.89
N ASP C 41 52.68 18.24 7.60
CA ASP C 41 52.45 17.72 6.25
C ASP C 41 51.90 18.77 5.30
N ALA C 42 52.04 18.51 4.00
CA ALA C 42 51.39 19.33 2.98
C ALA C 42 49.86 19.14 2.93
N ILE C 43 49.36 18.08 3.55
CA ILE C 43 47.91 17.93 3.68
C ILE C 43 47.44 18.42 5.05
N GLY C 44 48.38 18.65 5.96
CA GLY C 44 48.05 19.24 7.26
C GLY C 44 48.18 18.34 8.47
N ASN C 45 48.64 17.10 8.28
CA ASN C 45 48.95 16.23 9.41
C ASN C 45 50.03 16.88 10.29
N LEU C 46 49.87 16.76 11.60
CA LEU C 46 50.89 17.22 12.53
C LEU C 46 51.63 16.01 13.08
N ILE C 47 52.93 15.96 12.86
CA ILE C 47 53.71 14.78 13.19
C ILE C 47 54.79 15.04 14.23
N VAL C 48 54.86 14.16 15.22
CA VAL C 48 55.84 14.26 16.29
C VAL C 48 56.61 12.95 16.47
N GLU C 49 57.91 12.97 16.14
CA GLU C 49 58.77 11.81 16.34
C GLU C 49 59.49 11.81 17.69
N LEU C 50 59.47 10.67 18.36
CA LEU C 50 60.29 10.44 19.54
C LEU C 50 61.29 9.33 19.25
N GLY C 51 62.52 9.52 19.72
CA GLY C 51 63.55 8.50 19.55
C GLY C 51 64.27 8.53 18.22
N GLU C 52 65.00 7.45 17.94
CA GLU C 52 65.84 7.36 16.75
C GLU C 52 65.95 5.91 16.28
N GLY C 53 66.10 5.72 14.98
CA GLY C 53 66.31 4.40 14.42
C GLY C 53 65.20 3.99 13.47
N GLU C 54 64.80 2.72 13.56
CA GLU C 54 63.71 2.22 12.73
C GLU C 54 62.37 2.64 13.31
N GLU C 55 61.38 2.76 12.42
CA GLU C 55 60.05 3.23 12.80
C GLU C 55 59.24 2.10 13.42
N ARG C 56 59.24 2.05 14.74
CA ARG C 56 58.66 0.91 15.44
C ARG C 56 57.14 1.05 15.52
N ILE C 57 56.67 2.15 16.09
CA ILE C 57 55.26 2.36 16.35
C ILE C 57 54.76 3.72 15.84
N LEU C 58 53.66 3.70 15.09
CA LEU C 58 52.93 4.92 14.77
C LEU C 58 51.59 4.95 15.51
N PHE C 59 51.31 6.06 16.18
CA PHE C 59 50.00 6.30 16.78
C PHE C 59 49.28 7.44 16.07
N MET C 60 48.07 7.20 15.56
CA MET C 60 47.29 8.24 14.88
C MET C 60 46.00 8.55 15.63
N ALA C 61 45.70 9.84 15.76
CA ALA C 61 44.40 10.30 16.29
C ALA C 61 43.97 11.50 15.44
N HIS C 62 42.71 11.55 15.03
CA HIS C 62 42.35 12.58 14.07
C HIS C 62 41.82 13.87 14.68
N MET C 63 42.12 14.98 13.99
CA MET C 63 41.80 16.31 14.47
C MET C 63 40.45 16.78 13.99
N ASP C 64 40.03 16.27 12.83
CA ASP C 64 38.76 16.67 12.24
C ASP C 64 37.53 16.09 12.95
N GLU C 65 36.47 16.89 13.01
CA GLU C 65 35.17 16.45 13.49
C GLU C 65 34.20 16.58 12.31
N ILE C 66 33.08 15.86 12.40
CA ILE C 66 32.02 15.97 11.41
C ILE C 66 31.40 17.36 11.52
N GLY C 67 30.81 17.83 10.43
CA GLY C 67 30.12 19.11 10.45
C GLY C 67 29.54 19.52 9.10
N LEU C 68 29.37 20.83 8.91
CA LEU C 68 28.62 21.36 7.77
C LEU C 68 29.50 22.27 6.92
N LEU C 69 29.37 22.16 5.60
CA LEU C 69 30.11 23.01 4.66
C LEU C 69 29.13 23.94 3.98
N ILE C 70 29.34 25.25 4.09
CA ILE C 70 28.44 26.20 3.43
C ILE C 70 28.60 26.09 1.92
N THR C 71 27.53 25.76 1.21
CA THR C 71 27.61 25.65 -0.24
C THR C 71 27.13 26.89 -0.98
N GLY C 72 26.22 27.65 -0.38
CA GLY C 72 25.61 28.77 -1.07
C GLY C 72 24.80 29.65 -0.14
N ILE C 73 24.31 30.77 -0.67
CA ILE C 73 23.51 31.72 0.10
C ILE C 73 22.17 31.87 -0.60
N THR C 74 21.09 31.86 0.16
CA THR C 74 19.78 31.98 -0.47
C THR C 74 19.41 33.43 -0.71
N ASP C 75 18.36 33.63 -1.49
CA ASP C 75 17.88 34.97 -1.79
C ASP C 75 17.50 35.75 -0.53
N GLU C 76 17.14 35.04 0.53
CA GLU C 76 16.78 35.71 1.78
C GLU C 76 17.95 35.73 2.77
N GLY C 77 19.15 35.39 2.29
CA GLY C 77 20.33 35.48 3.12
C GLY C 77 20.47 34.36 4.15
N LYS C 78 19.89 33.20 3.85
CA LYS C 78 20.13 32.00 4.63
C LYS C 78 21.29 31.21 4.01
N LEU C 79 21.96 30.41 4.82
CA LEU C 79 23.06 29.59 4.31
C LEU C 79 22.58 28.19 3.99
N ARG C 80 22.86 27.78 2.76
CA ARG C 80 22.65 26.40 2.34
C ARG C 80 23.92 25.64 2.71
N PHE C 81 23.82 24.33 2.92
CA PHE C 81 25.01 23.55 3.26
C PHE C 81 24.92 22.11 2.81
N ARG C 82 26.06 21.45 2.90
CA ARG C 82 26.21 20.03 2.62
C ARG C 82 26.84 19.45 3.89
N LYS C 83 26.65 18.16 4.17
CA LYS C 83 27.25 17.56 5.36
C LYS C 83 28.67 17.11 5.09
N VAL C 84 29.51 17.14 6.13
CA VAL C 84 30.87 16.63 6.03
C VAL C 84 31.11 15.57 7.10
N GLY C 85 31.30 14.33 6.65
CA GLY C 85 31.34 13.19 7.55
C GLY C 85 29.92 12.69 7.75
N GLY C 86 29.77 11.64 8.55
CA GLY C 86 28.46 11.02 8.71
C GLY C 86 27.65 11.69 9.81
N ILE C 87 26.49 12.25 9.44
CA ILE C 87 25.59 12.85 10.43
C ILE C 87 24.16 12.45 10.10
N ASP C 88 23.48 11.93 11.12
CA ASP C 88 22.07 11.61 11.02
C ASP C 88 21.30 12.92 10.87
N ASP C 89 20.51 13.04 9.80
CA ASP C 89 19.72 14.25 9.55
C ASP C 89 18.84 14.61 10.74
N ARG C 90 18.43 13.60 11.51
CA ARG C 90 17.58 13.86 12.65
C ARG C 90 18.25 14.80 13.64
N LEU C 91 19.58 14.87 13.59
CA LEU C 91 20.35 15.67 14.54
C LEU C 91 20.62 17.10 14.09
N LEU C 92 20.07 17.49 12.93
CA LEU C 92 20.35 18.81 12.36
C LEU C 92 19.24 19.82 12.66
N TYR C 93 18.09 19.30 13.02
CA TYR C 93 16.87 20.07 13.09
C TYR C 93 16.75 20.78 14.44
N GLY C 94 16.45 22.09 14.41
CA GLY C 94 16.31 22.89 15.62
C GLY C 94 17.57 22.97 16.48
N ARG C 95 18.69 23.36 15.88
CA ARG C 95 20.00 23.40 16.55
C ARG C 95 20.73 24.73 16.37
N HIS C 96 21.48 25.13 17.41
CA HIS C 96 22.42 26.25 17.30
C HIS C 96 23.75 25.83 16.62
N VAL C 97 24.31 26.71 15.80
CA VAL C 97 25.61 26.42 15.20
C VAL C 97 26.59 27.59 15.34
N ASN C 98 27.87 27.26 15.26
CA ASN C 98 28.89 28.25 15.04
C ASN C 98 29.30 28.19 13.59
N VAL C 99 29.09 29.28 12.85
CA VAL C 99 29.59 29.37 11.48
C VAL C 99 30.99 29.98 11.52
N VAL C 100 31.97 29.25 10.99
CA VAL C 100 33.35 29.68 11.05
C VAL C 100 33.79 30.29 9.72
N THR C 101 34.25 31.53 9.79
CA THR C 101 34.63 32.30 8.60
C THR C 101 36.04 32.84 8.81
N GLU C 102 36.61 33.43 7.76
CA GLU C 102 37.93 34.05 7.88
C GLU C 102 37.91 35.16 8.93
N LYS C 103 36.93 36.04 8.84
CA LYS C 103 36.81 37.19 9.73
C LYS C 103 36.41 36.79 11.16
N GLY C 104 36.27 35.49 11.44
CA GLY C 104 35.89 35.04 12.77
C GLY C 104 34.69 34.11 12.83
N ILE C 105 34.12 33.98 14.03
CA ILE C 105 33.06 33.01 14.28
C ILE C 105 31.73 33.70 14.59
N LEU C 106 30.67 33.31 13.87
CA LEU C 106 29.33 33.90 14.03
C LEU C 106 28.28 32.90 14.51
N ASP C 107 27.27 33.38 15.24
CA ASP C 107 26.18 32.50 15.69
C ASP C 107 25.26 32.18 14.52
N GLY C 108 24.70 30.98 14.55
CA GLY C 108 23.76 30.56 13.52
C GLY C 108 22.72 29.64 14.12
N VAL C 109 21.62 29.47 13.39
CA VAL C 109 20.55 28.63 13.87
C VAL C 109 19.95 27.82 12.71
N ILE C 110 19.73 26.52 12.93
CA ILE C 110 18.95 25.73 12.00
C ILE C 110 17.56 25.58 12.63
N GLY C 111 16.56 26.19 12.00
CA GLY C 111 15.23 26.30 12.59
C GLY C 111 14.43 25.01 12.78
N ALA C 112 13.27 25.17 13.41
CA ALA C 112 12.26 24.12 13.52
C ALA C 112 10.88 24.76 13.38
N THR C 113 9.96 24.05 12.73
CA THR C 113 8.62 24.57 12.46
C THR C 113 7.66 24.22 13.59
N PRO C 114 7.14 25.24 14.29
CA PRO C 114 6.26 24.99 15.44
C PRO C 114 4.92 24.38 15.00
N PRO C 115 4.30 23.63 15.92
CA PRO C 115 2.93 23.11 15.78
C PRO C 115 1.94 24.24 15.46
N HIS C 116 2.15 25.40 16.08
CA HIS C 116 1.30 26.57 15.89
C HIS C 116 1.03 26.86 14.40
N LEU C 117 2.04 26.66 13.56
CA LEU C 117 1.98 27.02 12.14
C LEU C 117 1.64 25.86 11.19
N LYS C 123 5.92 15.21 11.44
CA LYS C 123 5.69 13.78 11.21
C LYS C 123 6.95 13.04 10.78
N SER C 124 7.77 13.68 9.94
CA SER C 124 8.93 13.00 9.38
C SER C 124 10.26 13.73 9.59
N VAL C 125 11.34 13.03 9.26
CA VAL C 125 12.67 13.61 9.37
C VAL C 125 12.93 14.51 8.19
N ILE C 126 13.32 15.74 8.45
CA ILE C 126 13.59 16.64 7.36
C ILE C 126 15.01 16.44 6.87
N PRO C 127 15.17 16.11 5.59
CA PRO C 127 16.49 15.75 5.07
C PRO C 127 17.37 16.98 5.00
N TRP C 128 18.68 16.74 4.96
CA TRP C 128 19.68 17.79 5.07
C TRP C 128 19.53 18.86 3.99
N TYR C 129 19.22 18.46 2.76
CA TYR C 129 19.14 19.42 1.65
C TYR C 129 17.92 20.36 1.69
N ASP C 130 16.96 20.09 2.57
CA ASP C 130 15.84 21.01 2.75
C ASP C 130 16.06 21.96 3.93
N LEU C 131 17.22 21.83 4.60
CA LEU C 131 17.51 22.66 5.77
C LEU C 131 18.41 23.85 5.42
N VAL C 132 18.32 24.94 6.20
CA VAL C 132 19.23 26.08 6.01
C VAL C 132 19.70 26.63 7.36
N ILE C 133 20.79 27.39 7.35
CA ILE C 133 21.23 28.08 8.56
C ILE C 133 20.81 29.55 8.54
N ASP C 134 20.15 30.00 9.61
CA ASP C 134 19.75 31.38 9.80
C ASP C 134 20.85 32.12 10.55
N ILE C 135 21.42 33.17 9.96
CA ILE C 135 22.44 33.95 10.67
C ILE C 135 21.99 35.39 10.97
N GLY C 136 20.71 35.67 10.80
CA GLY C 136 20.19 36.99 11.08
C GLY C 136 20.40 37.98 9.95
N ALA C 137 20.74 37.48 8.76
CA ALA C 137 20.84 38.35 7.58
C ALA C 137 19.47 38.50 6.94
N GLU C 138 19.22 39.68 6.36
CA GLU C 138 17.93 39.96 5.72
C GLU C 138 17.96 39.81 4.20
N SER C 139 19.16 39.66 3.62
CA SER C 139 19.27 39.56 2.17
C SER C 139 20.49 38.75 1.82
N LYS C 140 20.55 38.25 0.59
CA LYS C 140 21.74 37.57 0.10
C LYS C 140 22.96 38.48 0.23
N GLU C 141 22.77 39.77 -0.07
CA GLU C 141 23.88 40.72 -0.04
C GLU C 141 24.44 40.90 1.36
N GLU C 142 23.55 41.02 2.34
CA GLU C 142 24.02 41.20 3.70
C GLU C 142 24.71 39.94 4.22
N ALA C 143 24.23 38.77 3.79
CA ALA C 143 24.81 37.51 4.22
C ALA C 143 26.23 37.29 3.67
N LEU C 144 26.42 37.62 2.39
CA LEU C 144 27.75 37.54 1.76
C LEU C 144 28.80 38.38 2.46
N GLU C 145 28.41 39.52 3.03
CA GLU C 145 29.36 40.34 3.79
C GLU C 145 29.87 39.56 4.99
N LEU C 146 29.02 38.68 5.52
CA LEU C 146 29.35 37.92 6.73
C LEU C 146 29.96 36.56 6.46
N VAL C 147 29.35 35.81 5.53
CA VAL C 147 29.74 34.43 5.32
C VAL C 147 29.95 34.17 3.84
N LYS C 148 30.90 33.32 3.51
CA LYS C 148 31.11 32.94 2.11
C LYS C 148 30.92 31.45 1.90
N PRO C 149 30.54 31.06 0.68
CA PRO C 149 30.58 29.65 0.32
C PRO C 149 31.95 29.06 0.69
N LEU C 150 31.96 27.84 1.22
CA LEU C 150 33.20 27.13 1.59
C LEU C 150 33.71 27.53 2.96
N ASP C 151 32.99 28.44 3.62
CA ASP C 151 33.11 28.51 5.07
C ASP C 151 32.42 27.26 5.65
N PHE C 152 32.51 27.05 6.96
CA PHE C 152 31.93 25.84 7.54
C PHE C 152 31.21 26.13 8.83
N ALA C 153 30.42 25.16 9.29
CA ALA C 153 29.71 25.32 10.53
C ALA C 153 29.79 24.04 11.33
N VAL C 154 29.61 24.18 12.64
CA VAL C 154 29.71 23.07 13.57
C VAL C 154 28.69 23.35 14.67
N PHE C 155 28.15 22.33 15.32
CA PHE C 155 27.16 22.54 16.38
C PHE C 155 27.76 23.32 17.53
N LYS C 156 26.96 24.17 18.16
CA LYS C 156 27.34 24.66 19.47
C LYS C 156 27.39 23.46 20.37
N LYS C 157 28.23 23.51 21.38
CA LYS C 157 28.51 22.31 22.15
C LYS C 157 28.30 22.47 23.66
N HIS C 158 27.20 21.91 24.15
CA HIS C 158 27.06 21.67 25.59
C HIS C 158 28.12 20.65 26.01
N PHE C 159 28.58 20.75 27.24
CA PHE C 159 29.51 19.81 27.81
C PHE C 159 28.91 19.38 29.13
N SER C 160 28.69 18.07 29.29
CA SER C 160 28.06 17.51 30.47
C SER C 160 28.93 16.48 31.14
N VAL C 161 28.80 16.40 32.45
CA VAL C 161 29.52 15.40 33.21
C VAL C 161 28.46 14.59 33.93
N LEU C 162 28.32 13.33 33.52
CA LEU C 162 27.28 12.52 34.11
C LEU C 162 27.77 11.77 35.36
N ASN C 163 27.19 12.13 36.50
CA ASN C 163 27.45 11.41 37.75
C ASN C 163 28.92 11.20 38.06
N GLY C 164 29.73 12.23 37.83
CA GLY C 164 31.14 12.20 38.18
C GLY C 164 32.08 11.51 37.21
N LYS C 165 31.61 10.53 36.46
CA LYS C 165 32.54 9.69 35.72
C LYS C 165 32.42 9.63 34.19
N TYR C 166 31.35 10.19 33.65
CA TYR C 166 31.13 10.17 32.22
C TYR C 166 31.17 11.57 31.69
N VAL C 167 31.76 11.75 30.52
CA VAL C 167 31.75 13.05 29.88
C VAL C 167 30.93 12.98 28.59
N SER C 168 30.15 14.01 28.30
CA SER C 168 29.30 14.05 27.12
C SER C 168 29.42 15.35 26.39
N THR C 169 29.92 15.31 25.15
CA THR C 169 30.00 16.47 24.28
C THR C 169 30.34 16.01 22.85
N ARG C 170 29.96 16.79 21.84
CA ARG C 170 30.41 16.56 20.46
C ARG C 170 31.91 16.71 20.35
N GLY C 171 32.56 15.81 19.62
CA GLY C 171 33.98 15.99 19.37
C GLY C 171 34.86 15.07 20.22
N LEU C 172 34.30 14.48 21.27
CA LEU C 172 35.06 13.46 21.99
C LEU C 172 35.70 12.55 20.94
N ASP C 173 34.96 12.24 19.88
CA ASP C 173 35.54 11.58 18.72
C ASP C 173 36.00 12.67 17.75
N ASP C 174 37.30 12.87 17.57
CA ASP C 174 38.37 12.10 18.21
C ASP C 174 39.32 13.01 19.02
N ARG C 175 38.75 14.03 19.65
CA ARG C 175 39.54 14.89 20.52
C ARG C 175 39.97 14.17 21.81
N PHE C 176 39.27 13.10 22.21
CA PHE C 176 39.74 12.30 23.35
C PHE C 176 41.09 11.67 22.98
N GLY C 177 41.21 11.25 21.72
CA GLY C 177 42.42 10.63 21.22
C GLY C 177 43.54 11.65 21.07
N VAL C 178 43.17 12.89 20.79
CA VAL C 178 44.14 13.94 20.61
C VAL C 178 44.79 14.18 21.96
N VAL C 179 43.96 14.39 22.96
CA VAL C 179 44.39 14.54 24.35
C VAL C 179 45.18 13.33 24.86
N ALA C 180 44.80 12.12 24.46
CA ALA C 180 45.51 10.94 24.94
C ALA C 180 46.94 10.98 24.43
N LEU C 181 47.10 11.26 23.14
CA LEU C 181 48.43 11.26 22.53
C LEU C 181 49.31 12.39 23.06
N ILE C 182 48.74 13.55 23.31
CA ILE C 182 49.49 14.66 23.88
C ILE C 182 50.00 14.24 25.25
N GLU C 183 49.16 13.58 26.02
CA GLU C 183 49.52 13.13 27.36
C GLU C 183 50.67 12.12 27.29
N ALA C 184 50.62 11.26 26.27
CA ALA C 184 51.65 10.26 26.04
C ALA C 184 52.99 10.89 25.66
N ILE C 185 52.96 11.90 24.80
CA ILE C 185 54.17 12.60 24.39
C ILE C 185 54.86 13.23 25.60
N LYS C 186 54.11 14.02 26.36
CA LYS C 186 54.62 14.65 27.57
C LYS C 186 55.28 13.66 28.52
N ASP C 187 54.73 12.46 28.62
CA ASP C 187 55.20 11.47 29.59
C ASP C 187 56.37 10.63 29.10
N LEU C 188 56.60 10.59 27.79
CA LEU C 188 57.57 9.69 27.21
C LEU C 188 58.78 10.44 26.66
N VAL C 189 58.66 11.76 26.57
CA VAL C 189 59.71 12.56 25.95
C VAL C 189 61.02 12.51 26.73
N ASP C 190 60.92 12.42 28.06
CA ASP C 190 62.09 12.31 28.92
C ASP C 190 62.42 10.85 29.25
N HIS C 191 62.33 9.96 28.25
CA HIS C 191 62.64 8.55 28.45
C HIS C 191 63.34 8.01 27.23
N GLU C 192 64.32 7.16 27.45
CA GLU C 192 64.97 6.47 26.35
C GLU C 192 64.15 5.23 26.00
N LEU C 193 63.73 5.16 24.76
CA LEU C 193 63.04 3.99 24.25
C LEU C 193 63.22 4.03 22.75
N GLU C 194 63.80 2.98 22.19
CA GLU C 194 64.11 3.03 20.78
C GLU C 194 63.57 1.77 20.11
N GLY C 195 63.38 1.80 18.79
CA GLY C 195 63.74 2.92 17.94
C GLY C 195 62.77 4.11 17.94
N LYS C 196 62.15 4.39 16.81
CA LYS C 196 61.25 5.56 16.72
C LYS C 196 59.77 5.29 17.05
N VAL C 197 59.21 6.15 17.88
CA VAL C 197 57.80 6.15 18.20
C VAL C 197 57.16 7.46 17.68
N ILE C 198 56.28 7.32 16.70
CA ILE C 198 55.77 8.45 15.96
C ILE C 198 54.32 8.77 16.36
N PHE C 199 54.06 10.03 16.65
CA PHE C 199 52.72 10.46 17.00
C PHE C 199 52.19 11.38 15.91
N ALA C 200 51.10 10.97 15.28
CA ALA C 200 50.50 11.78 14.23
C ALA C 200 49.09 12.23 14.62
N PHE C 201 48.83 13.53 14.49
CA PHE C 201 47.49 14.06 14.61
C PHE C 201 47.00 14.28 13.17
N THR C 202 46.06 13.43 12.74
CA THR C 202 45.73 13.33 11.33
C THR C 202 44.61 14.26 10.87
N VAL C 203 44.50 14.47 9.56
CA VAL C 203 43.43 15.29 9.02
C VAL C 203 42.50 14.40 8.21
N GLN C 204 41.25 14.84 8.08
CA GLN C 204 40.33 14.23 7.13
C GLN C 204 40.06 12.76 7.33
N GLU C 205 40.06 12.33 8.59
CA GLU C 205 39.73 10.96 8.89
C GLU C 205 38.25 10.68 8.55
N GLU C 206 37.39 11.67 8.82
CA GLU C 206 35.95 11.50 8.71
C GLU C 206 35.43 11.44 7.26
N VAL C 207 36.33 11.71 6.30
CA VAL C 207 35.95 11.67 4.89
C VAL C 207 36.83 10.69 4.11
N GLY C 208 37.16 9.58 4.73
CA GLY C 208 37.85 8.52 4.03
C GLY C 208 39.33 8.46 4.33
N LEU C 209 39.69 8.79 5.57
CA LEU C 209 41.06 8.63 6.06
C LEU C 209 42.10 9.28 5.14
N LYS C 210 41.81 10.47 4.61
CA LYS C 210 42.75 11.07 3.66
C LYS C 210 44.08 11.48 4.29
N GLY C 211 44.05 12.03 5.51
CA GLY C 211 45.29 12.39 6.19
C GLY C 211 46.20 11.18 6.38
N ALA C 212 45.62 10.05 6.80
CA ALA C 212 46.39 8.84 7.04
C ALA C 212 46.96 8.20 5.76
N LYS C 213 46.18 8.24 4.68
CA LYS C 213 46.66 7.71 3.42
C LYS C 213 47.84 8.50 2.87
N PHE C 214 47.87 9.79 3.18
CA PHE C 214 48.97 10.65 2.79
C PHE C 214 50.17 10.33 3.68
N LEU C 215 49.93 10.29 4.99
CA LEU C 215 50.93 9.87 5.95
C LEU C 215 51.58 8.53 5.57
N ALA C 216 50.80 7.62 5.02
CA ALA C 216 51.31 6.28 4.72
C ALA C 216 52.37 6.32 3.63
N ASN C 217 52.44 7.42 2.88
CA ASN C 217 53.44 7.49 1.83
C ASN C 217 54.77 8.00 2.33
N HIS C 218 54.80 8.41 3.60
CA HIS C 218 55.98 9.01 4.20
C HIS C 218 56.51 8.25 5.42
N TYR C 219 55.71 7.32 5.95
CA TYR C 219 56.13 6.51 7.10
C TYR C 219 55.84 5.04 6.86
N TYR C 220 56.72 4.18 7.38
CA TYR C 220 56.63 2.75 7.16
C TYR C 220 56.88 2.01 8.48
N PRO C 221 55.97 2.19 9.46
CA PRO C 221 56.24 1.61 10.77
C PRO C 221 56.00 0.11 10.82
N GLN C 222 56.63 -0.55 11.78
CA GLN C 222 56.34 -1.95 12.05
C GLN C 222 54.88 -2.07 12.48
N TYR C 223 54.49 -1.29 13.48
CA TYR C 223 53.12 -1.30 14.01
C TYR C 223 52.42 0.05 13.83
N ALA C 224 51.21 0.04 13.28
CA ALA C 224 50.43 1.28 13.13
C ALA C 224 49.11 1.22 13.87
N PHE C 225 48.95 2.10 14.85
CA PHE C 225 47.78 2.14 15.69
C PHE C 225 46.92 3.36 15.37
N ALA C 226 45.60 3.17 15.39
CA ALA C 226 44.71 4.32 15.46
C ALA C 226 44.14 4.38 16.87
N ILE C 227 44.06 5.59 17.39
CA ILE C 227 43.44 5.84 18.66
C ILE C 227 42.15 6.56 18.31
N ASP C 228 41.01 5.91 18.53
CA ASP C 228 39.74 6.43 18.05
C ASP C 228 38.59 5.80 18.85
N SER C 229 37.37 6.20 18.49
CA SER C 229 36.15 5.74 19.13
C SER C 229 35.90 4.28 18.90
N PHE C 230 35.13 3.66 19.79
CA PHE C 230 34.56 2.34 19.57
C PHE C 230 33.08 2.52 19.90
N ALA C 231 32.25 2.57 18.85
CA ALA C 231 30.80 2.72 19.05
C ALA C 231 30.24 1.58 19.90
N CYS C 232 29.43 1.94 20.88
CA CYS C 232 28.93 0.98 21.85
C CYS C 232 27.58 1.59 22.22
N CYS C 233 26.62 0.79 22.68
CA CYS C 233 26.69 -0.67 22.72
C CYS C 233 25.45 -1.24 22.02
N SER C 234 25.53 -2.48 21.58
CA SER C 234 24.45 -3.13 20.84
C SER C 234 24.78 -4.62 20.77
N PRO C 235 23.89 -5.43 20.18
CA PRO C 235 24.21 -6.85 20.05
C PRO C 235 25.46 -7.11 19.20
N LEU C 236 25.86 -6.17 18.35
CA LEU C 236 27.12 -6.30 17.61
C LEU C 236 28.35 -6.21 18.52
N THR C 237 28.27 -5.40 19.57
CA THR C 237 29.45 -5.13 20.40
C THR C 237 29.65 -6.05 21.62
N GLY C 238 28.94 -7.18 21.64
CA GLY C 238 29.20 -8.21 22.64
C GLY C 238 29.13 -7.70 24.07
N ASP C 239 30.18 -7.94 24.83
CA ASP C 239 30.14 -7.53 26.22
C ASP C 239 30.95 -6.27 26.53
N VAL C 240 31.31 -5.50 25.50
CA VAL C 240 31.99 -4.23 25.74
C VAL C 240 31.10 -3.26 26.49
N LYS C 241 31.62 -2.71 27.58
CA LYS C 241 30.86 -1.78 28.40
CA LYS C 241 30.87 -1.78 28.40
C LYS C 241 31.72 -0.57 28.74
N LEU C 242 31.10 0.60 28.78
CA LEU C 242 31.82 1.76 29.26
C LEU C 242 32.21 1.50 30.72
N GLY C 243 33.44 1.86 31.09
CA GLY C 243 33.88 1.69 32.46
C GLY C 243 34.68 0.41 32.69
N LYS C 244 34.72 -0.45 31.68
CA LYS C 244 35.49 -1.70 31.78
C LYS C 244 36.83 -1.59 31.08
N GLY C 245 37.23 -0.37 30.74
CA GLY C 245 38.57 -0.15 30.24
C GLY C 245 38.70 0.05 28.74
N PRO C 246 39.92 0.43 28.30
CA PRO C 246 40.25 0.58 26.88
C PRO C 246 39.79 -0.67 26.17
N VAL C 247 39.45 -0.54 24.90
CA VAL C 247 39.00 -1.67 24.11
C VAL C 247 39.82 -1.77 22.84
N ILE C 248 40.28 -2.97 22.57
CA ILE C 248 40.90 -3.28 21.31
C ILE C 248 39.81 -3.36 20.27
N ARG C 249 39.91 -2.50 19.27
CA ARG C 249 38.95 -2.52 18.17
C ARG C 249 39.46 -3.51 17.12
N ALA C 250 39.09 -4.78 17.28
CA ALA C 250 39.74 -5.87 16.53
C ALA C 250 39.26 -5.97 15.09
N VAL C 251 37.99 -5.61 14.89
CA VAL C 251 37.38 -5.67 13.58
C VAL C 251 36.33 -4.59 13.47
N ASP C 252 36.28 -3.94 12.30
CA ASP C 252 35.21 -3.01 12.00
C ASP C 252 34.90 -3.12 10.51
N ASN C 253 34.18 -2.15 9.96
CA ASN C 253 33.77 -2.19 8.55
C ASN C 253 34.93 -1.94 7.59
N SER C 254 35.99 -1.30 8.08
CA SER C 254 37.13 -0.96 7.23
C SER C 254 38.18 -2.06 7.23
N ALA C 255 38.23 -2.86 8.30
CA ALA C 255 39.29 -3.87 8.42
C ALA C 255 39.11 -4.98 9.47
N ILE C 256 39.72 -6.12 9.18
CA ILE C 256 40.02 -7.12 10.20
C ILE C 256 41.48 -6.87 10.52
N TYR C 257 41.75 -6.27 11.68
CA TYR C 257 43.11 -5.84 12.03
C TYR C 257 44.01 -7.03 12.43
N SER C 258 45.28 -6.75 12.71
CA SER C 258 46.27 -7.80 13.01
C SER C 258 45.97 -8.49 14.32
N ARG C 259 45.73 -9.79 14.26
CA ARG C 259 45.38 -10.57 15.44
C ARG C 259 46.59 -10.77 16.34
N ASP C 260 47.76 -10.91 15.75
CA ASP C 260 49.00 -11.00 16.53
C ASP C 260 49.33 -9.69 17.25
N LEU C 261 49.10 -8.57 16.59
CA LEU C 261 49.26 -7.28 17.27
C LEU C 261 48.30 -7.15 18.45
N ALA C 262 47.06 -7.62 18.26
CA ALA C 262 46.09 -7.58 19.33
C ALA C 262 46.51 -8.46 20.52
N ARG C 263 47.09 -9.63 20.24
CA ARG C 263 47.63 -10.50 21.29
C ARG C 263 48.72 -9.82 22.11
N LYS C 264 49.69 -9.22 21.42
CA LYS C 264 50.77 -8.53 22.11
C LYS C 264 50.23 -7.43 22.98
N VAL C 265 49.30 -6.65 22.46
CA VAL C 265 48.69 -5.58 23.24
C VAL C 265 47.94 -6.17 24.42
N TRP C 266 47.18 -7.23 24.17
CA TRP C 266 46.45 -7.90 25.25
C TRP C 266 47.43 -8.31 26.36
N SER C 267 48.55 -8.90 25.95
CA SER C 267 49.57 -9.40 26.85
C SER C 267 50.26 -8.29 27.64
N ILE C 268 50.59 -7.21 26.94
CA ILE C 268 51.19 -6.05 27.59
C ILE C 268 50.21 -5.40 28.57
N ALA C 269 48.93 -5.38 28.24
CA ALA C 269 47.94 -4.81 29.15
C ALA C 269 47.86 -5.62 30.45
N GLU C 270 47.77 -6.94 30.29
CA GLU C 270 47.59 -7.82 31.44
C GLU C 270 48.82 -7.81 32.33
N LYS C 271 49.99 -7.80 31.71
CA LYS C 271 51.25 -7.69 32.46
C LYS C 271 51.35 -6.36 33.24
N ASN C 272 50.72 -5.31 32.75
CA ASN C 272 50.75 -4.04 33.48
C ASN C 272 49.54 -3.83 34.39
N GLY C 273 48.72 -4.88 34.52
CA GLY C 273 47.51 -4.81 35.32
C GLY C 273 46.45 -3.83 34.82
N ILE C 274 46.46 -3.58 33.51
CA ILE C 274 45.46 -2.70 32.90
C ILE C 274 44.28 -3.51 32.39
N GLU C 275 43.09 -3.23 32.93
CA GLU C 275 41.87 -3.88 32.45
C GLU C 275 41.69 -3.46 31.01
N ILE C 276 41.17 -4.37 30.20
CA ILE C 276 41.15 -4.13 28.78
C ILE C 276 40.07 -5.00 28.20
N GLN C 277 39.52 -4.59 27.06
CA GLN C 277 38.41 -5.30 26.41
C GLN C 277 38.72 -5.45 24.94
N ILE C 278 37.95 -6.27 24.26
CA ILE C 278 38.16 -6.47 22.84
C ILE C 278 36.79 -6.69 22.23
N GLY C 279 36.59 -6.23 21.00
CA GLY C 279 35.28 -6.35 20.39
C GLY C 279 35.22 -5.96 18.94
N VAL C 280 34.03 -6.14 18.34
CA VAL C 280 33.71 -5.77 16.97
C VAL C 280 32.78 -4.54 16.99
N THR C 281 32.97 -3.60 16.06
CA THR C 281 32.06 -2.46 15.96
C THR C 281 31.98 -2.02 14.50
N GLY C 282 31.32 -0.89 14.25
CA GLY C 282 31.17 -0.38 12.90
C GLY C 282 32.10 0.79 12.62
N GLY C 283 32.28 1.08 11.34
CA GLY C 283 33.06 2.24 10.93
C GLY C 283 34.44 1.84 10.46
N GLY C 284 35.28 2.83 10.19
CA GLY C 284 36.68 2.61 9.87
C GLY C 284 37.59 3.46 10.74
N THR C 285 38.90 3.23 10.67
CA THR C 285 39.87 4.08 11.35
C THR C 285 41.10 4.29 10.48
N ASP C 286 41.90 5.31 10.84
CA ASP C 286 43.18 5.63 10.18
C ASP C 286 44.11 4.44 10.03
N ALA C 287 44.04 3.52 10.98
CA ALA C 287 44.92 2.35 10.97
C ALA C 287 44.76 1.52 9.70
N SER C 288 43.57 1.56 9.11
CA SER C 288 43.33 0.76 7.90
C SER C 288 44.09 1.31 6.69
N ALA C 289 44.51 2.57 6.75
CA ALA C 289 45.30 3.12 5.64
C ALA C 289 46.71 2.53 5.62
N PHE C 290 47.07 1.78 6.67
CA PHE C 290 48.39 1.14 6.77
C PHE C 290 48.35 -0.38 6.65
N GLN C 291 47.17 -0.94 6.42
CA GLN C 291 47.05 -2.39 6.36
C GLN C 291 47.72 -2.98 5.11
N ASP C 292 48.13 -2.13 4.19
CA ASP C 292 48.92 -2.62 3.06
C ASP C 292 50.44 -2.61 3.30
N ARG C 293 50.88 -2.23 4.50
CA ARG C 293 52.33 -2.11 4.74
C ARG C 293 52.79 -2.40 6.16
N SER C 294 51.91 -2.23 7.14
CA SER C 294 52.25 -2.45 8.53
C SER C 294 51.31 -3.47 9.18
N LYS C 295 51.60 -3.83 10.43
CA LYS C 295 50.60 -4.55 11.20
C LYS C 295 49.75 -3.45 11.84
N THR C 296 48.44 -3.58 11.72
CA THR C 296 47.52 -2.53 12.20
C THR C 296 46.57 -2.97 13.32
N LEU C 297 46.17 -1.99 14.12
CA LEU C 297 45.18 -2.17 15.17
C LEU C 297 44.60 -0.80 15.52
N ALA C 298 43.37 -0.78 16.00
CA ALA C 298 42.76 0.41 16.54
C ALA C 298 42.56 0.19 18.03
N LEU C 299 42.93 1.18 18.84
CA LEU C 299 42.72 1.14 20.28
C LEU C 299 41.80 2.28 20.64
N SER C 300 40.84 2.02 21.53
CA SER C 300 39.72 2.91 21.72
C SER C 300 39.33 3.02 23.17
N VAL C 301 38.52 4.02 23.46
CA VAL C 301 37.55 3.90 24.56
C VAL C 301 36.17 3.68 23.94
N PRO C 302 35.33 2.90 24.61
CA PRO C 302 33.92 2.76 24.19
C PRO C 302 33.19 4.10 24.30
N ILE C 303 32.44 4.46 23.27
CA ILE C 303 31.67 5.71 23.25
C ILE C 303 30.21 5.47 22.85
N LYS C 304 29.30 5.93 23.70
CA LYS C 304 27.87 5.87 23.42
C LYS C 304 27.39 7.09 22.66
N TYR C 305 26.34 6.91 21.86
CA TYR C 305 25.68 8.01 21.15
C TYR C 305 26.66 8.71 20.20
N LEU C 306 27.54 7.91 19.61
CA LEU C 306 28.60 8.43 18.73
C LEU C 306 28.04 9.28 17.58
N HIS C 307 28.73 10.38 17.30
CA HIS C 307 28.43 11.30 16.20
C HIS C 307 27.24 12.20 16.48
N SER C 308 27.09 12.57 17.75
CA SER C 308 26.02 13.45 18.16
C SER C 308 26.57 14.42 19.21
N GLU C 309 25.71 15.32 19.65
CA GLU C 309 26.09 16.29 20.66
C GLU C 309 26.21 15.65 22.03
N VAL C 310 25.67 14.45 22.20
CA VAL C 310 25.70 13.81 23.52
C VAL C 310 26.60 12.56 23.58
N GLU C 311 27.56 12.44 22.67
CA GLU C 311 28.46 11.29 22.71
C GLU C 311 29.18 11.27 24.04
N THR C 312 29.33 10.06 24.59
CA THR C 312 29.71 9.88 25.98
C THR C 312 30.84 8.89 26.16
N LEU C 313 31.83 9.28 26.96
CA LEU C 313 32.90 8.36 27.35
C LEU C 313 33.04 8.32 28.87
N HIS C 314 33.66 7.26 29.37
CA HIS C 314 33.90 7.06 30.80
C HIS C 314 35.35 7.45 31.08
N LEU C 315 35.54 8.44 31.95
CA LEU C 315 36.86 8.98 32.24
C LEU C 315 37.90 7.91 32.58
N ASN C 316 37.49 6.91 33.33
CA ASN C 316 38.44 5.91 33.76
C ASN C 316 39.01 5.07 32.60
N ASP C 317 38.19 4.84 31.56
CA ASP C 317 38.67 4.17 30.36
C ASP C 317 39.76 5.02 29.69
N LEU C 318 39.59 6.34 29.78
CA LEU C 318 40.53 7.25 29.15
C LEU C 318 41.88 7.21 29.87
N GLU C 319 41.83 7.27 31.20
CA GLU C 319 43.01 7.15 32.04
C GLU C 319 43.82 5.93 31.65
N LYS C 320 43.13 4.80 31.58
CA LYS C 320 43.77 3.52 31.31
C LYS C 320 44.31 3.42 29.89
N LEU C 321 43.63 4.06 28.95
CA LEU C 321 44.11 4.07 27.57
C LEU C 321 45.46 4.82 27.53
N VAL C 322 45.54 5.94 28.24
CA VAL C 322 46.80 6.67 28.30
C VAL C 322 47.93 5.75 28.87
N LYS C 323 47.66 5.05 29.96
CA LYS C 323 48.64 4.12 30.52
C LYS C 323 49.00 2.99 29.57
N LEU C 324 48.00 2.48 28.85
CA LEU C 324 48.23 1.43 27.86
C LEU C 324 49.15 1.92 26.72
N ILE C 325 48.91 3.13 26.23
CA ILE C 325 49.70 3.68 25.14
C ILE C 325 51.17 3.85 25.54
N GLU C 326 51.42 4.33 26.75
CA GLU C 326 52.79 4.47 27.23
C GLU C 326 53.47 3.11 27.37
N ALA C 327 52.76 2.14 27.96
CA ALA C 327 53.28 0.79 28.11
C ALA C 327 53.66 0.18 26.76
N LEU C 328 52.89 0.48 25.73
CA LEU C 328 53.16 -0.05 24.41
C LEU C 328 54.43 0.58 23.84
N ALA C 329 54.64 1.85 24.18
CA ALA C 329 55.81 2.58 23.71
C ALA C 329 57.04 1.88 24.25
N PHE C 330 57.00 1.55 25.54
CA PHE C 330 58.11 0.88 26.21
C PHE C 330 58.31 -0.59 25.82
N GLU C 331 57.23 -1.35 25.68
CA GLU C 331 57.34 -2.81 25.63
C GLU C 331 56.96 -3.50 24.33
N LEU C 332 56.29 -2.79 23.41
CA LEU C 332 55.85 -3.45 22.17
C LEU C 332 57.07 -3.77 21.30
N MET D 2 19.90 8.98 -57.06
CA MET D 2 19.40 8.91 -55.69
C MET D 2 18.78 7.54 -55.39
N SER D 3 19.36 6.82 -54.42
CA SER D 3 18.85 5.51 -54.02
C SER D 3 17.64 5.62 -53.08
N MET D 4 17.03 4.49 -52.77
CA MET D 4 15.86 4.48 -51.90
C MET D 4 16.25 5.01 -50.51
N ILE D 5 17.35 4.51 -49.99
CA ILE D 5 17.91 5.04 -48.75
C ILE D 5 17.98 6.57 -48.74
N GLU D 6 18.56 7.16 -49.79
CA GLU D 6 18.75 8.62 -49.81
C GLU D 6 17.44 9.38 -49.98
N LYS D 7 16.48 8.75 -50.64
CA LYS D 7 15.16 9.37 -50.76
C LYS D 7 14.45 9.40 -49.41
N LEU D 8 14.66 8.34 -48.63
CA LEU D 8 14.04 8.20 -47.31
C LEU D 8 14.66 9.21 -46.37
N LYS D 9 15.99 9.21 -46.29
CA LYS D 9 16.70 10.20 -45.51
C LYS D 9 16.23 11.60 -45.85
N LYS D 10 16.09 11.88 -47.14
CA LYS D 10 15.75 13.23 -47.55
C LYS D 10 14.40 13.61 -46.98
N PHE D 11 13.40 12.76 -47.20
CA PHE D 11 12.04 13.13 -46.85
C PHE D 11 11.76 13.05 -45.35
N THR D 12 12.48 12.18 -44.64
CA THR D 12 12.35 12.11 -43.19
C THR D 12 13.00 13.32 -42.49
N GLN D 13 14.02 13.90 -43.11
CA GLN D 13 14.72 15.03 -42.47
C GLN D 13 13.87 16.32 -42.47
N ILE D 14 12.85 16.39 -43.30
CA ILE D 14 12.04 17.60 -43.36
C ILE D 14 11.12 17.69 -42.15
N PRO D 15 11.15 18.82 -41.44
CA PRO D 15 10.27 19.02 -40.26
C PRO D 15 8.87 19.46 -40.64
N GLY D 16 7.85 18.77 -40.11
CA GLY D 16 6.47 19.17 -40.33
C GLY D 16 5.46 18.35 -39.55
N ILE D 17 5.01 18.90 -38.42
CA ILE D 17 3.99 18.25 -37.64
C ILE D 17 2.62 18.58 -38.19
N SER D 18 1.60 17.98 -37.58
CA SER D 18 0.23 18.16 -37.99
C SER D 18 -0.17 19.62 -38.01
N GLY D 19 -0.77 20.04 -39.13
CA GLY D 19 -1.16 21.43 -39.29
C GLY D 19 0.01 22.30 -39.73
N TYR D 20 1.20 21.71 -39.82
CA TYR D 20 2.39 22.48 -40.19
C TYR D 20 3.17 21.74 -41.28
N GLU D 21 2.46 21.29 -42.31
CA GLU D 21 3.08 20.47 -43.34
C GLU D 21 3.78 21.20 -44.52
N GLU D 22 3.80 22.54 -44.54
CA GLU D 22 4.38 23.31 -45.66
C GLU D 22 5.64 22.72 -46.27
N ARG D 23 6.64 22.47 -45.43
CA ARG D 23 7.92 22.08 -45.98
C ARG D 23 7.91 20.75 -46.71
N ILE D 24 7.18 19.76 -46.17
CA ILE D 24 7.16 18.45 -46.81
C ILE D 24 6.40 18.54 -48.13
N ARG D 25 5.31 19.28 -48.12
CA ARG D 25 4.53 19.50 -49.33
C ARG D 25 5.40 20.13 -50.45
N GLU D 26 6.05 21.25 -50.15
CA GLU D 26 6.93 21.90 -51.13
C GLU D 26 7.97 20.91 -51.66
N GLU D 27 8.62 20.14 -50.80
CA GLU D 27 9.58 19.18 -51.32
C GLU D 27 8.92 18.13 -52.23
N ILE D 28 7.64 17.86 -51.99
CA ILE D 28 6.92 16.92 -52.84
C ILE D 28 6.55 17.59 -54.17
N ILE D 29 6.05 18.82 -54.06
CA ILE D 29 5.68 19.62 -55.21
C ILE D 29 6.89 19.83 -56.10
N ARG D 30 8.07 19.61 -55.54
CA ARG D 30 9.32 19.88 -56.23
C ARG D 30 9.69 18.73 -57.14
N GLU D 31 9.51 17.50 -56.68
CA GLU D 31 9.81 16.41 -57.60
C GLU D 31 8.58 15.77 -58.21
N ILE D 32 7.43 16.43 -58.03
CA ILE D 32 6.20 16.04 -58.68
C ILE D 32 5.85 17.08 -59.76
N LYS D 33 6.56 18.20 -59.70
CA LYS D 33 6.38 19.29 -60.64
CA LYS D 33 6.36 19.28 -60.64
C LYS D 33 6.77 18.86 -62.07
N ASP D 34 7.76 17.97 -62.15
CA ASP D 34 8.32 17.52 -63.43
C ASP D 34 7.52 16.45 -64.18
N PHE D 35 6.50 15.88 -63.53
CA PHE D 35 5.82 14.72 -64.07
C PHE D 35 4.31 14.88 -64.21
N ALA D 36 3.71 15.78 -63.44
CA ALA D 36 2.26 15.82 -63.40
C ALA D 36 1.70 17.10 -62.81
N ASP D 37 0.46 17.42 -63.16
CA ASP D 37 -0.23 18.55 -62.58
C ASP D 37 -0.57 18.15 -61.15
N TYR D 38 -0.85 19.12 -60.31
CA TYR D 38 -1.15 18.86 -58.91
C TYR D 38 -1.99 20.02 -58.42
N LYS D 39 -2.59 19.84 -57.26
CA LYS D 39 -3.47 20.84 -56.69
C LYS D 39 -3.29 20.78 -55.17
N VAL D 40 -3.58 21.90 -54.50
CA VAL D 40 -3.49 21.94 -53.05
C VAL D 40 -4.84 22.35 -52.46
N ASP D 41 -5.24 21.62 -51.42
CA ASP D 41 -6.51 21.85 -50.72
C ASP D 41 -6.50 23.09 -49.87
N ALA D 42 -7.69 23.54 -49.51
CA ALA D 42 -7.81 24.62 -48.53
C ALA D 42 -7.30 24.20 -47.15
N ILE D 43 -7.19 22.89 -46.89
CA ILE D 43 -6.64 22.41 -45.62
C ILE D 43 -5.16 21.99 -45.75
N GLY D 44 -4.73 21.70 -46.98
CA GLY D 44 -3.32 21.47 -47.25
C GLY D 44 -2.98 20.15 -47.91
N ASN D 45 -3.98 19.35 -48.23
CA ASN D 45 -3.76 18.13 -48.99
C ASN D 45 -3.16 18.45 -50.36
N LEU D 46 -2.22 17.60 -50.79
CA LEU D 46 -1.61 17.73 -52.11
C LEU D 46 -2.09 16.58 -52.99
N ILE D 47 -2.98 16.90 -53.93
CA ILE D 47 -3.57 15.87 -54.79
C ILE D 47 -3.02 15.85 -56.21
N VAL D 48 -2.51 14.70 -56.64
CA VAL D 48 -2.11 14.48 -58.03
C VAL D 48 -3.03 13.48 -58.73
N GLU D 49 -3.67 13.90 -59.83
CA GLU D 49 -4.59 13.04 -60.58
C GLU D 49 -3.98 12.47 -61.85
N LEU D 50 -3.91 11.14 -61.95
CA LEU D 50 -3.50 10.49 -63.19
C LEU D 50 -4.72 9.97 -63.95
N GLY D 51 -4.73 10.16 -65.27
CA GLY D 51 -5.81 9.65 -66.11
C GLY D 51 -7.08 10.49 -66.14
N GLU D 52 -8.13 9.93 -66.75
CA GLU D 52 -9.38 10.64 -66.97
C GLU D 52 -10.57 9.72 -66.81
N GLY D 53 -11.74 10.32 -66.56
CA GLY D 53 -12.98 9.58 -66.46
C GLY D 53 -13.52 9.52 -65.06
N GLU D 54 -13.86 8.32 -64.60
CA GLU D 54 -14.42 8.16 -63.26
C GLU D 54 -13.36 7.76 -62.25
N GLU D 55 -13.60 8.13 -60.99
CA GLU D 55 -12.63 7.97 -59.93
C GLU D 55 -12.57 6.54 -59.42
N ARG D 56 -11.51 5.84 -59.80
CA ARG D 56 -11.40 4.42 -59.50
C ARG D 56 -10.64 4.13 -58.21
N ILE D 57 -9.45 4.73 -58.08
CA ILE D 57 -8.65 4.54 -56.88
C ILE D 57 -8.14 5.87 -56.31
N LEU D 58 -8.21 5.99 -54.98
CA LEU D 58 -7.49 7.02 -54.24
C LEU D 58 -6.40 6.36 -53.40
N PHE D 59 -5.16 6.84 -53.53
CA PHE D 59 -4.09 6.43 -52.63
C PHE D 59 -3.75 7.61 -51.74
N MET D 60 -3.70 7.38 -50.43
CA MET D 60 -3.38 8.42 -49.46
C MET D 60 -2.15 8.06 -48.64
N ALA D 61 -1.16 8.95 -48.63
CA ALA D 61 -0.04 8.87 -47.67
C ALA D 61 0.07 10.21 -46.94
N HIS D 62 0.29 10.18 -45.64
CA HIS D 62 0.20 11.44 -44.88
C HIS D 62 1.54 12.14 -44.73
N MET D 63 1.52 13.46 -44.81
CA MET D 63 2.76 14.27 -44.76
C MET D 63 3.19 14.66 -43.34
N ASP D 64 2.23 14.74 -42.42
CA ASP D 64 2.51 15.22 -41.07
C ASP D 64 3.24 14.16 -40.28
N GLU D 65 4.01 14.59 -39.29
CA GLU D 65 4.62 13.68 -38.34
C GLU D 65 4.23 14.15 -36.94
N ILE D 66 4.53 13.34 -35.93
CA ILE D 66 4.22 13.70 -34.56
C ILE D 66 5.30 14.67 -34.09
N GLY D 67 5.01 15.47 -33.08
CA GLY D 67 6.03 16.36 -32.54
C GLY D 67 5.53 17.25 -31.42
N LEU D 68 6.20 18.38 -31.25
CA LEU D 68 5.89 19.30 -30.17
C LEU D 68 5.36 20.65 -30.68
N LEU D 69 4.38 21.20 -29.98
CA LEU D 69 3.86 22.52 -30.31
C LEU D 69 4.22 23.50 -29.20
N ILE D 70 4.83 24.63 -29.52
CA ILE D 70 5.27 25.54 -28.47
C ILE D 70 4.07 26.30 -27.94
N THR D 71 3.88 26.29 -26.62
CA THR D 71 2.70 26.91 -26.01
C THR D 71 3.06 28.14 -25.21
N GLY D 72 4.31 28.27 -24.84
CA GLY D 72 4.72 29.43 -24.06
C GLY D 72 6.19 29.45 -23.74
N ILE D 73 6.62 30.57 -23.15
CA ILE D 73 8.01 30.80 -22.77
C ILE D 73 8.05 31.07 -21.27
N THR D 74 8.92 30.36 -20.55
CA THR D 74 9.07 30.57 -19.11
C THR D 74 9.79 31.88 -18.81
N ASP D 75 9.79 32.27 -17.53
CA ASP D 75 10.52 33.45 -17.06
C ASP D 75 12.01 33.33 -17.36
N GLU D 76 12.52 32.10 -17.35
CA GLU D 76 13.94 31.84 -17.59
C GLU D 76 14.27 31.66 -19.07
N GLY D 77 13.27 31.82 -19.93
CA GLY D 77 13.50 31.73 -21.37
C GLY D 77 13.54 30.32 -21.93
N LYS D 78 12.95 29.37 -21.21
CA LYS D 78 12.75 28.00 -21.74
C LYS D 78 11.39 27.89 -22.47
N LEU D 79 11.24 26.91 -23.34
CA LEU D 79 9.99 26.74 -24.09
C LEU D 79 9.10 25.67 -23.48
N ARG D 80 7.90 26.04 -23.10
CA ARG D 80 6.93 25.04 -22.70
C ARG D 80 6.26 24.53 -23.95
N PHE D 81 5.77 23.30 -23.91
CA PHE D 81 5.11 22.70 -25.07
C PHE D 81 3.99 21.73 -24.72
N ARG D 82 3.31 21.29 -25.77
CA ARG D 82 2.21 20.35 -25.75
C ARG D 82 2.62 19.31 -26.78
N LYS D 83 2.18 18.06 -26.63
CA LYS D 83 2.48 17.05 -27.65
C LYS D 83 1.47 17.10 -28.81
N VAL D 84 1.94 16.79 -30.03
CA VAL D 84 1.04 16.64 -31.18
C VAL D 84 1.19 15.25 -31.80
N GLY D 85 0.09 14.50 -31.79
CA GLY D 85 0.17 13.08 -32.15
C GLY D 85 0.54 12.27 -30.92
N GLY D 86 0.61 10.96 -31.07
CA GLY D 86 0.90 10.11 -29.92
C GLY D 86 2.39 9.86 -29.74
N ILE D 87 2.92 10.32 -28.62
CA ILE D 87 4.33 10.11 -28.29
C ILE D 87 4.47 9.65 -26.86
N ASP D 88 5.21 8.58 -26.65
CA ASP D 88 5.53 8.09 -25.32
C ASP D 88 6.46 9.09 -24.59
N ASP D 89 6.07 9.53 -23.40
CA ASP D 89 6.82 10.54 -22.62
C ASP D 89 8.28 10.13 -22.36
N ARG D 90 8.52 8.84 -22.27
CA ARG D 90 9.88 8.36 -22.09
C ARG D 90 10.82 8.79 -23.23
N LEU D 91 10.26 9.28 -24.35
CA LEU D 91 11.10 9.54 -25.53
C LEU D 91 11.47 11.00 -25.66
N LEU D 92 11.08 11.79 -24.67
CA LEU D 92 11.23 13.24 -24.74
C LEU D 92 12.40 13.68 -23.90
N TYR D 93 12.86 12.79 -23.05
CA TYR D 93 13.78 13.13 -21.99
C TYR D 93 15.21 13.02 -22.51
N GLY D 94 16.02 14.05 -22.23
CA GLY D 94 17.39 14.12 -22.70
C GLY D 94 17.53 14.04 -24.22
N ARG D 95 16.88 14.94 -24.95
CA ARG D 95 16.85 14.88 -26.41
C ARG D 95 17.16 16.21 -27.11
N HIS D 96 17.79 16.12 -28.29
CA HIS D 96 18.01 17.27 -29.18
C HIS D 96 16.77 17.48 -30.01
N VAL D 97 16.38 18.74 -30.18
CA VAL D 97 15.26 19.06 -31.04
C VAL D 97 15.59 20.21 -31.98
N ASN D 98 14.88 20.23 -33.09
CA ASN D 98 14.82 21.40 -33.97
C ASN D 98 13.55 22.19 -33.69
N VAL D 99 13.72 23.45 -33.29
CA VAL D 99 12.56 24.34 -33.13
C VAL D 99 12.32 25.14 -34.41
N VAL D 100 11.18 24.86 -35.04
CA VAL D 100 10.83 25.51 -36.29
C VAL D 100 9.97 26.74 -36.03
N THR D 101 10.51 27.88 -36.41
CA THR D 101 9.82 29.15 -36.25
C THR D 101 9.62 29.77 -37.61
N GLU D 102 9.11 31.00 -37.59
CA GLU D 102 8.76 31.71 -38.81
C GLU D 102 10.00 32.22 -39.55
N LYS D 103 11.07 32.47 -38.81
CA LYS D 103 12.30 33.03 -39.35
C LYS D 103 13.30 31.95 -39.74
N GLY D 104 13.22 30.81 -39.07
CA GLY D 104 14.11 29.71 -39.36
C GLY D 104 14.06 28.61 -38.33
N ILE D 105 15.11 27.80 -38.32
CA ILE D 105 15.22 26.67 -37.42
C ILE D 105 16.29 26.94 -36.35
N LEU D 106 15.96 26.70 -35.09
CA LEU D 106 16.87 26.91 -33.97
C LEU D 106 17.12 25.57 -33.32
N ASP D 107 18.34 25.27 -32.89
CA ASP D 107 18.41 24.06 -32.08
C ASP D 107 18.01 24.25 -30.63
N GLY D 108 17.52 23.16 -30.06
CA GLY D 108 17.00 23.17 -28.71
C GLY D 108 17.35 21.85 -28.10
N VAL D 109 17.18 21.79 -26.79
CA VAL D 109 17.48 20.60 -26.05
C VAL D 109 16.46 20.45 -24.92
N ILE D 110 15.91 19.25 -24.80
CA ILE D 110 15.19 18.86 -23.60
C ILE D 110 16.19 18.13 -22.68
N GLY D 111 16.43 18.69 -21.51
CA GLY D 111 17.52 18.22 -20.67
C GLY D 111 17.30 16.92 -19.92
N ALA D 112 18.28 16.57 -19.11
CA ALA D 112 18.20 15.43 -18.22
C ALA D 112 19.01 15.79 -16.97
N THR D 113 18.48 15.46 -15.79
CA THR D 113 19.19 15.69 -14.54
C THR D 113 20.24 14.61 -14.31
N PRO D 114 21.51 15.03 -14.11
CA PRO D 114 22.55 14.04 -13.87
C PRO D 114 22.42 13.47 -12.46
N PRO D 115 22.99 12.28 -12.24
CA PRO D 115 23.05 11.66 -10.91
C PRO D 115 23.85 12.54 -9.93
N HIS D 116 24.82 13.29 -10.46
CA HIS D 116 25.66 14.17 -9.63
C HIS D 116 24.84 15.18 -8.82
N LEU D 117 23.67 15.55 -9.34
CA LEU D 117 22.82 16.57 -8.70
C LEU D 117 21.49 16.02 -8.18
N SER D 124 11.04 6.67 -12.31
CA SER D 124 10.02 7.70 -12.54
C SER D 124 10.15 8.39 -13.91
N VAL D 125 9.20 8.11 -14.81
CA VAL D 125 9.10 8.81 -16.07
C VAL D 125 8.61 10.23 -15.84
N ILE D 126 9.34 11.19 -16.37
CA ILE D 126 8.94 12.57 -16.22
C ILE D 126 7.87 12.90 -17.25
N PRO D 127 6.74 13.48 -16.81
CA PRO D 127 5.64 13.71 -17.75
C PRO D 127 5.93 14.92 -18.62
N TRP D 128 5.39 14.91 -19.83
CA TRP D 128 5.59 15.98 -20.81
C TRP D 128 5.37 17.38 -20.26
N TYR D 129 4.35 17.56 -19.42
CA TYR D 129 4.08 18.90 -18.91
C TYR D 129 5.11 19.40 -17.90
N ASP D 130 6.05 18.55 -17.48
CA ASP D 130 7.12 18.97 -16.57
C ASP D 130 8.42 19.25 -17.33
N LEU D 131 8.39 19.11 -18.65
CA LEU D 131 9.59 19.30 -19.47
C LEU D 131 9.55 20.63 -20.20
N VAL D 132 10.73 21.18 -20.50
CA VAL D 132 10.85 22.40 -21.25
C VAL D 132 11.97 22.25 -22.29
N ILE D 133 11.96 23.11 -23.30
CA ILE D 133 13.04 23.13 -24.28
C ILE D 133 14.01 24.27 -23.98
N ASP D 134 15.28 23.91 -23.84
CA ASP D 134 16.36 24.87 -23.64
C ASP D 134 16.90 25.27 -25.03
N ILE D 135 16.78 26.55 -25.36
CA ILE D 135 17.31 27.06 -26.64
C ILE D 135 18.48 28.02 -26.44
N GLY D 136 18.94 28.19 -25.21
CA GLY D 136 20.11 29.03 -24.95
C GLY D 136 19.81 30.51 -24.72
N ALA D 137 18.54 30.84 -24.46
CA ALA D 137 18.16 32.22 -24.17
C ALA D 137 18.35 32.46 -22.70
N GLU D 138 18.62 33.69 -22.31
CA GLU D 138 18.89 34.00 -20.90
C GLU D 138 17.63 34.43 -20.16
N SER D 139 16.64 34.90 -20.90
CA SER D 139 15.44 35.51 -20.30
C SER D 139 14.25 35.34 -21.21
N LYS D 140 13.06 35.55 -20.67
CA LYS D 140 11.86 35.41 -21.47
C LYS D 140 11.97 36.33 -22.67
N GLU D 141 12.55 37.50 -22.42
CA GLU D 141 12.66 38.55 -23.42
C GLU D 141 13.56 38.15 -24.57
N GLU D 142 14.68 37.49 -24.27
CA GLU D 142 15.54 37.01 -25.34
C GLU D 142 14.90 35.85 -26.10
N ALA D 143 14.27 34.93 -25.37
CA ALA D 143 13.58 33.81 -25.99
C ALA D 143 12.47 34.29 -26.92
N LEU D 144 11.66 35.24 -26.46
CA LEU D 144 10.53 35.75 -27.22
C LEU D 144 10.95 36.35 -28.55
N GLU D 145 12.19 36.78 -28.60
CA GLU D 145 12.74 37.33 -29.83
C GLU D 145 13.12 36.23 -30.83
N LEU D 146 13.22 35.00 -30.36
CA LEU D 146 13.66 33.87 -31.19
C LEU D 146 12.51 32.94 -31.57
N VAL D 147 11.60 32.76 -30.62
CA VAL D 147 10.52 31.82 -30.77
C VAL D 147 9.21 32.43 -30.29
N LYS D 148 8.12 32.01 -30.91
CA LYS D 148 6.79 32.48 -30.54
C LYS D 148 5.93 31.27 -30.22
N PRO D 149 4.93 31.44 -29.33
CA PRO D 149 3.93 30.39 -29.18
C PRO D 149 3.35 29.97 -30.54
N LEU D 150 3.06 28.68 -30.71
CA LEU D 150 2.50 28.16 -31.94
C LEU D 150 3.55 27.91 -33.03
N ASP D 151 4.80 28.16 -32.70
CA ASP D 151 5.89 27.55 -33.45
C ASP D 151 5.94 26.10 -32.97
N PHE D 152 6.78 25.29 -33.57
CA PHE D 152 6.76 23.88 -33.23
C PHE D 152 8.17 23.33 -33.17
N ALA D 153 8.28 22.06 -32.79
CA ALA D 153 9.58 21.39 -32.75
C ALA D 153 9.45 19.90 -33.08
N VAL D 154 10.49 19.33 -33.65
CA VAL D 154 10.60 17.89 -33.81
C VAL D 154 11.97 17.47 -33.32
N PHE D 155 12.17 16.18 -33.14
CA PHE D 155 13.48 15.69 -32.70
C PHE D 155 14.49 15.84 -33.81
N LYS D 156 15.75 15.98 -33.44
CA LYS D 156 16.80 15.78 -34.42
C LYS D 156 16.80 14.31 -34.74
N LYS D 157 17.09 13.99 -36.00
CA LYS D 157 16.96 12.64 -36.48
C LYS D 157 18.26 12.04 -36.94
N HIS D 158 18.75 11.06 -36.18
CA HIS D 158 19.79 10.19 -36.70
C HIS D 158 19.15 9.36 -37.78
N PHE D 159 19.97 8.83 -38.67
CA PHE D 159 19.52 7.97 -39.75
C PHE D 159 20.46 6.79 -39.77
N SER D 160 19.93 5.58 -39.61
CA SER D 160 20.77 4.40 -39.56
C SER D 160 20.36 3.37 -40.60
N VAL D 161 21.34 2.62 -41.09
CA VAL D 161 21.09 1.52 -41.98
C VAL D 161 21.59 0.28 -41.28
N LEU D 162 20.69 -0.64 -40.95
CA LEU D 162 21.05 -1.82 -40.17
C LEU D 162 21.42 -2.98 -41.05
N ASN D 163 22.70 -3.33 -41.03
CA ASN D 163 23.19 -4.46 -41.80
C ASN D 163 22.75 -4.45 -43.27
N GLY D 164 22.58 -3.26 -43.83
CA GLY D 164 22.38 -3.11 -45.26
C GLY D 164 20.93 -3.22 -45.73
N LYS D 165 20.04 -3.76 -44.91
CA LYS D 165 18.67 -3.97 -45.38
C LYS D 165 17.56 -3.27 -44.60
N TYR D 166 17.87 -2.76 -43.41
CA TYR D 166 16.88 -2.04 -42.63
C TYR D 166 17.31 -0.58 -42.51
N VAL D 167 16.34 0.31 -42.55
CA VAL D 167 16.57 1.73 -42.36
C VAL D 167 15.83 2.18 -41.11
N SER D 168 16.48 2.99 -40.31
CA SER D 168 15.91 3.41 -39.04
C SER D 168 16.05 4.91 -38.83
N THR D 169 14.92 5.58 -38.73
CA THR D 169 14.89 7.01 -38.51
C THR D 169 13.50 7.43 -38.15
N ARG D 170 13.39 8.53 -37.44
CA ARG D 170 12.10 9.08 -37.11
C ARG D 170 11.41 9.62 -38.37
N GLY D 171 10.16 9.22 -38.56
CA GLY D 171 9.39 9.79 -39.66
C GLY D 171 9.18 8.84 -40.84
N LEU D 172 9.80 7.66 -40.81
CA LEU D 172 9.45 6.61 -41.75
C LEU D 172 7.93 6.59 -41.85
N ASP D 173 7.29 6.77 -40.72
CA ASP D 173 5.86 6.95 -40.66
C ASP D 173 5.53 8.44 -40.73
N ASP D 174 4.99 8.91 -41.84
CA ASP D 174 4.65 8.07 -42.99
C ASP D 174 5.40 8.58 -44.24
N ARG D 175 6.64 9.02 -44.07
CA ARG D 175 7.41 9.51 -45.23
C ARG D 175 7.75 8.37 -46.20
N PHE D 176 7.82 7.14 -45.69
CA PHE D 176 8.01 6.00 -46.59
C PHE D 176 6.81 5.98 -47.53
N GLY D 177 5.64 6.26 -46.98
CA GLY D 177 4.43 6.30 -47.78
C GLY D 177 4.59 7.32 -48.88
N VAL D 178 5.14 8.47 -48.51
CA VAL D 178 5.26 9.60 -49.41
C VAL D 178 6.21 9.24 -50.55
N VAL D 179 7.36 8.70 -50.18
CA VAL D 179 8.31 8.22 -51.16
C VAL D 179 7.67 7.19 -52.08
N ALA D 180 6.86 6.29 -51.51
CA ALA D 180 6.23 5.22 -52.28
C ALA D 180 5.32 5.78 -53.35
N LEU D 181 4.49 6.75 -52.99
CA LEU D 181 3.60 7.38 -53.94
C LEU D 181 4.39 8.13 -55.03
N ILE D 182 5.30 9.02 -54.63
CA ILE D 182 6.08 9.78 -55.59
C ILE D 182 6.64 8.85 -56.66
N GLU D 183 7.27 7.77 -56.21
CA GLU D 183 7.82 6.76 -57.10
C GLU D 183 6.75 6.17 -58.03
N ALA D 184 5.57 5.89 -57.50
CA ALA D 184 4.51 5.31 -58.30
C ALA D 184 4.06 6.29 -59.38
N ILE D 185 3.89 7.55 -58.99
CA ILE D 185 3.50 8.60 -59.92
C ILE D 185 4.50 8.68 -61.08
N LYS D 186 5.76 8.40 -60.79
CA LYS D 186 6.77 8.38 -61.83
C LYS D 186 6.51 7.21 -62.77
N ASP D 187 6.66 5.99 -62.25
CA ASP D 187 6.53 4.78 -63.07
C ASP D 187 5.20 4.70 -63.84
N LEU D 188 4.22 5.47 -63.39
CA LEU D 188 3.00 5.62 -64.17
C LEU D 188 3.13 6.91 -64.97
N VAL D 189 2.12 7.76 -64.90
CA VAL D 189 2.06 9.06 -65.60
C VAL D 189 2.16 9.01 -67.12
N ASP D 190 3.08 8.22 -67.66
CA ASP D 190 3.17 8.03 -69.10
C ASP D 190 2.52 6.69 -69.51
N HIS D 191 1.42 6.35 -68.84
CA HIS D 191 0.67 5.13 -69.10
C HIS D 191 -0.81 5.43 -69.18
N GLU D 192 -1.55 4.56 -69.84
CA GLU D 192 -2.98 4.71 -69.91
C GLU D 192 -3.63 3.78 -68.88
N LEU D 193 -4.56 4.32 -68.09
CA LEU D 193 -5.25 3.53 -67.07
C LEU D 193 -6.72 3.84 -67.11
N GLU D 194 -7.55 2.85 -66.78
CA GLU D 194 -8.98 3.10 -66.76
C GLU D 194 -9.33 4.08 -65.66
N GLY D 195 -10.24 5.01 -65.96
CA GLY D 195 -10.60 6.06 -65.02
C GLY D 195 -9.39 6.80 -64.49
N LYS D 196 -9.65 7.74 -63.58
CA LYS D 196 -8.56 8.46 -62.93
C LYS D 196 -8.11 7.75 -61.65
N VAL D 197 -6.80 7.59 -61.52
CA VAL D 197 -6.18 7.08 -60.31
C VAL D 197 -5.62 8.25 -59.52
N ILE D 198 -6.07 8.40 -58.28
CA ILE D 198 -5.77 9.62 -57.51
C ILE D 198 -4.75 9.39 -56.41
N PHE D 199 -3.72 10.24 -56.39
CA PHE D 199 -2.71 10.20 -55.35
C PHE D 199 -2.85 11.44 -54.48
N ALA D 200 -2.89 11.22 -53.17
CA ALA D 200 -3.03 12.35 -52.27
C ALA D 200 -2.07 12.26 -51.07
N PHE D 201 -1.46 13.40 -50.78
CA PHE D 201 -0.54 13.50 -49.68
C PHE D 201 -1.28 14.33 -48.65
N THR D 202 -1.82 13.65 -47.64
CA THR D 202 -2.77 14.27 -46.72
C THR D 202 -2.11 14.99 -45.56
N VAL D 203 -2.82 15.97 -45.02
CA VAL D 203 -2.42 16.62 -43.78
C VAL D 203 -3.14 16.01 -42.55
N GLN D 204 -2.52 16.18 -41.39
CA GLN D 204 -3.14 15.96 -40.09
C GLN D 204 -3.69 14.57 -39.85
N GLU D 205 -2.97 13.56 -40.31
CA GLU D 205 -3.39 12.18 -40.12
C GLU D 205 -3.18 11.80 -38.67
N GLU D 206 -2.11 12.30 -38.06
CA GLU D 206 -1.76 11.89 -36.72
C GLU D 206 -2.68 12.54 -35.69
N VAL D 207 -3.52 13.47 -36.12
CA VAL D 207 -4.46 14.09 -35.19
C VAL D 207 -5.93 13.87 -35.56
N GLY D 208 -6.28 12.65 -35.98
CA GLY D 208 -7.67 12.35 -36.30
C GLY D 208 -8.04 12.36 -37.77
N LEU D 209 -7.06 12.10 -38.64
CA LEU D 209 -7.34 11.96 -40.07
C LEU D 209 -8.04 13.19 -40.64
N LYS D 210 -7.65 14.38 -40.21
CA LYS D 210 -8.40 15.58 -40.61
C LYS D 210 -8.22 15.94 -42.09
N GLY D 211 -7.07 15.60 -42.67
CA GLY D 211 -6.84 15.85 -44.09
C GLY D 211 -7.71 14.92 -44.94
N ALA D 212 -7.69 13.65 -44.60
CA ALA D 212 -8.49 12.64 -45.30
C ALA D 212 -9.98 12.94 -45.24
N LYS D 213 -10.43 13.52 -44.14
CA LYS D 213 -11.84 13.81 -43.96
C LYS D 213 -12.30 15.00 -44.80
N PHE D 214 -11.39 15.94 -45.01
CA PHE D 214 -11.62 17.08 -45.90
C PHE D 214 -11.65 16.56 -47.34
N LEU D 215 -10.68 15.71 -47.66
CA LEU D 215 -10.53 15.09 -48.97
C LEU D 215 -11.77 14.31 -49.43
N ALA D 216 -12.45 13.69 -48.47
CA ALA D 216 -13.57 12.80 -48.75
C ALA D 216 -14.80 13.57 -49.20
N ASN D 217 -14.85 14.85 -48.88
CA ASN D 217 -15.93 15.69 -49.35
C ASN D 217 -15.68 16.25 -50.75
N HIS D 218 -14.56 15.84 -51.35
CA HIS D 218 -14.16 16.34 -52.66
C HIS D 218 -13.87 15.20 -53.63
N TYR D 219 -13.81 13.98 -53.12
CA TYR D 219 -13.60 12.81 -53.98
C TYR D 219 -14.50 11.67 -53.54
N TYR D 220 -14.94 10.89 -54.51
CA TYR D 220 -15.82 9.75 -54.26
CA TYR D 220 -15.80 9.74 -54.25
C TYR D 220 -15.33 8.55 -55.05
N PRO D 221 -14.16 8.00 -54.68
CA PRO D 221 -13.52 6.89 -55.39
C PRO D 221 -14.20 5.56 -55.14
N GLN D 222 -14.02 4.63 -56.07
CA GLN D 222 -14.54 3.29 -55.91
C GLN D 222 -13.74 2.62 -54.81
N TYR D 223 -12.43 2.65 -54.96
CA TYR D 223 -11.51 2.13 -53.95
C TYR D 223 -10.69 3.26 -53.31
N ALA D 224 -10.53 3.19 -52.00
CA ALA D 224 -9.70 4.16 -51.28
C ALA D 224 -8.71 3.46 -50.36
N PHE D 225 -7.42 3.54 -50.71
CA PHE D 225 -6.36 2.98 -49.89
C PHE D 225 -5.65 4.06 -49.10
N ALA D 226 -5.05 3.65 -48.00
CA ALA D 226 -4.07 4.45 -47.28
C ALA D 226 -2.77 3.68 -47.31
N ILE D 227 -1.69 4.38 -47.60
CA ILE D 227 -0.37 3.79 -47.54
C ILE D 227 0.23 4.32 -46.24
N ASP D 228 0.27 3.47 -45.22
CA ASP D 228 0.71 3.90 -43.90
C ASP D 228 1.40 2.75 -43.21
N SER D 229 1.91 2.97 -42.00
CA SER D 229 2.72 1.98 -41.29
C SER D 229 1.93 0.77 -40.79
N PHE D 230 2.62 -0.33 -40.53
CA PHE D 230 2.04 -1.47 -39.81
C PHE D 230 2.87 -1.76 -38.56
N ALA D 231 2.37 -1.36 -37.39
CA ALA D 231 3.13 -1.60 -36.17
C ALA D 231 3.31 -3.09 -35.95
N CYS D 232 4.56 -3.48 -35.74
CA CYS D 232 4.93 -4.89 -35.64
C CYS D 232 6.11 -4.91 -34.69
N CYS D 233 6.38 -6.01 -33.99
CA CYS D 233 5.59 -7.24 -34.02
C CYS D 233 5.24 -7.64 -32.57
N SER D 234 4.11 -8.31 -32.40
CA SER D 234 3.72 -8.84 -31.09
C SER D 234 2.67 -9.92 -31.27
N PRO D 235 2.21 -10.52 -30.16
CA PRO D 235 1.12 -11.51 -30.22
C PRO D 235 -0.06 -11.02 -31.06
N LEU D 236 -0.34 -9.73 -31.00
CA LEU D 236 -1.42 -9.15 -31.78
C LEU D 236 -1.19 -9.25 -33.28
N THR D 237 0.07 -9.25 -33.70
CA THR D 237 0.38 -9.17 -35.14
C THR D 237 0.64 -10.50 -35.87
N GLY D 238 0.18 -11.61 -35.30
CA GLY D 238 0.30 -12.89 -35.97
C GLY D 238 1.67 -13.21 -36.55
N ASP D 239 1.70 -13.56 -37.83
CA ASP D 239 2.96 -13.96 -38.47
C ASP D 239 3.63 -12.86 -39.32
N VAL D 240 3.08 -11.66 -39.30
CA VAL D 240 3.72 -10.53 -39.96
C VAL D 240 5.15 -10.35 -39.43
N LYS D 241 6.09 -10.23 -40.36
CA LYS D 241 7.50 -10.09 -40.05
C LYS D 241 8.12 -9.11 -41.05
N LEU D 242 9.09 -8.31 -40.62
CA LEU D 242 9.76 -7.39 -41.54
C LEU D 242 10.51 -8.18 -42.61
N GLY D 243 10.37 -7.76 -43.87
CA GLY D 243 11.12 -8.39 -44.94
C GLY D 243 10.39 -9.59 -45.56
N LYS D 244 9.15 -9.81 -45.16
CA LYS D 244 8.38 -10.89 -45.74
C LYS D 244 7.33 -10.29 -46.67
N GLY D 245 7.48 -9.01 -46.95
CA GLY D 245 6.65 -8.35 -47.94
C GLY D 245 5.77 -7.26 -47.36
N PRO D 246 5.19 -6.43 -48.22
CA PRO D 246 4.23 -5.44 -47.73
C PRO D 246 3.14 -6.19 -47.00
N VAL D 247 2.24 -5.48 -46.32
CA VAL D 247 1.21 -6.19 -45.60
C VAL D 247 -0.11 -5.50 -45.76
N ILE D 248 -1.16 -6.30 -45.89
CA ILE D 248 -2.50 -5.77 -45.87
C ILE D 248 -2.91 -5.49 -44.42
N ARG D 249 -3.38 -4.27 -44.16
CA ARG D 249 -3.89 -3.92 -42.84
C ARG D 249 -5.37 -4.22 -42.80
N ALA D 250 -5.71 -5.49 -42.61
CA ALA D 250 -7.11 -5.93 -42.68
C ALA D 250 -7.96 -5.23 -41.64
N VAL D 251 -7.48 -5.23 -40.40
CA VAL D 251 -8.23 -4.63 -39.31
C VAL D 251 -7.29 -3.85 -38.39
N ASP D 252 -7.76 -2.68 -37.96
CA ASP D 252 -7.10 -1.93 -36.91
C ASP D 252 -8.17 -1.27 -36.04
N ASN D 253 -7.74 -0.51 -35.03
CA ASN D 253 -8.67 0.12 -34.10
C ASN D 253 -9.63 1.10 -34.76
N SER D 254 -9.37 1.46 -36.01
CA SER D 254 -10.22 2.45 -36.67
C SER D 254 -11.27 1.80 -37.57
N ALA D 255 -11.03 0.56 -37.97
CA ALA D 255 -11.91 -0.06 -38.95
C ALA D 255 -11.63 -1.53 -39.18
N ILE D 256 -12.70 -2.26 -39.51
CA ILE D 256 -12.60 -3.53 -40.20
C ILE D 256 -12.75 -3.20 -41.69
N TYR D 257 -11.65 -3.29 -42.45
CA TYR D 257 -11.63 -2.85 -43.85
C TYR D 257 -12.32 -3.83 -44.80
N SER D 258 -12.62 -3.37 -46.01
CA SER D 258 -13.27 -4.19 -47.04
C SER D 258 -12.59 -5.55 -47.23
N ARG D 259 -13.30 -6.61 -46.94
CA ARG D 259 -12.72 -7.94 -47.06
C ARG D 259 -12.54 -8.38 -48.52
N ASP D 260 -13.43 -7.94 -49.40
CA ASP D 260 -13.26 -8.26 -50.81
C ASP D 260 -12.14 -7.43 -51.43
N LEU D 261 -12.07 -6.14 -51.09
CA LEU D 261 -10.97 -5.31 -51.57
C LEU D 261 -9.66 -6.00 -51.24
N ALA D 262 -9.59 -6.62 -50.07
CA ALA D 262 -8.37 -7.31 -49.63
C ALA D 262 -8.12 -8.59 -50.40
N ARG D 263 -9.21 -9.25 -50.80
CA ARG D 263 -9.13 -10.45 -51.63
C ARG D 263 -8.54 -10.10 -52.99
N LYS D 264 -9.05 -9.02 -53.58
CA LYS D 264 -8.51 -8.53 -54.84
C LYS D 264 -7.02 -8.20 -54.75
N VAL D 265 -6.63 -7.40 -53.78
CA VAL D 265 -5.22 -7.02 -53.65
C VAL D 265 -4.36 -8.26 -53.54
N TRP D 266 -4.81 -9.21 -52.74
CA TRP D 266 -4.07 -10.45 -52.56
C TRP D 266 -3.92 -11.19 -53.90
N SER D 267 -4.95 -11.06 -54.74
CA SER D 267 -4.97 -11.77 -56.00
C SER D 267 -4.00 -11.09 -56.96
N ILE D 268 -4.20 -9.80 -57.16
CA ILE D 268 -3.35 -9.01 -58.01
C ILE D 268 -1.89 -9.19 -57.60
N ALA D 269 -1.65 -9.47 -56.32
CA ALA D 269 -0.30 -9.64 -55.79
C ALA D 269 0.28 -11.01 -56.10
N GLU D 270 -0.56 -12.03 -56.06
CA GLU D 270 -0.10 -13.38 -56.36
C GLU D 270 0.20 -13.48 -57.84
N LYS D 271 -0.66 -12.84 -58.63
CA LYS D 271 -0.50 -12.82 -60.08
C LYS D 271 0.85 -12.23 -60.43
N ASN D 272 1.26 -11.21 -59.69
CA ASN D 272 2.50 -10.50 -60.02
C ASN D 272 3.73 -10.97 -59.29
N GLY D 273 3.65 -12.13 -58.64
CA GLY D 273 4.79 -12.69 -57.93
C GLY D 273 5.22 -11.84 -56.72
N ILE D 274 4.37 -10.88 -56.34
CA ILE D 274 4.64 -10.04 -55.19
C ILE D 274 4.31 -10.77 -53.89
N GLU D 275 5.36 -11.09 -53.15
CA GLU D 275 5.22 -11.75 -51.86
C GLU D 275 4.59 -10.76 -50.86
N ILE D 276 3.56 -11.22 -50.15
CA ILE D 276 2.64 -10.32 -49.45
C ILE D 276 2.10 -10.91 -48.13
N GLN D 277 1.60 -10.05 -47.26
CA GLN D 277 1.24 -10.44 -45.89
C GLN D 277 -0.07 -9.82 -45.48
N ILE D 278 -0.68 -10.37 -44.44
CA ILE D 278 -1.96 -9.87 -43.96
C ILE D 278 -2.05 -9.98 -42.45
N GLY D 279 -2.60 -8.96 -41.79
CA GLY D 279 -2.63 -8.96 -40.36
C GLY D 279 -3.48 -7.89 -39.70
N VAL D 280 -3.45 -7.91 -38.38
CA VAL D 280 -4.19 -7.01 -37.52
C VAL D 280 -3.19 -6.16 -36.71
N THR D 281 -3.48 -4.87 -36.54
CA THR D 281 -2.62 -4.02 -35.71
C THR D 281 -3.43 -2.93 -35.03
N GLY D 282 -2.74 -2.07 -34.27
CA GLY D 282 -3.43 -1.00 -33.57
C GLY D 282 -3.40 0.30 -34.34
N GLY D 283 -4.20 1.28 -33.93
CA GLY D 283 -4.22 2.58 -34.60
C GLY D 283 -5.25 2.68 -35.72
N GLY D 284 -5.30 3.83 -36.39
CA GLY D 284 -6.19 4.04 -37.51
C GLY D 284 -5.42 4.52 -38.74
N THR D 285 -6.07 4.54 -39.91
CA THR D 285 -5.47 5.09 -41.14
C THR D 285 -6.44 5.95 -41.94
N ASP D 286 -5.89 6.77 -42.84
CA ASP D 286 -6.67 7.67 -43.71
C ASP D 286 -7.83 6.96 -44.41
N ALA D 287 -7.67 5.67 -44.67
CA ALA D 287 -8.68 4.89 -45.39
C ALA D 287 -10.02 4.84 -44.66
N SER D 288 -9.95 4.74 -43.34
CA SER D 288 -11.17 4.69 -42.53
C SER D 288 -12.02 5.92 -42.80
N ALA D 289 -11.39 7.00 -43.23
CA ALA D 289 -12.13 8.24 -43.49
C ALA D 289 -13.06 8.11 -44.70
N PHE D 290 -12.91 7.01 -45.45
CA PHE D 290 -13.75 6.78 -46.63
C PHE D 290 -14.69 5.56 -46.54
N GLN D 291 -14.67 4.85 -45.41
CA GLN D 291 -15.47 3.63 -45.30
C GLN D 291 -16.98 3.87 -45.37
N ASP D 292 -17.39 5.11 -45.13
CA ASP D 292 -18.79 5.50 -45.30
C ASP D 292 -19.21 5.80 -46.75
N ARG D 293 -18.38 5.47 -47.73
CA ARG D 293 -18.70 5.81 -49.11
C ARG D 293 -17.95 4.98 -50.15
N SER D 294 -16.76 4.50 -49.77
CA SER D 294 -15.95 3.72 -50.69
C SER D 294 -15.65 2.36 -50.09
N LYS D 295 -15.03 1.49 -50.88
CA LYS D 295 -14.47 0.27 -50.34
C LYS D 295 -13.03 0.56 -49.92
N THR D 296 -12.73 0.33 -48.65
CA THR D 296 -11.48 0.79 -48.09
C THR D 296 -10.55 -0.35 -47.73
N LEU D 297 -9.26 -0.08 -47.84
CA LEU D 297 -8.22 -0.97 -47.38
C LEU D 297 -7.03 -0.10 -46.99
N ALA D 298 -6.11 -0.67 -46.22
CA ALA D 298 -4.88 0.01 -45.88
C ALA D 298 -3.75 -0.96 -46.18
N LEU D 299 -2.71 -0.47 -46.85
CA LEU D 299 -1.54 -1.25 -47.26
C LEU D 299 -0.30 -0.66 -46.61
N SER D 300 0.69 -1.48 -46.29
CA SER D 300 1.87 -0.95 -45.62
C SER D 300 3.11 -1.80 -45.71
N VAL D 301 4.19 -1.27 -45.13
CA VAL D 301 5.30 -2.10 -44.76
C VAL D 301 5.22 -2.26 -43.25
N PRO D 302 5.66 -3.40 -42.73
CA PRO D 302 5.74 -3.52 -41.28
C PRO D 302 6.85 -2.63 -40.69
N ILE D 303 6.55 -1.95 -39.60
CA ILE D 303 7.51 -1.04 -38.99
C ILE D 303 7.72 -1.33 -37.50
N LYS D 304 8.96 -1.62 -37.11
CA LYS D 304 9.31 -1.80 -35.70
C LYS D 304 9.58 -0.46 -35.01
N TYR D 305 9.36 -0.43 -33.69
CA TYR D 305 9.65 0.74 -32.84
C TYR D 305 8.87 1.97 -33.30
N LEU D 306 7.65 1.73 -33.74
CA LEU D 306 6.80 2.77 -34.31
C LEU D 306 6.71 4.00 -33.40
N HIS D 307 6.88 5.18 -34.00
CA HIS D 307 6.71 6.46 -33.31
C HIS D 307 7.87 6.82 -32.39
N SER D 308 9.08 6.42 -32.78
CA SER D 308 10.29 6.80 -32.05
C SER D 308 11.33 7.26 -33.07
N GLU D 309 12.48 7.73 -32.58
CA GLU D 309 13.61 8.09 -33.45
C GLU D 309 14.17 6.84 -34.11
N VAL D 310 13.72 5.70 -33.64
CA VAL D 310 14.38 4.44 -33.99
C VAL D 310 13.45 3.51 -34.78
N GLU D 311 12.31 4.04 -35.23
CA GLU D 311 11.38 3.24 -36.03
C GLU D 311 12.05 2.71 -37.29
N THR D 312 11.80 1.45 -37.59
CA THR D 312 12.64 0.68 -38.51
C THR D 312 11.83 -0.06 -39.57
N LEU D 313 12.18 0.11 -40.85
CA LEU D 313 11.57 -0.70 -41.93
C LEU D 313 12.60 -1.53 -42.69
N HIS D 314 12.12 -2.58 -43.36
CA HIS D 314 12.94 -3.42 -44.24
C HIS D 314 12.78 -2.94 -45.69
N LEU D 315 13.91 -2.62 -46.33
CA LEU D 315 13.89 -1.99 -47.64
C LEU D 315 13.20 -2.85 -48.71
N ASN D 316 13.45 -4.15 -48.67
CA ASN D 316 12.78 -5.04 -49.60
C ASN D 316 11.25 -4.93 -49.53
N ASP D 317 10.70 -4.75 -48.32
CA ASP D 317 9.25 -4.56 -48.20
C ASP D 317 8.75 -3.30 -48.91
N LEU D 318 9.53 -2.24 -48.81
CA LEU D 318 9.21 -0.97 -49.47
C LEU D 318 9.25 -1.12 -51.00
N GLU D 319 10.23 -1.87 -51.48
CA GLU D 319 10.42 -2.10 -52.91
C GLU D 319 9.18 -2.81 -53.44
N LYS D 320 8.87 -3.99 -52.87
CA LYS D 320 7.67 -4.74 -53.26
C LYS D 320 6.39 -3.93 -53.10
N LEU D 321 6.33 -3.04 -52.12
CA LEU D 321 5.14 -2.22 -51.94
C LEU D 321 4.93 -1.27 -53.12
N VAL D 322 6.00 -0.69 -53.64
CA VAL D 322 5.86 0.27 -54.73
C VAL D 322 5.31 -0.49 -55.94
N LYS D 323 5.88 -1.67 -56.19
CA LYS D 323 5.41 -2.53 -57.27
C LYS D 323 3.91 -2.83 -57.13
N LEU D 324 3.51 -3.36 -55.97
CA LEU D 324 2.10 -3.64 -55.70
C LEU D 324 1.19 -2.43 -55.96
N ILE D 325 1.66 -1.24 -55.60
CA ILE D 325 0.85 -0.05 -55.80
C ILE D 325 0.68 0.22 -57.30
N GLU D 326 1.69 -0.16 -58.07
CA GLU D 326 1.66 0.04 -59.51
C GLU D 326 0.72 -0.98 -60.13
N ALA D 327 0.84 -2.23 -59.69
CA ALA D 327 -0.03 -3.31 -60.13
C ALA D 327 -1.50 -3.00 -59.90
N LEU D 328 -1.81 -2.45 -58.73
CA LEU D 328 -3.18 -2.09 -58.40
C LEU D 328 -3.72 -0.99 -59.30
N ALA D 329 -2.86 -0.06 -59.68
CA ALA D 329 -3.27 1.03 -60.56
C ALA D 329 -3.66 0.51 -61.95
N PHE D 330 -2.95 -0.51 -62.42
CA PHE D 330 -3.24 -1.15 -63.69
C PHE D 330 -4.43 -2.12 -63.59
N GLU D 331 -4.34 -3.06 -62.64
CA GLU D 331 -5.19 -4.25 -62.65
C GLU D 331 -6.42 -4.22 -61.75
N LEU D 332 -6.47 -3.31 -60.80
CA LEU D 332 -7.64 -3.23 -59.92
C LEU D 332 -8.86 -2.80 -60.73
N MET E 2 -44.39 40.98 7.68
CA MET E 2 -43.97 40.00 6.67
C MET E 2 -44.17 38.54 7.10
N SER E 3 -44.25 37.66 6.10
CA SER E 3 -44.41 36.22 6.33
C SER E 3 -43.17 35.62 7.01
N MET E 4 -43.29 34.40 7.52
CA MET E 4 -42.12 33.77 8.14
C MET E 4 -40.99 33.63 7.11
N ILE E 5 -41.36 33.22 5.90
CA ILE E 5 -40.41 33.10 4.81
C ILE E 5 -39.56 34.36 4.63
N GLU E 6 -40.20 35.52 4.65
CA GLU E 6 -39.52 36.78 4.41
C GLU E 6 -38.66 37.21 5.61
N LYS E 7 -39.07 36.84 6.81
CA LYS E 7 -38.25 37.15 7.97
C LYS E 7 -36.98 36.30 7.97
N LEU E 8 -37.10 35.06 7.48
CA LEU E 8 -35.97 34.13 7.44
C LEU E 8 -34.97 34.60 6.41
N LYS E 9 -35.47 34.99 5.25
CA LYS E 9 -34.67 35.54 4.18
C LYS E 9 -33.91 36.76 4.66
N LYS E 10 -34.63 37.69 5.28
CA LYS E 10 -34.00 38.91 5.76
C LYS E 10 -32.81 38.66 6.70
N PHE E 11 -33.04 37.83 7.73
CA PHE E 11 -32.03 37.63 8.77
C PHE E 11 -30.87 36.71 8.34
N THR E 12 -31.12 35.81 7.40
CA THR E 12 -30.05 34.96 6.89
C THR E 12 -29.16 35.67 5.87
N GLN E 13 -29.68 36.73 5.23
CA GLN E 13 -28.88 37.46 4.25
C GLN E 13 -27.85 38.36 4.90
N ILE E 14 -28.05 38.71 6.17
CA ILE E 14 -27.09 39.56 6.87
C ILE E 14 -25.79 38.82 7.17
N PRO E 15 -24.64 39.44 6.85
CA PRO E 15 -23.34 38.80 7.08
C PRO E 15 -22.80 39.08 8.47
N GLY E 16 -22.44 38.02 9.20
CA GLY E 16 -21.81 38.18 10.49
C GLY E 16 -21.26 36.88 11.03
N ILE E 17 -19.96 36.65 10.85
CA ILE E 17 -19.32 35.49 11.48
C ILE E 17 -19.07 35.75 12.95
N SER E 18 -18.57 34.72 13.61
CA SER E 18 -18.24 34.80 15.04
C SER E 18 -17.29 35.97 15.34
N GLY E 19 -17.60 36.73 16.38
CA GLY E 19 -16.79 37.90 16.69
C GLY E 19 -17.12 39.07 15.76
N TYR E 20 -17.90 38.81 14.71
CA TYR E 20 -18.25 39.86 13.75
C TYR E 20 -19.77 40.00 13.59
N GLU E 21 -20.48 40.11 14.71
CA GLU E 21 -21.94 40.08 14.72
C GLU E 21 -22.68 41.44 14.66
N GLU E 22 -21.96 42.56 14.54
CA GLU E 22 -22.57 43.91 14.52
C GLU E 22 -23.86 44.02 13.70
N ARG E 23 -23.78 43.58 12.45
CA ARG E 23 -24.89 43.78 11.53
C ARG E 23 -26.14 42.98 11.90
N ILE E 24 -25.96 41.79 12.49
CA ILE E 24 -27.10 41.01 12.94
C ILE E 24 -27.74 41.67 14.16
N ARG E 25 -26.90 42.03 15.13
CA ARG E 25 -27.37 42.62 16.36
C ARG E 25 -28.12 43.94 16.09
N GLU E 26 -27.57 44.78 15.22
CA GLU E 26 -28.20 46.05 14.86
C GLU E 26 -29.59 45.80 14.28
N GLU E 27 -29.72 44.77 13.46
CA GLU E 27 -31.00 44.40 12.89
C GLU E 27 -31.99 43.88 13.94
N ILE E 28 -31.49 43.18 14.94
CA ILE E 28 -32.35 42.69 16.00
C ILE E 28 -32.86 43.86 16.86
N ILE E 29 -31.95 44.77 17.18
CA ILE E 29 -32.30 45.93 17.99
C ILE E 29 -33.36 46.74 17.28
N ARG E 30 -33.16 46.93 15.99
CA ARG E 30 -34.07 47.74 15.20
C ARG E 30 -35.51 47.25 15.32
N GLU E 31 -35.72 45.93 15.38
CA GLU E 31 -37.09 45.47 15.45
C GLU E 31 -37.54 44.94 16.80
N ILE E 32 -36.70 45.17 17.81
CA ILE E 32 -37.02 44.80 19.17
C ILE E 32 -37.19 46.06 20.03
N LYS E 33 -36.53 47.13 19.64
CA LYS E 33 -36.43 48.32 20.47
C LYS E 33 -37.78 48.96 20.85
N ASP E 34 -38.79 48.77 20.01
CA ASP E 34 -40.10 49.35 20.27
C ASP E 34 -40.95 48.50 21.20
N PHE E 35 -40.55 47.26 21.41
CA PHE E 35 -41.32 46.35 22.24
C PHE E 35 -40.71 46.16 23.60
N ALA E 36 -39.40 46.32 23.70
CA ALA E 36 -38.76 46.09 24.99
C ALA E 36 -37.44 46.83 25.12
N ASP E 37 -36.98 46.98 26.35
CA ASP E 37 -35.66 47.52 26.63
C ASP E 37 -34.64 46.43 26.37
N TYR E 38 -33.42 46.84 26.01
CA TYR E 38 -32.36 45.89 25.74
C TYR E 38 -31.04 46.44 26.24
N LYS E 39 -30.06 45.54 26.36
CA LYS E 39 -28.74 45.84 26.89
C LYS E 39 -27.75 45.09 26.01
N VAL E 40 -26.58 45.67 25.77
CA VAL E 40 -25.57 44.98 24.98
C VAL E 40 -24.37 44.66 25.85
N ASP E 41 -23.89 43.42 25.72
CA ASP E 41 -22.76 42.89 26.49
C ASP E 41 -21.43 43.49 26.07
N ALA E 42 -20.47 43.53 26.98
CA ALA E 42 -19.10 43.90 26.64
C ALA E 42 -18.50 42.99 25.54
N ILE E 43 -18.98 41.76 25.45
CA ILE E 43 -18.54 40.85 24.38
C ILE E 43 -19.49 40.92 23.19
N GLY E 44 -20.64 41.58 23.37
CA GLY E 44 -21.54 41.85 22.27
C GLY E 44 -22.85 41.10 22.27
N ASN E 45 -23.13 40.34 23.33
CA ASN E 45 -24.44 39.71 23.51
C ASN E 45 -25.54 40.77 23.56
N LEU E 46 -26.69 40.45 22.98
CA LEU E 46 -27.86 41.34 23.04
C LEU E 46 -28.89 40.72 23.99
N ILE E 47 -29.26 41.44 25.04
CA ILE E 47 -30.09 40.88 26.11
C ILE E 47 -31.39 41.66 26.37
N VAL E 48 -32.53 40.98 26.24
CA VAL E 48 -33.84 41.55 26.54
C VAL E 48 -34.53 40.83 27.71
N GLU E 49 -34.74 41.55 28.81
CA GLU E 49 -35.42 40.98 29.98
C GLU E 49 -36.91 41.29 29.99
N LEU E 50 -37.73 40.26 30.14
CA LEU E 50 -39.16 40.43 30.38
C LEU E 50 -39.53 40.05 31.81
N GLY E 51 -40.42 40.82 32.43
CA GLY E 51 -40.89 40.54 33.78
C GLY E 51 -39.98 41.11 34.84
N GLU E 52 -40.31 40.91 36.10
CA GLU E 52 -39.40 41.31 37.16
C GLU E 52 -39.30 40.21 38.19
N GLY E 53 -38.37 40.37 39.12
CA GLY E 53 -38.22 39.42 40.20
C GLY E 53 -37.12 38.43 39.89
N GLU E 54 -37.39 37.16 40.15
CA GLU E 54 -36.37 36.14 39.99
C GLU E 54 -36.25 35.58 38.58
N GLU E 55 -35.00 35.35 38.17
CA GLU E 55 -34.68 34.80 36.84
C GLU E 55 -35.11 33.36 36.72
N ARG E 56 -36.23 33.15 36.06
CA ARG E 56 -36.84 31.84 35.93
C ARG E 56 -36.26 31.11 34.72
N ILE E 57 -36.30 31.79 33.58
CA ILE E 57 -35.95 31.20 32.30
C ILE E 57 -35.06 32.13 31.50
N LEU E 58 -34.06 31.53 30.84
CA LEU E 58 -33.20 32.22 29.90
C LEU E 58 -33.31 31.51 28.55
N PHE E 59 -33.58 32.27 27.49
CA PHE E 59 -33.56 31.73 26.14
C PHE E 59 -32.37 32.31 25.37
N MET E 60 -31.66 31.47 24.63
CA MET E 60 -30.45 31.86 23.89
C MET E 60 -30.49 31.38 22.44
N ALA E 61 -30.32 32.30 21.49
CA ALA E 61 -30.12 31.92 20.09
C ALA E 61 -28.94 32.71 19.54
N HIS E 62 -28.03 32.04 18.83
CA HIS E 62 -26.80 32.74 18.43
C HIS E 62 -26.87 33.58 17.16
N MET E 63 -26.21 34.73 17.18
CA MET E 63 -26.20 35.63 16.03
C MET E 63 -25.13 35.26 15.00
N ASP E 64 -24.05 34.62 15.43
CA ASP E 64 -22.95 34.31 14.52
C ASP E 64 -23.24 33.16 13.54
N GLU E 65 -22.60 33.24 12.37
CA GLU E 65 -22.61 32.13 11.42
C GLU E 65 -21.17 31.69 11.16
N ILE E 66 -21.00 30.52 10.54
CA ILE E 66 -19.67 30.08 10.18
C ILE E 66 -19.22 30.92 8.98
N GLY E 67 -17.91 31.00 8.77
CA GLY E 67 -17.42 31.73 7.61
C GLY E 67 -15.92 31.73 7.49
N LEU E 68 -15.40 32.74 6.81
CA LEU E 68 -13.98 32.85 6.56
C LEU E 68 -13.40 34.13 7.13
N LEU E 69 -12.23 34.00 7.74
CA LEU E 69 -11.50 35.14 8.26
C LEU E 69 -10.29 35.36 7.33
N ILE E 70 -10.15 36.58 6.83
CA ILE E 70 -9.08 36.89 5.89
C ILE E 70 -7.75 37.05 6.64
N THR E 71 -6.72 36.30 6.25
CA THR E 71 -5.47 36.29 7.02
C THR E 71 -4.35 37.02 6.32
N GLY E 72 -4.41 37.10 4.99
CA GLY E 72 -3.39 37.79 4.25
C GLY E 72 -3.73 37.91 2.78
N ILE E 73 -2.83 38.56 2.05
CA ILE E 73 -2.97 38.77 0.62
C ILE E 73 -1.75 38.22 -0.11
N THR E 74 -1.96 37.53 -1.23
CA THR E 74 -0.86 36.94 -1.98
C THR E 74 -0.24 37.95 -2.95
N ASP E 75 0.89 37.58 -3.51
CA ASP E 75 1.63 38.46 -4.41
C ASP E 75 0.81 38.83 -5.65
N GLU E 76 -0.13 37.96 -6.03
CA GLU E 76 -1.02 38.21 -7.17
C GLU E 76 -2.36 38.85 -6.80
N GLY E 77 -2.46 39.37 -5.57
CA GLY E 77 -3.66 40.06 -5.12
C GLY E 77 -4.85 39.19 -4.74
N LYS E 78 -4.60 37.97 -4.30
CA LYS E 78 -5.69 37.09 -3.86
C LYS E 78 -5.79 37.06 -2.32
N LEU E 79 -6.93 36.62 -1.79
CA LEU E 79 -7.11 36.62 -0.35
C LEU E 79 -6.86 35.23 0.24
N ARG E 80 -6.00 35.19 1.25
CA ARG E 80 -5.81 33.98 2.04
C ARG E 80 -6.77 34.06 3.22
N PHE E 81 -7.23 32.90 3.67
CA PHE E 81 -8.15 32.86 4.79
C PHE E 81 -8.02 31.60 5.61
N ARG E 82 -8.58 31.68 6.80
CA ARG E 82 -8.74 30.58 7.71
C ARG E 82 -10.24 30.40 7.89
N LYS E 83 -10.68 29.20 8.29
CA LYS E 83 -12.10 28.94 8.56
C LYS E 83 -12.49 29.37 9.96
N VAL E 84 -13.72 29.86 10.10
CA VAL E 84 -14.27 30.20 11.42
C VAL E 84 -15.53 29.36 11.64
N GLY E 85 -15.53 28.54 12.68
CA GLY E 85 -16.61 27.58 12.87
C GLY E 85 -16.35 26.37 12.00
N GLY E 86 -17.18 25.35 12.12
CA GLY E 86 -16.94 24.11 11.42
C GLY E 86 -17.44 24.14 10.00
N ILE E 87 -16.56 23.96 9.02
CA ILE E 87 -16.96 23.92 7.62
C ILE E 87 -16.27 22.79 6.87
N ASP E 88 -17.06 21.97 6.20
CA ASP E 88 -16.51 20.96 5.31
C ASP E 88 -15.81 21.61 4.10
N ASP E 89 -14.53 21.27 3.91
CA ASP E 89 -13.71 21.84 2.84
C ASP E 89 -14.33 21.64 1.46
N ARG E 90 -15.11 20.57 1.29
CA ARG E 90 -15.71 20.29 -0.01
C ARG E 90 -16.66 21.42 -0.43
N LEU E 91 -17.09 22.21 0.54
CA LEU E 91 -18.09 23.24 0.28
C LEU E 91 -17.47 24.59 -0.04
N LEU E 92 -16.14 24.66 -0.05
CA LEU E 92 -15.46 25.94 -0.30
C LEU E 92 -15.11 26.10 -1.77
N TYR E 93 -15.15 24.99 -2.50
CA TYR E 93 -14.61 24.94 -3.84
C TYR E 93 -15.63 25.46 -4.88
N GLY E 94 -15.23 26.43 -5.69
CA GLY E 94 -16.09 26.97 -6.73
C GLY E 94 -17.35 27.67 -6.22
N ARG E 95 -17.14 28.73 -5.43
CA ARG E 95 -18.20 29.41 -4.69
C ARG E 95 -18.08 30.91 -4.77
N HIS E 96 -19.22 31.60 -4.82
CA HIS E 96 -19.24 33.05 -4.64
C HIS E 96 -19.22 33.37 -3.15
N VAL E 97 -18.47 34.40 -2.77
CA VAL E 97 -18.46 34.90 -1.42
C VAL E 97 -18.75 36.41 -1.41
N ASN E 98 -19.16 36.92 -0.26
CA ASN E 98 -19.09 38.34 0.03
C ASN E 98 -17.98 38.61 1.02
N VAL E 99 -17.02 39.43 0.63
CA VAL E 99 -15.94 39.83 1.50
C VAL E 99 -16.36 41.10 2.18
N VAL E 100 -16.47 41.06 3.51
CA VAL E 100 -16.94 42.17 4.29
C VAL E 100 -15.75 42.93 4.90
N THR E 101 -15.53 44.15 4.39
CA THR E 101 -14.46 45.00 4.91
C THR E 101 -15.10 46.15 5.67
N GLU E 102 -14.28 47.04 6.22
CA GLU E 102 -14.82 48.23 6.87
C GLU E 102 -14.99 49.41 5.90
N LYS E 103 -14.73 49.16 4.61
CA LYS E 103 -14.98 50.14 3.56
C LYS E 103 -15.85 49.53 2.47
N GLY E 104 -16.91 48.86 2.87
CA GLY E 104 -17.80 48.21 1.91
C GLY E 104 -17.70 46.70 1.83
N ILE E 105 -18.55 46.12 1.00
CA ILE E 105 -18.63 44.69 0.85
C ILE E 105 -18.32 44.36 -0.60
N LEU E 106 -17.28 43.56 -0.82
CA LEU E 106 -16.81 43.23 -2.16
C LEU E 106 -17.23 41.82 -2.43
N ASP E 107 -17.57 41.50 -3.66
CA ASP E 107 -17.80 40.10 -3.89
C ASP E 107 -16.55 39.45 -4.45
N GLY E 108 -16.45 38.15 -4.20
CA GLY E 108 -15.24 37.44 -4.52
C GLY E 108 -15.63 36.05 -4.93
N VAL E 109 -14.62 35.33 -5.37
CA VAL E 109 -14.84 33.99 -5.87
C VAL E 109 -13.70 33.06 -5.40
N ILE E 110 -14.07 31.89 -4.87
CA ILE E 110 -13.09 30.83 -4.69
C ILE E 110 -13.21 29.96 -5.91
N GLY E 111 -12.11 29.86 -6.65
CA GLY E 111 -12.11 29.26 -7.97
C GLY E 111 -12.29 27.76 -8.01
N ALA E 112 -12.26 27.25 -9.24
CA ALA E 112 -12.28 25.84 -9.53
C ALA E 112 -11.51 25.72 -10.82
N THR E 113 -10.68 24.69 -10.91
CA THR E 113 -9.85 24.47 -12.09
C THR E 113 -10.60 23.59 -13.07
N PRO E 114 -10.75 24.08 -14.32
CA PRO E 114 -11.54 23.39 -15.34
C PRO E 114 -10.88 22.10 -15.78
N PRO E 115 -11.68 21.11 -16.19
CA PRO E 115 -11.16 19.86 -16.75
C PRO E 115 -10.26 20.20 -17.94
N HIS E 116 -10.68 21.20 -18.72
CA HIS E 116 -9.92 21.68 -19.87
C HIS E 116 -8.43 21.82 -19.60
N LEU E 117 -8.07 22.19 -18.37
CA LEU E 117 -6.68 22.53 -18.04
C LEU E 117 -6.06 21.59 -17.02
N LYS E 123 -8.65 15.35 -8.74
CA LYS E 123 -9.83 14.59 -8.35
C LYS E 123 -9.93 14.33 -6.83
N SER E 124 -9.25 15.17 -6.06
CA SER E 124 -9.32 15.09 -4.59
C SER E 124 -9.98 16.34 -4.03
N VAL E 125 -10.32 16.31 -2.74
CA VAL E 125 -10.82 17.48 -2.04
C VAL E 125 -9.69 18.46 -1.73
N ILE E 126 -9.80 19.68 -2.21
CA ILE E 126 -8.75 20.68 -2.01
C ILE E 126 -8.89 21.24 -0.60
N PRO E 127 -7.81 21.22 0.19
CA PRO E 127 -7.88 21.73 1.58
C PRO E 127 -8.04 23.24 1.65
N TRP E 128 -8.65 23.72 2.74
CA TRP E 128 -8.94 25.14 2.88
C TRP E 128 -7.69 25.98 2.66
N TYR E 129 -6.52 25.48 3.08
CA TYR E 129 -5.31 26.29 3.06
C TYR E 129 -4.63 26.39 1.69
N ASP E 130 -5.12 25.65 0.69
CA ASP E 130 -4.65 25.81 -0.68
C ASP E 130 -5.66 26.60 -1.51
N LEU E 131 -6.64 27.20 -0.84
CA LEU E 131 -7.66 27.98 -1.53
C LEU E 131 -7.45 29.46 -1.29
N VAL E 132 -7.81 30.28 -2.27
CA VAL E 132 -7.73 31.73 -2.08
C VAL E 132 -9.00 32.38 -2.59
N ILE E 133 -9.27 33.60 -2.17
CA ILE E 133 -10.41 34.32 -2.72
C ILE E 133 -9.96 35.30 -3.81
N ASP E 134 -10.56 35.18 -5.00
CA ASP E 134 -10.30 36.07 -6.13
C ASP E 134 -11.26 37.26 -6.10
N ILE E 135 -10.75 38.47 -5.86
CA ILE E 135 -11.62 39.68 -5.89
C ILE E 135 -11.39 40.60 -7.08
N GLY E 136 -10.67 40.11 -8.08
CA GLY E 136 -10.39 40.90 -9.27
C GLY E 136 -9.28 41.93 -9.14
N ALA E 137 -8.51 41.88 -8.06
CA ALA E 137 -7.35 42.76 -7.92
C ALA E 137 -6.21 42.24 -8.79
N GLU E 138 -5.35 43.14 -9.24
CA GLU E 138 -4.31 42.76 -10.19
C GLU E 138 -2.98 42.54 -9.49
N SER E 139 -2.89 42.98 -8.23
CA SER E 139 -1.65 42.90 -7.48
C SER E 139 -1.90 43.03 -6.00
N LYS E 140 -0.90 42.61 -5.21
CA LYS E 140 -0.97 42.74 -3.76
C LYS E 140 -1.35 44.16 -3.40
N GLU E 141 -0.65 45.10 -4.03
CA GLU E 141 -0.86 46.53 -3.84
C GLU E 141 -2.33 46.92 -4.03
N GLU E 142 -2.90 46.50 -5.14
CA GLU E 142 -4.28 46.87 -5.43
C GLU E 142 -5.23 46.18 -4.45
N ALA E 143 -4.99 44.91 -4.16
CA ALA E 143 -5.83 44.20 -3.18
C ALA E 143 -5.79 44.86 -1.79
N LEU E 144 -4.60 45.28 -1.35
CA LEU E 144 -4.45 45.93 -0.05
C LEU E 144 -5.26 47.21 0.06
N GLU E 145 -5.62 47.80 -1.07
CA GLU E 145 -6.47 48.98 -1.08
C GLU E 145 -7.92 48.59 -0.86
N LEU E 146 -8.25 47.32 -1.09
CA LEU E 146 -9.63 46.89 -0.98
C LEU E 146 -9.90 46.11 0.31
N VAL E 147 -8.96 45.24 0.69
CA VAL E 147 -9.16 44.33 1.82
C VAL E 147 -7.93 44.26 2.74
N LYS E 148 -8.19 44.20 4.04
CA LYS E 148 -7.14 44.01 5.03
C LYS E 148 -7.31 42.67 5.75
N PRO E 149 -6.22 42.14 6.31
CA PRO E 149 -6.35 40.97 7.19
C PRO E 149 -7.33 41.28 8.33
N LEU E 150 -8.09 40.27 8.73
CA LEU E 150 -9.12 40.38 9.77
C LEU E 150 -10.42 40.97 9.25
N ASP E 151 -10.50 41.20 7.94
CA ASP E 151 -11.79 41.33 7.32
C ASP E 151 -12.32 39.90 7.22
N PHE E 152 -13.57 39.74 6.78
CA PHE E 152 -14.16 38.41 6.78
C PHE E 152 -15.02 38.18 5.57
N ALA E 153 -15.38 36.93 5.32
CA ALA E 153 -16.18 36.60 4.17
C ALA E 153 -17.20 35.52 4.51
N VAL E 154 -18.34 35.55 3.83
CA VAL E 154 -19.33 34.49 3.91
C VAL E 154 -19.76 34.13 2.51
N PHE E 155 -20.37 32.97 2.35
CA PHE E 155 -20.90 32.60 1.04
C PHE E 155 -21.98 33.60 0.62
N LYS E 156 -22.11 33.83 -0.68
CA LYS E 156 -23.34 34.41 -1.21
C LYS E 156 -24.40 33.35 -1.00
N LYS E 157 -25.61 33.80 -0.67
CA LYS E 157 -26.66 32.91 -0.21
C LYS E 157 -27.84 32.82 -1.17
N HIS E 158 -28.01 31.65 -1.80
CA HIS E 158 -29.26 31.34 -2.46
C HIS E 158 -30.33 31.11 -1.41
N PHE E 159 -31.56 31.51 -1.72
CA PHE E 159 -32.70 31.21 -0.86
C PHE E 159 -33.75 30.43 -1.65
N SER E 160 -34.06 29.20 -1.24
CA SER E 160 -35.02 28.37 -1.95
C SER E 160 -36.13 27.93 -1.04
N VAL E 161 -37.30 27.67 -1.62
CA VAL E 161 -38.44 27.17 -0.87
C VAL E 161 -38.86 25.92 -1.59
N LEU E 162 -38.84 24.79 -0.87
CA LEU E 162 -39.13 23.52 -1.51
C LEU E 162 -40.57 23.10 -1.26
N ASN E 163 -41.35 23.09 -2.35
CA ASN E 163 -42.70 22.56 -2.33
C ASN E 163 -43.54 23.25 -1.27
N GLY E 164 -43.34 24.56 -1.14
CA GLY E 164 -44.15 25.36 -0.24
C GLY E 164 -43.93 25.20 1.25
N LYS E 165 -43.21 24.17 1.69
CA LYS E 165 -43.06 23.95 3.14
C LYS E 165 -41.64 23.94 3.72
N TYR E 166 -40.64 23.78 2.86
CA TYR E 166 -39.26 23.77 3.29
C TYR E 166 -38.52 25.02 2.80
N VAL E 167 -37.66 25.56 3.66
CA VAL E 167 -36.78 26.66 3.32
C VAL E 167 -35.33 26.18 3.38
N SER E 168 -34.55 26.47 2.34
CA SER E 168 -33.13 26.15 2.28
C SER E 168 -32.28 27.40 2.02
N THR E 169 -31.40 27.73 2.95
CA THR E 169 -30.44 28.80 2.76
C THR E 169 -29.38 28.65 3.85
N ARG E 170 -28.21 29.24 3.64
CA ARG E 170 -27.14 29.21 4.62
C ARG E 170 -27.47 30.17 5.74
N GLY E 171 -27.26 29.75 7.00
CA GLY E 171 -27.56 30.60 8.13
C GLY E 171 -28.90 30.42 8.87
N LEU E 172 -29.77 29.53 8.40
CA LEU E 172 -30.92 29.10 9.20
C LEU E 172 -30.41 28.79 10.62
N ASP E 173 -29.27 28.11 10.67
CA ASP E 173 -28.55 27.96 11.91
C ASP E 173 -27.68 29.19 12.11
N ASP E 174 -28.01 30.08 13.05
CA ASP E 174 -29.17 29.96 13.93
C ASP E 174 -30.01 31.25 13.77
N ARG E 175 -30.16 31.72 12.53
CA ARG E 175 -30.99 32.90 12.30
C ARG E 175 -32.48 32.53 12.44
N PHE E 176 -32.82 31.26 12.21
CA PHE E 176 -34.19 30.80 12.50
C PHE E 176 -34.46 30.97 13.98
N GLY E 177 -33.44 30.78 14.81
CA GLY E 177 -33.60 30.92 16.24
C GLY E 177 -33.72 32.38 16.69
N VAL E 178 -32.99 33.25 16.00
CA VAL E 178 -33.04 34.67 16.28
C VAL E 178 -34.46 35.17 16.01
N VAL E 179 -34.98 34.83 14.82
CA VAL E 179 -36.36 35.12 14.44
C VAL E 179 -37.38 34.57 15.44
N ALA E 180 -37.17 33.33 15.88
CA ALA E 180 -38.10 32.69 16.81
C ALA E 180 -38.16 33.46 18.12
N LEU E 181 -37.02 33.95 18.59
CA LEU E 181 -37.02 34.68 19.86
C LEU E 181 -37.66 36.05 19.71
N ILE E 182 -37.47 36.69 18.56
CA ILE E 182 -38.08 37.98 18.29
C ILE E 182 -39.61 37.85 18.29
N GLU E 183 -40.12 36.83 17.59
CA GLU E 183 -41.54 36.53 17.60
C GLU E 183 -42.04 36.33 19.01
N ALA E 184 -41.33 35.52 19.78
CA ALA E 184 -41.71 35.25 21.16
C ALA E 184 -41.76 36.56 21.93
N ILE E 185 -40.75 37.39 21.75
CA ILE E 185 -40.67 38.65 22.49
C ILE E 185 -41.86 39.59 22.18
N LYS E 186 -42.24 39.69 20.92
CA LYS E 186 -43.39 40.50 20.54
C LYS E 186 -44.71 39.97 21.13
N ASP E 187 -44.91 38.65 21.13
CA ASP E 187 -46.16 38.10 21.66
C ASP E 187 -46.27 38.08 23.20
N LEU E 188 -45.17 38.37 23.89
CA LEU E 188 -45.15 38.21 25.34
C LEU E 188 -45.16 39.51 26.11
N VAL E 189 -44.84 40.61 25.43
CA VAL E 189 -44.72 41.89 26.12
C VAL E 189 -46.04 42.39 26.70
N ASP E 190 -47.17 41.91 26.15
CA ASP E 190 -48.48 42.32 26.67
C ASP E 190 -49.05 41.38 27.72
N HIS E 191 -48.22 40.50 28.27
CA HIS E 191 -48.66 39.58 29.32
C HIS E 191 -47.78 39.66 30.56
N GLU E 192 -48.36 39.35 31.70
CA GLU E 192 -47.60 39.30 32.95
C GLU E 192 -47.05 37.91 33.18
N LEU E 193 -45.81 37.84 33.62
CA LEU E 193 -45.12 36.57 33.75
C LEU E 193 -44.58 36.39 35.15
N GLU E 194 -44.55 35.14 35.61
CA GLU E 194 -43.92 34.79 36.86
C GLU E 194 -42.42 35.07 36.77
N GLY E 195 -41.93 36.02 37.57
CA GLY E 195 -40.52 36.37 37.57
C GLY E 195 -39.99 36.78 36.20
N LYS E 196 -38.67 36.80 36.05
CA LYS E 196 -38.01 37.24 34.81
C LYS E 196 -37.88 36.13 33.78
N VAL E 197 -38.10 36.49 32.51
CA VAL E 197 -37.81 35.64 31.36
C VAL E 197 -36.84 36.38 30.43
N ILE E 198 -35.66 35.79 30.24
CA ILE E 198 -34.60 36.49 29.54
C ILE E 198 -34.38 35.96 28.14
N PHE E 199 -34.23 36.89 27.20
CA PHE E 199 -33.88 36.52 25.84
C PHE E 199 -32.53 37.08 25.54
N ALA E 200 -31.62 36.22 25.13
CA ALA E 200 -30.27 36.66 24.77
C ALA E 200 -29.94 36.19 23.36
N PHE E 201 -29.52 37.14 22.53
CA PHE E 201 -29.03 36.85 21.20
C PHE E 201 -27.51 36.87 21.30
N THR E 202 -26.92 35.69 21.34
CA THR E 202 -25.51 35.48 21.72
C THR E 202 -24.51 35.61 20.56
N VAL E 203 -23.27 35.89 20.93
CA VAL E 203 -22.14 35.95 20.01
C VAL E 203 -21.31 34.68 20.14
N GLN E 204 -20.55 34.37 19.08
CA GLN E 204 -19.47 33.41 19.14
C GLN E 204 -19.89 32.03 19.61
N GLU E 205 -21.09 31.60 19.20
CA GLU E 205 -21.54 30.24 19.50
C GLU E 205 -20.76 29.19 18.71
N GLU E 206 -20.40 29.53 17.46
CA GLU E 206 -19.78 28.57 16.54
C GLU E 206 -18.28 28.37 16.82
N VAL E 207 -17.74 29.12 17.77
CA VAL E 207 -16.35 28.96 18.17
C VAL E 207 -16.22 28.70 19.67
N GLY E 208 -17.07 27.83 20.20
CA GLY E 208 -16.94 27.43 21.60
C GLY E 208 -17.81 28.18 22.60
N LEU E 209 -18.96 28.67 22.15
CA LEU E 209 -19.99 29.18 23.07
C LEU E 209 -19.46 30.36 23.89
N LYS E 210 -18.67 31.22 23.27
CA LYS E 210 -18.00 32.26 24.02
C LYS E 210 -18.96 33.33 24.54
N GLY E 211 -20.05 33.56 23.82
CA GLY E 211 -21.04 34.56 24.24
C GLY E 211 -21.80 34.06 25.44
N ALA E 212 -22.23 32.80 25.35
CA ALA E 212 -23.00 32.18 26.41
C ALA E 212 -22.18 32.10 27.69
N LYS E 213 -20.88 31.83 27.55
CA LYS E 213 -19.99 31.77 28.71
C LYS E 213 -19.86 33.13 29.38
N PHE E 214 -19.73 34.20 28.59
CA PHE E 214 -19.75 35.55 29.14
C PHE E 214 -21.07 35.74 29.89
N LEU E 215 -22.16 35.37 29.22
CA LEU E 215 -23.51 35.48 29.76
C LEU E 215 -23.67 34.77 31.11
N ALA E 216 -23.09 33.59 31.22
CA ALA E 216 -23.20 32.79 32.44
C ALA E 216 -22.60 33.51 33.68
N ASN E 217 -21.77 34.52 33.46
CA ASN E 217 -21.27 35.33 34.58
C ASN E 217 -22.14 36.50 34.99
N HIS E 218 -23.23 36.74 34.26
CA HIS E 218 -24.12 37.85 34.58
C HIS E 218 -25.57 37.44 34.87
N TYR E 219 -25.91 36.19 34.57
CA TYR E 219 -27.25 35.69 34.82
C TYR E 219 -27.21 34.33 35.45
N TYR E 220 -28.10 34.14 36.41
CA TYR E 220 -28.19 32.88 37.15
CA TYR E 220 -28.19 32.87 37.14
C TYR E 220 -29.64 32.41 37.11
N PRO E 221 -30.11 31.96 35.93
CA PRO E 221 -31.50 31.54 35.70
C PRO E 221 -31.79 30.15 36.26
N GLN E 222 -33.06 29.85 36.50
CA GLN E 222 -33.42 28.54 37.01
C GLN E 222 -33.32 27.51 35.89
N TYR E 223 -33.80 27.88 34.70
CA TYR E 223 -33.78 27.03 33.52
C TYR E 223 -33.12 27.77 32.37
N ALA E 224 -32.14 27.15 31.73
CA ALA E 224 -31.44 27.79 30.61
C ALA E 224 -31.63 26.99 29.33
N PHE E 225 -32.19 27.64 28.31
CA PHE E 225 -32.50 26.99 27.04
C PHE E 225 -31.64 27.54 25.89
N ALA E 226 -31.16 26.66 25.01
CA ALA E 226 -30.68 27.13 23.71
C ALA E 226 -31.72 26.76 22.68
N ILE E 227 -32.02 27.72 21.81
CA ILE E 227 -32.83 27.47 20.65
C ILE E 227 -31.83 27.46 19.52
N ASP E 228 -31.72 26.32 18.84
CA ASP E 228 -30.65 26.11 17.86
C ASP E 228 -31.02 24.93 16.99
N SER E 229 -30.14 24.59 16.05
CA SER E 229 -30.40 23.51 15.11
C SER E 229 -30.41 22.17 15.83
N PHE E 230 -31.05 21.18 15.20
CA PHE E 230 -30.85 19.78 15.54
C PHE E 230 -30.48 19.08 14.22
N ALA E 231 -29.20 18.74 14.05
CA ALA E 231 -28.75 18.11 12.81
C ALA E 231 -29.52 16.82 12.53
N CYS E 232 -29.97 16.63 11.29
CA CYS E 232 -30.87 15.53 10.93
C CYS E 232 -30.64 15.22 9.45
N CYS E 233 -30.82 13.98 9.00
CA CYS E 233 -31.19 12.81 9.80
C CYS E 233 -30.22 11.66 9.49
N SER E 234 -30.01 10.77 10.46
CA SER E 234 -29.14 9.60 10.25
C SER E 234 -29.46 8.55 11.32
N PRO E 235 -28.74 7.42 11.32
CA PRO E 235 -28.96 6.41 12.36
C PRO E 235 -28.79 6.93 13.78
N LEU E 236 -27.93 7.93 13.98
CA LEU E 236 -27.74 8.49 15.33
C LEU E 236 -29.02 9.18 15.78
N THR E 237 -29.88 9.46 14.82
CA THR E 237 -30.93 10.46 14.98
C THR E 237 -32.33 9.83 15.18
N GLY E 238 -32.36 8.50 15.18
CA GLY E 238 -33.59 7.77 15.47
C GLY E 238 -34.71 8.07 14.50
N ASP E 239 -35.84 8.51 15.04
CA ASP E 239 -37.03 8.74 14.20
C ASP E 239 -37.37 10.21 14.04
N VAL E 240 -36.51 11.10 14.53
CA VAL E 240 -36.67 12.53 14.32
C VAL E 240 -36.75 12.79 12.83
N LYS E 241 -37.66 13.68 12.44
CA LYS E 241 -37.94 13.90 11.04
C LYS E 241 -38.45 15.32 10.87
N LEU E 242 -38.06 15.99 9.79
CA LEU E 242 -38.60 17.31 9.48
C LEU E 242 -40.11 17.19 9.28
N GLY E 243 -40.87 18.12 9.85
CA GLY E 243 -42.31 18.14 9.71
C GLY E 243 -43.08 17.56 10.90
N LYS E 244 -42.39 16.75 11.71
CA LYS E 244 -43.02 16.11 12.86
C LYS E 244 -42.85 16.92 14.14
N GLY E 245 -42.53 18.20 13.99
CA GLY E 245 -42.56 19.10 15.13
C GLY E 245 -41.19 19.49 15.62
N PRO E 246 -41.13 20.47 16.54
CA PRO E 246 -39.86 20.90 17.15
C PRO E 246 -39.28 19.75 17.95
N VAL E 247 -37.97 19.74 18.14
CA VAL E 247 -37.34 18.60 18.78
C VAL E 247 -36.58 19.02 20.03
N ILE E 248 -36.74 18.23 21.09
CA ILE E 248 -35.94 18.38 22.28
C ILE E 248 -34.56 17.77 22.02
N ARG E 249 -33.51 18.59 22.11
CA ARG E 249 -32.16 18.12 21.82
C ARG E 249 -31.64 17.63 23.15
N ALA E 250 -31.92 16.36 23.46
CA ALA E 250 -31.72 15.83 24.82
C ALA E 250 -30.26 15.56 25.14
N VAL E 251 -29.52 15.13 24.13
CA VAL E 251 -28.11 14.81 24.29
C VAL E 251 -27.36 15.17 23.02
N ASP E 252 -26.24 15.87 23.16
CA ASP E 252 -25.34 16.07 22.04
C ASP E 252 -23.89 15.85 22.46
N ASN E 253 -22.93 16.22 21.62
CA ASN E 253 -21.51 16.07 21.98
C ASN E 253 -21.06 16.95 23.14
N SER E 254 -21.79 18.03 23.42
CA SER E 254 -21.36 18.96 24.47
C SER E 254 -21.98 18.63 25.84
N ALA E 255 -23.09 17.90 25.84
CA ALA E 255 -23.82 17.63 27.09
C ALA E 255 -24.92 16.58 27.00
N ILE E 256 -25.18 15.98 28.16
CA ILE E 256 -26.41 15.28 28.45
C ILE E 256 -27.21 16.31 29.23
N TYR E 257 -28.25 16.85 28.60
CA TYR E 257 -29.02 17.93 29.18
C TYR E 257 -29.96 17.45 30.29
N SER E 258 -30.54 18.41 31.01
CA SER E 258 -31.41 18.11 32.14
C SER E 258 -32.65 17.30 31.73
N ARG E 259 -32.72 16.07 32.24
CA ARG E 259 -33.83 15.17 31.96
C ARG E 259 -35.12 15.61 32.62
N ASP E 260 -35.07 16.18 33.84
CA ASP E 260 -36.27 16.70 34.48
CA ASP E 260 -36.29 16.66 34.45
C ASP E 260 -36.84 17.88 33.69
N LEU E 261 -35.94 18.76 33.23
CA LEU E 261 -36.35 19.89 32.42
C LEU E 261 -37.02 19.39 31.17
N ALA E 262 -36.42 18.38 30.53
CA ALA E 262 -37.01 17.81 29.32
C ALA E 262 -38.42 17.25 29.55
N ARG E 263 -38.63 16.61 30.69
CA ARG E 263 -39.95 16.03 30.96
C ARG E 263 -40.97 17.14 31.19
N LYS E 264 -40.54 18.23 31.80
CA LYS E 264 -41.43 19.38 31.97
C LYS E 264 -41.82 19.95 30.62
N VAL E 265 -40.86 20.00 29.71
CA VAL E 265 -41.10 20.57 28.38
C VAL E 265 -42.04 19.67 27.58
N TRP E 266 -41.84 18.36 27.70
CA TRP E 266 -42.68 17.39 27.03
C TRP E 266 -44.13 17.48 27.52
N SER E 267 -44.32 17.71 28.82
CA SER E 267 -45.67 17.79 29.42
C SER E 267 -46.40 19.03 28.94
N ILE E 268 -45.72 20.16 29.02
CA ILE E 268 -46.29 21.44 28.61
C ILE E 268 -46.70 21.39 27.13
N ALA E 269 -45.87 20.74 26.31
CA ALA E 269 -46.18 20.62 24.89
C ALA E 269 -47.45 19.82 24.71
N GLU E 270 -47.45 18.59 25.19
CA GLU E 270 -48.62 17.73 25.06
C GLU E 270 -49.89 18.38 25.58
N LYS E 271 -49.79 19.11 26.69
CA LYS E 271 -50.96 19.78 27.25
C LYS E 271 -51.50 20.86 26.33
N ASN E 272 -50.63 21.37 25.46
CA ASN E 272 -51.03 22.39 24.48
C ASN E 272 -51.29 21.83 23.09
N GLY E 273 -51.19 20.52 22.95
CA GLY E 273 -51.39 19.89 21.66
C GLY E 273 -50.34 20.28 20.63
N ILE E 274 -49.12 20.51 21.10
CA ILE E 274 -48.00 20.86 20.25
C ILE E 274 -47.21 19.58 19.96
N GLU E 275 -47.16 19.17 18.71
CA GLU E 275 -46.46 17.96 18.33
C GLU E 275 -44.96 18.18 18.55
N ILE E 276 -44.31 17.21 19.17
CA ILE E 276 -42.95 17.39 19.64
C ILE E 276 -42.17 16.07 19.58
N GLN E 277 -40.85 16.17 19.36
CA GLN E 277 -39.97 15.03 19.21
C GLN E 277 -38.80 15.16 20.18
N ILE E 278 -38.04 14.09 20.33
CA ILE E 278 -36.85 14.12 21.17
C ILE E 278 -35.82 13.15 20.60
N GLY E 279 -34.54 13.52 20.71
CA GLY E 279 -33.51 12.73 20.08
C GLY E 279 -32.11 13.15 20.48
N VAL E 280 -31.15 12.50 19.85
CA VAL E 280 -29.73 12.69 20.07
C VAL E 280 -29.15 13.18 18.75
N THR E 281 -28.24 14.13 18.82
CA THR E 281 -27.56 14.58 17.62
C THR E 281 -26.14 14.95 18.03
N GLY E 282 -25.35 15.50 17.11
CA GLY E 282 -24.00 15.94 17.43
C GLY E 282 -23.86 17.45 17.58
N GLY E 283 -22.64 17.91 17.89
CA GLY E 283 -22.39 19.34 18.09
C GLY E 283 -22.70 19.71 19.53
N GLY E 284 -22.46 20.97 19.89
CA GLY E 284 -22.83 21.53 21.18
C GLY E 284 -23.75 22.74 21.07
N THR E 285 -24.35 23.19 22.18
CA THR E 285 -25.16 24.43 22.15
C THR E 285 -24.81 25.34 23.31
N ASP E 286 -25.29 26.58 23.23
CA ASP E 286 -25.09 27.58 24.27
C ASP E 286 -25.54 27.09 25.64
N ALA E 287 -26.55 26.22 25.67
CA ALA E 287 -27.17 25.76 26.91
C ALA E 287 -26.18 25.03 27.81
N SER E 288 -25.25 24.32 27.20
CA SER E 288 -24.20 23.66 27.95
C SER E 288 -23.30 24.65 28.68
N ALA E 289 -23.37 25.95 28.33
CA ALA E 289 -22.58 26.95 29.04
C ALA E 289 -23.16 27.28 30.42
N PHE E 290 -24.38 26.83 30.69
CA PHE E 290 -25.03 27.10 31.95
C PHE E 290 -25.21 25.84 32.78
N GLN E 291 -24.69 24.74 32.24
CA GLN E 291 -24.89 23.44 32.85
C GLN E 291 -24.21 23.36 34.22
N ASP E 292 -23.33 24.30 34.51
CA ASP E 292 -22.77 24.42 35.86
C ASP E 292 -23.58 25.29 36.85
N ARG E 293 -24.75 25.80 36.43
CA ARG E 293 -25.55 26.75 37.22
C ARG E 293 -27.03 26.41 37.21
N SER E 294 -27.51 25.93 36.06
CA SER E 294 -28.93 25.87 35.79
C SER E 294 -29.32 24.50 35.34
N LYS E 295 -30.62 24.21 35.36
CA LYS E 295 -31.10 23.09 34.57
C LYS E 295 -31.07 23.55 33.12
N THR E 296 -30.61 22.69 32.22
CA THR E 296 -30.37 23.12 30.84
C THR E 296 -31.04 22.18 29.84
N LEU E 297 -31.36 22.74 28.69
CA LEU E 297 -31.96 21.97 27.62
C LEU E 297 -31.77 22.75 26.33
N ALA E 298 -31.70 22.05 25.21
CA ALA E 298 -31.69 22.71 23.90
C ALA E 298 -32.96 22.31 23.17
N LEU E 299 -33.66 23.31 22.61
CA LEU E 299 -34.85 23.12 21.80
C LEU E 299 -34.56 23.54 20.38
N SER E 300 -35.09 22.78 19.43
CA SER E 300 -34.61 22.83 18.07
C SER E 300 -35.72 22.61 17.03
N VAL E 301 -35.42 22.96 15.80
CA VAL E 301 -36.14 22.36 14.70
C VAL E 301 -35.13 21.42 14.07
N PRO E 302 -35.59 20.28 13.55
CA PRO E 302 -34.63 19.45 12.83
C PRO E 302 -34.21 20.14 11.53
N ILE E 303 -32.92 20.08 11.21
CA ILE E 303 -32.38 20.73 10.03
C ILE E 303 -31.52 19.79 9.19
N LYS E 304 -31.84 19.66 7.91
CA LYS E 304 -31.03 18.82 7.00
C LYS E 304 -29.91 19.64 6.40
N TYR E 305 -28.80 18.96 6.10
CA TYR E 305 -27.64 19.57 5.45
C TYR E 305 -27.03 20.72 6.23
N LEU E 306 -27.05 20.60 7.57
CA LEU E 306 -26.46 21.63 8.44
C LEU E 306 -25.12 22.14 7.92
N HIS E 307 -24.88 23.42 8.14
CA HIS E 307 -23.60 24.05 7.82
C HIS E 307 -23.23 24.03 6.34
N SER E 308 -24.23 24.15 5.49
CA SER E 308 -23.99 24.27 4.06
C SER E 308 -24.92 25.37 3.60
N GLU E 309 -24.82 25.78 2.35
CA GLU E 309 -25.74 26.83 1.91
C GLU E 309 -27.07 26.22 1.51
N VAL E 310 -27.23 24.94 1.78
CA VAL E 310 -28.42 24.22 1.37
C VAL E 310 -29.18 23.63 2.58
N GLU E 311 -28.81 24.09 3.77
CA GLU E 311 -29.44 23.59 4.98
C GLU E 311 -30.93 23.95 4.98
N THR E 312 -31.75 23.04 5.49
CA THR E 312 -33.17 23.07 5.22
C THR E 312 -33.99 22.80 6.49
N LEU E 313 -34.94 23.69 6.80
CA LEU E 313 -35.92 23.43 7.85
C LEU E 313 -37.34 23.34 7.30
N HIS E 314 -38.24 22.85 8.14
CA HIS E 314 -39.66 22.75 7.81
C HIS E 314 -40.39 23.89 8.53
N LEU E 315 -41.07 24.74 7.75
CA LEU E 315 -41.80 25.90 8.29
C LEU E 315 -42.77 25.55 9.43
N ASN E 316 -43.48 24.45 9.31
CA ASN E 316 -44.39 24.02 10.37
C ASN E 316 -43.67 23.74 11.68
N ASP E 317 -42.49 23.14 11.61
CA ASP E 317 -41.69 22.90 12.81
C ASP E 317 -41.36 24.23 13.47
N LEU E 318 -40.97 25.20 12.65
CA LEU E 318 -40.59 26.49 13.15
C LEU E 318 -41.79 27.17 13.80
N GLU E 319 -42.94 27.09 13.15
CA GLU E 319 -44.16 27.69 13.70
C GLU E 319 -44.51 27.08 15.06
N LYS E 320 -44.43 25.77 15.18
CA LYS E 320 -44.74 25.13 16.45
CA LYS E 320 -44.72 25.09 16.44
C LYS E 320 -43.71 25.46 17.54
N LEU E 321 -42.47 25.70 17.14
CA LEU E 321 -41.41 26.00 18.12
C LEU E 321 -41.69 27.32 18.83
N VAL E 322 -42.03 28.34 18.05
CA VAL E 322 -42.42 29.63 18.62
C VAL E 322 -43.59 29.50 19.61
N LYS E 323 -44.56 28.66 19.26
CA LYS E 323 -45.68 28.37 20.14
C LYS E 323 -45.15 27.75 21.42
N LEU E 324 -44.23 26.80 21.28
CA LEU E 324 -43.71 26.10 22.44
C LEU E 324 -42.96 27.06 23.36
N ILE E 325 -42.17 27.95 22.78
CA ILE E 325 -41.36 28.90 23.55
C ILE E 325 -42.24 29.80 24.40
N GLU E 326 -43.34 30.26 23.80
CA GLU E 326 -44.31 31.09 24.53
C GLU E 326 -45.04 30.29 25.62
N ALA E 327 -45.48 29.08 25.27
CA ALA E 327 -46.06 28.16 26.24
C ALA E 327 -45.14 27.97 27.45
N LEU E 328 -43.83 27.82 27.20
CA LEU E 328 -42.86 27.63 28.29
C LEU E 328 -42.76 28.86 29.16
N ALA E 329 -42.70 30.01 28.50
CA ALA E 329 -42.65 31.28 29.20
C ALA E 329 -43.85 31.44 30.16
N PHE E 330 -45.02 30.95 29.75
CA PHE E 330 -46.20 31.00 30.59
C PHE E 330 -46.20 29.94 31.69
N GLU E 331 -45.83 28.70 31.37
CA GLU E 331 -46.13 27.60 32.27
C GLU E 331 -44.96 26.90 32.95
N LEU E 332 -43.74 27.16 32.52
CA LEU E 332 -42.60 26.41 33.02
C LEU E 332 -42.45 26.70 34.50
N SER F 3 -20.93 -45.68 -30.57
CA SER F 3 -19.98 -44.56 -30.58
C SER F 3 -19.46 -44.21 -29.19
N MET F 4 -18.14 -44.17 -29.02
CA MET F 4 -17.53 -43.76 -27.75
C MET F 4 -17.97 -42.34 -27.38
N ILE F 5 -18.01 -41.47 -28.39
CA ILE F 5 -18.40 -40.08 -28.23
C ILE F 5 -19.82 -39.96 -27.72
N GLU F 6 -20.70 -40.77 -28.29
CA GLU F 6 -22.13 -40.66 -28.01
C GLU F 6 -22.46 -41.17 -26.59
N LYS F 7 -21.71 -42.17 -26.14
CA LYS F 7 -21.88 -42.65 -24.78
C LYS F 7 -21.53 -41.52 -23.82
N LEU F 8 -20.34 -40.95 -24.01
CA LEU F 8 -19.87 -39.84 -23.17
C LEU F 8 -20.93 -38.76 -23.13
N LYS F 9 -21.45 -38.42 -24.31
CA LYS F 9 -22.43 -37.34 -24.45
C LYS F 9 -23.72 -37.65 -23.73
N LYS F 10 -24.10 -38.93 -23.75
CA LYS F 10 -25.30 -39.39 -23.09
C LYS F 10 -25.17 -39.22 -21.57
N PHE F 11 -24.05 -39.70 -21.01
CA PHE F 11 -23.85 -39.68 -19.57
C PHE F 11 -23.45 -38.33 -18.97
N THR F 12 -22.77 -37.49 -19.74
CA THR F 12 -22.41 -36.17 -19.23
C THR F 12 -23.64 -35.27 -19.21
N GLN F 13 -24.61 -35.57 -20.08
CA GLN F 13 -25.83 -34.77 -20.12
C GLN F 13 -26.77 -34.97 -18.91
N ILE F 14 -26.56 -36.05 -18.15
CA ILE F 14 -27.45 -36.35 -17.03
C ILE F 14 -27.08 -35.58 -15.76
N PRO F 15 -28.01 -34.78 -15.23
CA PRO F 15 -27.73 -33.96 -14.06
C PRO F 15 -27.77 -34.74 -12.74
N GLY F 16 -26.67 -34.68 -11.98
CA GLY F 16 -26.59 -35.30 -10.67
C GLY F 16 -25.41 -34.84 -9.81
N ILE F 17 -25.61 -33.81 -8.99
CA ILE F 17 -24.57 -33.42 -8.04
C ILE F 17 -24.43 -34.45 -6.91
N SER F 18 -23.43 -34.22 -6.05
CA SER F 18 -23.19 -35.10 -4.90
C SER F 18 -24.42 -35.14 -3.99
N GLY F 19 -24.80 -36.35 -3.58
CA GLY F 19 -25.99 -36.51 -2.77
C GLY F 19 -27.24 -36.70 -3.62
N TYR F 20 -27.15 -36.31 -4.88
CA TYR F 20 -28.28 -36.32 -5.80
C TYR F 20 -27.98 -37.10 -7.07
N GLU F 21 -27.41 -38.28 -6.92
CA GLU F 21 -26.97 -39.07 -8.06
C GLU F 21 -28.06 -39.93 -8.74
N GLU F 22 -29.33 -39.78 -8.34
CA GLU F 22 -30.43 -40.69 -8.81
C GLU F 22 -30.39 -40.97 -10.30
N ARG F 23 -30.61 -39.91 -11.07
CA ARG F 23 -30.75 -39.99 -12.50
C ARG F 23 -29.57 -40.68 -13.17
N ILE F 24 -28.37 -40.50 -12.62
CA ILE F 24 -27.20 -41.15 -13.21
C ILE F 24 -27.24 -42.64 -12.89
N ARG F 25 -27.51 -42.97 -11.64
CA ARG F 25 -27.58 -44.37 -11.23
C ARG F 25 -28.68 -45.11 -12.03
N GLU F 26 -29.82 -44.46 -12.21
CA GLU F 26 -30.91 -45.06 -12.99
C GLU F 26 -30.46 -45.40 -14.40
N GLU F 27 -29.85 -44.44 -15.10
CA GLU F 27 -29.40 -44.73 -16.46
C GLU F 27 -28.31 -45.80 -16.49
N ILE F 28 -27.44 -45.85 -15.49
CA ILE F 28 -26.46 -46.94 -15.43
C ILE F 28 -27.16 -48.29 -15.29
N ILE F 29 -28.12 -48.37 -14.37
CA ILE F 29 -28.88 -49.61 -14.18
C ILE F 29 -29.54 -50.02 -15.50
N ARG F 30 -30.19 -49.06 -16.13
CA ARG F 30 -30.86 -49.26 -17.42
C ARG F 30 -29.99 -49.99 -18.44
N GLU F 31 -28.68 -49.78 -18.42
CA GLU F 31 -27.89 -50.46 -19.43
C GLU F 31 -26.82 -51.42 -18.93
N ILE F 32 -26.96 -51.84 -17.68
CA ILE F 32 -26.24 -53.00 -17.20
C ILE F 32 -27.22 -54.11 -16.75
N LYS F 33 -28.49 -53.73 -16.59
CA LYS F 33 -29.51 -54.67 -16.16
C LYS F 33 -29.50 -55.95 -17.01
N ASP F 34 -29.36 -55.79 -18.32
CA ASP F 34 -29.31 -56.93 -19.24
C ASP F 34 -28.11 -57.87 -18.98
N PHE F 35 -27.03 -57.32 -18.44
CA PHE F 35 -25.75 -58.06 -18.40
C PHE F 35 -25.38 -58.64 -17.04
N ALA F 36 -25.81 -58.04 -15.93
CA ALA F 36 -25.42 -58.58 -14.62
C ALA F 36 -26.31 -58.15 -13.48
N ASP F 37 -26.18 -58.86 -12.35
CA ASP F 37 -26.87 -58.51 -11.12
C ASP F 37 -26.26 -57.26 -10.52
N TYR F 38 -27.05 -56.52 -9.74
CA TYR F 38 -26.56 -55.29 -9.14
C TYR F 38 -27.26 -55.02 -7.81
N LYS F 39 -26.61 -54.21 -6.99
CA LYS F 39 -27.14 -53.81 -5.70
C LYS F 39 -26.98 -52.30 -5.52
N VAL F 40 -27.86 -51.72 -4.71
CA VAL F 40 -27.80 -50.30 -4.41
C VAL F 40 -27.70 -50.04 -2.90
N ASP F 41 -26.63 -49.34 -2.53
CA ASP F 41 -26.29 -48.96 -1.17
C ASP F 41 -27.32 -48.12 -0.45
N ALA F 42 -27.23 -48.08 0.86
CA ALA F 42 -28.05 -47.16 1.68
C ALA F 42 -27.54 -45.72 1.56
N ILE F 43 -26.41 -45.53 0.88
CA ILE F 43 -25.98 -44.16 0.59
C ILE F 43 -26.16 -43.85 -0.89
N GLY F 44 -26.23 -44.88 -1.72
CA GLY F 44 -26.47 -44.68 -3.14
C GLY F 44 -25.51 -45.36 -4.11
N ASN F 45 -24.41 -45.90 -3.59
CA ASN F 45 -23.46 -46.64 -4.41
C ASN F 45 -24.17 -47.73 -5.21
N LEU F 46 -23.86 -47.85 -6.50
CA LEU F 46 -24.35 -48.93 -7.33
C LEU F 46 -23.25 -49.96 -7.57
N ILE F 47 -23.39 -51.14 -6.97
CA ILE F 47 -22.36 -52.18 -7.06
C ILE F 47 -22.78 -53.32 -7.99
N VAL F 48 -21.80 -53.86 -8.72
CA VAL F 48 -22.01 -54.93 -9.70
C VAL F 48 -20.89 -55.94 -9.62
N GLU F 49 -21.18 -57.13 -9.05
CA GLU F 49 -20.18 -58.16 -8.83
C GLU F 49 -20.07 -59.15 -10.00
N LEU F 50 -18.83 -59.47 -10.37
CA LEU F 50 -18.58 -60.52 -11.35
C LEU F 50 -17.72 -61.60 -10.72
N GLY F 51 -18.02 -62.85 -11.06
CA GLY F 51 -17.31 -64.00 -10.51
C GLY F 51 -17.78 -64.33 -9.12
N GLU F 52 -16.94 -65.05 -8.38
CA GLU F 52 -17.28 -65.45 -7.02
C GLU F 52 -16.01 -65.97 -6.35
N GLY F 53 -16.02 -66.02 -5.03
CA GLY F 53 -14.86 -66.43 -4.27
C GLY F 53 -14.33 -65.27 -3.45
N GLU F 54 -13.02 -65.10 -3.45
CA GLU F 54 -12.41 -63.99 -2.72
C GLU F 54 -12.48 -62.72 -3.55
N GLU F 55 -12.77 -61.59 -2.88
CA GLU F 55 -12.76 -60.28 -3.51
C GLU F 55 -11.34 -59.93 -3.99
N ARG F 56 -11.16 -59.99 -5.30
CA ARG F 56 -9.84 -59.80 -5.90
C ARG F 56 -9.62 -58.33 -6.25
N ILE F 57 -10.48 -57.79 -7.10
CA ILE F 57 -10.36 -56.41 -7.56
C ILE F 57 -11.63 -55.62 -7.32
N LEU F 58 -11.45 -54.36 -6.93
CA LEU F 58 -12.54 -53.39 -6.89
C LEU F 58 -12.22 -52.22 -7.84
N PHE F 59 -13.16 -51.86 -8.71
CA PHE F 59 -13.04 -50.68 -9.55
C PHE F 59 -14.11 -49.68 -9.19
N MET F 60 -13.72 -48.46 -8.83
CA MET F 60 -14.68 -47.42 -8.49
C MET F 60 -14.60 -46.24 -9.44
N ALA F 61 -15.75 -45.88 -10.01
CA ALA F 61 -15.89 -44.62 -10.74
C ALA F 61 -17.08 -43.88 -10.14
N HIS F 62 -16.99 -42.56 -9.99
CA HIS F 62 -18.04 -41.84 -9.29
C HIS F 62 -19.09 -41.20 -10.19
N MET F 63 -20.32 -41.19 -9.70
CA MET F 63 -21.48 -40.74 -10.46
C MET F 63 -21.79 -39.26 -10.27
N ASP F 64 -21.35 -38.70 -9.14
CA ASP F 64 -21.61 -37.29 -8.85
C ASP F 64 -20.74 -36.34 -9.69
N GLU F 65 -21.29 -35.17 -9.99
CA GLU F 65 -20.54 -34.07 -10.56
C GLU F 65 -20.64 -32.88 -9.60
N ILE F 66 -19.80 -31.87 -9.80
CA ILE F 66 -19.88 -30.67 -8.97
C ILE F 66 -21.09 -29.84 -9.41
N GLY F 67 -21.61 -29.01 -8.53
CA GLY F 67 -22.79 -28.24 -8.86
C GLY F 67 -23.22 -27.25 -7.81
N LEU F 68 -24.47 -26.81 -7.92
CA LEU F 68 -25.05 -25.77 -7.08
C LEU F 68 -26.22 -26.35 -6.30
N LEU F 69 -26.25 -26.09 -4.99
CA LEU F 69 -27.38 -26.51 -4.15
C LEU F 69 -28.20 -25.28 -3.78
N ILE F 70 -29.49 -25.30 -4.12
CA ILE F 70 -30.34 -24.14 -3.85
C ILE F 70 -30.50 -23.99 -2.33
N THR F 71 -30.19 -22.82 -1.80
CA THR F 71 -30.28 -22.62 -0.36
C THR F 71 -31.48 -21.81 0.04
N GLY F 72 -32.05 -21.06 -0.88
CA GLY F 72 -33.16 -20.19 -0.51
C GLY F 72 -33.62 -19.33 -1.66
N ILE F 73 -34.77 -18.69 -1.51
CA ILE F 73 -35.33 -17.80 -2.51
C ILE F 73 -35.36 -16.37 -1.98
N THR F 74 -35.04 -15.39 -2.83
CA THR F 74 -35.05 -13.99 -2.41
C THR F 74 -36.44 -13.41 -2.61
N ASP F 75 -36.62 -12.17 -2.19
CA ASP F 75 -37.89 -11.47 -2.33
C ASP F 75 -38.27 -11.23 -3.80
N GLU F 76 -37.28 -11.18 -4.67
CA GLU F 76 -37.51 -10.89 -6.08
C GLU F 76 -37.72 -12.17 -6.88
N GLY F 77 -37.61 -13.31 -6.21
CA GLY F 77 -37.87 -14.58 -6.85
C GLY F 77 -36.62 -15.21 -7.43
N LYS F 78 -35.46 -14.69 -7.03
CA LYS F 78 -34.17 -15.27 -7.43
C LYS F 78 -33.76 -16.41 -6.50
N LEU F 79 -32.92 -17.31 -7.00
CA LEU F 79 -32.44 -18.45 -6.23
C LEU F 79 -31.04 -18.22 -5.68
N ARG F 80 -30.92 -18.25 -4.34
CA ARG F 80 -29.61 -18.25 -3.69
C ARG F 80 -29.05 -19.68 -3.66
N PHE F 81 -27.73 -19.81 -3.61
CA PHE F 81 -27.13 -21.13 -3.68
C PHE F 81 -25.76 -21.23 -3.04
N ARG F 82 -25.32 -22.46 -2.88
CA ARG F 82 -24.02 -22.76 -2.33
C ARG F 82 -23.38 -23.78 -3.27
N LYS F 83 -22.07 -23.83 -3.34
CA LYS F 83 -21.41 -24.78 -4.24
C LYS F 83 -21.24 -26.13 -3.57
N VAL F 84 -21.29 -27.18 -4.40
CA VAL F 84 -21.00 -28.53 -3.95
C VAL F 84 -19.83 -29.05 -4.79
N GLY F 85 -18.75 -29.44 -4.13
CA GLY F 85 -17.53 -29.79 -4.87
C GLY F 85 -16.79 -28.50 -5.20
N GLY F 86 -15.56 -28.61 -5.68
CA GLY F 86 -14.77 -27.42 -5.98
C GLY F 86 -15.08 -26.81 -7.34
N ILE F 87 -15.53 -25.57 -7.32
CA ILE F 87 -15.75 -24.80 -8.54
C ILE F 87 -15.16 -23.40 -8.36
N ASP F 88 -14.39 -22.96 -9.36
CA ASP F 88 -13.88 -21.61 -9.43
C ASP F 88 -15.02 -20.60 -9.62
N ASP F 89 -15.15 -19.65 -8.71
CA ASP F 89 -16.19 -18.61 -8.84
C ASP F 89 -16.17 -17.90 -10.20
N ARG F 90 -15.04 -17.94 -10.89
CA ARG F 90 -14.95 -17.27 -12.19
C ARG F 90 -15.82 -17.97 -13.23
N LEU F 91 -16.10 -19.24 -13.00
CA LEU F 91 -16.86 -20.04 -13.94
C LEU F 91 -18.36 -20.00 -13.65
N LEU F 92 -18.80 -19.10 -12.78
CA LEU F 92 -20.21 -19.07 -12.37
C LEU F 92 -20.94 -17.87 -12.96
N TYR F 93 -20.16 -16.89 -13.41
CA TYR F 93 -20.67 -15.60 -13.85
C TYR F 93 -21.15 -15.65 -15.31
N GLY F 94 -22.32 -15.08 -15.57
CA GLY F 94 -22.88 -15.06 -16.91
C GLY F 94 -23.04 -16.45 -17.51
N ARG F 95 -23.91 -17.28 -16.92
CA ARG F 95 -24.05 -18.69 -17.29
C ARG F 95 -25.51 -19.24 -17.28
N HIS F 96 -25.80 -20.16 -18.18
CA HIS F 96 -27.07 -20.90 -18.20
C HIS F 96 -26.97 -22.12 -17.31
N VAL F 97 -28.01 -22.33 -16.51
CA VAL F 97 -28.08 -23.52 -15.67
C VAL F 97 -29.38 -24.29 -15.89
N ASN F 98 -29.33 -25.59 -15.67
CA ASN F 98 -30.56 -26.34 -15.46
C ASN F 98 -30.83 -26.49 -13.96
N VAL F 99 -32.00 -26.01 -13.52
CA VAL F 99 -32.45 -26.20 -12.16
C VAL F 99 -33.31 -27.46 -12.03
N VAL F 100 -32.74 -28.46 -11.35
CA VAL F 100 -33.37 -29.78 -11.22
C VAL F 100 -34.29 -29.86 -9.99
N THR F 101 -35.61 -29.86 -10.23
CA THR F 101 -36.61 -29.99 -9.18
C THR F 101 -37.30 -31.34 -9.24
N GLU F 102 -38.13 -31.62 -8.24
CA GLU F 102 -38.91 -32.86 -8.21
C GLU F 102 -40.02 -32.88 -9.27
N LYS F 103 -40.44 -31.69 -9.72
CA LYS F 103 -41.43 -31.56 -10.79
C LYS F 103 -40.83 -31.60 -12.19
N GLY F 104 -39.50 -31.51 -12.27
CA GLY F 104 -38.81 -31.56 -13.56
C GLY F 104 -37.61 -30.64 -13.64
N ILE F 105 -37.09 -30.47 -14.86
CA ILE F 105 -35.93 -29.63 -15.10
C ILE F 105 -36.35 -28.32 -15.76
N LEU F 106 -35.88 -27.21 -15.22
CA LEU F 106 -36.18 -25.90 -15.79
C LEU F 106 -34.94 -24.98 -15.92
N ASP F 107 -35.04 -23.99 -16.81
CA ASP F 107 -33.90 -23.13 -17.12
C ASP F 107 -33.73 -22.01 -16.10
N GLY F 108 -32.47 -21.68 -15.82
CA GLY F 108 -32.17 -20.45 -15.13
C GLY F 108 -30.89 -19.84 -15.67
N VAL F 109 -30.66 -18.57 -15.35
CA VAL F 109 -29.40 -17.94 -15.69
C VAL F 109 -28.78 -17.27 -14.47
N ILE F 110 -27.45 -17.35 -14.38
CA ILE F 110 -26.69 -16.49 -13.48
C ILE F 110 -26.24 -15.32 -14.33
N GLY F 111 -26.76 -14.14 -14.04
CA GLY F 111 -26.53 -13.00 -14.91
C GLY F 111 -25.15 -12.38 -14.85
N ALA F 112 -24.91 -11.45 -15.77
CA ALA F 112 -23.67 -10.68 -15.82
C ALA F 112 -24.06 -9.24 -16.01
N THR F 113 -23.35 -8.32 -15.38
CA THR F 113 -23.75 -6.92 -15.51
C THR F 113 -23.04 -6.27 -16.70
N PRO F 114 -23.79 -5.53 -17.51
CA PRO F 114 -23.21 -4.95 -18.71
C PRO F 114 -22.37 -3.72 -18.38
N PRO F 115 -21.39 -3.42 -19.24
CA PRO F 115 -20.65 -2.16 -19.13
C PRO F 115 -21.62 -0.97 -19.25
N HIS F 116 -22.62 -1.10 -20.11
CA HIS F 116 -23.62 -0.06 -20.33
C HIS F 116 -24.17 0.59 -19.05
N LEU F 117 -24.07 -0.12 -17.93
CA LEU F 117 -24.55 0.37 -16.63
C LEU F 117 -23.46 0.43 -15.55
N SER F 124 -13.63 -7.15 -11.16
CA SER F 124 -13.13 -8.24 -10.33
C SER F 124 -14.04 -9.49 -10.37
N VAL F 125 -13.60 -10.53 -9.68
CA VAL F 125 -14.31 -11.79 -9.61
C VAL F 125 -15.43 -11.73 -8.57
N ILE F 126 -16.66 -11.97 -9.04
CA ILE F 126 -17.80 -11.95 -8.15
C ILE F 126 -17.87 -13.27 -7.40
N PRO F 127 -17.77 -13.22 -6.07
CA PRO F 127 -17.82 -14.43 -5.24
C PRO F 127 -19.17 -15.13 -5.35
N TRP F 128 -19.17 -16.46 -5.20
CA TRP F 128 -20.38 -17.26 -5.32
C TRP F 128 -21.52 -16.71 -4.47
N TYR F 129 -21.21 -16.20 -3.28
CA TYR F 129 -22.26 -15.82 -2.35
C TYR F 129 -22.96 -14.52 -2.74
N ASP F 130 -22.37 -13.78 -3.68
CA ASP F 130 -22.99 -12.58 -4.22
C ASP F 130 -23.81 -12.86 -5.49
N LEU F 131 -23.82 -14.11 -5.94
CA LEU F 131 -24.57 -14.50 -7.13
C LEU F 131 -25.94 -15.14 -6.85
N VAL F 132 -26.84 -15.06 -7.83
CA VAL F 132 -28.14 -15.70 -7.73
C VAL F 132 -28.54 -16.29 -9.09
N ILE F 133 -29.46 -17.25 -9.08
CA ILE F 133 -30.00 -17.80 -10.33
C ILE F 133 -31.36 -17.16 -10.65
N ASP F 134 -31.46 -16.59 -11.86
CA ASP F 134 -32.70 -16.02 -12.39
C ASP F 134 -33.47 -17.11 -13.16
N ILE F 135 -34.66 -17.47 -12.67
CA ILE F 135 -35.48 -18.49 -13.37
C ILE F 135 -36.75 -17.89 -13.99
N GLY F 136 -36.85 -16.57 -13.97
CA GLY F 136 -37.98 -15.87 -14.59
C GLY F 136 -39.12 -15.57 -13.64
N ALA F 137 -38.96 -15.97 -12.38
CA ALA F 137 -39.97 -15.74 -11.36
C ALA F 137 -39.99 -14.28 -10.95
N GLU F 138 -41.19 -13.71 -10.79
CA GLU F 138 -41.28 -12.29 -10.46
C GLU F 138 -41.46 -12.01 -8.97
N SER F 139 -41.65 -13.06 -8.19
CA SER F 139 -41.78 -12.91 -6.75
C SER F 139 -41.37 -14.17 -6.02
N LYS F 140 -41.05 -14.00 -4.74
CA LYS F 140 -40.68 -15.11 -3.89
C LYS F 140 -41.72 -16.20 -4.03
N GLU F 141 -42.98 -15.82 -3.94
CA GLU F 141 -44.08 -16.77 -3.99
C GLU F 141 -44.18 -17.52 -5.32
N GLU F 142 -43.93 -16.83 -6.42
CA GLU F 142 -43.99 -17.49 -7.73
C GLU F 142 -42.84 -18.49 -7.88
N ALA F 143 -41.71 -18.12 -7.30
CA ALA F 143 -40.51 -18.94 -7.39
C ALA F 143 -40.63 -20.21 -6.55
N LEU F 144 -41.22 -20.08 -5.37
CA LEU F 144 -41.45 -21.23 -4.49
C LEU F 144 -42.30 -22.28 -5.19
N GLU F 145 -43.25 -21.81 -5.97
CA GLU F 145 -44.10 -22.68 -6.76
C GLU F 145 -43.28 -23.48 -7.78
N LEU F 146 -42.13 -22.93 -8.16
CA LEU F 146 -41.26 -23.55 -9.15
C LEU F 146 -40.08 -24.31 -8.55
N VAL F 147 -39.44 -23.73 -7.55
CA VAL F 147 -38.23 -24.33 -6.98
C VAL F 147 -38.29 -24.30 -5.46
N LYS F 148 -37.65 -25.26 -4.82
CA LYS F 148 -37.62 -25.34 -3.36
C LYS F 148 -36.18 -25.39 -2.87
N PRO F 149 -35.94 -24.92 -1.64
CA PRO F 149 -34.62 -25.10 -1.05
C PRO F 149 -34.23 -26.57 -1.09
N LEU F 150 -32.95 -26.84 -1.30
CA LEU F 150 -32.42 -28.20 -1.42
C LEU F 150 -32.72 -28.86 -2.76
N ASP F 151 -33.35 -28.12 -3.67
CA ASP F 151 -33.22 -28.43 -5.08
C ASP F 151 -31.79 -28.09 -5.48
N PHE F 152 -31.36 -28.52 -6.66
CA PHE F 152 -30.00 -28.26 -7.09
C PHE F 152 -29.96 -27.78 -8.54
N ALA F 153 -28.77 -27.39 -9.00
CA ALA F 153 -28.58 -27.02 -10.41
C ALA F 153 -27.19 -27.39 -10.92
N VAL F 154 -27.08 -27.48 -12.24
CA VAL F 154 -25.84 -27.78 -12.92
C VAL F 154 -25.79 -26.89 -14.16
N PHE F 155 -24.60 -26.53 -14.64
CA PHE F 155 -24.55 -25.75 -15.87
C PHE F 155 -25.19 -26.51 -17.03
N LYS F 156 -25.78 -25.77 -17.96
CA LYS F 156 -26.06 -26.34 -19.26
C LYS F 156 -24.71 -26.68 -19.86
N LYS F 157 -24.69 -27.75 -20.62
CA LYS F 157 -23.45 -28.36 -21.08
C LYS F 157 -23.37 -28.43 -22.60
N HIS F 158 -22.58 -27.52 -23.20
CA HIS F 158 -22.19 -27.66 -24.59
C HIS F 158 -21.38 -28.94 -24.69
N PHE F 159 -21.46 -29.59 -25.83
CA PHE F 159 -20.62 -30.74 -26.10
C PHE F 159 -19.81 -30.43 -27.36
N SER F 160 -18.50 -30.58 -27.28
CA SER F 160 -17.62 -30.23 -28.40
C SER F 160 -16.64 -31.34 -28.67
N VAL F 161 -16.37 -31.56 -29.94
CA VAL F 161 -15.36 -32.53 -30.34
C VAL F 161 -14.29 -31.72 -31.06
N LEU F 162 -13.07 -31.80 -30.56
CA LEU F 162 -12.02 -30.96 -31.11
C LEU F 162 -11.16 -31.78 -32.08
N ASN F 163 -11.15 -31.34 -33.33
CA ASN F 163 -10.35 -31.97 -34.37
C ASN F 163 -10.51 -33.49 -34.40
N GLY F 164 -11.72 -33.96 -34.14
CA GLY F 164 -12.06 -35.36 -34.32
C GLY F 164 -11.41 -36.36 -33.36
N LYS F 165 -10.70 -35.87 -32.36
CA LYS F 165 -10.04 -36.78 -31.41
C LYS F 165 -10.17 -36.38 -29.95
N TYR F 166 -10.55 -35.14 -29.70
CA TYR F 166 -10.68 -34.62 -28.35
C TYR F 166 -12.13 -34.33 -28.06
N VAL F 167 -12.59 -34.74 -26.87
CA VAL F 167 -13.93 -34.42 -26.43
C VAL F 167 -13.89 -33.44 -25.27
N SER F 168 -14.79 -32.46 -25.33
CA SER F 168 -14.80 -31.39 -24.38
C SER F 168 -16.20 -31.13 -23.86
N THR F 169 -16.42 -31.39 -22.57
CA THR F 169 -17.71 -31.16 -21.92
C THR F 169 -17.61 -31.26 -20.40
N ARG F 170 -18.47 -30.52 -19.71
CA ARG F 170 -18.62 -30.65 -18.26
C ARG F 170 -19.17 -32.05 -17.91
N GLY F 171 -18.47 -32.74 -17.01
CA GLY F 171 -18.93 -34.04 -16.59
C GLY F 171 -18.05 -35.21 -16.97
N LEU F 172 -17.08 -34.98 -17.86
CA LEU F 172 -16.13 -36.03 -18.21
C LEU F 172 -15.62 -36.64 -16.91
N ASP F 173 -15.37 -35.77 -15.95
CA ASP F 173 -15.07 -36.16 -14.59
C ASP F 173 -16.42 -36.25 -13.88
N ASP F 174 -16.86 -37.46 -13.53
CA ASP F 174 -16.16 -38.71 -13.83
C ASP F 174 -17.08 -39.64 -14.65
N ARG F 175 -17.88 -39.04 -15.52
CA ARG F 175 -18.73 -39.83 -16.39
C ARG F 175 -17.92 -40.65 -17.40
N PHE F 176 -16.70 -40.23 -17.70
CA PHE F 176 -15.84 -41.04 -18.55
C PHE F 176 -15.50 -42.35 -17.84
N GLY F 177 -15.31 -42.29 -16.53
CA GLY F 177 -15.02 -43.49 -15.78
C GLY F 177 -16.24 -44.39 -15.62
N VAL F 178 -17.42 -43.78 -15.56
CA VAL F 178 -18.66 -44.53 -15.52
C VAL F 178 -18.78 -45.37 -16.81
N VAL F 179 -18.75 -44.67 -17.94
CA VAL F 179 -18.75 -45.30 -19.26
C VAL F 179 -17.73 -46.43 -19.36
N ALA F 180 -16.53 -46.18 -18.88
CA ALA F 180 -15.46 -47.16 -19.01
C ALA F 180 -15.82 -48.42 -18.26
N LEU F 181 -16.44 -48.25 -17.10
CA LEU F 181 -16.76 -49.39 -16.25
C LEU F 181 -17.96 -50.14 -16.81
N ILE F 182 -18.91 -49.40 -17.39
CA ILE F 182 -20.06 -50.02 -18.03
C ILE F 182 -19.55 -50.92 -19.15
N GLU F 183 -18.67 -50.38 -19.98
CA GLU F 183 -18.09 -51.11 -21.10
C GLU F 183 -17.34 -52.36 -20.64
N ALA F 184 -16.55 -52.22 -19.58
CA ALA F 184 -15.74 -53.32 -19.08
C ALA F 184 -16.60 -54.47 -18.54
N ILE F 185 -17.67 -54.12 -17.82
CA ILE F 185 -18.64 -55.09 -17.39
C ILE F 185 -19.14 -55.91 -18.58
N LYS F 186 -19.61 -55.20 -19.61
CA LYS F 186 -20.13 -55.85 -20.81
C LYS F 186 -19.17 -56.89 -21.38
N ASP F 187 -17.87 -56.61 -21.36
CA ASP F 187 -16.88 -57.46 -22.03
C ASP F 187 -16.36 -58.59 -21.15
N LEU F 188 -16.53 -58.46 -19.85
CA LEU F 188 -15.94 -59.41 -18.91
C LEU F 188 -16.95 -60.43 -18.42
N VAL F 189 -18.22 -60.10 -18.59
CA VAL F 189 -19.28 -60.87 -17.96
C VAL F 189 -19.35 -62.31 -18.50
N ASP F 190 -19.00 -62.48 -19.77
CA ASP F 190 -19.09 -63.78 -20.44
C ASP F 190 -17.82 -64.62 -20.29
N HIS F 191 -16.89 -64.17 -19.45
CA HIS F 191 -15.61 -64.84 -19.30
C HIS F 191 -15.41 -65.38 -17.89
N GLU F 192 -14.63 -66.45 -17.78
CA GLU F 192 -14.27 -66.98 -16.48
C GLU F 192 -13.30 -66.01 -15.80
N LEU F 193 -13.64 -65.61 -14.59
CA LEU F 193 -12.79 -64.70 -13.81
C LEU F 193 -12.25 -65.43 -12.59
N GLU F 194 -11.01 -65.14 -12.23
CA GLU F 194 -10.33 -65.84 -11.14
C GLU F 194 -10.60 -65.25 -9.75
N GLY F 195 -11.88 -65.15 -9.40
CA GLY F 195 -12.30 -64.59 -8.12
C GLY F 195 -13.35 -63.54 -8.40
N LYS F 196 -13.75 -62.77 -7.38
CA LYS F 196 -14.72 -61.71 -7.62
C LYS F 196 -14.04 -60.40 -8.04
N VAL F 197 -14.56 -59.81 -9.11
CA VAL F 197 -14.15 -58.50 -9.56
C VAL F 197 -15.35 -57.57 -9.40
N ILE F 198 -15.25 -56.62 -8.48
CA ILE F 198 -16.38 -55.75 -8.14
C ILE F 198 -16.29 -54.38 -8.82
N PHE F 199 -17.43 -53.92 -9.30
CA PHE F 199 -17.50 -52.65 -9.99
C PHE F 199 -18.47 -51.76 -9.23
N ALA F 200 -17.98 -50.64 -8.72
CA ALA F 200 -18.84 -49.74 -7.95
C ALA F 200 -18.92 -48.36 -8.57
N PHE F 201 -20.15 -47.91 -8.81
CA PHE F 201 -20.42 -46.54 -9.25
C PHE F 201 -20.75 -45.69 -8.03
N THR F 202 -19.76 -44.93 -7.54
CA THR F 202 -19.86 -44.34 -6.21
C THR F 202 -20.62 -43.02 -6.18
N VAL F 203 -21.06 -42.65 -4.98
CA VAL F 203 -21.69 -41.37 -4.74
C VAL F 203 -20.76 -40.46 -3.95
N GLN F 204 -20.99 -39.16 -4.07
CA GLN F 204 -20.40 -38.18 -3.16
C GLN F 204 -18.86 -38.12 -3.16
N GLU F 205 -18.26 -38.45 -4.29
CA GLU F 205 -16.81 -38.44 -4.36
C GLU F 205 -16.29 -37.01 -4.22
N GLU F 206 -17.04 -36.06 -4.77
CA GLU F 206 -16.60 -34.67 -4.87
C GLU F 206 -16.70 -33.96 -3.52
N VAL F 207 -17.35 -34.62 -2.57
CA VAL F 207 -17.47 -34.03 -1.24
C VAL F 207 -16.81 -34.92 -0.19
N GLY F 208 -15.69 -35.53 -0.55
CA GLY F 208 -14.90 -36.28 0.42
C GLY F 208 -15.05 -37.78 0.40
N LEU F 209 -15.36 -38.32 -0.77
CA LEU F 209 -15.31 -39.77 -0.97
C LEU F 209 -16.27 -40.51 -0.03
N LYS F 210 -17.40 -39.91 0.28
CA LYS F 210 -18.34 -40.48 1.23
C LYS F 210 -18.90 -41.83 0.74
N GLY F 211 -19.18 -41.95 -0.56
CA GLY F 211 -19.62 -43.22 -1.10
C GLY F 211 -18.56 -44.29 -0.91
N ALA F 212 -17.31 -43.95 -1.26
CA ALA F 212 -16.24 -44.93 -1.18
C ALA F 212 -16.00 -45.39 0.24
N LYS F 213 -16.14 -44.45 1.18
CA LYS F 213 -15.91 -44.77 2.59
C LYS F 213 -16.99 -45.70 3.11
N PHE F 214 -18.22 -45.49 2.65
CA PHE F 214 -19.33 -46.34 3.00
C PHE F 214 -19.06 -47.73 2.44
N LEU F 215 -18.64 -47.74 1.18
CA LEU F 215 -18.32 -48.97 0.48
C LEU F 215 -17.24 -49.76 1.23
N ALA F 216 -16.31 -49.06 1.86
CA ALA F 216 -15.21 -49.70 2.56
C ALA F 216 -15.65 -50.51 3.80
N ASN F 217 -16.80 -50.19 4.36
CA ASN F 217 -17.30 -50.98 5.48
C ASN F 217 -18.03 -52.26 5.04
N HIS F 218 -18.11 -52.44 3.72
CA HIS F 218 -18.87 -53.55 3.16
C HIS F 218 -18.07 -54.39 2.15
N TYR F 219 -16.82 -54.02 1.92
CA TYR F 219 -16.00 -54.75 0.96
C TYR F 219 -14.53 -54.69 1.34
N TYR F 220 -13.84 -55.81 1.18
CA TYR F 220 -12.43 -55.90 1.57
CA TYR F 220 -12.43 -55.87 1.54
C TYR F 220 -11.62 -56.55 0.45
N PRO F 221 -11.41 -55.83 -0.66
CA PRO F 221 -10.69 -56.33 -1.85
C PRO F 221 -9.18 -56.41 -1.65
N GLN F 222 -8.53 -57.28 -2.42
CA GLN F 222 -7.07 -57.37 -2.37
C GLN F 222 -6.48 -56.10 -3.00
N TYR F 223 -7.07 -55.70 -4.12
CA TYR F 223 -6.69 -54.49 -4.84
C TYR F 223 -7.90 -53.57 -5.02
N ALA F 224 -7.72 -52.28 -4.76
CA ALA F 224 -8.79 -51.31 -4.99
C ALA F 224 -8.35 -50.18 -5.92
N PHE F 225 -9.04 -50.06 -7.06
CA PHE F 225 -8.75 -49.01 -8.03
C PHE F 225 -9.84 -47.95 -8.04
N ALA F 226 -9.45 -46.71 -8.33
CA ALA F 226 -10.39 -45.68 -8.68
C ALA F 226 -10.08 -45.34 -10.12
N ILE F 227 -11.13 -45.04 -10.89
CA ILE F 227 -11.02 -44.66 -12.29
C ILE F 227 -11.58 -43.26 -12.34
N ASP F 228 -10.69 -42.28 -12.53
CA ASP F 228 -11.02 -40.88 -12.31
C ASP F 228 -10.08 -39.98 -13.12
N SER F 229 -10.40 -38.69 -13.17
CA SER F 229 -9.62 -37.72 -13.92
C SER F 229 -8.18 -37.66 -13.43
N PHE F 230 -7.28 -37.19 -14.30
CA PHE F 230 -5.93 -36.84 -13.87
C PHE F 230 -5.68 -35.45 -14.40
N ALA F 231 -5.82 -34.44 -13.54
CA ALA F 231 -5.70 -33.04 -13.97
C ALA F 231 -4.39 -32.85 -14.72
N CYS F 232 -4.49 -32.28 -15.91
CA CYS F 232 -3.27 -32.18 -16.68
C CYS F 232 -2.78 -30.79 -16.98
N CYS F 233 -1.99 -30.76 -18.03
CA CYS F 233 -0.61 -30.34 -17.98
C CYS F 233 -0.13 -29.05 -17.31
N SER F 234 0.88 -29.25 -16.46
CA SER F 234 1.60 -28.19 -15.76
C SER F 234 2.97 -28.75 -15.39
N PRO F 235 3.81 -27.96 -14.70
CA PRO F 235 5.12 -28.44 -14.26
C PRO F 235 5.07 -29.59 -13.25
N LEU F 236 3.97 -29.73 -12.52
CA LEU F 236 3.82 -30.82 -11.55
C LEU F 236 3.64 -32.18 -12.21
N THR F 237 3.10 -32.18 -13.43
CA THR F 237 2.64 -33.43 -14.02
C THR F 237 3.63 -34.11 -14.96
N GLY F 238 4.88 -33.65 -14.95
CA GLY F 238 5.93 -34.34 -15.67
C GLY F 238 5.71 -34.41 -17.18
N ASP F 239 5.96 -35.58 -17.76
CA ASP F 239 5.80 -35.79 -19.20
C ASP F 239 4.37 -36.20 -19.60
N VAL F 240 3.50 -36.36 -18.61
CA VAL F 240 2.13 -36.80 -18.87
C VAL F 240 1.48 -35.89 -19.91
N LYS F 241 0.81 -36.50 -20.88
CA LYS F 241 0.24 -35.74 -21.99
C LYS F 241 -1.00 -36.47 -22.54
N LEU F 242 -2.03 -35.70 -22.90
CA LEU F 242 -3.20 -36.24 -23.56
C LEU F 242 -2.80 -37.01 -24.81
N GLY F 243 -3.35 -38.20 -24.98
CA GLY F 243 -3.12 -38.96 -26.20
C GLY F 243 -1.93 -39.89 -26.12
N LYS F 244 -1.24 -39.87 -24.98
CA LYS F 244 -0.17 -40.82 -24.74
C LYS F 244 -0.63 -41.98 -23.87
N GLY F 245 -1.95 -42.13 -23.74
CA GLY F 245 -2.54 -43.28 -23.09
C GLY F 245 -2.97 -43.10 -21.63
N PRO F 246 -3.55 -44.14 -21.05
CA PRO F 246 -4.03 -44.05 -19.66
C PRO F 246 -2.89 -43.66 -18.77
N VAL F 247 -3.17 -43.06 -17.63
CA VAL F 247 -2.11 -42.72 -16.70
C VAL F 247 -2.34 -43.32 -15.32
N ILE F 248 -1.31 -43.96 -14.79
CA ILE F 248 -1.31 -44.43 -13.43
C ILE F 248 -1.10 -43.21 -12.56
N ARG F 249 -2.15 -42.78 -11.87
CA ARG F 249 -2.04 -41.70 -10.90
C ARG F 249 -1.37 -42.27 -9.66
N ALA F 250 -0.04 -42.20 -9.59
CA ALA F 250 0.72 -42.86 -8.53
C ALA F 250 0.71 -42.15 -7.18
N VAL F 251 0.64 -40.82 -7.23
CA VAL F 251 0.61 -39.99 -6.03
C VAL F 251 -0.31 -38.83 -6.30
N ASP F 252 -1.10 -38.43 -5.30
CA ASP F 252 -1.85 -37.17 -5.38
C ASP F 252 -1.91 -36.52 -3.98
N ASN F 253 -2.82 -35.59 -3.74
CA ASN F 253 -2.90 -34.98 -2.39
C ASN F 253 -3.48 -35.91 -1.32
N SER F 254 -4.22 -36.93 -1.71
CA SER F 254 -4.85 -37.83 -0.74
C SER F 254 -4.05 -39.09 -0.43
N ALA F 255 -3.09 -39.44 -1.28
CA ALA F 255 -2.36 -40.67 -1.06
C ALA F 255 -1.08 -40.81 -1.87
N ILE F 256 -0.12 -41.51 -1.28
CA ILE F 256 0.93 -42.17 -2.03
C ILE F 256 0.43 -43.60 -2.23
N TYR F 257 0.01 -43.91 -3.45
CA TYR F 257 -0.62 -45.20 -3.70
C TYR F 257 0.37 -46.34 -3.69
N SER F 258 -0.17 -47.56 -3.82
CA SER F 258 0.63 -48.77 -3.73
C SER F 258 1.63 -48.86 -4.88
N ARG F 259 2.92 -48.85 -4.56
CA ARG F 259 3.95 -48.97 -5.59
CA ARG F 259 3.97 -48.98 -5.58
C ARG F 259 3.92 -50.38 -6.20
N ASP F 260 3.79 -51.38 -5.35
CA ASP F 260 3.63 -52.78 -5.77
C ASP F 260 2.62 -52.93 -6.88
N LEU F 261 1.40 -52.48 -6.60
CA LEU F 261 0.30 -52.52 -7.56
C LEU F 261 0.63 -51.75 -8.81
N ALA F 262 1.31 -50.61 -8.65
CA ALA F 262 1.68 -49.78 -9.80
C ALA F 262 2.60 -50.54 -10.76
N ARG F 263 3.56 -51.27 -10.20
CA ARG F 263 4.45 -52.07 -11.02
C ARG F 263 3.66 -53.16 -11.78
N LYS F 264 2.79 -53.85 -11.05
CA LYS F 264 1.99 -54.91 -11.64
C LYS F 264 1.16 -54.36 -12.79
N VAL F 265 0.55 -53.20 -12.58
CA VAL F 265 -0.30 -52.57 -13.60
C VAL F 265 0.55 -52.18 -14.80
N TRP F 266 1.75 -51.70 -14.53
CA TRP F 266 2.67 -51.33 -15.60
C TRP F 266 3.04 -52.54 -16.45
N SER F 267 3.45 -53.63 -15.79
CA SER F 267 3.86 -54.84 -16.48
C SER F 267 2.75 -55.40 -17.35
N ILE F 268 1.56 -55.55 -16.76
CA ILE F 268 0.41 -56.07 -17.49
C ILE F 268 0.09 -55.18 -18.69
N ALA F 269 0.35 -53.89 -18.57
CA ALA F 269 0.15 -52.94 -19.67
C ALA F 269 1.18 -53.16 -20.78
N GLU F 270 2.44 -53.35 -20.38
CA GLU F 270 3.50 -53.64 -21.33
C GLU F 270 3.24 -54.93 -22.10
N LYS F 271 3.11 -56.03 -21.37
CA LYS F 271 2.85 -57.34 -21.97
C LYS F 271 1.73 -57.29 -23.01
N ASN F 272 0.72 -56.47 -22.77
CA ASN F 272 -0.43 -56.35 -23.66
C ASN F 272 -0.30 -55.22 -24.69
N GLY F 273 0.90 -54.65 -24.78
CA GLY F 273 1.16 -53.59 -25.75
C GLY F 273 0.23 -52.40 -25.62
N ILE F 274 -0.09 -52.02 -24.39
CA ILE F 274 -0.91 -50.85 -24.15
C ILE F 274 -0.06 -49.66 -23.67
N GLU F 275 -0.13 -48.55 -24.40
CA GLU F 275 0.61 -47.34 -24.05
C GLU F 275 0.16 -46.86 -22.68
N ILE F 276 1.09 -46.75 -21.73
CA ILE F 276 0.74 -46.36 -20.37
C ILE F 276 1.65 -45.25 -19.83
N GLN F 277 1.06 -44.32 -19.07
CA GLN F 277 1.81 -43.19 -18.50
C GLN F 277 1.73 -43.24 -16.98
N ILE F 278 2.66 -42.55 -16.32
CA ILE F 278 2.68 -42.51 -14.87
C ILE F 278 3.09 -41.12 -14.40
N GLY F 279 2.45 -40.63 -13.35
CA GLY F 279 2.75 -39.29 -12.88
C GLY F 279 2.06 -38.88 -11.60
N VAL F 280 2.31 -37.65 -11.18
CA VAL F 280 1.75 -37.09 -9.94
C VAL F 280 0.84 -35.91 -10.26
N THR F 281 -0.24 -35.77 -9.51
CA THR F 281 -1.20 -34.69 -9.75
C THR F 281 -1.83 -34.24 -8.44
N GLY F 282 -2.84 -33.37 -8.54
CA GLY F 282 -3.52 -32.86 -7.36
C GLY F 282 -4.89 -33.48 -7.14
N GLY F 283 -5.36 -33.40 -5.89
CA GLY F 283 -6.66 -33.93 -5.52
C GLY F 283 -6.55 -35.30 -4.87
N GLY F 284 -7.69 -35.95 -4.69
CA GLY F 284 -7.74 -37.31 -4.18
C GLY F 284 -8.71 -38.16 -4.96
N THR F 285 -8.70 -39.47 -4.72
CA THR F 285 -9.65 -40.37 -5.39
C THR F 285 -10.31 -41.30 -4.39
N ASP F 286 -11.41 -41.93 -4.82
CA ASP F 286 -12.05 -43.01 -4.08
C ASP F 286 -11.06 -44.04 -3.53
N ALA F 287 -10.04 -44.39 -4.31
CA ALA F 287 -9.08 -45.41 -3.88
C ALA F 287 -8.47 -45.15 -2.50
N SER F 288 -8.30 -43.89 -2.12
CA SER F 288 -7.65 -43.61 -0.85
C SER F 288 -8.48 -44.03 0.36
N ALA F 289 -9.80 -44.12 0.19
CA ALA F 289 -10.66 -44.67 1.25
C ALA F 289 -10.42 -46.16 1.48
N PHE F 290 -9.59 -46.79 0.66
CA PHE F 290 -9.29 -48.21 0.86
C PHE F 290 -7.83 -48.46 1.26
N GLN F 291 -7.07 -47.37 1.34
CA GLN F 291 -5.67 -47.44 1.76
C GLN F 291 -5.59 -48.01 3.15
N ASP F 292 -6.73 -47.93 3.83
CA ASP F 292 -6.99 -48.54 5.13
C ASP F 292 -6.67 -50.02 5.25
N ARG F 293 -6.68 -50.76 4.14
CA ARG F 293 -6.56 -52.22 4.25
C ARG F 293 -6.49 -52.97 2.91
N SER F 294 -6.49 -52.24 1.81
CA SER F 294 -6.26 -52.86 0.52
C SER F 294 -5.04 -52.21 -0.12
N LYS F 295 -4.49 -52.84 -1.15
CA LYS F 295 -3.48 -52.16 -1.96
C LYS F 295 -4.25 -51.30 -2.92
N THR F 296 -3.88 -50.03 -2.97
CA THR F 296 -4.68 -49.03 -3.69
C THR F 296 -3.91 -48.37 -4.83
N LEU F 297 -4.66 -47.87 -5.80
CA LEU F 297 -4.12 -47.17 -6.95
C LEU F 297 -5.25 -46.47 -7.70
N ALA F 298 -4.91 -45.35 -8.35
CA ALA F 298 -5.84 -44.68 -9.24
C ALA F 298 -5.34 -44.85 -10.67
N LEU F 299 -6.26 -45.09 -11.60
CA LEU F 299 -5.96 -45.14 -13.01
C LEU F 299 -6.82 -44.07 -13.66
N SER F 300 -6.30 -43.42 -14.70
CA SER F 300 -6.97 -42.23 -15.21
C SER F 300 -6.76 -42.05 -16.71
N VAL F 301 -7.54 -41.13 -17.28
CA VAL F 301 -7.08 -40.46 -18.48
C VAL F 301 -6.71 -39.02 -18.10
N PRO F 302 -5.70 -38.45 -18.76
CA PRO F 302 -5.33 -37.05 -18.58
C PRO F 302 -6.46 -36.14 -19.00
N ILE F 303 -6.83 -35.19 -18.14
CA ILE F 303 -7.89 -34.24 -18.47
C ILE F 303 -7.46 -32.76 -18.29
N LYS F 304 -7.68 -31.96 -19.33
CA LYS F 304 -7.36 -30.54 -19.30
C LYS F 304 -8.58 -29.73 -18.87
N TYR F 305 -8.32 -28.62 -18.19
CA TYR F 305 -9.39 -27.68 -17.83
C TYR F 305 -10.41 -28.32 -16.90
N LEU F 306 -9.93 -29.25 -16.09
CA LEU F 306 -10.76 -29.94 -15.11
C LEU F 306 -11.66 -29.01 -14.30
N HIS F 307 -12.88 -29.46 -14.06
CA HIS F 307 -13.86 -28.75 -13.27
C HIS F 307 -14.38 -27.50 -13.92
N SER F 308 -14.39 -27.51 -15.25
CA SER F 308 -15.07 -26.48 -16.05
C SER F 308 -15.95 -27.17 -17.09
N GLU F 309 -16.76 -26.38 -17.81
CA GLU F 309 -17.49 -26.90 -18.96
C GLU F 309 -16.61 -27.24 -20.15
N VAL F 310 -15.32 -26.91 -20.09
CA VAL F 310 -14.48 -27.20 -21.25
C VAL F 310 -13.42 -28.24 -20.93
N GLU F 311 -13.60 -28.97 -19.83
CA GLU F 311 -12.64 -30.02 -19.49
C GLU F 311 -12.59 -31.00 -20.66
N THR F 312 -11.42 -31.54 -20.92
CA THR F 312 -11.19 -32.22 -22.19
C THR F 312 -10.35 -33.48 -22.02
N LEU F 313 -10.75 -34.55 -22.70
CA LEU F 313 -9.93 -35.75 -22.79
C LEU F 313 -9.66 -36.14 -24.24
N HIS F 314 -8.75 -37.09 -24.43
CA HIS F 314 -8.41 -37.61 -25.75
C HIS F 314 -8.99 -39.01 -25.90
N LEU F 315 -9.87 -39.20 -26.88
CA LEU F 315 -10.60 -40.46 -27.04
C LEU F 315 -9.71 -41.69 -27.05
N ASN F 316 -8.48 -41.57 -27.53
CA ASN F 316 -7.61 -42.74 -27.58
C ASN F 316 -7.16 -43.25 -26.22
N ASP F 317 -6.94 -42.34 -25.28
CA ASP F 317 -6.64 -42.74 -23.91
C ASP F 317 -7.81 -43.53 -23.29
N LEU F 318 -9.03 -43.09 -23.58
CA LEU F 318 -10.22 -43.77 -23.11
C LEU F 318 -10.24 -45.23 -23.58
N GLU F 319 -10.17 -45.42 -24.90
CA GLU F 319 -10.06 -46.75 -25.49
C GLU F 319 -9.05 -47.61 -24.76
N LYS F 320 -7.83 -47.08 -24.64
CA LYS F 320 -6.74 -47.82 -24.04
C LYS F 320 -7.01 -48.10 -22.56
N LEU F 321 -7.75 -47.22 -21.90
CA LEU F 321 -8.08 -47.43 -20.50
C LEU F 321 -8.96 -48.66 -20.31
N VAL F 322 -10.02 -48.77 -21.09
CA VAL F 322 -10.89 -49.95 -20.98
C VAL F 322 -10.13 -51.25 -21.25
N LYS F 323 -9.28 -51.28 -22.28
CA LYS F 323 -8.47 -52.47 -22.53
C LYS F 323 -7.66 -52.79 -21.29
N LEU F 324 -7.09 -51.76 -20.68
CA LEU F 324 -6.22 -51.94 -19.53
C LEU F 324 -7.03 -52.52 -18.38
N ILE F 325 -8.21 -51.96 -18.19
CA ILE F 325 -9.12 -52.43 -17.17
C ILE F 325 -9.49 -53.91 -17.40
N GLU F 326 -9.88 -54.25 -18.63
CA GLU F 326 -10.16 -55.64 -18.99
C GLU F 326 -8.96 -56.56 -18.74
N ALA F 327 -7.79 -56.16 -19.17
CA ALA F 327 -6.57 -56.93 -18.95
C ALA F 327 -6.24 -57.15 -17.47
N LEU F 328 -6.55 -56.15 -16.65
CA LEU F 328 -6.30 -56.27 -15.21
C LEU F 328 -7.25 -57.31 -14.62
N ALA F 329 -8.50 -57.27 -15.06
CA ALA F 329 -9.48 -58.28 -14.65
C ALA F 329 -8.96 -59.72 -14.89
N PHE F 330 -8.38 -59.95 -16.05
CA PHE F 330 -7.90 -61.29 -16.40
C PHE F 330 -6.57 -61.66 -15.79
N GLU F 331 -5.74 -60.67 -15.47
CA GLU F 331 -4.32 -60.93 -15.20
C GLU F 331 -3.79 -60.46 -13.85
N LEU F 332 -4.51 -59.57 -13.18
CA LEU F 332 -3.98 -59.00 -11.94
C LEU F 332 -3.98 -60.03 -10.82
N MET G 2 -22.16 -5.80 53.97
CA MET G 2 -21.50 -6.09 55.25
C MET G 2 -19.96 -6.14 55.09
N SER G 3 -19.44 -7.17 54.42
CA SER G 3 -18.01 -7.19 54.11
C SER G 3 -17.71 -6.14 53.04
N MET G 4 -16.44 -5.75 52.94
CA MET G 4 -16.01 -4.82 51.90
C MET G 4 -16.36 -5.41 50.52
N ILE G 5 -15.98 -6.67 50.30
CA ILE G 5 -16.37 -7.38 49.09
C ILE G 5 -17.87 -7.28 48.79
N GLU G 6 -18.73 -7.49 49.79
CA GLU G 6 -20.17 -7.38 49.59
C GLU G 6 -20.65 -5.96 49.23
N LYS G 7 -20.01 -4.95 49.83
CA LYS G 7 -20.35 -3.56 49.56
C LYS G 7 -20.00 -3.19 48.12
N LEU G 8 -18.87 -3.68 47.66
CA LEU G 8 -18.39 -3.44 46.30
C LEU G 8 -19.36 -4.06 45.31
N LYS G 9 -19.70 -5.33 45.52
CA LYS G 9 -20.66 -6.02 44.67
C LYS G 9 -21.98 -5.27 44.61
N LYS G 10 -22.53 -4.96 45.77
CA LYS G 10 -23.78 -4.20 45.82
C LYS G 10 -23.75 -2.93 44.96
N PHE G 11 -22.76 -2.07 45.21
CA PHE G 11 -22.73 -0.76 44.55
C PHE G 11 -22.30 -0.80 43.07
N THR G 12 -21.45 -1.75 42.71
CA THR G 12 -21.12 -1.90 41.28
C THR G 12 -22.29 -2.51 40.49
N GLN G 13 -23.23 -3.18 41.16
CA GLN G 13 -24.32 -3.83 40.40
C GLN G 13 -25.46 -2.88 40.02
N ILE G 14 -25.54 -1.73 40.66
CA ILE G 14 -26.58 -0.75 40.34
C ILE G 14 -26.27 -0.06 39.02
N PRO G 15 -27.23 -0.06 38.08
CA PRO G 15 -26.98 0.55 36.76
C PRO G 15 -27.19 2.06 36.78
N GLY G 16 -26.22 2.82 36.24
CA GLY G 16 -26.32 4.26 36.19
C GLY G 16 -25.24 4.98 35.42
N ILE G 17 -25.49 5.24 34.14
CA ILE G 17 -24.54 6.00 33.33
C ILE G 17 -24.64 7.50 33.63
N SER G 18 -23.71 8.26 33.06
CA SER G 18 -23.66 9.70 33.24
C SER G 18 -25.00 10.33 32.83
N GLY G 19 -25.50 11.26 33.63
CA GLY G 19 -26.82 11.85 33.37
C GLY G 19 -27.96 11.00 33.92
N TYR G 20 -27.68 9.74 34.18
CA TYR G 20 -28.68 8.79 34.69
C TYR G 20 -28.29 8.14 36.04
N GLU G 21 -27.82 8.94 36.99
CA GLU G 21 -27.33 8.38 38.24
C GLU G 21 -28.39 8.07 39.34
N GLU G 22 -29.68 8.24 39.06
CA GLU G 22 -30.72 8.13 40.12
C GLU G 22 -30.58 6.90 41.00
N ARG G 23 -30.50 5.73 40.38
CA ARG G 23 -30.53 4.49 41.14
C ARG G 23 -29.36 4.43 42.11
N ILE G 24 -28.20 4.92 41.68
CA ILE G 24 -27.05 4.89 42.57
C ILE G 24 -27.20 5.90 43.72
N ARG G 25 -27.71 7.09 43.40
CA ARG G 25 -27.85 8.14 44.39
C ARG G 25 -28.79 7.67 45.51
N GLU G 26 -29.85 6.98 45.12
CA GLU G 26 -30.87 6.54 46.08
C GLU G 26 -30.31 5.45 46.99
N GLU G 27 -29.49 4.59 46.44
CA GLU G 27 -28.86 3.58 47.29
C GLU G 27 -27.90 4.21 48.28
N ILE G 28 -27.19 5.25 47.84
CA ILE G 28 -26.28 5.93 48.75
C ILE G 28 -27.09 6.63 49.83
N ILE G 29 -28.16 7.32 49.42
CA ILE G 29 -29.03 8.00 50.37
C ILE G 29 -29.52 7.03 51.43
N ARG G 30 -30.03 5.89 50.97
CA ARG G 30 -30.62 4.89 51.86
C ARG G 30 -29.63 4.45 52.94
N GLU G 31 -28.34 4.54 52.68
CA GLU G 31 -27.45 4.07 53.72
C GLU G 31 -26.53 5.11 54.35
N ILE G 32 -26.79 6.39 54.07
CA ILE G 32 -26.16 7.45 54.86
C ILE G 32 -27.18 8.27 55.66
N LYS G 33 -28.46 8.18 55.30
CA LYS G 33 -29.48 9.04 55.89
C LYS G 33 -29.62 8.85 57.42
N ASP G 34 -29.40 7.64 57.90
CA ASP G 34 -29.45 7.37 59.34
C ASP G 34 -28.23 7.92 60.04
N PHE G 35 -27.29 8.43 59.27
CA PHE G 35 -26.02 8.90 59.83
C PHE G 35 -25.85 10.40 59.72
N ALA G 36 -26.43 10.99 58.67
CA ALA G 36 -26.11 12.36 58.33
C ALA G 36 -27.21 13.02 57.52
N ASP G 37 -27.22 14.35 57.56
CA ASP G 37 -28.04 15.10 56.62
C ASP G 37 -27.34 15.15 55.28
N TYR G 38 -28.12 15.34 54.22
CA TYR G 38 -27.58 15.43 52.88
C TYR G 38 -28.51 16.32 52.07
N LYS G 39 -28.05 16.76 50.90
CA LYS G 39 -28.91 17.39 49.92
C LYS G 39 -28.56 16.93 48.50
N VAL G 40 -29.49 17.15 47.59
CA VAL G 40 -29.30 16.79 46.19
C VAL G 40 -29.32 18.06 45.33
N ASP G 41 -28.28 18.21 44.51
CA ASP G 41 -28.08 19.30 43.56
C ASP G 41 -29.14 19.35 42.50
N ALA G 42 -29.26 20.51 41.85
CA ALA G 42 -30.14 20.62 40.70
C ALA G 42 -29.60 19.76 39.55
N ILE G 43 -28.31 19.44 39.58
CA ILE G 43 -27.74 18.56 38.56
C ILE G 43 -27.68 17.11 39.01
N GLY G 44 -27.80 16.87 40.30
CA GLY G 44 -27.96 15.50 40.77
C GLY G 44 -26.88 15.02 41.71
N ASN G 45 -25.88 15.87 41.97
CA ASN G 45 -24.87 15.57 42.97
C ASN G 45 -25.52 15.38 44.35
N LEU G 46 -24.97 14.45 45.12
CA LEU G 46 -25.41 14.21 46.48
C LEU G 46 -24.34 14.70 47.44
N ILE G 47 -24.73 15.60 48.34
CA ILE G 47 -23.77 16.25 49.21
C ILE G 47 -24.05 16.00 50.70
N VAL G 48 -23.03 15.52 51.40
CA VAL G 48 -23.11 15.35 52.86
C VAL G 48 -22.08 16.26 53.54
N GLU G 49 -22.57 17.22 54.32
CA GLU G 49 -21.69 18.12 55.09
C GLU G 49 -21.50 17.67 56.54
N LEU G 50 -20.24 17.54 56.95
CA LEU G 50 -19.95 17.24 58.34
C LEU G 50 -19.22 18.42 58.98
N GLY G 51 -19.65 18.78 60.19
CA GLY G 51 -19.00 19.85 60.91
C GLY G 51 -19.63 21.20 60.59
N GLU G 52 -19.04 22.24 61.14
CA GLU G 52 -19.49 23.59 60.90
C GLU G 52 -18.28 24.50 60.82
N GLY G 53 -18.46 25.63 60.16
CA GLY G 53 -17.41 26.62 60.07
C GLY G 53 -16.90 26.80 58.67
N GLU G 54 -15.60 27.07 58.55
CA GLU G 54 -14.94 27.21 57.27
C GLU G 54 -14.99 25.93 56.45
N GLU G 55 -15.20 26.07 55.14
CA GLU G 55 -15.19 24.92 54.24
C GLU G 55 -13.75 24.47 54.04
N ARG G 56 -13.38 23.41 54.75
CA ARG G 56 -12.00 22.98 54.84
C ARG G 56 -11.60 21.97 53.75
N ILE G 57 -12.38 20.89 53.64
CA ILE G 57 -12.03 19.79 52.76
C ILE G 57 -13.27 19.31 52.02
N LEU G 58 -13.11 19.10 50.72
CA LEU G 58 -14.17 18.48 49.92
C LEU G 58 -13.61 17.14 49.43
N PHE G 59 -14.41 16.07 49.52
CA PHE G 59 -14.10 14.82 48.85
C PHE G 59 -15.15 14.52 47.80
N MET G 60 -14.70 14.20 46.58
CA MET G 60 -15.60 13.82 45.48
C MET G 60 -15.31 12.41 44.98
N ALA G 61 -16.36 11.59 44.87
CA ALA G 61 -16.26 10.31 44.21
C ALA G 61 -17.46 10.23 43.31
N HIS G 62 -17.30 9.78 42.06
CA HIS G 62 -18.41 9.92 41.12
C HIS G 62 -19.32 8.71 41.05
N MET G 63 -20.61 8.98 40.82
CA MET G 63 -21.64 7.92 40.81
C MET G 63 -21.86 7.27 39.43
N ASP G 64 -21.53 8.01 38.39
CA ASP G 64 -21.78 7.55 37.03
C ASP G 64 -20.74 6.55 36.55
N GLU G 65 -21.18 5.65 35.68
CA GLU G 65 -20.29 4.72 35.02
C GLU G 65 -20.46 4.96 33.52
N ILE G 66 -19.57 4.38 32.74
CA ILE G 66 -19.66 4.44 31.29
C ILE G 66 -20.75 3.45 30.87
N GLY G 67 -21.27 3.61 29.67
CA GLY G 67 -22.32 2.74 29.17
C GLY G 67 -22.86 3.19 27.81
N LEU G 68 -24.09 2.79 27.51
CA LEU G 68 -24.67 2.99 26.20
C LEU G 68 -25.95 3.81 26.33
N LEU G 69 -26.19 4.70 25.37
CA LEU G 69 -27.43 5.49 25.32
C LEU G 69 -28.25 5.07 24.12
N ILE G 70 -29.51 4.68 24.34
CA ILE G 70 -30.32 4.23 23.20
C ILE G 70 -30.68 5.44 22.32
N THR G 71 -30.39 5.35 21.04
CA THR G 71 -30.63 6.46 20.13
C THR G 71 -31.84 6.23 19.24
N GLY G 72 -32.21 4.96 19.05
CA GLY G 72 -33.30 4.64 18.16
C GLY G 72 -33.51 3.14 17.98
N ILE G 73 -34.56 2.79 17.24
CA ILE G 73 -35.01 1.43 17.05
C ILE G 73 -35.03 1.07 15.56
N THR G 74 -34.33 0.01 15.16
CA THR G 74 -34.31 -0.41 13.75
C THR G 74 -35.64 -1.04 13.36
N ASP G 75 -35.84 -1.18 12.06
CA ASP G 75 -37.05 -1.79 11.50
C ASP G 75 -37.27 -3.20 12.01
N GLU G 76 -36.18 -3.91 12.28
CA GLU G 76 -36.27 -5.28 12.76
C GLU G 76 -36.30 -5.39 14.31
N GLY G 77 -36.51 -4.26 14.98
CA GLY G 77 -36.65 -4.26 16.43
C GLY G 77 -35.40 -4.37 17.29
N LYS G 78 -34.23 -4.02 16.74
CA LYS G 78 -33.02 -3.93 17.55
C LYS G 78 -32.74 -2.48 17.93
N LEU G 79 -32.02 -2.28 19.03
CA LEU G 79 -31.71 -0.94 19.50
C LEU G 79 -30.36 -0.48 18.94
N ARG G 80 -30.35 0.76 18.43
CA ARG G 80 -29.10 1.45 18.12
C ARG G 80 -28.69 2.28 19.32
N PHE G 81 -27.42 2.62 19.38
CA PHE G 81 -26.90 3.34 20.51
C PHE G 81 -25.67 4.16 20.21
N ARG G 82 -25.33 4.95 21.21
CA ARG G 82 -24.20 5.83 21.24
C ARG G 82 -23.45 5.48 22.53
N LYS G 83 -22.14 5.62 22.56
CA LYS G 83 -21.39 5.38 23.79
C LYS G 83 -21.42 6.60 24.70
N VAL G 84 -21.39 6.37 26.01
CA VAL G 84 -21.29 7.48 26.96
C VAL G 84 -20.05 7.24 27.85
N GLY G 85 -19.10 8.17 27.79
CA GLY G 85 -17.81 7.96 28.43
C GLY G 85 -16.95 7.10 27.49
N GLY G 86 -15.72 6.83 27.88
CA GLY G 86 -14.78 6.19 26.97
C GLY G 86 -14.84 4.69 27.08
N ILE G 87 -15.18 4.02 25.98
CA ILE G 87 -15.17 2.56 25.94
C ILE G 87 -14.46 2.06 24.68
N ASP G 88 -13.58 1.08 24.84
CA ASP G 88 -12.97 0.43 23.71
C ASP G 88 -14.05 -0.37 22.95
N ASP G 89 -14.13 -0.15 21.63
CA ASP G 89 -15.11 -0.85 20.77
C ASP G 89 -14.98 -2.35 20.89
N ARG G 90 -13.76 -2.84 21.06
CA ARG G 90 -13.54 -4.28 21.22
C ARG G 90 -14.31 -4.91 22.39
N LEU G 91 -14.78 -4.10 23.37
CA LEU G 91 -15.43 -4.66 24.54
C LEU G 91 -16.97 -4.67 24.40
N LEU G 92 -17.48 -4.30 23.23
CA LEU G 92 -18.90 -4.19 22.99
C LEU G 92 -19.44 -5.45 22.34
N TYR G 93 -18.56 -6.15 21.64
CA TYR G 93 -18.93 -7.25 20.77
C TYR G 93 -19.22 -8.55 21.55
N GLY G 94 -20.38 -9.15 21.29
CA GLY G 94 -20.75 -10.41 21.93
C GLY G 94 -20.88 -10.28 23.45
N ARG G 95 -21.75 -9.38 23.89
CA ARG G 95 -21.87 -9.04 25.29
C ARG G 95 -23.31 -9.01 25.77
N HIS G 96 -23.56 -9.48 26.99
CA HIS G 96 -24.85 -9.28 27.65
C HIS G 96 -24.98 -7.87 28.19
N VAL G 97 -26.16 -7.30 28.06
CA VAL G 97 -26.44 -5.99 28.64
C VAL G 97 -27.76 -5.95 29.39
N ASN G 98 -27.88 -4.99 30.31
CA ASN G 98 -29.17 -4.62 30.86
C ASN G 98 -29.63 -3.30 30.24
N VAL G 99 -30.78 -3.30 29.60
CA VAL G 99 -31.38 -2.07 29.08
C VAL G 99 -32.32 -1.46 30.11
N VAL G 100 -31.98 -0.28 30.59
CA VAL G 100 -32.79 0.36 31.62
C VAL G 100 -33.77 1.33 30.98
N THR G 101 -35.06 1.03 31.12
CA THR G 101 -36.12 1.80 30.47
C THR G 101 -36.97 2.35 31.59
N GLU G 102 -37.89 3.24 31.27
CA GLU G 102 -38.71 3.85 32.30
C GLU G 102 -39.63 2.81 32.98
N LYS G 103 -39.89 1.71 32.27
CA LYS G 103 -40.71 0.60 32.79
C LYS G 103 -39.91 -0.65 33.21
N GLY G 104 -38.86 -0.47 34.00
CA GLY G 104 -38.07 -1.61 34.43
C GLY G 104 -36.80 -1.89 33.63
N ILE G 105 -36.29 -3.11 33.75
CA ILE G 105 -34.98 -3.42 33.21
C ILE G 105 -35.06 -4.66 32.32
N LEU G 106 -34.54 -4.53 31.10
CA LEU G 106 -34.66 -5.58 30.08
C LEU G 106 -33.34 -6.27 29.81
N ASP G 107 -33.35 -7.59 29.70
CA ASP G 107 -32.18 -8.30 29.20
C ASP G 107 -31.97 -7.96 27.72
N GLY G 108 -30.71 -7.81 27.33
CA GLY G 108 -30.35 -7.44 25.97
C GLY G 108 -29.05 -8.12 25.61
N VAL G 109 -28.74 -8.17 24.32
CA VAL G 109 -27.58 -8.89 23.88
C VAL G 109 -27.01 -8.19 22.63
N ILE G 110 -25.71 -7.86 22.67
CA ILE G 110 -25.02 -7.38 21.47
C ILE G 110 -24.34 -8.57 20.83
N GLY G 111 -24.72 -8.87 19.59
CA GLY G 111 -24.41 -10.16 19.01
C GLY G 111 -22.99 -10.37 18.59
N ALA G 112 -22.71 -11.57 18.10
CA ALA G 112 -21.46 -11.87 17.44
C ALA G 112 -21.74 -12.84 16.31
N THR G 113 -21.10 -12.62 15.16
CA THR G 113 -21.26 -13.50 14.01
C THR G 113 -20.37 -14.72 14.10
N PRO G 114 -20.96 -15.91 13.95
CA PRO G 114 -20.19 -17.16 14.10
C PRO G 114 -19.29 -17.41 12.90
N PRO G 115 -18.20 -18.15 13.11
CA PRO G 115 -17.34 -18.64 12.02
C PRO G 115 -18.18 -19.38 11.00
N HIS G 116 -19.17 -20.12 11.51
CA HIS G 116 -20.07 -20.93 10.70
C HIS G 116 -20.68 -20.13 9.56
N LEU G 117 -21.07 -18.89 9.85
CA LEU G 117 -21.78 -18.05 8.87
C LEU G 117 -20.88 -17.01 8.18
N SER G 124 -11.69 -8.20 12.03
CA SER G 124 -11.48 -6.79 12.33
C SER G 124 -12.42 -6.31 13.45
N VAL G 125 -12.08 -5.18 14.08
CA VAL G 125 -12.94 -4.61 15.14
C VAL G 125 -14.18 -3.92 14.58
N ILE G 126 -15.36 -4.42 14.91
CA ILE G 126 -16.60 -3.79 14.48
C ILE G 126 -16.80 -2.51 15.28
N PRO G 127 -17.01 -1.37 14.59
CA PRO G 127 -17.20 -0.07 15.25
C PRO G 127 -18.54 0.02 15.96
N TRP G 128 -18.59 0.81 17.04
CA TRP G 128 -19.79 0.95 17.84
C TRP G 128 -21.04 1.23 16.99
N TYR G 129 -20.87 2.04 15.94
CA TYR G 129 -22.02 2.47 15.13
C TYR G 129 -22.58 1.39 14.21
N ASP G 130 -21.87 0.27 14.12
CA ASP G 130 -22.35 -0.90 13.37
C ASP G 130 -23.01 -2.00 14.24
N LEU G 131 -23.06 -1.79 15.55
CA LEU G 131 -23.63 -2.80 16.44
C LEU G 131 -25.02 -2.42 16.86
N VAL G 132 -25.78 -3.41 17.33
CA VAL G 132 -27.11 -3.12 17.84
C VAL G 132 -27.37 -4.03 19.01
N ILE G 133 -28.35 -3.66 19.81
CA ILE G 133 -28.79 -4.46 20.94
C ILE G 133 -30.07 -5.25 20.61
N ASP G 134 -29.97 -6.57 20.73
CA ASP G 134 -31.10 -7.47 20.49
C ASP G 134 -31.79 -7.77 21.81
N ILE G 135 -33.07 -7.39 21.90
CA ILE G 135 -33.87 -7.60 23.11
C ILE G 135 -35.01 -8.61 22.89
N GLY G 136 -34.97 -9.31 21.76
CA GLY G 136 -35.96 -10.35 21.49
C GLY G 136 -37.26 -9.80 20.94
N ALA G 137 -37.27 -8.52 20.55
CA ALA G 137 -38.43 -7.92 19.89
C ALA G 137 -38.47 -8.38 18.44
N GLU G 138 -39.66 -8.47 17.86
CA GLU G 138 -39.79 -9.00 16.50
C GLU G 138 -39.98 -7.91 15.44
N SER G 139 -40.39 -6.73 15.89
CA SER G 139 -40.65 -5.63 14.97
C SER G 139 -40.29 -4.32 15.65
N LYS G 140 -40.21 -3.27 14.87
CA LYS G 140 -39.97 -1.94 15.38
C LYS G 140 -41.02 -1.63 16.45
N GLU G 141 -42.28 -1.89 16.10
CA GLU G 141 -43.43 -1.61 16.95
C GLU G 141 -43.38 -2.32 18.31
N GLU G 142 -43.10 -3.62 18.29
CA GLU G 142 -42.99 -4.34 19.55
C GLU G 142 -41.86 -3.78 20.41
N ALA G 143 -40.73 -3.46 19.77
CA ALA G 143 -39.60 -2.88 20.49
C ALA G 143 -39.94 -1.53 21.11
N LEU G 144 -40.69 -0.71 20.38
CA LEU G 144 -41.03 0.62 20.85
C LEU G 144 -41.94 0.67 22.07
N GLU G 145 -42.64 -0.44 22.35
CA GLU G 145 -43.41 -0.51 23.60
C GLU G 145 -42.60 -1.09 24.76
N LEU G 146 -41.40 -1.58 24.46
CA LEU G 146 -40.49 -2.05 25.50
C LEU G 146 -39.43 -1.01 25.86
N VAL G 147 -38.91 -0.31 24.84
CA VAL G 147 -37.80 0.64 25.02
C VAL G 147 -37.99 1.90 24.17
N LYS G 148 -37.57 3.06 24.71
CA LYS G 148 -37.60 4.31 23.95
C LYS G 148 -36.21 4.90 23.76
N PRO G 149 -36.05 5.73 22.73
CA PRO G 149 -34.83 6.52 22.62
C PRO G 149 -34.53 7.24 23.93
N LEU G 150 -33.25 7.28 24.32
CA LEU G 150 -32.84 7.98 25.53
C LEU G 150 -33.00 7.14 26.78
N ASP G 151 -33.47 5.91 26.62
CA ASP G 151 -33.20 4.88 27.60
C ASP G 151 -31.69 4.58 27.52
N PHE G 152 -31.18 3.77 28.43
CA PHE G 152 -29.76 3.48 28.45
C PHE G 152 -29.47 2.00 28.70
N ALA G 153 -28.21 1.63 28.50
CA ALA G 153 -27.80 0.26 28.81
C ALA G 153 -26.41 0.20 29.44
N VAL G 154 -26.22 -0.81 30.29
CA VAL G 154 -24.93 -1.15 30.85
C VAL G 154 -24.65 -2.64 30.65
N PHE G 155 -23.39 -3.03 30.58
CA PHE G 155 -23.05 -4.46 30.53
C PHE G 155 -23.58 -5.20 31.76
N LYS G 156 -24.01 -6.45 31.57
CA LYS G 156 -24.21 -7.30 32.74
C LYS G 156 -22.84 -7.47 33.38
N LYS G 157 -22.79 -7.58 34.70
CA LYS G 157 -21.52 -7.59 35.43
C LYS G 157 -21.24 -8.88 36.22
N HIS G 158 -20.24 -9.63 35.77
CA HIS G 158 -19.68 -10.68 36.58
C HIS G 158 -18.90 -10.01 37.69
N PHE G 159 -18.76 -10.71 38.81
CA PHE G 159 -18.01 -10.21 39.95
C PHE G 159 -17.03 -11.30 40.37
N SER G 160 -15.75 -10.99 40.34
CA SER G 160 -14.75 -11.99 40.63
C SER G 160 -13.84 -11.55 41.77
N VAL G 161 -13.33 -12.53 42.52
CA VAL G 161 -12.35 -12.30 43.56
C VAL G 161 -11.19 -13.19 43.22
N LEU G 162 -10.01 -12.61 43.08
CA LEU G 162 -8.88 -13.35 42.56
C LEU G 162 -7.95 -13.65 43.71
N ASN G 163 -7.70 -14.93 43.94
CA ASN G 163 -6.80 -15.36 45.01
C ASN G 163 -7.06 -14.67 46.34
N GLY G 164 -8.31 -14.36 46.62
CA GLY G 164 -8.68 -13.80 47.91
C GLY G 164 -8.40 -12.32 48.15
N LYS G 165 -7.60 -11.68 47.28
CA LYS G 165 -7.14 -10.30 47.54
C LYS G 165 -7.65 -9.25 46.53
N TYR G 166 -7.91 -9.68 45.30
CA TYR G 166 -8.32 -8.76 44.25
C TYR G 166 -9.80 -8.89 43.93
N VAL G 167 -10.43 -7.75 43.63
CA VAL G 167 -11.81 -7.73 43.18
C VAL G 167 -11.84 -7.21 41.73
N SER G 168 -12.49 -7.96 40.85
CA SER G 168 -12.68 -7.59 39.44
C SER G 168 -14.15 -7.52 39.09
N THR G 169 -14.57 -6.34 38.64
CA THR G 169 -15.93 -6.10 38.19
C THR G 169 -16.01 -4.73 37.50
N ARG G 170 -16.84 -4.64 36.48
CA ARG G 170 -17.12 -3.36 35.84
C ARG G 170 -17.73 -2.40 36.85
N GLY G 171 -17.14 -1.22 36.97
CA GLY G 171 -17.74 -0.18 37.79
C GLY G 171 -17.04 0.03 39.13
N LEU G 172 -15.98 -0.72 39.41
CA LEU G 172 -15.09 -0.35 40.51
C LEU G 172 -14.78 1.15 40.38
N ASP G 173 -14.57 1.58 39.14
CA ASP G 173 -14.46 3.00 38.84
C ASP G 173 -15.86 3.53 38.57
N ASP G 174 -16.45 4.28 39.50
CA ASP G 174 -15.80 4.73 40.75
C ASP G 174 -16.65 4.32 41.95
N ARG G 175 -17.29 3.17 41.87
CA ARG G 175 -18.11 2.73 42.98
C ARG G 175 -17.23 2.39 44.20
N PHE G 176 -15.95 2.09 43.98
CA PHE G 176 -15.04 1.87 45.10
C PHE G 176 -14.88 3.20 45.85
N GLY G 177 -14.87 4.29 45.10
CA GLY G 177 -14.85 5.62 45.69
C GLY G 177 -16.12 5.93 46.48
N VAL G 178 -17.26 5.58 45.92
CA VAL G 178 -18.53 5.82 46.57
C VAL G 178 -18.57 5.07 47.91
N VAL G 179 -18.13 3.81 47.89
CA VAL G 179 -18.09 3.00 49.11
C VAL G 179 -17.10 3.58 50.11
N ALA G 180 -15.95 4.04 49.60
CA ALA G 180 -14.92 4.66 50.42
C ALA G 180 -15.44 5.86 51.21
N LEU G 181 -16.21 6.71 50.55
CA LEU G 181 -16.75 7.90 51.19
C LEU G 181 -17.86 7.55 52.19
N ILE G 182 -18.67 6.56 51.87
CA ILE G 182 -19.73 6.12 52.77
C ILE G 182 -19.12 5.61 54.06
N GLU G 183 -18.09 4.79 53.93
CA GLU G 183 -17.38 4.26 55.10
C GLU G 183 -16.78 5.38 55.91
N ALA G 184 -16.12 6.33 55.24
CA ALA G 184 -15.52 7.46 55.93
C ALA G 184 -16.55 8.30 56.69
N ILE G 185 -17.70 8.56 56.06
CA ILE G 185 -18.76 9.31 56.72
C ILE G 185 -19.27 8.57 57.97
N LYS G 186 -19.37 7.25 57.88
CA LYS G 186 -19.84 6.49 59.02
C LYS G 186 -18.88 6.57 60.19
N ASP G 187 -17.57 6.47 59.92
CA ASP G 187 -16.58 6.48 61.01
C ASP G 187 -16.30 7.88 61.56
N LEU G 188 -16.83 8.92 60.91
CA LEU G 188 -16.45 10.27 61.27
C LEU G 188 -17.55 11.05 61.96
N VAL G 189 -18.80 10.62 61.76
CA VAL G 189 -19.95 11.31 62.35
C VAL G 189 -19.84 11.35 63.86
N ASP G 190 -19.15 10.35 64.43
CA ASP G 190 -19.00 10.26 65.88
C ASP G 190 -17.92 11.19 66.46
N HIS G 191 -17.23 11.93 65.59
CA HIS G 191 -16.15 12.80 66.04
C HIS G 191 -16.39 14.26 65.67
N GLU G 192 -15.77 15.16 66.42
CA GLU G 192 -15.88 16.59 66.17
C GLU G 192 -14.74 16.99 65.26
N LEU G 193 -15.01 17.88 64.31
CA LEU G 193 -14.03 18.21 63.29
C LEU G 193 -13.77 19.72 63.16
N GLU G 194 -12.50 20.08 63.05
CA GLU G 194 -12.13 21.47 62.76
C GLU G 194 -12.83 21.93 61.49
N GLY G 195 -13.87 22.74 61.65
CA GLY G 195 -14.60 23.26 60.50
C GLY G 195 -15.35 22.14 59.83
N LYS G 196 -15.87 22.39 58.63
CA LYS G 196 -16.63 21.35 57.95
C LYS G 196 -15.84 20.60 56.87
N VAL G 197 -16.03 19.28 56.83
CA VAL G 197 -15.54 18.47 55.72
C VAL G 197 -16.74 17.98 54.91
N ILE G 198 -16.62 18.09 53.59
CA ILE G 198 -17.76 17.86 52.71
C ILE G 198 -17.51 16.63 51.85
N PHE G 199 -18.55 15.79 51.73
CA PHE G 199 -18.49 14.57 50.93
C PHE G 199 -19.49 14.70 49.79
N ALA G 200 -19.01 14.71 48.56
CA ALA G 200 -19.92 14.81 47.42
C ALA G 200 -19.84 13.60 46.51
N PHE G 201 -20.99 12.98 46.26
CA PHE G 201 -21.12 11.91 45.30
C PHE G 201 -21.60 12.58 44.01
N THR G 202 -20.69 12.69 43.05
CA THR G 202 -20.92 13.54 41.88
C THR G 202 -21.54 12.81 40.71
N VAL G 203 -22.17 13.58 39.81
CA VAL G 203 -22.70 13.08 38.55
C VAL G 203 -21.79 13.45 37.36
N GLN G 204 -21.92 12.71 36.27
CA GLN G 204 -21.36 13.08 34.96
C GLN G 204 -19.85 13.33 34.93
N GLU G 205 -19.12 12.60 35.77
CA GLU G 205 -17.66 12.65 35.76
C GLU G 205 -17.09 12.11 34.43
N GLU G 206 -17.73 11.08 33.89
CA GLU G 206 -17.22 10.37 32.71
C GLU G 206 -17.43 11.15 31.42
N VAL G 207 -18.15 12.27 31.51
CA VAL G 207 -18.41 13.09 30.33
C VAL G 207 -17.92 14.52 30.54
N GLY G 208 -16.82 14.66 31.25
CA GLY G 208 -16.22 15.97 31.38
C GLY G 208 -16.44 16.65 32.72
N LEU G 209 -16.59 15.86 33.79
CA LEU G 209 -16.62 16.42 35.14
C LEU G 209 -17.74 17.43 35.35
N LYS G 210 -18.89 17.21 34.72
CA LYS G 210 -20.00 18.15 34.79
C LYS G 210 -20.59 18.31 36.21
N GLY G 211 -20.69 17.22 36.98
CA GLY G 211 -21.20 17.37 38.33
C GLY G 211 -20.25 18.21 39.17
N ALA G 212 -18.96 17.93 39.05
CA ALA G 212 -17.95 18.61 39.83
C ALA G 212 -17.92 20.10 39.51
N LYS G 213 -18.13 20.45 38.25
CA LYS G 213 -18.15 21.84 37.81
C LYS G 213 -19.32 22.61 38.38
N PHE G 214 -20.47 21.96 38.46
CA PHE G 214 -21.62 22.53 39.12
C PHE G 214 -21.30 22.79 40.60
N LEU G 215 -20.81 21.75 41.26
CA LEU G 215 -20.42 21.81 42.66
C LEU G 215 -19.48 23.00 42.91
N ALA G 216 -18.55 23.21 41.99
CA ALA G 216 -17.53 24.24 42.15
C ALA G 216 -18.15 25.63 42.25
N ASN G 217 -19.37 25.77 41.72
CA ASN G 217 -20.11 27.03 41.85
C ASN G 217 -20.91 27.12 43.15
N HIS G 218 -20.85 26.09 43.98
CA HIS G 218 -21.56 26.10 45.25
C HIS G 218 -20.69 25.89 46.48
N TYR G 219 -19.44 25.47 46.29
CA TYR G 219 -18.51 25.29 47.39
C TYR G 219 -17.14 25.85 47.05
N TYR G 220 -16.46 26.36 48.07
CA TYR G 220 -15.16 26.98 47.88
CA TYR G 220 -15.17 27.01 47.89
C TYR G 220 -14.23 26.52 48.98
N PRO G 221 -13.91 25.21 48.96
CA PRO G 221 -13.10 24.56 50.01
C PRO G 221 -11.63 24.93 49.92
N GLN G 222 -10.94 24.79 51.04
CA GLN G 222 -9.51 24.98 51.06
C GLN G 222 -8.83 23.89 50.24
N TYR G 223 -9.20 22.65 50.50
CA TYR G 223 -8.63 21.50 49.81
C TYR G 223 -9.75 20.74 49.09
N ALA G 224 -9.51 20.36 47.84
CA ALA G 224 -10.49 19.56 47.09
C ALA G 224 -9.86 18.27 46.55
N PHE G 225 -10.45 17.15 46.93
CA PHE G 225 -9.94 15.84 46.60
C PHE G 225 -10.92 15.10 45.71
N ALA G 226 -10.37 14.37 44.74
CA ALA G 226 -11.13 13.40 43.97
C ALA G 226 -10.65 12.03 44.42
N ILE G 227 -11.59 11.17 44.81
CA ILE G 227 -11.28 9.80 45.05
C ILE G 227 -11.71 9.07 43.78
N ASP G 228 -10.76 8.58 43.00
CA ASP G 228 -11.06 7.99 41.71
C ASP G 228 -9.99 6.96 41.38
N SER G 229 -10.18 6.24 40.28
CA SER G 229 -9.22 5.21 39.91
C SER G 229 -7.89 5.81 39.43
N PHE G 230 -6.84 4.99 39.49
CA PHE G 230 -5.54 5.35 38.95
C PHE G 230 -5.16 4.17 38.05
N ALA G 231 -5.18 4.41 36.74
CA ALA G 231 -4.87 3.37 35.75
C ALA G 231 -3.41 2.88 35.85
N CYS G 232 -3.28 1.56 35.89
CA CYS G 232 -2.02 0.91 36.17
C CYS G 232 -2.04 -0.41 35.39
N CYS G 233 -0.90 -0.96 35.03
CA CYS G 233 0.42 -0.42 35.24
C CYS G 233 1.11 -0.42 33.88
N SER G 234 2.03 0.52 33.66
CA SER G 234 2.75 0.58 32.39
C SER G 234 4.02 1.41 32.59
N PRO G 235 4.81 1.62 31.53
CA PRO G 235 5.98 2.51 31.59
C PRO G 235 5.65 3.88 32.19
N LEU G 236 4.51 4.45 31.80
CA LEU G 236 4.10 5.76 32.31
C LEU G 236 3.93 5.81 33.83
N THR G 237 3.56 4.69 34.44
CA THR G 237 3.14 4.69 35.84
C THR G 237 4.23 4.40 36.88
N GLY G 238 5.48 4.35 36.45
CA GLY G 238 6.59 4.19 37.36
C GLY G 238 6.55 2.89 38.15
N ASP G 239 6.71 2.99 39.45
CA ASP G 239 6.73 1.79 40.28
C ASP G 239 5.41 1.59 41.05
N VAL G 240 4.37 2.31 40.64
CA VAL G 240 3.06 2.11 41.23
C VAL G 240 2.59 0.67 40.96
N LYS G 241 2.11 -0.01 41.99
CA LYS G 241 1.70 -1.41 41.87
C LYS G 241 0.49 -1.68 42.74
N LEU G 242 -0.44 -2.49 42.24
CA LEU G 242 -1.57 -2.93 43.05
C LEU G 242 -1.04 -3.57 44.31
N GLY G 243 -1.61 -3.22 45.45
CA GLY G 243 -1.27 -3.90 46.68
C GLY G 243 -0.21 -3.18 47.48
N LYS G 244 0.35 -2.10 46.92
CA LYS G 244 1.38 -1.32 47.59
C LYS G 244 0.82 -0.05 48.22
N GLY G 245 -0.51 0.06 48.26
CA GLY G 245 -1.17 1.14 48.98
C GLY G 245 -1.93 2.09 48.10
N PRO G 246 -2.67 3.03 48.70
CA PRO G 246 -3.34 4.10 47.94
C PRO G 246 -2.31 4.89 47.15
N VAL G 247 -2.71 5.52 46.04
CA VAL G 247 -1.80 6.32 45.24
C VAL G 247 -2.18 7.80 45.26
N ILE G 248 -1.16 8.65 45.41
CA ILE G 248 -1.34 10.05 45.11
C ILE G 248 -1.23 10.22 43.59
N ARG G 249 -2.36 10.48 42.94
CA ARG G 249 -2.36 10.80 41.51
C ARG G 249 -1.90 12.26 41.34
N ALA G 250 -0.59 12.45 41.26
CA ALA G 250 0.01 13.78 41.37
C ALA G 250 -0.15 14.60 40.09
N VAL G 251 -0.10 13.91 38.95
CA VAL G 251 -0.27 14.52 37.63
C VAL G 251 -1.10 13.59 36.75
N ASP G 252 -2.01 14.15 35.96
CA ASP G 252 -2.73 13.37 34.95
C ASP G 252 -2.97 14.23 33.70
N ASN G 253 -3.82 13.77 32.77
CA ASN G 253 -4.09 14.58 31.58
C ASN G 253 -4.95 15.82 31.83
N SER G 254 -5.52 15.93 33.03
CA SER G 254 -6.37 17.08 33.31
C SER G 254 -5.71 18.13 34.20
N ALA G 255 -4.64 17.75 34.91
CA ALA G 255 -3.97 18.69 35.83
C ALA G 255 -2.60 18.22 36.33
N ILE G 256 -1.74 19.21 36.58
CA ILE G 256 -0.65 19.06 37.52
C ILE G 256 -1.22 19.48 38.87
N TYR G 257 -1.43 18.54 39.79
CA TYR G 257 -2.14 18.87 41.03
C TYR G 257 -1.24 19.59 42.04
N SER G 258 -1.82 19.98 43.16
CA SER G 258 -1.09 20.77 44.17
C SER G 258 0.08 19.99 44.76
N ARG G 259 1.28 20.46 44.53
CA ARG G 259 2.46 19.76 45.01
C ARG G 259 2.57 19.80 46.53
N ASP G 260 2.18 20.91 47.15
CA ASP G 260 2.30 20.98 48.61
C ASP G 260 1.15 20.23 49.27
N LEU G 261 0.01 20.17 48.61
CA LEU G 261 -1.08 19.33 49.10
C LEU G 261 -0.65 17.88 49.09
N ALA G 262 0.03 17.47 48.02
CA ALA G 262 0.57 16.12 47.93
C ALA G 262 1.56 15.83 49.05
N ARG G 263 2.40 16.83 49.36
CA ARG G 263 3.46 16.69 50.35
C ARG G 263 2.83 16.46 51.71
N LYS G 264 1.78 17.23 51.99
CA LYS G 264 1.00 17.14 53.19
C LYS G 264 0.31 15.77 53.34
N VAL G 265 -0.30 15.29 52.25
CA VAL G 265 -0.97 14.01 52.28
C VAL G 265 0.06 12.93 52.58
N TRP G 266 1.19 13.00 51.89
CA TRP G 266 2.28 12.07 52.11
C TRP G 266 2.68 12.07 53.58
N SER G 267 2.77 13.26 54.16
CA SER G 267 3.23 13.42 55.52
C SER G 267 2.21 12.77 56.48
N ILE G 268 0.93 13.03 56.25
CA ILE G 268 -0.12 12.47 57.09
C ILE G 268 -0.21 10.95 56.98
N ALA G 269 0.10 10.39 55.82
CA ALA G 269 0.07 8.95 55.66
C ALA G 269 1.21 8.34 56.48
N GLU G 270 2.36 8.99 56.37
CA GLU G 270 3.56 8.63 57.10
C GLU G 270 3.30 8.54 58.61
N LYS G 271 2.80 9.63 59.18
CA LYS G 271 2.53 9.71 60.60
C LYS G 271 1.65 8.54 61.05
N ASN G 272 0.79 8.08 60.15
CA ASN G 272 -0.17 7.02 60.47
C ASN G 272 0.24 5.61 60.05
N GLY G 273 1.48 5.47 59.58
CA GLY G 273 1.96 4.18 59.12
C GLY G 273 1.15 3.60 57.97
N ILE G 274 0.51 4.48 57.20
CA ILE G 274 -0.19 4.03 55.99
C ILE G 274 0.73 4.05 54.78
N GLU G 275 0.98 2.85 54.27
CA GLU G 275 1.74 2.64 53.04
C GLU G 275 1.17 3.46 51.89
N ILE G 276 2.01 4.21 51.19
CA ILE G 276 1.48 5.11 50.18
C ILE G 276 2.33 5.22 48.92
N GLN G 277 1.67 5.43 47.78
CA GLN G 277 2.36 5.53 46.51
C GLN G 277 2.07 6.86 45.87
N ILE G 278 2.92 7.24 44.92
CA ILE G 278 2.70 8.46 44.17
C ILE G 278 3.05 8.21 42.70
N GLY G 279 2.38 8.91 41.78
CA GLY G 279 2.67 8.73 40.38
C GLY G 279 1.87 9.57 39.42
N VAL G 280 2.09 9.27 38.13
CA VAL G 280 1.45 9.90 36.99
C VAL G 280 0.62 8.86 36.23
N THR G 281 -0.58 9.25 35.81
CA THR G 281 -1.43 8.39 34.98
C THR G 281 -2.14 9.22 33.92
N GLY G 282 -3.02 8.56 33.17
CA GLY G 282 -3.77 9.24 32.13
C GLY G 282 -5.19 9.54 32.55
N GLY G 283 -5.78 10.58 31.97
CA GLY G 283 -7.17 10.91 32.21
C GLY G 283 -7.30 12.18 33.03
N GLY G 284 -8.51 12.48 33.48
CA GLY G 284 -8.73 13.57 34.42
C GLY G 284 -9.59 13.15 35.61
N THR G 285 -9.66 14.00 36.64
CA THR G 285 -10.56 13.76 37.77
C THR G 285 -11.35 15.00 38.17
N ASP G 286 -12.43 14.77 38.94
CA ASP G 286 -13.26 15.82 39.54
C ASP G 286 -12.46 16.95 40.19
N ALA G 287 -11.30 16.65 40.76
CA ALA G 287 -10.56 17.70 41.45
C ALA G 287 -10.10 18.85 40.53
N SER G 288 -9.80 18.52 39.27
CA SER G 288 -9.28 19.52 38.34
C SER G 288 -10.30 20.63 38.10
N ALA G 289 -11.57 20.33 38.33
CA ALA G 289 -12.63 21.34 38.29
C ALA G 289 -12.53 22.37 39.43
N PHE G 290 -11.63 22.14 40.38
CA PHE G 290 -11.42 23.05 41.53
C PHE G 290 -10.04 23.71 41.52
N GLN G 291 -9.21 23.33 40.54
CA GLN G 291 -7.86 23.86 40.39
C GLN G 291 -7.98 25.37 40.23
N ASP G 292 -9.17 25.74 39.83
CA ASP G 292 -9.65 27.09 39.64
C ASP G 292 -9.60 27.98 40.87
N ARG G 293 -9.58 27.37 42.06
CA ARG G 293 -9.99 28.10 43.25
C ARG G 293 -9.48 27.49 44.57
N SER G 294 -9.27 26.18 44.59
CA SER G 294 -8.76 25.53 45.78
C SER G 294 -7.46 24.82 45.48
N LYS G 295 -6.79 24.34 46.52
CA LYS G 295 -5.75 23.35 46.34
C LYS G 295 -6.41 21.97 46.09
N THR G 296 -5.95 21.30 45.04
CA THR G 296 -6.61 20.13 44.52
C THR G 296 -5.64 18.96 44.51
N LEU G 297 -6.18 17.75 44.59
CA LEU G 297 -5.38 16.54 44.47
C LEU G 297 -6.30 15.36 44.25
N ALA G 298 -5.77 14.31 43.65
CA ALA G 298 -6.56 13.10 43.45
C ALA G 298 -5.94 11.95 44.24
N LEU G 299 -6.78 11.16 44.91
CA LEU G 299 -6.35 9.94 45.60
C LEU G 299 -7.06 8.73 45.03
N SER G 300 -6.36 7.62 44.96
CA SER G 300 -6.82 6.46 44.24
C SER G 300 -6.32 5.17 44.84
N VAL G 301 -6.93 4.09 44.39
CA VAL G 301 -6.26 2.82 44.39
C VAL G 301 -5.85 2.57 42.94
N PRO G 302 -4.71 1.93 42.73
CA PRO G 302 -4.34 1.46 41.39
C PRO G 302 -5.40 0.51 40.86
N ILE G 303 -5.84 0.72 39.63
CA ILE G 303 -6.75 -0.18 38.97
C ILE G 303 -6.25 -0.70 37.63
N LYS G 304 -6.20 -2.03 37.50
CA LYS G 304 -5.79 -2.71 36.28
C LYS G 304 -7.01 -2.91 35.38
N TYR G 305 -6.79 -2.87 34.08
CA TYR G 305 -7.84 -3.13 33.09
C TYR G 305 -9.02 -2.13 33.16
N LEU G 306 -8.73 -0.87 33.48
CA LEU G 306 -9.74 0.19 33.59
C LEU G 306 -10.74 0.29 32.43
N HIS G 307 -12.00 0.49 32.77
CA HIS G 307 -13.07 0.70 31.78
C HIS G 307 -13.42 -0.57 31.02
N SER G 308 -13.36 -1.69 31.72
CA SER G 308 -13.69 -2.98 31.14
C SER G 308 -14.50 -3.76 32.18
N GLU G 309 -15.03 -4.93 31.81
CA GLU G 309 -15.77 -5.75 32.77
C GLU G 309 -14.83 -6.37 33.77
N VAL G 310 -13.53 -6.22 33.54
CA VAL G 310 -12.54 -6.95 34.32
C VAL G 310 -11.60 -6.02 35.08
N GLU G 311 -11.96 -4.74 35.16
CA GLU G 311 -11.14 -3.82 35.92
C GLU G 311 -10.98 -4.37 37.34
N THR G 312 -9.78 -4.23 37.90
CA THR G 312 -9.40 -4.95 39.10
C THR G 312 -8.67 -4.06 40.13
N LEU G 313 -9.05 -4.18 41.40
CA LEU G 313 -8.32 -3.52 42.48
C LEU G 313 -7.90 -4.52 43.55
N HIS G 314 -6.93 -4.12 44.38
CA HIS G 314 -6.44 -4.94 45.49
C HIS G 314 -7.14 -4.48 46.75
N LEU G 315 -7.82 -5.40 47.44
CA LEU G 315 -8.58 -5.05 48.64
C LEU G 315 -7.80 -4.28 49.70
N ASN G 316 -6.53 -4.60 49.91
CA ASN G 316 -5.81 -3.88 50.94
C ASN G 316 -5.47 -2.42 50.61
N ASP G 317 -5.24 -2.09 49.33
CA ASP G 317 -5.06 -0.68 48.94
C ASP G 317 -6.31 0.08 49.32
N LEU G 318 -7.47 -0.53 49.10
CA LEU G 318 -8.75 0.15 49.35
C LEU G 318 -8.98 0.38 50.85
N GLU G 319 -8.65 -0.62 51.66
CA GLU G 319 -8.76 -0.51 53.11
C GLU G 319 -7.89 0.66 53.62
N LYS G 320 -6.65 0.72 53.15
CA LYS G 320 -5.76 1.81 53.49
C LYS G 320 -6.27 3.16 52.98
N LEU G 321 -6.96 3.16 51.85
CA LEU G 321 -7.47 4.40 51.27
C LEU G 321 -8.51 5.00 52.20
N VAL G 322 -9.36 4.12 52.74
CA VAL G 322 -10.42 4.59 53.61
C VAL G 322 -9.83 5.24 54.86
N LYS G 323 -8.77 4.65 55.38
CA LYS G 323 -8.08 5.13 56.57
C LYS G 323 -7.38 6.46 56.32
N LEU G 324 -6.72 6.57 55.16
CA LEU G 324 -6.09 7.80 54.74
C LEU G 324 -7.12 8.92 54.66
N ILE G 325 -8.28 8.64 54.09
CA ILE G 325 -9.30 9.67 53.99
C ILE G 325 -9.75 10.12 55.38
N GLU G 326 -9.90 9.18 56.29
CA GLU G 326 -10.33 9.55 57.64
C GLU G 326 -9.22 10.35 58.33
N ALA G 327 -7.99 9.88 58.20
CA ALA G 327 -6.84 10.62 58.69
C ALA G 327 -6.81 12.05 58.16
N LEU G 328 -7.04 12.23 56.87
CA LEU G 328 -7.00 13.57 56.29
C LEU G 328 -8.13 14.43 56.90
N ALA G 329 -9.29 13.82 57.06
CA ALA G 329 -10.42 14.47 57.72
C ALA G 329 -10.04 15.08 59.07
N PHE G 330 -9.30 14.34 59.88
CA PHE G 330 -8.91 14.75 61.22
C PHE G 330 -7.75 15.74 61.27
N GLU G 331 -6.75 15.54 60.42
CA GLU G 331 -5.46 16.22 60.54
C GLU G 331 -5.11 17.23 59.43
N LEU G 332 -5.68 17.07 58.24
CA LEU G 332 -5.29 17.91 57.12
C LEU G 332 -5.62 19.37 57.44
N MET H 2 -29.54 48.78 -22.65
CA MET H 2 -29.08 47.77 -21.71
C MET H 2 -27.56 47.65 -21.78
N SER H 3 -26.88 47.81 -20.64
CA SER H 3 -25.42 47.70 -20.60
C SER H 3 -24.97 46.27 -20.86
N MET H 4 -23.67 46.08 -21.09
CA MET H 4 -23.15 44.75 -21.35
C MET H 4 -23.40 43.83 -20.13
N ILE H 5 -23.07 44.33 -18.95
CA ILE H 5 -23.31 43.57 -17.72
C ILE H 5 -24.74 43.07 -17.68
N GLU H 6 -25.71 43.95 -17.91
CA GLU H 6 -27.11 43.56 -17.82
C GLU H 6 -27.47 42.47 -18.84
N LYS H 7 -27.01 42.64 -20.08
CA LYS H 7 -27.31 41.64 -21.11
C LYS H 7 -26.69 40.28 -20.75
N LEU H 8 -25.51 40.30 -20.16
CA LEU H 8 -24.87 39.07 -19.69
C LEU H 8 -25.72 38.39 -18.61
N LYS H 9 -26.20 39.17 -17.65
CA LYS H 9 -26.98 38.59 -16.58
C LYS H 9 -28.27 37.97 -17.11
N LYS H 10 -29.02 38.76 -17.87
CA LYS H 10 -30.26 38.30 -18.47
C LYS H 10 -30.09 36.96 -19.17
N PHE H 11 -29.10 36.87 -20.04
CA PHE H 11 -28.92 35.67 -20.87
C PHE H 11 -28.32 34.48 -20.12
N THR H 12 -27.48 34.74 -19.13
CA THR H 12 -26.94 33.64 -18.32
C THR H 12 -28.01 33.05 -17.38
N GLN H 13 -28.99 33.85 -17.00
CA GLN H 13 -30.03 33.39 -16.06
C GLN H 13 -31.07 32.46 -16.69
N ILE H 14 -31.18 32.49 -18.03
CA ILE H 14 -32.13 31.64 -18.72
C ILE H 14 -31.65 30.18 -18.73
N PRO H 15 -32.52 29.25 -18.27
CA PRO H 15 -32.10 27.84 -18.18
C PRO H 15 -32.23 27.17 -19.52
N GLY H 16 -31.28 26.31 -19.86
CA GLY H 16 -31.35 25.58 -21.11
C GLY H 16 -30.11 24.74 -21.33
N ILE H 17 -30.19 23.46 -20.96
CA ILE H 17 -29.10 22.54 -21.22
C ILE H 17 -29.20 22.08 -22.66
N SER H 18 -28.21 21.31 -23.08
CA SER H 18 -28.18 20.71 -24.40
C SER H 18 -29.49 19.99 -24.69
N GLY H 19 -30.02 20.19 -25.89
CA GLY H 19 -31.26 19.57 -26.31
C GLY H 19 -32.49 20.24 -25.75
N TYR H 20 -32.28 21.20 -24.87
CA TYR H 20 -33.37 21.90 -24.19
C TYR H 20 -33.16 23.42 -24.26
N GLU H 21 -32.78 23.91 -25.43
CA GLU H 21 -32.40 25.31 -25.60
C GLU H 21 -33.58 26.27 -25.91
N GLU H 22 -34.82 25.76 -25.94
CA GLU H 22 -36.01 26.58 -26.25
C GLU H 22 -35.89 28.00 -25.74
N ARG H 23 -35.86 28.15 -24.41
CA ARG H 23 -35.94 29.45 -23.76
C ARG H 23 -34.83 30.41 -24.17
N ILE H 24 -33.70 29.87 -24.61
CA ILE H 24 -32.63 30.72 -25.09
C ILE H 24 -32.98 31.21 -26.50
N ARG H 25 -33.35 30.28 -27.37
CA ARG H 25 -33.69 30.63 -28.73
C ARG H 25 -34.77 31.72 -28.74
N GLU H 26 -35.80 31.53 -27.93
CA GLU H 26 -36.94 32.44 -27.89
C GLU H 26 -36.51 33.85 -27.53
N GLU H 27 -35.64 33.98 -26.53
CA GLU H 27 -35.22 35.31 -26.09
C GLU H 27 -34.26 35.94 -27.10
N ILE H 28 -33.56 35.13 -27.88
CA ILE H 28 -32.72 35.72 -28.90
C ILE H 28 -33.61 36.30 -29.97
N ILE H 29 -34.54 35.47 -30.44
CA ILE H 29 -35.58 35.90 -31.37
C ILE H 29 -36.19 37.20 -30.90
N ARG H 30 -36.59 37.23 -29.63
CA ARG H 30 -37.29 38.37 -29.06
C ARG H 30 -36.50 39.68 -29.18
N GLU H 31 -35.20 39.59 -29.41
CA GLU H 31 -34.48 40.84 -29.65
C GLU H 31 -33.71 40.90 -30.95
N ILE H 32 -33.84 39.85 -31.76
CA ILE H 32 -33.33 39.85 -33.12
C ILE H 32 -34.46 40.20 -34.10
N LYS H 33 -35.68 39.89 -33.67
CA LYS H 33 -36.90 40.09 -34.45
C LYS H 33 -36.94 41.40 -35.24
N ASP H 34 -36.76 42.51 -34.53
CA ASP H 34 -36.94 43.84 -35.09
C ASP H 34 -35.76 44.36 -35.93
N PHE H 35 -34.77 43.51 -36.17
CA PHE H 35 -33.58 43.96 -36.89
C PHE H 35 -33.29 43.06 -38.06
N ALA H 36 -33.76 41.81 -37.99
CA ALA H 36 -33.40 40.86 -39.01
C ALA H 36 -34.34 39.67 -39.07
N ASP H 37 -34.35 39.01 -40.22
CA ASP H 37 -35.13 37.79 -40.38
C ASP H 37 -34.29 36.63 -39.90
N TYR H 38 -34.96 35.57 -39.45
CA TYR H 38 -34.27 34.41 -38.94
C TYR H 38 -34.90 33.11 -39.41
N LYS H 39 -34.23 32.01 -39.13
CA LYS H 39 -34.66 30.68 -39.54
C LYS H 39 -34.36 29.70 -38.40
N VAL H 40 -35.16 28.65 -38.28
CA VAL H 40 -34.95 27.64 -37.24
C VAL H 40 -34.81 26.23 -37.78
N ASP H 41 -33.59 25.71 -37.68
CA ASP H 41 -33.27 24.32 -37.92
C ASP H 41 -34.26 23.33 -37.35
N ALA H 42 -34.28 22.13 -37.95
CA ALA H 42 -35.06 21.00 -37.43
C ALA H 42 -34.38 20.39 -36.21
N ILE H 43 -33.24 20.95 -35.80
CA ILE H 43 -32.60 20.50 -34.57
C ILE H 43 -32.59 21.61 -33.50
N GLY H 44 -32.83 22.85 -33.93
CA GLY H 44 -33.00 23.93 -32.97
C GLY H 44 -32.06 25.10 -33.14
N ASN H 45 -31.16 25.00 -34.12
CA ASN H 45 -30.26 26.11 -34.43
C ASN H 45 -31.09 27.33 -34.85
N LEU H 46 -30.64 28.51 -34.45
CA LEU H 46 -31.23 29.76 -34.89
C LEU H 46 -30.24 30.43 -35.84
N ILE H 47 -30.56 30.44 -37.14
CA ILE H 47 -29.67 30.99 -38.17
C ILE H 47 -30.16 32.34 -38.67
N VAL H 48 -29.26 33.33 -38.71
CA VAL H 48 -29.56 34.62 -39.30
C VAL H 48 -28.56 34.92 -40.43
N GLU H 49 -29.07 35.14 -41.63
CA GLU H 49 -28.22 35.47 -42.79
C GLU H 49 -28.20 36.97 -43.06
N LEU H 50 -27.00 37.53 -43.20
CA LEU H 50 -26.87 38.91 -43.64
C LEU H 50 -26.24 38.95 -45.03
N GLY H 51 -26.53 40.03 -45.76
CA GLY H 51 -26.07 40.17 -47.13
C GLY H 51 -26.78 39.18 -48.03
N GLU H 52 -26.16 38.87 -49.17
CA GLU H 52 -26.65 37.86 -50.09
C GLU H 52 -25.56 37.48 -51.08
N GLY H 53 -25.71 36.32 -51.70
CA GLY H 53 -24.69 35.79 -52.59
C GLY H 53 -23.95 34.63 -51.96
N GLU H 54 -22.64 34.58 -52.18
CA GLU H 54 -21.84 33.48 -51.66
C GLU H 54 -21.72 33.57 -50.15
N GLU H 55 -21.72 32.43 -49.49
CA GLU H 55 -21.56 32.36 -48.04
C GLU H 55 -20.08 32.50 -47.72
N ARG H 56 -19.71 33.68 -47.23
CA ARG H 56 -18.31 33.98 -46.98
C ARG H 56 -17.92 33.61 -45.54
N ILE H 57 -18.71 34.10 -44.58
CA ILE H 57 -18.43 33.85 -43.17
C ILE H 57 -19.60 33.21 -42.43
N LEU H 58 -19.28 32.33 -41.48
CA LEU H 58 -20.22 31.81 -40.50
C LEU H 58 -19.69 32.06 -39.07
N PHE H 59 -20.50 32.69 -38.23
CA PHE H 59 -20.18 32.80 -36.80
C PHE H 59 -21.15 31.97 -35.98
N MET H 60 -20.61 31.06 -35.16
CA MET H 60 -21.42 30.16 -34.31
C MET H 60 -21.16 30.44 -32.83
N ALA H 61 -22.24 30.52 -32.05
CA ALA H 61 -22.16 30.65 -30.60
C ALA H 61 -23.26 29.78 -29.97
N HIS H 62 -22.89 28.84 -29.13
CA HIS H 62 -23.88 27.87 -28.63
C HIS H 62 -24.79 28.39 -27.51
N MET H 63 -26.04 27.94 -27.55
CA MET H 63 -27.10 28.36 -26.61
C MET H 63 -27.17 27.43 -25.39
N ASP H 64 -26.78 26.18 -25.57
CA ASP H 64 -26.85 25.20 -24.49
C ASP H 64 -25.80 25.43 -23.42
N GLU H 65 -26.18 25.14 -22.19
CA GLU H 65 -25.26 25.12 -21.06
C GLU H 65 -25.15 23.69 -20.56
N ILE H 66 -24.16 23.42 -19.71
CA ILE H 66 -24.03 22.12 -19.09
C ILE H 66 -25.13 22.02 -18.03
N GLY H 67 -25.55 20.82 -17.69
CA GLY H 67 -26.46 20.70 -16.56
C GLY H 67 -26.86 19.29 -16.21
N LEU H 68 -28.06 19.17 -15.64
CA LEU H 68 -28.53 17.90 -15.13
C LEU H 68 -29.80 17.42 -15.83
N LEU H 69 -29.82 16.16 -16.23
CA LEU H 69 -31.01 15.56 -16.81
C LEU H 69 -31.64 14.62 -15.79
N ILE H 70 -32.92 14.83 -15.47
CA ILE H 70 -33.61 13.96 -14.53
C ILE H 70 -33.82 12.60 -15.17
N THR H 71 -33.41 11.55 -14.49
CA THR H 71 -33.56 10.21 -15.05
C THR H 71 -34.59 9.35 -14.33
N GLY H 72 -35.08 9.83 -13.19
CA GLY H 72 -35.95 9.00 -12.36
C GLY H 72 -36.25 9.56 -10.98
N ILE H 73 -37.16 8.89 -10.29
CA ILE H 73 -37.65 9.38 -9.00
C ILE H 73 -37.55 8.29 -7.93
N THR H 74 -36.94 8.63 -6.80
CA THR H 74 -36.69 7.64 -5.74
C THR H 74 -37.96 7.44 -4.93
N ASP H 75 -37.98 6.37 -4.13
CA ASP H 75 -39.15 6.05 -3.31
C ASP H 75 -39.47 7.19 -2.36
N GLU H 76 -38.43 7.90 -1.94
CA GLU H 76 -38.54 8.96 -0.95
C GLU H 76 -38.83 10.30 -1.64
N GLY H 77 -39.10 10.23 -2.94
CA GLY H 77 -39.46 11.41 -3.72
C GLY H 77 -38.32 12.34 -4.10
N LYS H 78 -37.10 11.79 -4.23
CA LYS H 78 -35.94 12.54 -4.70
C LYS H 78 -35.68 12.29 -6.19
N LEU H 79 -34.98 13.19 -6.84
CA LEU H 79 -34.72 13.04 -8.28
C LEU H 79 -33.34 12.46 -8.53
N ARG H 80 -33.26 11.33 -9.23
CA ARG H 80 -31.98 10.88 -9.77
C ARG H 80 -31.67 11.63 -11.06
N PHE H 81 -30.39 11.80 -11.38
CA PHE H 81 -30.01 12.53 -12.58
C PHE H 81 -28.72 12.04 -13.24
N ARG H 82 -28.57 12.45 -14.50
CA ARG H 82 -27.43 12.21 -15.36
C ARG H 82 -26.83 13.58 -15.58
N LYS H 83 -25.50 13.66 -15.76
CA LYS H 83 -24.87 14.92 -16.19
C LYS H 83 -25.00 15.13 -17.70
N VAL H 84 -25.13 16.39 -18.10
CA VAL H 84 -25.14 16.75 -19.51
C VAL H 84 -24.03 17.77 -19.75
N GLY H 85 -23.06 17.39 -20.58
CA GLY H 85 -21.82 18.12 -20.71
C GLY H 85 -20.92 17.73 -19.56
N GLY H 86 -19.66 18.18 -19.61
CA GLY H 86 -18.69 17.88 -18.58
C GLY H 86 -18.83 18.79 -17.37
N ILE H 87 -19.05 18.18 -16.20
CA ILE H 87 -19.09 18.92 -14.95
C ILE H 87 -18.23 18.17 -13.94
N ASP H 88 -17.39 18.89 -13.21
CA ASP H 88 -16.61 18.27 -12.15
C ASP H 88 -17.59 17.83 -11.06
N ASP H 89 -17.49 16.59 -10.58
CA ASP H 89 -18.40 16.14 -9.50
C ASP H 89 -18.31 16.99 -8.25
N ARG H 90 -17.13 17.53 -7.98
CA ARG H 90 -16.92 18.34 -6.79
C ARG H 90 -17.88 19.55 -6.73
N LEU H 91 -18.36 19.99 -7.90
CA LEU H 91 -19.23 21.17 -7.97
C LEU H 91 -20.75 20.85 -7.88
N LEU H 92 -21.13 19.59 -7.64
CA LEU H 92 -22.54 19.20 -7.49
C LEU H 92 -22.99 19.21 -6.03
N TYR H 93 -22.04 19.07 -5.13
CA TYR H 93 -22.30 18.79 -3.74
C TYR H 93 -22.72 20.03 -2.96
N GLY H 94 -23.82 19.92 -2.22
CA GLY H 94 -24.35 21.04 -1.46
C GLY H 94 -24.66 22.27 -2.30
N ARG H 95 -25.46 22.10 -3.35
CA ARG H 95 -25.83 23.18 -4.28
C ARG H 95 -27.35 23.37 -4.46
N HIS H 96 -27.81 24.61 -4.52
CA HIS H 96 -29.17 24.91 -4.99
C HIS H 96 -29.28 24.71 -6.51
N VAL H 97 -30.38 24.12 -6.96
CA VAL H 97 -30.66 24.00 -8.39
C VAL H 97 -32.06 24.52 -8.78
N ASN H 98 -32.26 24.76 -10.07
CA ASN H 98 -33.57 25.02 -10.65
C ASN H 98 -33.93 23.84 -11.51
N VAL H 99 -35.03 23.17 -11.17
CA VAL H 99 -35.52 22.07 -11.98
C VAL H 99 -36.55 22.62 -12.98
N VAL H 100 -36.28 22.43 -14.26
CA VAL H 100 -37.16 22.97 -15.29
C VAL H 100 -38.09 21.90 -15.83
N THR H 101 -39.39 22.14 -15.67
CA THR H 101 -40.41 21.18 -16.07
C THR H 101 -41.36 21.83 -17.04
N GLU H 102 -42.18 21.01 -17.68
CA GLU H 102 -43.20 21.49 -18.61
C GLU H 102 -44.06 22.57 -17.97
N LYS H 103 -44.39 22.40 -16.69
CA LYS H 103 -45.33 23.28 -16.00
C LYS H 103 -44.66 24.51 -15.40
N GLY H 104 -43.34 24.47 -15.24
CA GLY H 104 -42.61 25.61 -14.71
C GLY H 104 -41.31 25.23 -14.01
N ILE H 105 -40.67 26.23 -13.41
CA ILE H 105 -39.38 26.04 -12.78
C ILE H 105 -39.56 25.92 -11.26
N LEU H 106 -38.94 24.88 -10.66
CA LEU H 106 -39.04 24.63 -9.22
C LEU H 106 -37.68 24.68 -8.55
N ASP H 107 -37.67 25.13 -7.30
CA ASP H 107 -36.47 25.04 -6.49
C ASP H 107 -36.09 23.60 -6.20
N GLY H 108 -34.80 23.32 -6.22
CA GLY H 108 -34.27 22.02 -5.87
C GLY H 108 -32.95 22.15 -5.10
N VAL H 109 -32.53 21.05 -4.51
CA VAL H 109 -31.38 21.09 -3.62
C VAL H 109 -30.63 19.75 -3.64
N ILE H 110 -29.32 19.80 -3.89
CA ILE H 110 -28.47 18.62 -3.77
C ILE H 110 -27.72 18.78 -2.46
N GLY H 111 -27.99 17.87 -1.53
CA GLY H 111 -27.57 18.06 -0.15
C GLY H 111 -26.09 17.90 0.15
N ALA H 112 -25.75 18.13 1.40
CA ALA H 112 -24.41 17.88 1.89
C ALA H 112 -24.57 17.30 3.30
N THR H 113 -23.79 16.28 3.61
CA THR H 113 -23.91 15.66 4.93
C THR H 113 -23.06 16.39 5.97
N PRO H 114 -23.70 16.84 7.07
CA PRO H 114 -23.05 17.67 8.09
C PRO H 114 -22.01 16.89 8.87
N PRO H 115 -20.99 17.60 9.39
CA PRO H 115 -19.96 16.99 10.25
C PRO H 115 -20.56 16.55 11.60
N HIS H 116 -21.73 17.07 11.95
CA HIS H 116 -22.47 16.64 13.13
C HIS H 116 -22.96 15.18 13.03
N LEU H 117 -23.23 14.72 11.81
CA LEU H 117 -23.74 13.37 11.58
C LEU H 117 -22.76 12.50 10.80
N LYS H 123 -14.86 13.63 3.67
CA LYS H 123 -13.63 12.88 3.49
C LYS H 123 -13.26 12.78 2.01
N SER H 124 -14.23 12.43 1.17
CA SER H 124 -13.98 12.12 -0.23
C SER H 124 -14.95 12.84 -1.19
N VAL H 125 -14.67 12.79 -2.49
CA VAL H 125 -15.56 13.39 -3.47
C VAL H 125 -16.71 12.46 -3.79
N ILE H 126 -17.94 12.94 -3.63
CA ILE H 126 -19.08 12.08 -3.90
C ILE H 126 -19.43 12.06 -5.38
N PRO H 127 -19.48 10.86 -5.97
CA PRO H 127 -19.70 10.76 -7.41
C PRO H 127 -21.13 11.18 -7.76
N TRP H 128 -21.33 11.69 -8.98
CA TRP H 128 -22.66 12.16 -9.41
C TRP H 128 -23.75 11.12 -9.17
N TYR H 129 -23.43 9.85 -9.38
CA TYR H 129 -24.45 8.80 -9.35
C TYR H 129 -24.91 8.46 -7.93
N ASP H 130 -24.22 8.97 -6.93
CA ASP H 130 -24.69 8.79 -5.56
C ASP H 130 -25.48 10.01 -5.07
N LEU H 131 -25.60 11.03 -5.91
CA LEU H 131 -26.31 12.23 -5.52
C LEU H 131 -27.76 12.23 -6.04
N VAL H 132 -28.60 13.06 -5.44
CA VAL H 132 -29.98 13.20 -5.89
C VAL H 132 -30.40 14.63 -5.60
N ILE H 133 -31.43 15.08 -6.30
CA ILE H 133 -32.00 16.40 -6.03
C ILE H 133 -33.21 16.27 -5.09
N ASP H 134 -33.19 17.06 -4.02
CA ASP H 134 -34.28 17.16 -3.07
C ASP H 134 -35.20 18.32 -3.49
N ILE H 135 -36.47 18.03 -3.78
CA ILE H 135 -37.40 19.11 -4.13
C ILE H 135 -38.46 19.36 -3.08
N GLY H 136 -38.28 18.83 -1.88
CA GLY H 136 -39.27 18.99 -0.83
C GLY H 136 -40.51 18.11 -1.01
N ALA H 137 -40.42 17.10 -1.88
CA ALA H 137 -41.51 16.13 -2.06
C ALA H 137 -41.35 14.99 -1.07
N GLU H 138 -42.46 14.51 -0.52
CA GLU H 138 -42.42 13.51 0.53
C GLU H 138 -42.43 12.06 0.01
N SER H 139 -42.96 11.86 -1.20
CA SER H 139 -43.05 10.51 -1.75
C SER H 139 -42.84 10.50 -3.26
N LYS H 140 -42.66 9.31 -3.80
CA LYS H 140 -42.52 9.11 -5.24
C LYS H 140 -43.73 9.65 -6.00
N GLU H 141 -44.92 9.40 -5.46
CA GLU H 141 -46.17 9.85 -6.08
C GLU H 141 -46.28 11.37 -6.08
N GLU H 142 -45.82 11.99 -5.00
CA GLU H 142 -45.89 13.43 -4.88
C GLU H 142 -44.90 14.10 -5.82
N ALA H 143 -43.70 13.53 -5.90
CA ALA H 143 -42.67 14.06 -6.79
C ALA H 143 -43.13 14.01 -8.25
N LEU H 144 -43.77 12.91 -8.65
CA LEU H 144 -44.28 12.79 -10.02
C LEU H 144 -45.30 13.87 -10.39
N GLU H 145 -46.08 14.34 -9.43
CA GLU H 145 -46.94 15.49 -9.65
C GLU H 145 -46.12 16.73 -10.01
N LEU H 146 -44.86 16.76 -9.59
CA LEU H 146 -44.04 17.94 -9.78
C LEU H 146 -43.02 17.81 -10.92
N VAL H 147 -42.45 16.63 -11.09
CA VAL H 147 -41.36 16.44 -12.03
C VAL H 147 -41.41 15.07 -12.65
N LYS H 148 -41.08 14.98 -13.94
CA LYS H 148 -40.99 13.69 -14.62
C LYS H 148 -39.58 13.39 -15.14
N PRO H 149 -39.28 12.11 -15.37
CA PRO H 149 -38.04 11.80 -16.09
C PRO H 149 -37.95 12.65 -17.35
N LEU H 150 -36.73 13.05 -17.74
CA LEU H 150 -36.46 13.83 -18.95
C LEU H 150 -36.74 15.32 -18.81
N ASP H 151 -37.09 15.75 -17.60
CA ASP H 151 -36.96 17.16 -17.28
C ASP H 151 -35.49 17.42 -16.98
N PHE H 152 -35.12 18.65 -16.70
CA PHE H 152 -33.71 18.92 -16.51
C PHE H 152 -33.51 19.94 -15.42
N ALA H 153 -32.25 20.11 -15.03
CA ALA H 153 -31.96 21.07 -13.98
C ALA H 153 -30.62 21.73 -14.21
N VAL H 154 -30.50 22.96 -13.73
CA VAL H 154 -29.29 23.73 -13.80
C VAL H 154 -29.10 24.34 -12.43
N PHE H 155 -27.86 24.76 -12.11
CA PHE H 155 -27.59 25.39 -10.84
C PHE H 155 -28.29 26.72 -10.76
N LYS H 156 -28.64 27.14 -9.56
CA LYS H 156 -28.98 28.53 -9.36
C LYS H 156 -27.69 29.30 -9.59
N LYS H 157 -27.81 30.56 -9.98
CA LYS H 157 -26.66 31.29 -10.50
C LYS H 157 -26.50 32.62 -9.82
N HIS H 158 -25.50 32.72 -8.94
CA HIS H 158 -25.10 34.02 -8.45
C HIS H 158 -24.50 34.76 -9.64
N PHE H 159 -24.50 36.09 -9.57
CA PHE H 159 -23.89 36.93 -10.60
C PHE H 159 -23.02 37.95 -9.89
N SER H 160 -21.71 37.89 -10.12
CA SER H 160 -20.79 38.80 -9.44
C SER H 160 -20.08 39.71 -10.42
N VAL H 161 -19.71 40.90 -9.96
CA VAL H 161 -18.82 41.77 -10.68
C VAL H 161 -17.61 42.00 -9.81
N LEU H 162 -16.44 41.61 -10.31
CA LEU H 162 -15.25 41.67 -9.47
C LEU H 162 -14.45 42.92 -9.77
N ASN H 163 -14.26 43.73 -8.73
CA ASN H 163 -13.49 44.93 -8.85
C ASN H 163 -13.86 45.75 -10.08
N GLY H 164 -15.14 45.69 -10.46
CA GLY H 164 -15.66 46.54 -11.51
C GLY H 164 -15.33 46.10 -12.92
N LYS H 165 -14.40 45.14 -13.07
CA LYS H 165 -13.90 44.79 -14.40
C LYS H 165 -14.28 43.40 -14.88
N TYR H 166 -14.48 42.48 -13.95
CA TYR H 166 -14.68 41.07 -14.30
C TYR H 166 -16.10 40.65 -14.01
N VAL H 167 -16.65 39.80 -14.86
CA VAL H 167 -17.97 39.28 -14.60
C VAL H 167 -17.89 37.80 -14.29
N SER H 168 -18.50 37.42 -13.17
CA SER H 168 -18.48 36.02 -12.77
C SER H 168 -19.88 35.41 -12.56
N THR H 169 -20.20 34.39 -13.35
CA THR H 169 -21.45 33.65 -13.21
C THR H 169 -21.41 32.45 -14.13
N ARG H 170 -22.22 31.45 -13.80
CA ARG H 170 -22.37 30.25 -14.61
C ARG H 170 -23.07 30.57 -15.93
N GLY H 171 -22.61 29.95 -17.03
CA GLY H 171 -23.21 30.20 -18.31
C GLY H 171 -22.52 31.21 -19.23
N LEU H 172 -21.59 32.03 -18.69
CA LEU H 172 -20.77 32.89 -19.55
C LEU H 172 -20.30 32.12 -20.78
N ASP H 173 -19.96 30.85 -20.59
CA ASP H 173 -19.82 29.90 -21.70
C ASP H 173 -21.17 29.23 -21.94
N ASP H 174 -21.85 29.56 -23.05
CA ASP H 174 -21.37 30.50 -24.05
C ASP H 174 -22.38 31.61 -24.28
N ARG H 175 -23.01 32.09 -23.20
CA ARG H 175 -23.97 33.16 -23.34
C ARG H 175 -23.26 34.48 -23.68
N PHE H 176 -21.98 34.62 -23.31
CA PHE H 176 -21.20 35.77 -23.75
C PHE H 176 -21.12 35.74 -25.29
N GLY H 177 -20.87 34.58 -25.86
CA GLY H 177 -20.87 34.43 -27.30
C GLY H 177 -22.22 34.74 -27.95
N VAL H 178 -23.30 34.48 -27.20
CA VAL H 178 -24.63 34.72 -27.72
C VAL H 178 -24.86 36.23 -27.79
N VAL H 179 -24.53 36.91 -26.70
CA VAL H 179 -24.65 38.36 -26.65
C VAL H 179 -23.74 39.04 -27.68
N ALA H 180 -22.57 38.46 -27.91
CA ALA H 180 -21.64 39.05 -28.85
C ALA H 180 -22.20 39.00 -30.27
N LEU H 181 -22.89 37.91 -30.61
CA LEU H 181 -23.41 37.74 -31.95
C LEU H 181 -24.62 38.62 -32.21
N ILE H 182 -25.50 38.74 -31.21
CA ILE H 182 -26.66 39.61 -31.33
C ILE H 182 -26.17 41.04 -31.57
N GLU H 183 -25.24 41.49 -30.73
CA GLU H 183 -24.66 42.84 -30.83
C GLU H 183 -24.05 43.08 -32.21
N ALA H 184 -23.41 42.06 -32.76
CA ALA H 184 -22.77 42.20 -34.06
C ALA H 184 -23.83 42.35 -35.12
N ILE H 185 -24.83 41.49 -35.07
CA ILE H 185 -25.94 41.55 -36.00
C ILE H 185 -26.54 42.96 -36.06
N LYS H 186 -26.93 43.49 -34.91
CA LYS H 186 -27.59 44.79 -34.86
C LYS H 186 -26.72 45.92 -35.40
N ASP H 187 -25.41 45.73 -35.35
CA ASP H 187 -24.48 46.74 -35.86
C ASP H 187 -24.17 46.53 -37.32
N LEU H 188 -24.57 45.38 -37.86
CA LEU H 188 -24.26 45.07 -39.24
C LEU H 188 -25.43 45.29 -40.19
N VAL H 189 -26.65 45.13 -39.69
CA VAL H 189 -27.83 45.18 -40.57
C VAL H 189 -27.90 46.41 -41.47
N ASP H 190 -27.44 47.55 -40.94
CA ASP H 190 -27.53 48.81 -41.65
C ASP H 190 -26.34 49.03 -42.60
N HIS H 191 -25.14 48.80 -42.09
CA HIS H 191 -23.93 49.01 -42.87
C HIS H 191 -23.74 47.88 -43.87
N GLU H 192 -24.85 47.39 -44.42
CA GLU H 192 -24.84 46.15 -45.18
C GLU H 192 -23.86 46.10 -46.34
N LEU H 193 -22.69 45.51 -46.08
CA LEU H 193 -21.78 45.14 -47.15
C LEU H 193 -21.89 43.63 -47.37
N GLU H 194 -21.19 43.12 -48.38
CA GLU H 194 -21.41 41.78 -48.88
C GLU H 194 -20.09 41.05 -49.10
N GLY H 195 -20.12 39.76 -49.42
CA GLY H 195 -21.35 39.02 -49.68
C GLY H 195 -22.17 38.56 -48.49
N LYS H 196 -22.10 37.27 -48.17
CA LYS H 196 -22.98 36.67 -47.18
C LYS H 196 -22.25 36.28 -45.88
N VAL H 197 -22.60 36.94 -44.78
CA VAL H 197 -22.09 36.55 -43.47
C VAL H 197 -23.24 36.00 -42.61
N ILE H 198 -23.05 34.79 -42.07
CA ILE H 198 -24.11 34.04 -41.43
C ILE H 198 -23.87 33.87 -39.93
N PHE H 199 -24.89 34.20 -39.14
CA PHE H 199 -24.78 34.11 -37.68
C PHE H 199 -25.64 32.98 -37.17
N ALA H 200 -25.00 31.98 -36.56
CA ALA H 200 -25.72 30.82 -36.05
C ALA H 200 -25.62 30.71 -34.53
N PHE H 201 -26.77 30.56 -33.90
CA PHE H 201 -26.83 30.23 -32.49
C PHE H 201 -27.15 28.75 -32.41
N THR H 202 -26.14 27.97 -32.00
CA THR H 202 -26.18 26.52 -32.17
C THR H 202 -26.75 25.74 -30.95
N VAL H 203 -27.13 24.50 -31.20
CA VAL H 203 -27.59 23.64 -30.12
C VAL H 203 -26.58 22.53 -29.89
N GLN H 204 -26.54 22.04 -28.66
CA GLN H 204 -25.87 20.79 -28.35
C GLN H 204 -24.38 20.88 -28.65
N GLU H 205 -23.81 22.05 -28.42
CA GLU H 205 -22.36 22.19 -28.48
C GLU H 205 -21.68 21.33 -27.38
N GLU H 206 -22.28 21.31 -26.18
CA GLU H 206 -21.66 20.69 -25.02
C GLU H 206 -21.66 19.16 -25.09
N VAL H 207 -22.45 18.60 -25.99
CA VAL H 207 -22.52 17.14 -26.12
C VAL H 207 -22.04 16.67 -27.49
N GLY H 208 -20.97 17.27 -27.98
CA GLY H 208 -20.37 16.83 -29.23
C GLY H 208 -20.68 17.65 -30.49
N LEU H 209 -20.99 18.94 -30.34
CA LEU H 209 -21.14 19.83 -31.51
C LEU H 209 -22.25 19.35 -32.44
N LYS H 210 -23.28 18.74 -31.87
CA LYS H 210 -24.37 18.19 -32.67
C LYS H 210 -25.11 19.23 -33.54
N GLY H 211 -25.36 20.41 -32.96
CA GLY H 211 -25.97 21.50 -33.70
C GLY H 211 -25.12 21.95 -34.88
N ALA H 212 -23.83 22.16 -34.62
CA ALA H 212 -22.88 22.53 -35.67
C ALA H 212 -22.79 21.48 -36.76
N LYS H 213 -22.83 20.21 -36.37
CA LYS H 213 -22.72 19.13 -37.35
C LYS H 213 -23.95 19.06 -38.26
N PHE H 214 -25.09 19.51 -37.74
CA PHE H 214 -26.33 19.53 -38.51
C PHE H 214 -26.31 20.75 -39.43
N LEU H 215 -25.84 21.86 -38.89
CA LEU H 215 -25.67 23.12 -39.60
C LEU H 215 -24.68 22.96 -40.76
N ALA H 216 -23.75 22.03 -40.60
CA ALA H 216 -22.71 21.78 -41.60
C ALA H 216 -23.25 21.16 -42.88
N ASN H 217 -24.38 20.45 -42.77
CA ASN H 217 -24.99 19.83 -43.94
C ASN H 217 -25.89 20.81 -44.70
N HIS H 218 -25.97 22.04 -44.23
CA HIS H 218 -26.86 23.03 -44.82
C HIS H 218 -26.14 24.32 -45.22
N TYR H 219 -24.91 24.50 -44.75
CA TYR H 219 -24.13 25.69 -45.08
C TYR H 219 -22.72 25.30 -45.45
N TYR H 220 -22.11 26.14 -46.28
CA TYR H 220 -20.81 25.83 -46.85
C TYR H 220 -19.98 27.10 -46.97
N PRO H 221 -19.64 27.72 -45.82
CA PRO H 221 -18.95 29.00 -45.81
C PRO H 221 -17.47 28.88 -46.20
N GLN H 222 -16.85 29.99 -46.55
CA GLN H 222 -15.43 29.98 -46.85
C GLN H 222 -14.69 30.01 -45.53
N TYR H 223 -15.20 30.80 -44.60
CA TYR H 223 -14.68 30.86 -43.25
C TYR H 223 -15.76 30.50 -42.23
N ALA H 224 -15.43 29.59 -41.31
CA ALA H 224 -16.30 29.24 -40.19
C ALA H 224 -15.63 29.53 -38.84
N PHE H 225 -16.23 30.43 -38.08
CA PHE H 225 -15.76 30.79 -36.77
C PHE H 225 -16.69 30.25 -35.68
N ALA H 226 -16.09 29.81 -34.58
CA ALA H 226 -16.85 29.61 -33.36
C ALA H 226 -16.42 30.73 -32.43
N ILE H 227 -17.41 31.39 -31.83
CA ILE H 227 -17.18 32.37 -30.79
C ILE H 227 -17.52 31.66 -29.48
N ASP H 228 -16.49 31.22 -28.78
CA ASP H 228 -16.66 30.39 -27.57
C ASP H 228 -15.57 30.75 -26.59
N SER H 229 -15.64 30.17 -25.40
CA SER H 229 -14.67 30.50 -24.35
C SER H 229 -13.27 30.01 -24.68
N PHE H 230 -12.28 30.56 -24.00
CA PHE H 230 -10.90 30.07 -24.03
C PHE H 230 -10.54 29.79 -22.57
N ALA H 231 -10.41 28.52 -22.21
CA ALA H 231 -10.11 28.18 -20.81
C ALA H 231 -8.78 28.78 -20.41
N CYS H 232 -8.77 29.51 -19.32
CA CYS H 232 -7.56 30.21 -19.01
C CYS H 232 -6.84 29.72 -17.76
N CYS H 233 -6.03 30.62 -17.26
CA CYS H 233 -4.59 30.44 -17.15
C CYS H 233 -3.92 29.25 -16.44
N SER H 234 -2.95 28.68 -17.14
CA SER H 234 -2.10 27.61 -16.64
C SER H 234 -0.88 27.54 -17.56
N PRO H 235 0.12 26.70 -17.22
CA PRO H 235 1.26 26.49 -18.11
C PRO H 235 0.89 26.18 -19.57
N LEU H 236 -0.27 25.60 -19.81
CA LEU H 236 -0.67 25.31 -21.19
C LEU H 236 -1.02 26.59 -21.99
N THR H 237 -1.51 27.61 -21.32
CA THR H 237 -2.08 28.76 -22.03
C THR H 237 -1.12 29.93 -22.23
N GLY H 238 0.18 29.67 -22.08
CA GLY H 238 1.19 30.69 -22.33
C GLY H 238 0.97 31.98 -21.57
N ASP H 239 1.09 33.10 -22.27
CA ASP H 239 0.92 34.43 -21.67
C ASP H 239 -0.50 34.99 -21.83
N VAL H 240 -1.45 34.15 -22.23
CA VAL H 240 -2.83 34.61 -22.32
C VAL H 240 -3.32 35.07 -20.94
N LYS H 241 -3.79 36.32 -20.84
CA LYS H 241 -4.31 36.84 -19.57
CA LYS H 241 -4.31 36.84 -19.58
C LYS H 241 -5.63 37.58 -19.82
N LEU H 242 -6.55 37.46 -18.86
CA LEU H 242 -7.82 38.20 -18.95
C LEU H 242 -7.52 39.69 -18.99
N GLY H 243 -8.15 40.41 -19.93
CA GLY H 243 -7.98 41.85 -19.98
C GLY H 243 -6.95 42.32 -21.00
N LYS H 244 -6.29 41.38 -21.66
CA LYS H 244 -5.37 41.74 -22.74
C LYS H 244 -6.04 41.50 -24.11
N GLY H 245 -7.36 41.44 -24.12
CA GLY H 245 -8.12 41.42 -25.37
C GLY H 245 -8.57 40.04 -25.77
N PRO H 246 -9.33 39.95 -26.88
CA PRO H 246 -9.78 38.64 -27.34
C PRO H 246 -8.61 37.75 -27.72
N VAL H 247 -8.87 36.45 -27.80
CA VAL H 247 -7.82 35.49 -28.03
C VAL H 247 -8.23 34.65 -29.21
N ILE H 248 -7.30 34.45 -30.14
CA ILE H 248 -7.48 33.46 -31.17
C ILE H 248 -7.21 32.11 -30.52
N ARG H 249 -8.19 31.23 -30.55
CA ARG H 249 -8.01 29.87 -30.06
C ARG H 249 -7.45 29.07 -31.22
N ALA H 250 -6.13 29.03 -31.31
CA ALA H 250 -5.43 28.47 -32.47
C ALA H 250 -5.48 26.97 -32.49
N VAL H 251 -5.41 26.38 -31.30
CA VAL H 251 -5.36 24.92 -31.14
C VAL H 251 -6.06 24.50 -29.84
N ASP H 252 -6.84 23.44 -29.93
CA ASP H 252 -7.39 22.82 -28.73
C ASP H 252 -7.38 21.32 -28.91
N ASN H 253 -8.13 20.61 -28.08
CA ASN H 253 -8.20 19.15 -28.21
C ASN H 253 -8.94 18.67 -29.46
N SER H 254 -9.84 19.50 -29.98
CA SER H 254 -10.67 19.10 -31.10
C SER H 254 -9.99 19.40 -32.43
N ALA H 255 -9.10 20.40 -32.45
CA ALA H 255 -8.53 20.84 -33.70
C ALA H 255 -7.27 21.71 -33.60
N ILE H 256 -6.39 21.52 -34.58
CA ILE H 256 -5.42 22.53 -34.97
C ILE H 256 -6.09 23.37 -36.07
N TYR H 257 -6.54 24.57 -35.72
CA TYR H 257 -7.30 25.40 -36.65
C TYR H 257 -6.45 25.99 -37.80
N SER H 258 -7.11 26.66 -38.76
CA SER H 258 -6.43 27.22 -39.94
C SER H 258 -5.47 28.32 -39.58
N ARG H 259 -4.19 28.09 -39.82
CA ARG H 259 -3.16 29.10 -39.53
C ARG H 259 -3.26 30.35 -40.42
N ASP H 260 -3.53 30.17 -41.71
CA ASP H 260 -3.69 31.32 -42.61
C ASP H 260 -4.91 32.13 -42.20
N LEU H 261 -5.97 31.46 -41.79
CA LEU H 261 -7.15 32.14 -41.27
C LEU H 261 -6.80 32.87 -39.96
N ALA H 262 -5.90 32.30 -39.16
CA ALA H 262 -5.44 33.03 -37.95
C ALA H 262 -4.64 34.29 -38.27
N ARG H 263 -3.79 34.24 -39.31
CA ARG H 263 -3.01 35.39 -39.79
CA ARG H 263 -3.03 35.43 -39.65
C ARG H 263 -3.93 36.52 -40.22
N LYS H 264 -4.91 36.16 -41.03
CA LYS H 264 -5.96 37.11 -41.32
C LYS H 264 -6.65 37.00 -39.98
N VAL H 265 -7.46 37.98 -39.61
CA VAL H 265 -7.90 38.13 -38.23
C VAL H 265 -6.84 38.88 -37.43
N TRP H 266 -5.66 38.30 -37.28
CA TRP H 266 -4.57 38.97 -36.57
C TRP H 266 -4.24 40.28 -37.28
N SER H 267 -4.01 40.18 -38.58
CA SER H 267 -3.73 41.36 -39.40
C SER H 267 -4.86 42.38 -39.27
N ILE H 268 -6.09 41.90 -39.45
CA ILE H 268 -7.26 42.75 -39.36
C ILE H 268 -7.42 43.42 -38.00
N ALA H 269 -6.93 42.77 -36.95
CA ALA H 269 -7.04 43.36 -35.61
C ALA H 269 -5.98 44.45 -35.42
N GLU H 270 -4.78 44.18 -35.89
CA GLU H 270 -3.71 45.17 -35.88
C GLU H 270 -4.13 46.40 -36.67
N LYS H 271 -4.63 46.19 -37.89
CA LYS H 271 -5.05 47.30 -38.74
CA LYS H 271 -5.05 47.29 -38.73
C LYS H 271 -6.11 48.16 -38.05
N ASN H 272 -6.96 47.52 -37.26
CA ASN H 272 -8.03 48.23 -36.56
C ASN H 272 -7.71 48.60 -35.10
N GLY H 273 -6.44 48.43 -34.71
CA GLY H 273 -5.98 48.83 -33.39
C GLY H 273 -6.55 48.06 -32.20
N ILE H 274 -7.14 46.90 -32.45
CA ILE H 274 -7.73 46.08 -31.40
C ILE H 274 -6.70 45.15 -30.77
N GLU H 275 -6.52 45.21 -29.45
CA GLU H 275 -5.51 44.35 -28.83
C GLU H 275 -5.99 42.90 -28.86
N ILE H 276 -5.07 42.01 -29.19
CA ILE H 276 -5.44 40.63 -29.45
C ILE H 276 -4.37 39.65 -28.97
N GLN H 277 -4.78 38.44 -28.67
CA GLN H 277 -3.88 37.39 -28.18
C GLN H 277 -4.11 36.10 -28.96
N ILE H 278 -3.19 35.16 -28.82
CA ILE H 278 -3.34 33.88 -29.46
C ILE H 278 -2.78 32.78 -28.54
N GLY H 279 -3.40 31.61 -28.53
CA GLY H 279 -2.92 30.57 -27.65
C GLY H 279 -3.47 29.19 -27.89
N VAL H 280 -3.04 28.27 -27.02
CA VAL H 280 -3.47 26.89 -27.00
C VAL H 280 -4.31 26.67 -25.75
N THR H 281 -5.32 25.83 -25.84
CA THR H 281 -6.11 25.50 -24.67
C THR H 281 -6.75 24.14 -24.91
N GLY H 282 -7.62 23.71 -23.98
CA GLY H 282 -8.26 22.41 -24.09
C GLY H 282 -9.71 22.51 -24.51
N GLY H 283 -10.33 21.36 -24.81
CA GLY H 283 -11.71 21.33 -25.24
C GLY H 283 -11.87 21.36 -26.76
N GLY H 284 -13.10 21.56 -27.21
CA GLY H 284 -13.40 21.68 -28.64
C GLY H 284 -14.31 22.87 -28.89
N THR H 285 -14.60 23.16 -30.15
CA THR H 285 -15.59 24.20 -30.51
C THR H 285 -16.44 23.78 -31.71
N ASP H 286 -17.53 24.50 -31.94
CA ASP H 286 -18.36 24.30 -33.13
C ASP H 286 -17.54 24.41 -34.42
N ALA H 287 -16.54 25.29 -34.43
CA ALA H 287 -15.69 25.49 -35.62
C ALA H 287 -15.18 24.17 -36.15
N SER H 288 -14.98 23.23 -35.22
CA SER H 288 -14.42 21.93 -35.52
C SER H 288 -15.28 21.07 -36.46
N ALA H 289 -16.60 21.28 -36.44
CA ALA H 289 -17.53 20.57 -37.33
C ALA H 289 -17.42 21.00 -38.79
N PHE H 290 -16.75 22.13 -39.04
CA PHE H 290 -16.62 22.60 -40.41
C PHE H 290 -15.20 22.43 -40.90
N GLN H 291 -14.42 21.62 -40.20
CA GLN H 291 -13.01 21.48 -40.51
C GLN H 291 -12.82 20.68 -41.77
N ASP H 292 -13.81 19.88 -42.12
CA ASP H 292 -13.70 19.01 -43.30
C ASP H 292 -14.23 19.67 -44.58
N ARG H 293 -14.57 20.95 -44.53
CA ARG H 293 -15.06 21.61 -45.73
C ARG H 293 -14.75 23.11 -45.83
N SER H 294 -14.47 23.77 -44.71
CA SER H 294 -14.15 25.19 -44.71
C SER H 294 -12.82 25.45 -44.03
N LYS H 295 -12.34 26.70 -44.07
CA LYS H 295 -11.22 27.09 -43.23
C LYS H 295 -11.86 27.48 -41.92
N THR H 296 -11.31 26.95 -40.82
CA THR H 296 -11.95 27.15 -39.51
C THR H 296 -11.04 27.83 -38.50
N LEU H 297 -11.66 28.64 -37.64
CA LEU H 297 -10.94 29.23 -36.53
C LEU H 297 -11.90 29.45 -35.35
N ALA H 298 -11.41 29.29 -34.14
CA ALA H 298 -12.17 29.64 -32.95
C ALA H 298 -11.60 30.91 -32.38
N LEU H 299 -12.47 31.81 -31.95
CA LEU H 299 -12.02 33.00 -31.25
C LEU H 299 -12.94 33.30 -30.06
N SER H 300 -12.35 33.88 -29.02
CA SER H 300 -12.91 33.81 -27.68
C SER H 300 -12.56 35.02 -26.86
N VAL H 301 -13.08 35.04 -25.64
CA VAL H 301 -12.45 35.79 -24.57
C VAL H 301 -11.85 34.75 -23.59
N PRO H 302 -10.71 35.08 -22.94
CA PRO H 302 -10.23 34.12 -21.93
C PRO H 302 -11.19 34.05 -20.75
N ILE H 303 -11.55 32.84 -20.35
CA ILE H 303 -12.40 32.67 -19.18
C ILE H 303 -11.75 31.79 -18.12
N LYS H 304 -11.69 32.31 -16.90
CA LYS H 304 -11.22 31.54 -15.75
C LYS H 304 -12.33 30.70 -15.11
N TYR H 305 -11.94 29.56 -14.55
CA TYR H 305 -12.85 28.69 -13.79
C TYR H 305 -14.00 28.21 -14.65
N LEU H 306 -13.67 27.80 -15.88
CA LEU H 306 -14.68 27.39 -16.85
C LEU H 306 -15.48 26.20 -16.34
N HIS H 307 -16.78 26.24 -16.62
CA HIS H 307 -17.72 25.17 -16.28
C HIS H 307 -17.96 25.04 -14.79
N SER H 308 -17.97 26.18 -14.10
CA SER H 308 -18.32 26.25 -12.69
C SER H 308 -19.26 27.43 -12.57
N GLU H 309 -19.72 27.74 -11.38
CA GLU H 309 -20.59 28.89 -11.28
C GLU H 309 -19.80 30.16 -10.96
N VAL H 310 -18.46 30.03 -10.93
CA VAL H 310 -17.61 31.19 -10.74
C VAL H 310 -16.77 31.52 -11.98
N GLU H 311 -17.09 30.86 -13.10
CA GLU H 311 -16.64 31.21 -14.45
C GLU H 311 -16.50 32.70 -14.60
N THR H 312 -15.35 33.15 -15.11
CA THR H 312 -15.06 34.58 -15.10
C THR H 312 -14.46 35.15 -16.40
N LEU H 313 -15.01 36.28 -16.86
CA LEU H 313 -14.45 37.00 -18.01
C LEU H 313 -14.16 38.48 -17.69
N HIS H 314 -13.36 39.11 -18.53
CA HIS H 314 -13.04 40.52 -18.37
C HIS H 314 -13.87 41.30 -19.39
N LEU H 315 -14.67 42.26 -18.91
CA LEU H 315 -15.60 43.01 -19.75
C LEU H 315 -14.96 43.66 -20.97
N ASN H 316 -13.76 44.21 -20.81
CA ASN H 316 -13.08 44.87 -21.92
CA ASN H 316 -13.09 44.87 -21.92
C ASN H 316 -12.57 43.91 -23.00
N ASP H 317 -12.40 42.63 -22.66
CA ASP H 317 -12.06 41.63 -23.67
C ASP H 317 -13.31 41.36 -24.53
N LEU H 318 -14.47 41.42 -23.88
CA LEU H 318 -15.73 41.17 -24.56
C LEU H 318 -16.01 42.28 -25.57
N GLU H 319 -15.81 43.51 -25.13
CA GLU H 319 -16.08 44.68 -25.94
C GLU H 319 -15.22 44.70 -27.23
N LYS H 320 -13.97 44.26 -27.12
CA LYS H 320 -13.10 44.23 -28.28
C LYS H 320 -13.41 43.03 -29.16
N LEU H 321 -13.98 42.00 -28.58
CA LEU H 321 -14.36 40.83 -29.35
C LEU H 321 -15.48 41.19 -30.33
N VAL H 322 -16.41 42.02 -29.89
CA VAL H 322 -17.54 42.41 -30.73
C VAL H 322 -16.99 43.26 -31.86
N LYS H 323 -16.21 44.27 -31.49
CA LYS H 323 -15.55 45.12 -32.48
C LYS H 323 -14.81 44.28 -33.51
N LEU H 324 -14.09 43.26 -33.05
CA LEU H 324 -13.33 42.40 -33.94
C LEU H 324 -14.25 41.59 -34.87
N ILE H 325 -15.42 41.20 -34.37
CA ILE H 325 -16.34 40.43 -35.18
C ILE H 325 -16.91 41.29 -36.32
N GLU H 326 -17.13 42.56 -36.03
CA GLU H 326 -17.61 43.51 -37.03
C GLU H 326 -16.53 43.75 -38.08
N ALA H 327 -15.38 44.24 -37.65
CA ALA H 327 -14.19 44.31 -38.50
C ALA H 327 -14.06 43.11 -39.41
N LEU H 328 -14.29 41.91 -38.89
CA LEU H 328 -14.15 40.69 -39.70
C LEU H 328 -15.24 40.60 -40.77
N ALA H 329 -16.44 41.03 -40.42
CA ALA H 329 -17.54 41.03 -41.36
C ALA H 329 -17.19 41.93 -42.55
N PHE H 330 -16.55 43.05 -42.24
CA PHE H 330 -16.23 44.07 -43.23
C PHE H 330 -14.98 43.77 -44.05
N GLU H 331 -13.98 43.15 -43.46
CA GLU H 331 -12.69 43.06 -44.13
C GLU H 331 -12.19 41.66 -44.46
N LEU H 332 -12.80 40.63 -43.90
CA LEU H 332 -12.29 39.27 -44.11
C LEU H 332 -12.29 38.89 -45.57
N MET I 2 -43.97 -21.20 -37.31
CA MET I 2 -42.85 -20.83 -36.45
C MET I 2 -43.26 -19.73 -35.47
N SER I 3 -43.05 -19.96 -34.18
CA SER I 3 -43.39 -18.99 -33.14
C SER I 3 -42.29 -17.94 -32.95
N MET I 4 -42.61 -16.87 -32.21
CA MET I 4 -41.65 -15.81 -31.94
C MET I 4 -40.40 -16.34 -31.22
N ILE I 5 -40.58 -17.33 -30.37
CA ILE I 5 -39.45 -17.95 -29.69
C ILE I 5 -38.59 -18.66 -30.73
N GLU I 6 -39.23 -19.49 -31.55
CA GLU I 6 -38.52 -20.28 -32.55
C GLU I 6 -37.83 -19.40 -33.61
N LYS I 7 -38.39 -18.24 -33.91
CA LYS I 7 -37.73 -17.30 -34.79
C LYS I 7 -36.47 -16.79 -34.09
N LEU I 8 -36.68 -16.19 -32.92
CA LEU I 8 -35.61 -15.67 -32.08
C LEU I 8 -34.44 -16.64 -31.98
N LYS I 9 -34.73 -17.93 -31.85
CA LYS I 9 -33.66 -18.91 -31.72
C LYS I 9 -32.97 -19.16 -33.05
N LYS I 10 -33.77 -19.15 -34.12
CA LYS I 10 -33.28 -19.30 -35.48
C LYS I 10 -32.19 -18.27 -35.78
N PHE I 11 -32.55 -17.00 -35.71
CA PHE I 11 -31.60 -15.94 -36.02
C PHE I 11 -30.43 -15.80 -35.03
N THR I 12 -30.63 -16.11 -33.76
CA THR I 12 -29.56 -15.94 -32.78
C THR I 12 -28.45 -16.97 -32.95
N GLN I 13 -28.78 -18.14 -33.47
CA GLN I 13 -27.77 -19.18 -33.66
C GLN I 13 -26.87 -18.92 -34.86
N ILE I 14 -27.23 -17.95 -35.70
CA ILE I 14 -26.42 -17.64 -36.89
C ILE I 14 -25.22 -16.77 -36.51
N PRO I 15 -24.01 -17.25 -36.80
CA PRO I 15 -22.76 -16.57 -36.44
C PRO I 15 -22.43 -15.45 -37.42
N GLY I 16 -22.17 -14.25 -36.90
CA GLY I 16 -21.87 -13.08 -37.72
C GLY I 16 -21.42 -11.86 -36.93
N ILE I 17 -20.12 -11.72 -36.76
CA ILE I 17 -19.55 -10.55 -36.09
C ILE I 17 -19.47 -9.34 -37.02
N SER I 18 -19.21 -8.17 -36.45
CA SER I 18 -19.03 -6.95 -37.22
C SER I 18 -18.09 -7.21 -38.38
N GLY I 19 -18.44 -6.71 -39.56
CA GLY I 19 -17.65 -6.92 -40.75
C GLY I 19 -17.78 -8.30 -41.35
N TYR I 20 -18.53 -9.19 -40.68
CA TYR I 20 -18.72 -10.56 -41.16
C TYR I 20 -20.18 -11.02 -41.13
N GLU I 21 -21.08 -10.16 -41.60
CA GLU I 21 -22.51 -10.41 -41.47
C GLU I 21 -23.16 -11.36 -42.52
N GLU I 22 -22.33 -12.03 -43.33
CA GLU I 22 -22.83 -12.84 -44.47
C GLU I 22 -24.05 -13.68 -44.18
N ARG I 23 -23.84 -14.64 -43.28
CA ARG I 23 -24.84 -15.67 -42.98
C ARG I 23 -26.14 -15.05 -42.47
N ILE I 24 -26.06 -14.00 -41.68
CA ILE I 24 -27.30 -13.38 -41.22
C ILE I 24 -28.03 -12.74 -42.39
N ARG I 25 -27.29 -12.02 -43.25
CA ARG I 25 -27.92 -11.30 -44.36
C ARG I 25 -28.66 -12.27 -45.29
N GLU I 26 -28.06 -13.42 -45.53
CA GLU I 26 -28.63 -14.42 -46.42
C GLU I 26 -29.93 -14.98 -45.88
N GLU I 27 -29.93 -15.33 -44.59
CA GLU I 27 -31.13 -15.85 -43.95
C GLU I 27 -32.24 -14.80 -43.91
N ILE I 28 -31.89 -13.53 -43.82
CA ILE I 28 -32.90 -12.47 -43.88
C ILE I 28 -33.48 -12.37 -45.29
N ILE I 29 -32.60 -12.48 -46.27
CA ILE I 29 -32.99 -12.50 -47.68
C ILE I 29 -33.93 -13.69 -47.90
N ARG I 30 -33.50 -14.87 -47.47
CA ARG I 30 -34.25 -16.09 -47.64
C ARG I 30 -35.72 -16.02 -47.20
N GLU I 31 -36.10 -14.97 -46.48
CA GLU I 31 -37.50 -14.84 -46.12
C GLU I 31 -38.06 -13.45 -46.27
N ILE I 32 -37.34 -12.61 -47.01
CA ILE I 32 -37.88 -11.34 -47.47
C ILE I 32 -38.22 -11.53 -48.96
N LYS I 33 -37.51 -12.45 -49.58
CA LYS I 33 -37.68 -12.78 -51.00
C LYS I 33 -39.11 -12.59 -51.48
N ASP I 34 -39.99 -13.49 -51.02
CA ASP I 34 -41.34 -13.59 -51.55
C ASP I 34 -42.27 -12.51 -51.01
N PHE I 35 -41.71 -11.45 -50.45
CA PHE I 35 -42.55 -10.41 -49.87
C PHE I 35 -42.24 -9.02 -50.41
N ALA I 36 -40.97 -8.80 -50.76
CA ALA I 36 -40.55 -7.49 -51.26
C ALA I 36 -39.17 -7.61 -51.88
N ASP I 37 -38.78 -6.60 -52.65
CA ASP I 37 -37.45 -6.57 -53.22
C ASP I 37 -36.47 -5.93 -52.24
N TYR I 38 -35.26 -6.46 -52.21
CA TYR I 38 -34.21 -5.96 -51.33
C TYR I 38 -33.05 -5.39 -52.14
N LYS I 39 -31.96 -5.06 -51.44
CA LYS I 39 -30.80 -4.44 -52.06
C LYS I 39 -29.62 -4.45 -51.08
N VAL I 40 -28.46 -4.90 -51.54
CA VAL I 40 -27.28 -4.95 -50.69
C VAL I 40 -26.29 -3.81 -50.99
N ASP I 41 -25.73 -3.23 -49.93
CA ASP I 41 -24.77 -2.14 -50.02
C ASP I 41 -23.40 -2.66 -50.40
N ALA I 42 -22.52 -1.72 -50.76
CA ALA I 42 -21.11 -2.02 -50.92
C ALA I 42 -20.52 -2.45 -49.58
N ILE I 43 -21.03 -1.87 -48.50
CA ILE I 43 -20.55 -2.23 -47.16
C ILE I 43 -21.28 -3.44 -46.58
N GLY I 44 -22.49 -3.71 -47.04
CA GLY I 44 -23.17 -4.94 -46.71
C GLY I 44 -24.53 -4.80 -46.05
N ASN I 45 -24.99 -3.57 -45.89
CA ASN I 45 -26.33 -3.31 -45.39
C ASN I 45 -27.37 -3.98 -46.28
N LEU I 46 -28.46 -4.43 -45.68
CA LEU I 46 -29.57 -5.02 -46.44
C LEU I 46 -30.74 -4.06 -46.37
N ILE I 47 -31.12 -3.50 -47.50
CA ILE I 47 -32.20 -2.50 -47.51
C ILE I 47 -33.47 -3.00 -48.19
N VAL I 48 -34.61 -2.72 -47.59
CA VAL I 48 -35.90 -3.05 -48.17
C VAL I 48 -36.80 -1.82 -48.16
N GLU I 49 -37.19 -1.38 -49.35
CA GLU I 49 -38.04 -0.20 -49.49
C GLU I 49 -39.52 -0.57 -49.70
N LEU I 50 -40.40 0.18 -49.05
CA LEU I 50 -41.83 0.02 -49.19
C LEU I 50 -42.50 1.36 -49.43
N GLY I 51 -43.48 1.37 -50.33
CA GLY I 51 -44.14 2.61 -50.72
C GLY I 51 -43.36 3.26 -51.84
N GLU I 52 -43.63 4.53 -52.09
CA GLU I 52 -43.00 5.23 -53.18
C GLU I 52 -42.92 6.72 -52.88
N GLY I 53 -42.04 7.42 -53.57
CA GLY I 53 -41.91 8.85 -53.38
C GLY I 53 -40.88 9.24 -52.33
N GLU I 54 -41.26 10.17 -51.46
CA GLU I 54 -40.33 10.76 -50.49
C GLU I 54 -40.04 9.87 -49.28
N GLU I 55 -38.76 9.82 -48.92
CA GLU I 55 -38.28 9.01 -47.79
C GLU I 55 -38.72 9.63 -46.45
N ARG I 56 -39.62 8.94 -45.76
CA ARG I 56 -40.29 9.50 -44.59
C ARG I 56 -39.82 8.85 -43.29
N ILE I 57 -39.52 7.55 -43.35
CA ILE I 57 -39.10 6.82 -42.17
C ILE I 57 -38.08 5.74 -42.49
N LEU I 58 -37.04 5.69 -41.68
CA LEU I 58 -36.02 4.65 -41.77
C LEU I 58 -36.10 3.80 -40.50
N PHE I 59 -36.03 2.48 -40.65
CA PHE I 59 -35.94 1.60 -39.49
C PHE I 59 -34.65 0.80 -39.59
N MET I 60 -33.81 0.91 -38.55
CA MET I 60 -32.51 0.26 -38.55
C MET I 60 -32.35 -0.78 -37.42
N ALA I 61 -32.00 -1.99 -37.79
CA ALA I 61 -31.71 -3.06 -36.84
C ALA I 61 -30.45 -3.74 -37.31
N HIS I 62 -29.50 -3.94 -36.40
CA HIS I 62 -28.18 -4.40 -36.84
C HIS I 62 -27.99 -5.90 -36.85
N MET I 63 -27.22 -6.37 -37.84
CA MET I 63 -27.02 -7.79 -38.07
C MET I 63 -25.80 -8.35 -37.36
N ASP I 64 -24.85 -7.49 -37.04
CA ASP I 64 -23.61 -7.95 -36.42
C ASP I 64 -23.80 -8.23 -34.94
N GLU I 65 -23.08 -9.24 -34.45
CA GLU I 65 -23.01 -9.50 -33.01
C GLU I 65 -21.55 -9.30 -32.60
N ILE I 66 -21.31 -9.11 -31.31
CA ILE I 66 -19.94 -9.03 -30.81
C ILE I 66 -19.29 -10.41 -30.95
N GLY I 67 -17.96 -10.47 -30.97
CA GLY I 67 -17.28 -11.74 -31.12
C GLY I 67 -15.76 -11.66 -31.13
N LEU I 68 -15.10 -12.75 -31.49
CA LEU I 68 -13.63 -12.82 -31.54
C LEU I 68 -13.10 -12.86 -32.98
N LEU I 69 -11.98 -12.17 -33.21
CA LEU I 69 -11.26 -12.22 -34.51
C LEU I 69 -9.94 -12.95 -34.35
N ILE I 70 -9.74 -14.00 -35.13
CA ILE I 70 -8.50 -14.77 -35.11
C ILE I 70 -7.33 -13.95 -35.70
N THR I 71 -6.30 -13.69 -34.90
CA THR I 71 -5.20 -12.80 -35.31
C THR I 71 -3.93 -13.57 -35.67
N GLY I 72 -3.85 -14.83 -35.27
CA GLY I 72 -2.65 -15.61 -35.47
C GLY I 72 -2.72 -16.96 -34.78
N ILE I 73 -1.84 -17.87 -35.19
CA ILE I 73 -1.77 -19.21 -34.62
C ILE I 73 -0.46 -19.38 -33.89
N THR I 74 -0.48 -20.10 -32.77
CA THR I 74 0.71 -20.25 -31.93
C THR I 74 1.52 -21.48 -32.33
N ASP I 75 2.67 -21.64 -31.71
CA ASP I 75 3.54 -22.76 -32.01
C ASP I 75 2.82 -24.05 -31.67
N GLU I 76 1.97 -23.98 -30.64
CA GLU I 76 1.33 -25.16 -30.08
C GLU I 76 0.02 -25.52 -30.80
N GLY I 77 -0.38 -24.70 -31.77
CA GLY I 77 -1.56 -24.98 -32.55
C GLY I 77 -2.81 -24.30 -32.03
N LYS I 78 -2.63 -23.37 -31.10
CA LYS I 78 -3.77 -22.64 -30.54
C LYS I 78 -3.97 -21.32 -31.25
N LEU I 79 -5.14 -20.73 -31.09
CA LEU I 79 -5.50 -19.51 -31.79
C LEU I 79 -5.50 -18.30 -30.86
N ARG I 80 -4.70 -17.29 -31.19
CA ARG I 80 -4.74 -15.99 -30.53
C ARG I 80 -5.85 -15.15 -31.15
N PHE I 81 -6.29 -14.12 -30.45
CA PHE I 81 -7.49 -13.44 -30.92
C PHE I 81 -7.66 -12.07 -30.35
N ARG I 82 -8.49 -11.30 -31.05
CA ARG I 82 -8.81 -9.94 -30.71
C ARG I 82 -10.32 -9.89 -30.46
N LYS I 83 -10.77 -8.97 -29.63
CA LYS I 83 -12.20 -8.82 -29.40
C LYS I 83 -12.77 -7.84 -30.42
N VAL I 84 -13.99 -8.12 -30.88
CA VAL I 84 -14.75 -7.20 -31.75
C VAL I 84 -16.04 -6.80 -31.04
N GLY I 85 -16.23 -5.52 -30.78
CA GLY I 85 -17.36 -5.07 -29.99
C GLY I 85 -17.01 -5.24 -28.51
N GLY I 86 -17.76 -4.56 -27.65
CA GLY I 86 -17.48 -4.61 -26.21
C GLY I 86 -17.84 -5.93 -25.53
N ILE I 87 -16.83 -6.66 -25.07
CA ILE I 87 -17.04 -7.87 -24.31
C ILE I 87 -16.26 -7.83 -22.98
N ASP I 88 -16.93 -8.12 -21.87
CA ASP I 88 -16.22 -8.24 -20.58
C ASP I 88 -15.29 -9.43 -20.59
N ASP I 89 -14.02 -9.22 -20.25
CA ASP I 89 -13.03 -10.31 -20.25
C ASP I 89 -13.43 -11.47 -19.38
N ARG I 90 -14.18 -11.17 -18.33
CA ARG I 90 -14.65 -12.22 -17.43
C ARG I 90 -15.50 -13.26 -18.16
N LEU I 91 -16.15 -12.84 -19.25
CA LEU I 91 -17.04 -13.74 -20.00
C LEU I 91 -16.34 -14.60 -21.04
N LEU I 92 -15.01 -14.52 -21.13
CA LEU I 92 -14.27 -15.31 -22.12
C LEU I 92 -13.65 -16.58 -21.53
N TYR I 93 -13.46 -16.57 -20.22
CA TYR I 93 -12.78 -17.65 -19.50
C TYR I 93 -13.62 -18.92 -19.41
N GLY I 94 -13.05 -20.05 -19.83
CA GLY I 94 -13.73 -21.33 -19.76
C GLY I 94 -14.98 -21.44 -20.61
N ARG I 95 -14.84 -21.20 -21.92
CA ARG I 95 -15.99 -21.17 -22.79
C ARG I 95 -15.76 -22.00 -24.04
N HIS I 96 -16.86 -22.57 -24.56
CA HIS I 96 -16.89 -23.19 -25.88
C HIS I 96 -17.15 -22.09 -26.89
N VAL I 97 -16.52 -22.18 -28.05
CA VAL I 97 -16.80 -21.26 -29.15
C VAL I 97 -16.99 -22.00 -30.47
N ASN I 98 -17.69 -21.37 -31.40
CA ASN I 98 -17.64 -21.80 -32.80
C ASN I 98 -16.61 -20.99 -33.63
N VAL I 99 -15.61 -21.69 -34.16
CA VAL I 99 -14.66 -21.09 -35.07
C VAL I 99 -15.18 -21.15 -36.50
N VAL I 100 -15.54 -20.01 -37.04
CA VAL I 100 -16.12 -19.93 -38.37
C VAL I 100 -15.05 -19.62 -39.40
N THR I 101 -14.78 -20.60 -40.27
CA THR I 101 -13.80 -20.43 -41.34
C THR I 101 -14.50 -20.26 -42.69
N GLU I 102 -13.80 -20.56 -43.78
CA GLU I 102 -14.44 -20.59 -45.10
C GLU I 102 -14.87 -22.01 -45.41
N LYS I 103 -14.01 -22.95 -45.06
CA LYS I 103 -14.28 -24.37 -45.22
C LYS I 103 -15.24 -24.93 -44.16
N GLY I 104 -16.03 -24.07 -43.51
CA GLY I 104 -16.97 -24.53 -42.51
C GLY I 104 -16.76 -24.08 -41.05
N ILE I 105 -17.40 -24.79 -40.14
CA ILE I 105 -17.42 -24.39 -38.73
C ILE I 105 -16.85 -25.46 -37.79
N LEU I 106 -16.06 -25.00 -36.83
CA LEU I 106 -15.24 -25.88 -36.01
C LEU I 106 -15.57 -25.61 -34.54
N ASP I 107 -15.42 -26.63 -33.71
CA ASP I 107 -15.55 -26.46 -32.27
C ASP I 107 -14.25 -25.87 -31.74
N GLY I 108 -14.37 -24.89 -30.85
CA GLY I 108 -13.22 -24.34 -30.16
C GLY I 108 -13.51 -24.17 -28.69
N VAL I 109 -12.46 -23.96 -27.91
CA VAL I 109 -12.55 -23.93 -26.47
C VAL I 109 -11.47 -23.03 -25.81
N ILE I 110 -11.91 -22.07 -25.00
CA ILE I 110 -11.00 -21.23 -24.23
C ILE I 110 -10.93 -21.85 -22.83
N GLY I 111 -9.79 -22.45 -22.50
CA GLY I 111 -9.66 -23.26 -21.30
C GLY I 111 -9.78 -22.54 -19.97
N ALA I 112 -9.52 -23.27 -18.90
CA ALA I 112 -9.53 -22.72 -17.54
C ALA I 112 -8.57 -23.55 -16.73
N THR I 113 -7.80 -22.92 -15.86
CA THR I 113 -6.83 -23.65 -15.05
C THR I 113 -7.54 -24.25 -13.85
N PRO I 114 -7.33 -25.54 -13.60
CA PRO I 114 -7.97 -26.19 -12.46
C PRO I 114 -7.29 -25.80 -11.13
N PRO I 115 -8.04 -25.89 -10.03
CA PRO I 115 -7.49 -25.73 -8.69
C PRO I 115 -6.39 -26.76 -8.43
N HIS I 116 -6.65 -28.01 -8.81
CA HIS I 116 -5.69 -29.11 -8.71
C HIS I 116 -4.28 -28.71 -9.16
N LEU I 117 -4.19 -27.62 -9.93
CA LEU I 117 -2.92 -27.10 -10.44
C LEU I 117 -2.70 -25.62 -10.11
N SER I 124 -7.93 -13.64 -9.98
CA SER I 124 -7.99 -12.44 -10.80
C SER I 124 -8.52 -12.72 -12.22
N VAL I 125 -9.11 -11.70 -12.84
CA VAL I 125 -9.61 -11.76 -14.21
C VAL I 125 -8.46 -11.85 -15.23
N ILE I 126 -8.50 -12.88 -16.07
CA ILE I 126 -7.48 -13.05 -17.09
C ILE I 126 -7.80 -12.17 -18.30
N PRO I 127 -6.83 -11.33 -18.70
CA PRO I 127 -7.06 -10.41 -19.83
C PRO I 127 -7.23 -11.19 -21.13
N TRP I 128 -7.95 -10.59 -22.06
CA TRP I 128 -8.20 -11.25 -23.33
C TRP I 128 -6.90 -11.63 -24.05
N TYR I 129 -5.89 -10.75 -23.98
CA TYR I 129 -4.63 -10.99 -24.71
C TYR I 129 -3.79 -12.12 -24.11
N ASP I 130 -4.17 -12.63 -22.93
CA ASP I 130 -3.54 -13.85 -22.37
C ASP I 130 -4.38 -15.11 -22.62
N LEU I 131 -5.51 -14.97 -23.31
CA LEU I 131 -6.36 -16.12 -23.61
C LEU I 131 -6.10 -16.64 -25.02
N VAL I 132 -6.33 -17.94 -25.23
CA VAL I 132 -6.24 -18.55 -26.56
C VAL I 132 -7.33 -19.61 -26.72
N ILE I 133 -7.63 -19.94 -27.97
CA ILE I 133 -8.67 -20.92 -28.28
C ILE I 133 -8.04 -22.22 -28.69
N ASP I 134 -8.47 -23.31 -28.06
CA ASP I 134 -7.96 -24.64 -28.32
C ASP I 134 -8.89 -25.33 -29.32
N ILE I 135 -8.37 -25.74 -30.48
CA ILE I 135 -9.19 -26.44 -31.48
C ILE I 135 -8.66 -27.85 -31.79
N GLY I 136 -7.82 -28.38 -30.92
CA GLY I 136 -7.38 -29.76 -31.00
C GLY I 136 -6.19 -30.00 -31.90
N ALA I 137 -5.62 -28.93 -32.44
CA ALA I 137 -4.44 -29.04 -33.29
C ALA I 137 -3.17 -29.21 -32.46
N GLU I 138 -2.29 -30.09 -32.90
CA GLU I 138 -1.07 -30.40 -32.15
C GLU I 138 0.07 -29.43 -32.50
N SER I 139 -0.11 -28.61 -33.52
CA SER I 139 0.97 -27.79 -34.04
C SER I 139 0.46 -26.64 -34.89
N LYS I 140 1.34 -25.69 -35.18
CA LYS I 140 0.98 -24.54 -35.99
C LYS I 140 0.53 -24.96 -37.38
N GLU I 141 1.11 -26.04 -37.89
CA GLU I 141 0.80 -26.54 -39.23
C GLU I 141 -0.60 -27.14 -39.29
N GLU I 142 -0.88 -28.10 -38.41
CA GLU I 142 -2.21 -28.69 -38.32
C GLU I 142 -3.22 -27.58 -38.18
N ALA I 143 -2.97 -26.70 -37.22
CA ALA I 143 -3.84 -25.57 -36.95
C ALA I 143 -4.08 -24.72 -38.21
N LEU I 144 -3.01 -24.43 -38.94
CA LEU I 144 -3.12 -23.56 -40.12
C LEU I 144 -4.00 -24.18 -41.18
N GLU I 145 -3.96 -25.50 -41.26
CA GLU I 145 -4.76 -26.21 -42.24
C GLU I 145 -6.25 -26.16 -41.88
N LEU I 146 -6.56 -25.69 -40.67
CA LEU I 146 -7.94 -25.70 -40.19
C LEU I 146 -8.56 -24.30 -40.08
N VAL I 147 -7.71 -23.31 -39.84
CA VAL I 147 -8.16 -21.98 -39.49
C VAL I 147 -7.10 -21.00 -39.93
N LYS I 148 -7.51 -19.83 -40.39
CA LYS I 148 -6.54 -18.78 -40.73
C LYS I 148 -6.89 -17.45 -40.05
N PRO I 149 -5.88 -16.57 -39.90
CA PRO I 149 -6.14 -15.22 -39.38
C PRO I 149 -7.22 -14.53 -40.17
N LEU I 150 -8.03 -13.72 -39.50
CA LEU I 150 -9.15 -13.03 -40.13
C LEU I 150 -10.37 -13.92 -40.30
N ASP I 151 -10.23 -15.20 -39.95
CA ASP I 151 -11.40 -16.00 -39.60
C ASP I 151 -11.91 -15.53 -38.23
N PHE I 152 -13.09 -16.00 -37.82
CA PHE I 152 -13.67 -15.51 -36.57
C PHE I 152 -14.29 -16.61 -35.71
N ALA I 153 -14.65 -16.25 -34.48
CA ALA I 153 -15.29 -17.17 -33.54
C ALA I 153 -16.39 -16.47 -32.78
N VAL I 154 -17.41 -17.22 -32.38
CA VAL I 154 -18.42 -16.70 -31.46
C VAL I 154 -18.73 -17.77 -30.41
N PHE I 155 -19.34 -17.37 -29.28
CA PHE I 155 -19.68 -18.36 -28.26
C PHE I 155 -20.68 -19.37 -28.81
N LYS I 156 -20.51 -20.64 -28.47
CA LYS I 156 -21.64 -21.57 -28.58
C LYS I 156 -22.76 -20.97 -27.73
N LYS I 157 -23.99 -21.13 -28.19
CA LYS I 157 -25.09 -20.38 -27.60
C LYS I 157 -26.21 -21.26 -27.04
N HIS I 158 -26.25 -21.40 -25.71
CA HIS I 158 -27.43 -21.96 -25.06
C HIS I 158 -28.62 -21.03 -25.30
N PHE I 159 -29.80 -21.63 -25.42
CA PHE I 159 -31.05 -20.90 -25.56
C PHE I 159 -31.97 -21.34 -24.41
N SER I 160 -32.43 -20.38 -23.63
CA SER I 160 -33.24 -20.64 -22.45
C SER I 160 -34.52 -19.83 -22.48
N VAL I 161 -35.59 -20.45 -22.02
CA VAL I 161 -36.87 -19.79 -21.83
C VAL I 161 -37.11 -19.83 -20.34
N LEU I 162 -37.39 -18.69 -19.75
CA LEU I 162 -37.49 -18.61 -18.30
C LEU I 162 -38.93 -18.36 -17.91
N ASN I 163 -39.54 -19.38 -17.31
CA ASN I 163 -40.91 -19.25 -16.81
C ASN I 163 -41.89 -18.84 -17.91
N GLY I 164 -41.74 -19.45 -19.08
CA GLY I 164 -42.64 -19.21 -20.18
C GLY I 164 -42.56 -17.88 -20.91
N LYS I 165 -42.07 -16.81 -20.29
CA LYS I 165 -42.17 -15.49 -20.92
C LYS I 165 -40.87 -14.69 -21.15
N TYR I 166 -39.73 -15.23 -20.74
CA TYR I 166 -38.45 -14.56 -20.99
C TYR I 166 -37.60 -15.44 -21.89
N VAL I 167 -36.85 -14.80 -22.78
CA VAL I 167 -35.90 -15.54 -23.61
C VAL I 167 -34.48 -15.06 -23.31
N SER I 168 -33.55 -15.99 -23.14
CA SER I 168 -32.17 -15.67 -22.81
C SER I 168 -31.21 -16.41 -23.72
N THR I 169 -30.46 -15.67 -24.52
CA THR I 169 -29.45 -16.22 -25.40
C THR I 169 -28.59 -15.09 -25.95
N ARG I 170 -27.34 -15.39 -26.26
CA ARG I 170 -26.45 -14.37 -26.85
C ARG I 170 -26.94 -14.05 -28.25
N GLY I 171 -27.04 -12.76 -28.57
CA GLY I 171 -27.37 -12.40 -29.93
C GLY I 171 -28.74 -11.77 -29.99
N LEU I 172 -29.49 -11.87 -28.90
CA LEU I 172 -30.74 -11.17 -28.85
C LEU I 172 -30.44 -9.74 -29.22
N ASP I 173 -29.27 -9.28 -28.75
CA ASP I 173 -28.82 -7.93 -29.06
C ASP I 173 -28.80 -7.76 -30.56
N ASP I 174 -29.91 -7.17 -30.98
CA ASP I 174 -30.37 -6.95 -32.34
C ASP I 174 -30.77 -8.06 -33.31
N ARG I 175 -30.56 -9.32 -32.99
CA ARG I 175 -31.27 -10.33 -33.76
C ARG I 175 -32.77 -10.25 -33.43
N PHE I 176 -33.11 -9.76 -32.24
CA PHE I 176 -34.52 -9.48 -31.96
C PHE I 176 -35.03 -8.34 -32.85
N GLY I 177 -34.15 -7.38 -33.13
CA GLY I 177 -34.53 -6.25 -33.97
C GLY I 177 -34.66 -6.71 -35.41
N VAL I 178 -33.79 -7.63 -35.80
CA VAL I 178 -33.83 -8.21 -37.13
C VAL I 178 -35.18 -8.93 -37.32
N VAL I 179 -35.49 -9.79 -36.37
CA VAL I 179 -36.75 -10.51 -36.35
C VAL I 179 -37.97 -9.57 -36.40
N ALA I 180 -37.94 -8.51 -35.61
CA ALA I 180 -39.07 -7.60 -35.53
C ALA I 180 -39.26 -6.74 -36.78
N LEU I 181 -38.17 -6.47 -37.50
CA LEU I 181 -38.29 -5.73 -38.74
C LEU I 181 -38.89 -6.62 -39.82
N ILE I 182 -38.34 -7.83 -39.93
CA ILE I 182 -38.86 -8.83 -40.83
C ILE I 182 -40.37 -8.97 -40.65
N GLU I 183 -40.79 -8.98 -39.38
CA GLU I 183 -42.20 -9.15 -39.04
C GLU I 183 -43.03 -7.97 -39.51
N ALA I 184 -42.47 -6.77 -39.37
CA ALA I 184 -43.18 -5.54 -39.74
C ALA I 184 -43.30 -5.45 -41.27
N ILE I 185 -42.27 -5.91 -41.96
CA ILE I 185 -42.26 -5.95 -43.41
C ILE I 185 -43.37 -6.87 -43.93
N LYS I 186 -43.38 -8.11 -43.44
CA LYS I 186 -44.40 -9.08 -43.85
C LYS I 186 -45.82 -8.57 -43.62
N ASP I 187 -46.03 -7.77 -42.58
CA ASP I 187 -47.36 -7.30 -42.26
C ASP I 187 -47.72 -6.01 -42.98
N LEU I 188 -46.75 -5.38 -43.61
CA LEU I 188 -46.95 -4.05 -44.17
C LEU I 188 -46.93 -4.02 -45.71
N VAL I 189 -46.33 -5.04 -46.30
CA VAL I 189 -46.08 -5.03 -47.73
C VAL I 189 -47.37 -4.89 -48.55
N ASP I 190 -48.46 -5.42 -48.02
CA ASP I 190 -49.75 -5.39 -48.71
C ASP I 190 -50.67 -4.32 -48.14
N HIS I 191 -50.25 -3.06 -48.16
CA HIS I 191 -51.10 -2.03 -47.57
C HIS I 191 -51.09 -0.60 -48.15
N GLU I 192 -49.98 0.13 -48.01
CA GLU I 192 -50.08 1.59 -48.07
C GLU I 192 -48.84 2.36 -48.54
N LEU I 193 -48.99 3.68 -48.63
CA LEU I 193 -47.91 4.64 -48.88
C LEU I 193 -48.24 5.95 -48.14
N GLU I 194 -47.43 6.98 -48.37
CA GLU I 194 -47.57 8.28 -47.70
C GLU I 194 -46.30 9.13 -47.86
N GLY I 195 -45.14 8.47 -47.90
CA GLY I 195 -45.10 7.05 -47.68
C GLY I 195 -44.04 6.28 -48.43
N LYS I 196 -42.80 6.62 -48.15
CA LYS I 196 -41.73 5.68 -48.36
C LYS I 196 -41.16 5.37 -46.97
N VAL I 197 -41.28 4.11 -46.56
CA VAL I 197 -40.60 3.65 -45.35
C VAL I 197 -39.60 2.57 -45.69
N ILE I 198 -38.39 2.73 -45.19
CA ILE I 198 -37.27 1.85 -45.52
C ILE I 198 -36.85 1.03 -44.30
N PHE I 199 -36.57 -0.23 -44.53
CA PHE I 199 -36.10 -1.12 -43.49
C PHE I 199 -34.70 -1.53 -43.85
N ALA I 200 -33.74 -1.13 -43.02
CA ALA I 200 -32.34 -1.48 -43.26
C ALA I 200 -31.76 -2.39 -42.19
N PHE I 201 -31.21 -3.51 -42.63
CA PHE I 201 -30.49 -4.42 -41.74
C PHE I 201 -29.02 -4.07 -41.84
N THR I 202 -28.52 -3.31 -40.86
CA THR I 202 -27.20 -2.69 -40.96
C THR I 202 -26.05 -3.59 -40.55
N VAL I 203 -24.86 -3.25 -41.01
CA VAL I 203 -23.64 -3.95 -40.64
C VAL I 203 -22.81 -3.11 -39.68
N GLN I 204 -21.90 -3.78 -38.98
CA GLN I 204 -20.85 -3.10 -38.23
C GLN I 204 -21.35 -2.10 -37.20
N GLU I 205 -22.51 -2.35 -36.59
CA GLU I 205 -23.04 -1.43 -35.58
C GLU I 205 -22.20 -1.46 -34.32
N GLU I 206 -21.63 -2.61 -34.00
CA GLU I 206 -20.95 -2.82 -32.72
C GLU I 206 -19.55 -2.23 -32.71
N VAL I 207 -19.12 -1.72 -33.85
CA VAL I 207 -17.77 -1.19 -34.01
C VAL I 207 -17.82 0.24 -34.51
N GLY I 208 -18.80 1.00 -34.04
CA GLY I 208 -18.88 2.40 -34.39
C GLY I 208 -19.91 2.77 -35.45
N LEU I 209 -20.96 1.96 -35.59
CA LEU I 209 -22.10 2.35 -36.41
C LEU I 209 -21.71 2.53 -37.87
N LYS I 210 -20.76 1.73 -38.33
CA LYS I 210 -20.20 1.95 -39.65
C LYS I 210 -21.22 1.76 -40.78
N GLY I 211 -21.99 0.69 -40.71
CA GLY I 211 -23.05 0.45 -41.69
C GLY I 211 -24.03 1.61 -41.80
N ALA I 212 -24.48 2.10 -40.65
CA ALA I 212 -25.45 3.19 -40.64
C ALA I 212 -24.84 4.48 -41.16
N LYS I 213 -23.54 4.65 -40.94
CA LYS I 213 -22.86 5.86 -41.39
C LYS I 213 -22.76 5.80 -42.92
N PHE I 214 -22.45 4.61 -43.42
CA PHE I 214 -22.43 4.39 -44.86
C PHE I 214 -23.82 4.68 -45.42
N LEU I 215 -24.82 4.10 -44.78
CA LEU I 215 -26.21 4.22 -45.18
C LEU I 215 -26.69 5.67 -45.17
N ALA I 216 -26.08 6.49 -44.32
CA ALA I 216 -26.52 7.87 -44.15
C ALA I 216 -26.19 8.74 -45.35
N ASN I 217 -25.28 8.27 -46.19
CA ASN I 217 -24.94 9.00 -47.41
C ASN I 217 -25.81 8.63 -48.60
N HIS I 218 -26.75 7.71 -48.39
CA HIS I 218 -27.61 7.24 -49.48
C HIS I 218 -29.08 7.52 -49.21
N TYR I 219 -29.40 7.89 -47.97
CA TYR I 219 -30.78 8.12 -47.60
C TYR I 219 -30.95 9.39 -46.76
N TYR I 220 -32.01 10.13 -47.06
CA TYR I 220 -32.28 11.36 -46.33
C TYR I 220 -33.72 11.35 -45.83
N PRO I 221 -34.04 10.39 -44.94
CA PRO I 221 -35.40 10.23 -44.41
C PRO I 221 -35.76 11.35 -43.47
N GLN I 222 -37.05 11.58 -43.27
CA GLN I 222 -37.52 12.60 -42.33
C GLN I 222 -37.40 12.08 -40.91
N TYR I 223 -37.71 10.80 -40.74
CA TYR I 223 -37.59 10.14 -39.45
C TYR I 223 -36.61 8.96 -39.52
N ALA I 224 -35.67 8.94 -38.56
CA ALA I 224 -34.66 7.88 -38.49
C ALA I 224 -34.71 7.17 -37.14
N PHE I 225 -35.05 5.89 -37.18
CA PHE I 225 -35.22 5.05 -35.99
C PHE I 225 -34.17 3.95 -35.94
N ALA I 226 -33.61 3.75 -34.76
CA ALA I 226 -32.88 2.51 -34.47
C ALA I 226 -33.78 1.56 -33.66
N ILE I 227 -33.76 0.29 -34.01
CA ILE I 227 -34.41 -0.74 -33.21
C ILE I 227 -33.28 -1.58 -32.65
N ASP I 228 -33.07 -1.48 -31.33
CA ASP I 228 -31.86 -1.99 -30.70
C ASP I 228 -32.17 -2.28 -29.24
N SER I 229 -31.17 -2.64 -28.47
CA SER I 229 -31.35 -2.96 -27.06
C SER I 229 -31.49 -1.72 -26.19
N PHE I 230 -32.13 -1.88 -25.04
CA PHE I 230 -32.05 -0.89 -23.99
C PHE I 230 -31.58 -1.60 -22.72
N ALA I 231 -30.34 -1.36 -22.33
CA ALA I 231 -29.77 -2.02 -21.15
C ALA I 231 -30.57 -1.72 -19.89
N CYS I 232 -30.83 -2.77 -19.10
CA CYS I 232 -31.71 -2.68 -17.96
C CYS I 232 -31.23 -3.67 -16.91
N CYS I 233 -31.38 -3.36 -15.63
CA CYS I 233 -31.95 -2.11 -15.13
C CYS I 233 -31.05 -1.62 -13.99
N SER I 234 -30.98 -0.31 -13.80
CA SER I 234 -30.13 0.27 -12.76
C SER I 234 -30.74 1.58 -12.25
N PRO I 235 -30.07 2.25 -11.30
CA PRO I 235 -30.54 3.57 -10.91
C PRO I 235 -30.51 4.58 -12.05
N LEU I 236 -29.75 4.29 -13.11
CA LEU I 236 -29.76 5.12 -14.31
C LEU I 236 -31.05 4.95 -15.14
N THR I 237 -31.61 3.74 -15.12
CA THR I 237 -32.72 3.40 -16.01
C THR I 237 -34.12 3.68 -15.43
N GLY I 238 -34.18 4.51 -14.40
CA GLY I 238 -35.44 4.94 -13.83
C GLY I 238 -36.39 3.79 -13.55
N ASP I 239 -37.65 3.93 -13.95
CA ASP I 239 -38.64 2.90 -13.67
C ASP I 239 -38.91 1.94 -14.84
N VAL I 240 -37.95 1.86 -15.76
CA VAL I 240 -38.06 0.93 -16.88
C VAL I 240 -37.88 -0.50 -16.38
N LYS I 241 -38.72 -1.41 -16.86
CA LYS I 241 -38.65 -2.81 -16.47
C LYS I 241 -39.06 -3.73 -17.63
N LEU I 242 -38.42 -4.90 -17.73
CA LEU I 242 -38.91 -5.91 -18.65
C LEU I 242 -40.37 -6.16 -18.30
N GLY I 243 -41.19 -6.36 -19.35
CA GLY I 243 -42.59 -6.67 -19.20
C GLY I 243 -43.52 -5.48 -19.23
N LYS I 244 -42.98 -4.27 -19.18
CA LYS I 244 -43.83 -3.09 -19.19
C LYS I 244 -43.89 -2.42 -20.55
N GLY I 245 -43.43 -3.12 -21.58
CA GLY I 245 -43.58 -2.66 -22.94
C GLY I 245 -42.29 -2.20 -23.57
N PRO I 246 -42.33 -1.84 -24.86
CA PRO I 246 -41.15 -1.33 -25.56
C PRO I 246 -40.74 0.01 -24.95
N VAL I 247 -39.48 0.39 -25.14
CA VAL I 247 -39.01 1.63 -24.55
C VAL I 247 -38.42 2.60 -25.57
N ILE I 248 -38.86 3.85 -25.47
CA ILE I 248 -38.23 4.92 -26.22
C ILE I 248 -36.91 5.22 -25.54
N ARG I 249 -35.81 4.87 -26.20
CA ARG I 249 -34.48 5.24 -25.74
C ARG I 249 -34.28 6.72 -26.04
N ALA I 250 -34.69 7.59 -25.13
CA ALA I 250 -34.68 9.02 -25.39
C ALA I 250 -33.29 9.66 -25.32
N VAL I 251 -32.40 9.05 -24.55
CA VAL I 251 -31.04 9.57 -24.36
C VAL I 251 -30.08 8.43 -24.05
N ASP I 252 -29.00 8.35 -24.80
CA ASP I 252 -27.91 7.43 -24.46
C ASP I 252 -26.58 8.20 -24.50
N ASN I 253 -25.45 7.50 -24.56
CA ASN I 253 -24.16 8.19 -24.67
C ASN I 253 -23.94 8.81 -26.04
N SER I 254 -24.54 8.22 -27.07
CA SER I 254 -24.32 8.66 -28.44
C SER I 254 -25.14 9.89 -28.84
N ALA I 255 -26.24 10.14 -28.14
CA ALA I 255 -27.09 11.29 -28.50
C ALA I 255 -28.18 11.66 -27.50
N ILE I 256 -28.59 12.92 -27.54
CA ILE I 256 -29.88 13.33 -27.00
C ILE I 256 -30.83 13.30 -28.18
N TYR I 257 -31.70 12.29 -28.26
CA TYR I 257 -32.57 12.15 -29.44
C TYR I 257 -33.65 13.24 -29.54
N SER I 258 -34.33 13.28 -30.68
CA SER I 258 -35.36 14.28 -30.93
C SER I 258 -36.52 14.11 -29.95
N ARG I 259 -36.76 15.14 -29.13
CA ARG I 259 -37.80 15.08 -28.12
C ARG I 259 -39.17 15.14 -28.79
N ASP I 260 -39.20 15.83 -29.93
CA ASP I 260 -40.40 15.97 -30.74
C ASP I 260 -40.84 14.61 -31.28
N LEU I 261 -39.92 13.91 -31.93
CA LEU I 261 -40.19 12.58 -32.44
C LEU I 261 -40.65 11.63 -31.34
N ALA I 262 -40.08 11.78 -30.15
CA ALA I 262 -40.45 10.93 -29.02
C ALA I 262 -41.89 11.20 -28.60
N ARG I 263 -42.26 12.47 -28.59
CA ARG I 263 -43.61 12.89 -28.24
C ARG I 263 -44.61 12.23 -29.17
N LYS I 264 -44.28 12.22 -30.46
CA LYS I 264 -45.13 11.63 -31.48
C LYS I 264 -45.28 10.13 -31.30
N VAL I 265 -44.16 9.43 -31.12
CA VAL I 265 -44.22 7.98 -30.96
C VAL I 265 -45.11 7.61 -29.77
N TRP I 266 -44.91 8.33 -28.67
CA TRP I 266 -45.70 8.12 -27.45
C TRP I 266 -47.18 8.24 -27.78
N SER I 267 -47.53 9.31 -28.51
CA SER I 267 -48.92 9.62 -28.83
C SER I 267 -49.57 8.51 -29.68
N ILE I 268 -48.80 8.01 -30.66
CA ILE I 268 -49.27 6.95 -31.51
C ILE I 268 -49.37 5.67 -30.70
N ALA I 269 -48.54 5.56 -29.67
CA ALA I 269 -48.56 4.41 -28.79
C ALA I 269 -49.84 4.41 -27.97
N GLU I 270 -50.13 5.54 -27.34
CA GLU I 270 -51.33 5.67 -26.53
C GLU I 270 -52.56 5.39 -27.38
N LYS I 271 -52.63 6.02 -28.55
CA LYS I 271 -53.78 5.88 -29.44
C LYS I 271 -54.07 4.42 -29.76
N ASN I 272 -53.03 3.64 -30.03
CA ASN I 272 -53.24 2.23 -30.36
C ASN I 272 -53.25 1.30 -29.14
N GLY I 273 -53.51 1.88 -27.96
CA GLY I 273 -53.57 1.11 -26.73
C GLY I 273 -52.32 0.30 -26.40
N ILE I 274 -51.15 0.88 -26.69
CA ILE I 274 -49.90 0.15 -26.49
C ILE I 274 -49.12 0.65 -25.28
N GLU I 275 -48.77 -0.27 -24.39
CA GLU I 275 -47.93 0.06 -23.24
C GLU I 275 -46.54 0.44 -23.74
N ILE I 276 -46.02 1.54 -23.21
CA ILE I 276 -44.72 2.01 -23.67
C ILE I 276 -44.00 2.76 -22.56
N GLN I 277 -42.70 2.54 -22.44
CA GLN I 277 -41.92 3.29 -21.45
C GLN I 277 -40.86 4.16 -22.11
N ILE I 278 -40.25 5.03 -21.32
CA ILE I 278 -39.25 5.90 -21.86
C ILE I 278 -38.11 5.98 -20.86
N GLY I 279 -36.88 5.85 -21.36
CA GLY I 279 -35.73 5.88 -20.47
C GLY I 279 -34.46 6.48 -21.04
N VAL I 280 -33.50 6.62 -20.14
CA VAL I 280 -32.14 6.97 -20.45
C VAL I 280 -31.29 5.73 -20.22
N THR I 281 -30.27 5.53 -21.04
CA THR I 281 -29.41 4.37 -20.87
C THR I 281 -28.02 4.66 -21.43
N GLY I 282 -27.14 3.65 -21.42
CA GLY I 282 -25.80 3.86 -21.93
C GLY I 282 -25.60 3.25 -23.31
N GLY I 283 -24.48 3.56 -23.95
CA GLY I 283 -24.18 3.02 -25.26
C GLY I 283 -24.74 3.87 -26.38
N GLY I 284 -24.53 3.45 -27.62
CA GLY I 284 -25.06 4.21 -28.74
C GLY I 284 -25.94 3.41 -29.69
N THR I 285 -26.61 4.10 -30.62
CA THR I 285 -27.38 3.43 -31.67
C THR I 285 -27.16 4.02 -33.06
N ASP I 286 -27.54 3.23 -34.05
CA ASP I 286 -27.56 3.63 -35.45
C ASP I 286 -28.30 4.93 -35.69
N ALA I 287 -29.35 5.20 -34.92
CA ALA I 287 -30.06 6.47 -35.07
C ALA I 287 -29.13 7.68 -34.99
N SER I 288 -28.09 7.59 -34.17
CA SER I 288 -27.25 8.76 -33.92
C SER I 288 -26.44 9.12 -35.18
N ALA I 289 -26.29 8.14 -36.06
CA ALA I 289 -25.60 8.36 -37.31
C ALA I 289 -26.40 9.29 -38.21
N PHE I 290 -27.70 9.44 -37.95
CA PHE I 290 -28.55 10.28 -38.79
C PHE I 290 -28.92 11.59 -38.11
N GLN I 291 -28.37 11.81 -36.93
CA GLN I 291 -28.58 13.04 -36.16
C GLN I 291 -28.07 14.24 -36.96
N ASP I 292 -27.21 13.93 -37.93
CA ASP I 292 -26.72 14.86 -38.93
C ASP I 292 -27.82 15.63 -39.67
N ARG I 293 -28.90 14.93 -40.00
CA ARG I 293 -29.83 15.44 -41.00
C ARG I 293 -31.32 15.18 -40.70
N SER I 294 -31.64 14.02 -40.15
CA SER I 294 -33.03 13.66 -39.86
C SER I 294 -33.41 13.84 -38.38
N LYS I 295 -34.72 13.82 -38.08
CA LYS I 295 -35.17 13.62 -36.71
C LYS I 295 -34.85 12.18 -36.36
N THR I 296 -34.24 11.96 -35.19
CA THR I 296 -33.77 10.62 -34.82
C THR I 296 -34.35 10.16 -33.49
N LEU I 297 -34.48 8.84 -33.34
CA LEU I 297 -34.95 8.27 -32.09
C LEU I 297 -34.56 6.81 -32.09
N ALA I 298 -34.26 6.29 -30.91
CA ALA I 298 -34.08 4.86 -30.79
C ALA I 298 -35.26 4.31 -30.01
N LEU I 299 -35.65 3.09 -30.32
CA LEU I 299 -36.66 2.46 -29.50
C LEU I 299 -36.35 0.99 -29.47
N SER I 300 -36.70 0.35 -28.36
CA SER I 300 -36.14 -0.95 -28.07
C SER I 300 -37.00 -1.77 -27.14
N VAL I 301 -36.53 -2.98 -26.89
CA VAL I 301 -37.00 -3.78 -25.78
C VAL I 301 -35.93 -3.69 -24.68
N PRO I 302 -36.36 -3.60 -23.40
CA PRO I 302 -35.41 -3.70 -22.28
C PRO I 302 -34.69 -5.05 -22.33
N ILE I 303 -33.38 -5.05 -22.16
CA ILE I 303 -32.62 -6.31 -22.11
C ILE I 303 -31.74 -6.40 -20.88
N LYS I 304 -31.87 -7.49 -20.12
CA LYS I 304 -31.05 -7.74 -18.94
C LYS I 304 -29.78 -8.50 -19.32
N TYR I 305 -28.67 -8.22 -18.63
CA TYR I 305 -27.39 -8.92 -18.85
C TYR I 305 -26.86 -8.77 -20.28
N LEU I 306 -27.07 -7.59 -20.86
CA LEU I 306 -26.67 -7.29 -22.24
C LEU I 306 -25.20 -7.64 -22.49
N HIS I 307 -24.91 -8.12 -23.71
CA HIS I 307 -23.55 -8.50 -24.13
C HIS I 307 -22.95 -9.71 -23.43
N SER I 308 -23.80 -10.66 -23.05
CA SER I 308 -23.33 -11.92 -22.51
C SER I 308 -24.17 -12.98 -23.15
N GLU I 309 -23.78 -14.24 -22.96
CA GLU I 309 -24.59 -15.28 -23.55
C GLU I 309 -25.89 -15.52 -22.77
N VAL I 310 -26.18 -14.63 -21.83
CA VAL I 310 -27.30 -14.79 -20.94
C VAL I 310 -28.27 -13.59 -21.01
N GLU I 311 -28.03 -12.71 -21.99
CA GLU I 311 -28.91 -11.55 -22.15
C GLU I 311 -30.36 -12.01 -22.37
N THR I 312 -31.29 -11.24 -21.81
CA THR I 312 -32.64 -11.70 -21.57
C THR I 312 -33.69 -10.64 -21.92
N LEU I 313 -34.76 -11.05 -22.60
CA LEU I 313 -35.87 -10.14 -22.87
C LEU I 313 -37.23 -10.77 -22.54
N HIS I 314 -38.23 -9.92 -22.38
CA HIS I 314 -39.61 -10.32 -22.14
C HIS I 314 -40.37 -10.36 -23.46
N LEU I 315 -40.88 -11.55 -23.81
CA LEU I 315 -41.56 -11.81 -25.09
C LEU I 315 -42.70 -10.83 -25.40
N ASN I 316 -43.40 -10.39 -24.37
CA ASN I 316 -44.48 -9.43 -24.57
C ASN I 316 -43.99 -8.07 -25.08
N ASP I 317 -42.87 -7.60 -24.53
CA ASP I 317 -42.31 -6.32 -24.95
C ASP I 317 -42.00 -6.37 -26.44
N LEU I 318 -41.47 -7.50 -26.88
CA LEU I 318 -41.18 -7.74 -28.28
C LEU I 318 -42.46 -7.66 -29.14
N GLU I 319 -43.53 -8.34 -28.70
CA GLU I 319 -44.79 -8.31 -29.42
C GLU I 319 -45.28 -6.89 -29.62
N LYS I 320 -45.34 -6.15 -28.52
CA LYS I 320 -45.81 -4.78 -28.56
C LYS I 320 -44.89 -3.93 -29.43
N LEU I 321 -43.62 -4.30 -29.51
CA LEU I 321 -42.67 -3.51 -30.28
C LEU I 321 -43.03 -3.54 -31.76
N VAL I 322 -43.27 -4.72 -32.30
CA VAL I 322 -43.63 -4.80 -33.73
C VAL I 322 -44.97 -4.13 -33.99
N LYS I 323 -45.95 -4.34 -33.11
CA LYS I 323 -47.21 -3.62 -33.22
C LYS I 323 -46.96 -2.11 -33.36
N LEU I 324 -46.06 -1.57 -32.53
CA LEU I 324 -45.71 -0.15 -32.59
C LEU I 324 -45.01 0.24 -33.90
N ILE I 325 -44.04 -0.55 -34.30
CA ILE I 325 -43.34 -0.30 -35.55
C ILE I 325 -44.34 -0.17 -36.69
N GLU I 326 -45.27 -1.11 -36.76
CA GLU I 326 -46.31 -1.08 -37.78
C GLU I 326 -47.22 0.15 -37.65
N ALA I 327 -47.68 0.43 -36.44
CA ALA I 327 -48.45 1.65 -36.18
C ALA I 327 -47.75 2.90 -36.70
N LEU I 328 -46.42 2.90 -36.68
CA LEU I 328 -45.65 4.06 -37.09
C LEU I 328 -45.60 4.20 -38.61
N ALA I 329 -45.53 3.06 -39.30
CA ALA I 329 -45.52 3.06 -40.75
C ALA I 329 -46.86 3.56 -41.28
N PHE I 330 -47.87 3.58 -40.42
CA PHE I 330 -49.22 3.99 -40.79
C PHE I 330 -49.52 5.43 -40.41
N GLU I 331 -49.14 5.80 -39.18
CA GLU I 331 -49.62 7.03 -38.58
C GLU I 331 -48.54 8.10 -38.38
N LEU I 332 -47.27 7.74 -38.56
CA LEU I 332 -46.21 8.70 -38.27
C LEU I 332 -46.17 9.79 -39.34
N MET J 2 40.77 25.86 -37.25
CA MET J 2 39.61 25.28 -36.57
C MET J 2 39.22 26.08 -35.31
N SER J 3 38.00 26.61 -35.30
CA SER J 3 37.46 27.27 -34.14
C SER J 3 37.30 26.26 -33.00
N MET J 4 36.95 26.76 -31.81
CA MET J 4 36.74 25.88 -30.66
C MET J 4 35.54 24.96 -30.92
N ILE J 5 34.45 25.52 -31.44
CA ILE J 5 33.29 24.70 -31.79
C ILE J 5 33.73 23.48 -32.62
N GLU J 6 34.58 23.73 -33.60
CA GLU J 6 35.03 22.71 -34.54
C GLU J 6 35.90 21.65 -33.87
N LYS J 7 36.73 22.08 -32.93
CA LYS J 7 37.56 21.14 -32.17
CA LYS J 7 37.57 21.14 -32.18
C LYS J 7 36.72 20.26 -31.26
N LEU J 8 35.71 20.86 -30.63
CA LEU J 8 34.82 20.10 -29.75
C LEU J 8 34.05 19.05 -30.55
N LYS J 9 33.67 19.40 -31.79
CA LYS J 9 32.89 18.49 -32.61
C LYS J 9 33.75 17.29 -32.97
N LYS J 10 34.98 17.57 -33.39
CA LYS J 10 35.89 16.53 -33.80
C LYS J 10 36.19 15.53 -32.68
N PHE J 11 36.60 16.03 -31.52
CA PHE J 11 36.95 15.14 -30.41
C PHE J 11 35.75 14.43 -29.73
N THR J 12 34.57 15.05 -29.71
CA THR J 12 33.39 14.40 -29.13
C THR J 12 32.86 13.25 -30.02
N GLN J 13 33.07 13.37 -31.34
CA GLN J 13 32.62 12.34 -32.27
C GLN J 13 33.45 11.05 -32.24
N ILE J 14 34.66 11.10 -31.70
CA ILE J 14 35.48 9.88 -31.65
C ILE J 14 35.00 8.92 -30.54
N PRO J 15 34.69 7.66 -30.90
CA PRO J 15 34.17 6.69 -29.93
C PRO J 15 35.28 6.08 -29.07
N GLY J 16 35.07 6.04 -27.76
CA GLY J 16 36.07 5.45 -26.88
C GLY J 16 35.63 5.41 -25.43
N ILE J 17 35.05 4.30 -25.01
CA ILE J 17 34.67 4.13 -23.62
C ILE J 17 35.87 3.75 -22.78
N SER J 18 35.66 3.73 -21.47
CA SER J 18 36.68 3.30 -20.54
C SER J 18 37.31 1.97 -20.94
N GLY J 19 38.63 1.95 -21.00
CA GLY J 19 39.38 0.78 -21.39
C GLY J 19 39.56 0.68 -22.90
N TYR J 20 38.78 1.47 -23.64
CA TYR J 20 38.81 1.43 -25.11
C TYR J 20 39.11 2.81 -25.70
N GLU J 21 40.09 3.49 -25.14
CA GLU J 21 40.37 4.87 -25.51
C GLU J 21 41.23 5.08 -26.78
N GLU J 22 41.68 4.00 -27.43
CA GLU J 22 42.62 4.07 -28.57
C GLU J 22 42.35 5.15 -29.59
N ARG J 23 41.11 5.27 -30.06
CA ARG J 23 40.84 6.21 -31.14
C ARG J 23 41.02 7.66 -30.73
N ILE J 24 40.87 7.95 -29.45
CA ILE J 24 41.04 9.32 -29.00
C ILE J 24 42.52 9.59 -28.81
N ARG J 25 43.22 8.65 -28.20
CA ARG J 25 44.65 8.79 -28.03
C ARG J 25 45.33 9.08 -29.37
N GLU J 26 45.09 8.21 -30.35
CA GLU J 26 45.58 8.40 -31.72
C GLU J 26 45.45 9.83 -32.23
N GLU J 27 44.24 10.37 -32.16
CA GLU J 27 43.97 11.72 -32.66
C GLU J 27 44.71 12.81 -31.88
N ILE J 28 44.88 12.61 -30.57
CA ILE J 28 45.64 13.56 -29.78
C ILE J 28 47.09 13.51 -30.25
N ILE J 29 47.58 12.28 -30.45
CA ILE J 29 48.91 12.08 -31.01
C ILE J 29 49.04 12.81 -32.35
N ARG J 30 48.05 12.63 -33.22
CA ARG J 30 48.09 13.26 -34.53
C ARG J 30 48.32 14.78 -34.47
N GLU J 31 47.74 15.47 -33.49
CA GLU J 31 47.96 16.91 -33.52
C GLU J 31 48.85 17.51 -32.44
N ILE J 32 49.56 16.64 -31.73
CA ILE J 32 50.52 17.11 -30.74
C ILE J 32 51.93 16.75 -31.21
N LYS J 33 52.01 15.72 -32.05
CA LYS J 33 53.28 15.13 -32.47
C LYS J 33 54.28 16.11 -33.07
N ASP J 34 53.80 17.05 -33.88
CA ASP J 34 54.68 18.06 -34.48
C ASP J 34 55.04 19.17 -33.50
N PHE J 35 54.61 19.05 -32.25
CA PHE J 35 54.84 20.08 -31.24
C PHE J 35 55.62 19.57 -30.06
N ALA J 36 55.36 18.33 -29.67
CA ALA J 36 55.96 17.85 -28.45
C ALA J 36 56.13 16.36 -28.48
N ASP J 37 57.09 15.88 -27.72
CA ASP J 37 57.30 14.44 -27.64
C ASP J 37 56.27 13.94 -26.63
N TYR J 38 56.10 12.62 -26.55
CA TYR J 38 55.03 12.03 -25.75
C TYR J 38 55.33 10.57 -25.56
N LYS J 39 54.72 9.98 -24.55
CA LYS J 39 54.82 8.54 -24.34
C LYS J 39 53.44 8.00 -23.95
N VAL J 40 53.29 6.68 -24.04
CA VAL J 40 52.06 6.02 -23.69
C VAL J 40 52.32 4.96 -22.63
N ASP J 41 51.54 5.04 -21.55
CA ASP J 41 51.54 4.09 -20.43
C ASP J 41 51.20 2.66 -20.81
N ALA J 42 51.50 1.75 -19.88
CA ALA J 42 51.04 0.37 -20.02
C ALA J 42 49.52 0.30 -19.92
N ILE J 43 48.89 1.27 -19.26
CA ILE J 43 47.44 1.24 -19.18
C ILE J 43 46.80 2.10 -20.26
N GLY J 44 47.60 2.95 -20.90
CA GLY J 44 47.10 3.69 -22.04
C GLY J 44 47.01 5.20 -21.90
N ASN J 45 47.47 5.74 -20.77
CA ASN J 45 47.56 7.19 -20.60
C ASN J 45 48.52 7.78 -21.63
N LEU J 46 48.20 8.97 -22.10
CA LEU J 46 49.07 9.72 -22.98
C LEU J 46 49.67 10.89 -22.21
N ILE J 47 51.01 10.91 -22.10
CA ILE J 47 51.70 11.91 -21.30
C ILE J 47 52.63 12.78 -22.11
N VAL J 48 52.52 14.09 -21.93
CA VAL J 48 53.40 15.07 -22.56
C VAL J 48 54.09 15.92 -21.49
N GLU J 49 55.42 15.96 -21.48
CA GLU J 49 56.15 16.76 -20.49
C GLU J 49 56.79 17.99 -21.10
N LEU J 50 56.55 19.14 -20.50
CA LEU J 50 57.22 20.35 -20.93
C LEU J 50 58.18 20.78 -19.83
N GLY J 51 59.22 21.53 -20.19
CA GLY J 51 60.22 21.98 -19.23
C GLY J 51 61.14 20.87 -18.74
N GLU J 52 61.91 21.16 -17.70
CA GLU J 52 62.80 20.15 -17.13
C GLU J 52 62.98 20.38 -15.64
N GLY J 53 63.44 19.33 -14.95
CA GLY J 53 63.70 19.43 -13.52
C GLY J 53 62.63 18.82 -12.64
N GLU J 54 62.24 19.56 -11.61
CA GLU J 54 61.26 19.08 -10.65
C GLU J 54 59.86 19.12 -11.24
N GLU J 55 59.09 18.07 -11.00
CA GLU J 55 57.71 17.99 -11.44
C GLU J 55 56.88 18.96 -10.61
N ARG J 56 56.45 20.04 -11.24
CA ARG J 56 55.79 21.13 -10.54
C ARG J 56 54.27 20.99 -10.64
N ILE J 57 53.79 20.69 -11.85
CA ILE J 57 52.37 20.64 -12.14
C ILE J 57 51.98 19.51 -13.08
N LEU J 58 50.92 18.81 -12.72
CA LEU J 58 50.34 17.76 -13.55
C LEU J 58 48.92 18.21 -13.88
N PHE J 59 48.60 18.26 -15.17
CA PHE J 59 47.25 18.53 -15.60
C PHE J 59 46.72 17.23 -16.23
N MET J 60 45.52 16.82 -15.82
CA MET J 60 44.88 15.58 -16.29
C MET J 60 43.48 15.83 -16.85
N ALA J 61 43.26 15.41 -18.10
CA ALA J 61 41.95 15.34 -18.72
C ALA J 61 41.74 13.92 -19.24
N HIS J 62 40.58 13.33 -18.95
CA HIS J 62 40.34 11.93 -19.35
C HIS J 62 39.81 11.75 -20.76
N MET J 63 40.22 10.66 -21.39
CA MET J 63 39.88 10.37 -22.78
C MET J 63 38.65 9.49 -22.92
N ASP J 64 38.29 8.81 -21.83
CA ASP J 64 37.15 7.88 -21.92
C ASP J 64 35.80 8.59 -21.78
N GLU J 65 34.79 8.06 -22.46
CA GLU J 65 33.42 8.49 -22.26
C GLU J 65 32.65 7.30 -21.74
N ILE J 66 31.47 7.53 -21.20
CA ILE J 66 30.64 6.43 -20.71
C ILE J 66 30.05 5.73 -21.92
N GLY J 67 29.62 4.48 -21.75
CA GLY J 67 28.94 3.79 -22.84
C GLY J 67 28.51 2.38 -22.52
N LEU J 68 28.44 1.55 -23.56
CA LEU J 68 27.91 0.20 -23.46
C LEU J 68 28.96 -0.84 -23.83
N LEU J 69 29.04 -1.92 -23.05
CA LEU J 69 29.93 -3.03 -23.36
C LEU J 69 29.13 -4.25 -23.80
N ILE J 70 29.40 -4.77 -24.99
CA ILE J 70 28.67 -5.92 -25.47
C ILE J 70 29.11 -7.16 -24.68
N THR J 71 28.14 -7.82 -24.02
CA THR J 71 28.44 -9.00 -23.21
C THR J 71 28.12 -10.30 -23.94
N GLY J 72 27.19 -10.23 -24.87
CA GLY J 72 26.82 -11.41 -25.65
C GLY J 72 25.81 -11.14 -26.74
N ILE J 73 25.57 -12.16 -27.56
CA ILE J 73 24.60 -12.11 -28.64
C ILE J 73 23.48 -13.09 -28.35
N THR J 74 22.25 -12.71 -28.68
CA THR J 74 21.08 -13.56 -28.43
C THR J 74 20.76 -14.45 -29.62
N ASP J 75 19.84 -15.39 -29.42
CA ASP J 75 19.39 -16.29 -30.48
C ASP J 75 18.75 -15.51 -31.63
N GLU J 76 18.01 -14.45 -31.28
CA GLU J 76 17.44 -13.58 -32.30
C GLU J 76 18.46 -12.62 -32.96
N GLY J 77 19.73 -12.75 -32.62
CA GLY J 77 20.78 -11.93 -33.23
C GLY J 77 20.96 -10.52 -32.67
N LYS J 78 20.39 -10.26 -31.49
CA LYS J 78 20.58 -8.96 -30.83
C LYS J 78 21.77 -8.96 -29.87
N LEU J 79 22.19 -7.77 -29.47
CA LEU J 79 23.33 -7.63 -28.59
C LEU J 79 22.89 -7.30 -27.18
N ARG J 80 23.30 -8.14 -26.22
CA ARG J 80 23.16 -7.77 -24.81
C ARG J 80 24.36 -6.95 -24.42
N PHE J 81 24.20 -6.14 -23.37
CA PHE J 81 25.25 -5.22 -22.99
C PHE J 81 25.20 -4.84 -21.52
N ARG J 82 26.29 -4.23 -21.10
CA ARG J 82 26.52 -3.79 -19.74
C ARG J 82 26.79 -2.31 -19.88
N LYS J 83 26.47 -1.53 -18.86
CA LYS J 83 26.83 -0.12 -18.86
C LYS J 83 28.25 0.05 -18.34
N VAL J 84 28.98 0.99 -18.94
CA VAL J 84 30.31 1.34 -18.46
C VAL J 84 30.32 2.81 -18.06
N GLY J 85 30.52 3.06 -16.77
CA GLY J 85 30.37 4.41 -16.25
C GLY J 85 28.91 4.68 -15.87
N GLY J 86 28.66 5.86 -15.33
CA GLY J 86 27.34 6.21 -14.85
C GLY J 86 26.44 6.65 -15.97
N ILE J 87 25.34 5.93 -16.18
CA ILE J 87 24.33 6.28 -17.17
C ILE J 87 22.96 6.01 -16.58
N ASP J 88 22.10 7.02 -16.63
CA ASP J 88 20.71 6.87 -16.26
C ASP J 88 20.01 5.97 -17.29
N ASP J 89 19.38 4.89 -16.83
CA ASP J 89 18.64 3.98 -17.72
C ASP J 89 17.61 4.69 -18.61
N ARG J 90 17.00 5.75 -18.09
CA ARG J 90 16.08 6.56 -18.89
C ARG J 90 16.66 7.06 -20.22
N LEU J 91 17.98 7.11 -20.32
CA LEU J 91 18.64 7.66 -21.49
C LEU J 91 19.02 6.57 -22.51
N LEU J 92 18.75 5.31 -22.17
CA LEU J 92 19.08 4.20 -23.07
C LEU J 92 17.95 3.88 -24.01
N TYR J 93 16.75 4.28 -23.65
CA TYR J 93 15.55 3.79 -24.33
C TYR J 93 15.24 4.56 -25.62
N GLY J 94 15.04 3.82 -26.71
CA GLY J 94 14.74 4.41 -28.01
C GLY J 94 15.85 5.31 -28.57
N ARG J 95 17.04 4.74 -28.78
CA ARG J 95 18.25 5.47 -29.13
C ARG J 95 19.08 4.82 -30.24
N HIS J 96 19.66 5.63 -31.12
CA HIS J 96 20.65 5.10 -32.05
C HIS J 96 21.96 4.97 -31.34
N VAL J 97 22.71 3.93 -31.68
CA VAL J 97 24.07 3.79 -31.20
C VAL J 97 25.03 3.45 -32.35
N ASN J 98 26.31 3.73 -32.13
CA ASN J 98 27.38 3.21 -32.97
C ASN J 98 28.04 2.04 -32.28
N VAL J 99 28.07 0.90 -32.95
CA VAL J 99 28.71 -0.29 -32.43
C VAL J 99 30.14 -0.39 -32.97
N VAL J 100 31.11 -0.31 -32.07
CA VAL J 100 32.49 -0.23 -32.48
C VAL J 100 33.15 -1.61 -32.39
N THR J 101 33.62 -2.10 -33.52
CA THR J 101 34.23 -3.42 -33.60
C THR J 101 35.62 -3.30 -34.21
N GLU J 102 36.35 -4.40 -34.21
CA GLU J 102 37.71 -4.47 -34.75
C GLU J 102 37.75 -4.14 -36.25
N LYS J 103 36.71 -4.55 -36.97
CA LYS J 103 36.63 -4.40 -38.43
C LYS J 103 36.16 -3.02 -38.88
N GLY J 104 35.35 -2.37 -38.05
CA GLY J 104 34.77 -1.09 -38.41
C GLY J 104 33.65 -0.71 -37.47
N ILE J 105 32.82 0.24 -37.90
CA ILE J 105 31.76 0.75 -37.05
C ILE J 105 30.41 0.51 -37.70
N LEU J 106 29.43 0.08 -36.90
CA LEU J 106 28.13 -0.32 -37.45
C LEU J 106 27.00 0.42 -36.76
N ASP J 107 25.95 0.75 -37.50
CA ASP J 107 24.76 1.32 -36.88
C ASP J 107 24.02 0.28 -36.03
N GLY J 108 23.52 0.73 -34.88
CA GLY J 108 22.73 -0.11 -33.99
C GLY J 108 21.56 0.70 -33.49
N VAL J 109 20.59 0.02 -32.91
CA VAL J 109 19.40 0.71 -32.48
C VAL J 109 18.88 0.02 -31.20
N ILE J 110 18.63 0.80 -30.16
CA ILE J 110 18.00 0.29 -28.95
C ILE J 110 16.54 0.66 -29.05
N GLY J 111 15.66 -0.32 -29.09
CA GLY J 111 14.29 -0.07 -29.53
C GLY J 111 13.38 0.60 -28.53
N ALA J 112 12.16 0.91 -28.97
CA ALA J 112 11.08 1.28 -28.06
C ALA J 112 9.80 0.58 -28.50
N THR J 113 8.91 0.31 -27.56
CA THR J 113 7.68 -0.39 -27.88
C THR J 113 6.55 0.62 -28.15
N PRO J 114 5.91 0.51 -29.31
CA PRO J 114 4.92 1.51 -29.76
C PRO J 114 3.65 1.51 -28.90
N PRO J 115 2.93 2.66 -28.88
CA PRO J 115 1.63 2.76 -28.21
C PRO J 115 0.61 1.87 -28.91
N HIS J 116 0.75 1.73 -30.22
CA HIS J 116 -0.13 0.89 -31.05
C HIS J 116 -0.16 -0.56 -30.56
N LEU J 117 1.02 -1.06 -30.17
CA LEU J 117 1.17 -2.42 -29.67
C LEU J 117 1.03 -2.46 -28.14
N LYS J 123 4.41 1.85 -18.70
CA LYS J 123 4.39 3.12 -17.98
C LYS J 123 5.62 3.31 -17.07
N SER J 124 6.68 2.55 -17.32
CA SER J 124 7.82 2.52 -16.40
C SER J 124 9.19 2.55 -17.08
N VAL J 125 10.23 2.82 -16.29
CA VAL J 125 11.60 2.85 -16.80
C VAL J 125 12.16 1.44 -17.01
N ILE J 126 12.46 1.10 -18.26
CA ILE J 126 12.98 -0.23 -18.59
C ILE J 126 14.45 -0.28 -18.17
N PRO J 127 14.81 -1.26 -17.32
CA PRO J 127 16.20 -1.32 -16.83
C PRO J 127 17.14 -1.82 -17.92
N TRP J 128 18.42 -1.45 -17.81
CA TRP J 128 19.42 -1.76 -18.84
C TRP J 128 19.49 -3.24 -19.13
N TYR J 129 19.33 -4.08 -18.12
CA TYR J 129 19.45 -5.54 -18.33
C TYR J 129 18.31 -6.17 -19.14
N ASP J 130 17.20 -5.43 -19.29
CA ASP J 130 16.13 -5.85 -20.20
C ASP J 130 16.23 -5.25 -21.62
N LEU J 131 17.31 -4.52 -21.90
CA LEU J 131 17.44 -3.89 -23.20
C LEU J 131 18.50 -4.60 -24.05
N VAL J 132 18.35 -4.50 -25.36
CA VAL J 132 19.34 -5.07 -26.29
C VAL J 132 19.59 -4.11 -27.44
N ILE J 133 20.66 -4.34 -28.17
CA ILE J 133 20.91 -3.57 -29.38
C ILE J 133 20.54 -4.34 -30.63
N ASP J 134 19.73 -3.72 -31.49
CA ASP J 134 19.34 -4.30 -32.78
C ASP J 134 20.28 -3.77 -33.86
N ILE J 135 21.04 -4.67 -34.47
CA ILE J 135 21.91 -4.30 -35.57
C ILE J 135 21.45 -4.85 -36.92
N GLY J 136 20.24 -5.39 -36.98
CA GLY J 136 19.70 -5.91 -38.23
C GLY J 136 20.17 -7.31 -38.60
N ALA J 137 20.59 -8.06 -37.60
CA ALA J 137 20.97 -9.45 -37.80
C ALA J 137 19.72 -10.30 -37.58
N GLU J 138 19.62 -11.41 -38.32
CA GLU J 138 18.45 -12.27 -38.26
C GLU J 138 18.65 -13.50 -37.37
N SER J 139 19.88 -13.67 -36.85
CA SER J 139 20.20 -14.82 -36.02
C SER J 139 21.57 -14.67 -35.37
N LYS J 140 21.82 -15.47 -34.34
CA LYS J 140 23.06 -15.40 -33.57
C LYS J 140 24.29 -15.50 -34.46
N GLU J 141 24.21 -16.35 -35.49
CA GLU J 141 25.34 -16.62 -36.36
C GLU J 141 25.63 -15.40 -37.22
N GLU J 142 24.59 -14.78 -37.73
CA GLU J 142 24.73 -13.57 -38.51
C GLU J 142 25.34 -12.45 -37.64
N ALA J 143 24.90 -12.35 -36.39
CA ALA J 143 25.41 -11.32 -35.46
C ALA J 143 26.88 -11.50 -35.09
N LEU J 144 27.27 -12.74 -34.79
CA LEU J 144 28.66 -13.05 -34.45
C LEU J 144 29.62 -12.77 -35.60
N GLU J 145 29.08 -12.65 -36.81
CA GLU J 145 29.87 -12.27 -37.97
C GLU J 145 30.18 -10.78 -37.98
N LEU J 146 29.33 -9.98 -37.34
CA LEU J 146 29.49 -8.52 -37.33
C LEU J 146 30.11 -8.04 -36.02
N VAL J 147 29.69 -8.66 -34.93
CA VAL J 147 30.06 -8.18 -33.60
C VAL J 147 30.44 -9.33 -32.69
N LYS J 148 31.37 -9.07 -31.78
CA LYS J 148 31.82 -10.07 -30.83
C LYS J 148 31.60 -9.55 -29.41
N PRO J 149 31.49 -10.47 -28.44
CA PRO J 149 31.48 -10.03 -27.05
C PRO J 149 32.72 -9.22 -26.74
N LEU J 150 32.56 -8.13 -25.97
CA LEU J 150 33.66 -7.24 -25.58
C LEU J 150 33.97 -6.17 -26.63
N ASP J 151 33.18 -6.14 -27.70
CA ASP J 151 33.13 -4.93 -28.52
C ASP J 151 32.35 -3.91 -27.70
N PHE J 152 32.19 -2.70 -28.20
CA PHE J 152 31.51 -1.72 -27.38
C PHE J 152 30.61 -0.85 -28.22
N ALA J 153 29.79 -0.03 -27.56
CA ALA J 153 28.91 0.88 -28.26
C ALA J 153 28.82 2.19 -27.49
N VAL J 154 28.62 3.29 -28.22
CA VAL J 154 28.35 4.59 -27.62
C VAL J 154 27.18 5.17 -28.39
N PHE J 155 26.49 6.14 -27.80
CA PHE J 155 25.39 6.80 -28.50
C PHE J 155 25.84 7.52 -29.79
N LYS J 156 24.98 7.53 -30.80
CA LYS J 156 25.15 8.49 -31.88
C LYS J 156 24.97 9.87 -31.28
N LYS J 157 25.67 10.85 -31.82
CA LYS J 157 25.80 12.14 -31.14
C LYS J 157 25.37 13.31 -32.01
N HIS J 158 24.21 13.87 -31.71
CA HIS J 158 23.85 15.14 -32.30
C HIS J 158 24.82 16.18 -31.75
N PHE J 159 25.20 17.16 -32.57
CA PHE J 159 26.03 18.26 -32.11
C PHE J 159 25.30 19.57 -32.36
N SER J 160 25.03 20.31 -31.28
CA SER J 160 24.18 21.50 -31.32
C SER J 160 24.91 22.69 -30.76
N VAL J 161 24.54 23.87 -31.26
CA VAL J 161 25.03 25.13 -30.76
C VAL J 161 23.81 25.94 -30.38
N LEU J 162 23.70 26.30 -29.10
CA LEU J 162 22.50 27.01 -28.66
C LEU J 162 22.71 28.50 -28.63
N ASN J 163 21.95 29.20 -29.47
CA ASN J 163 21.93 30.66 -29.44
C ASN J 163 23.35 31.24 -29.50
N GLY J 164 24.20 30.59 -30.28
CA GLY J 164 25.54 31.08 -30.54
C GLY J 164 26.56 30.99 -29.41
N LYS J 165 26.15 30.57 -28.22
CA LYS J 165 27.04 30.60 -27.04
C LYS J 165 27.32 29.25 -26.38
N TYR J 166 26.40 28.31 -26.55
CA TYR J 166 26.48 27.02 -25.90
C TYR J 166 26.68 25.88 -26.90
N VAL J 167 27.43 24.87 -26.50
CA VAL J 167 27.57 23.62 -27.24
C VAL J 167 26.89 22.49 -26.45
N SER J 168 26.00 21.72 -27.08
CA SER J 168 25.41 20.50 -26.49
C SER J 168 25.78 19.29 -27.31
N THR J 169 26.37 18.31 -26.66
CA THR J 169 26.70 17.05 -27.32
C THR J 169 27.28 16.09 -26.31
N ARG J 170 27.00 14.82 -26.49
CA ARG J 170 27.56 13.77 -25.66
C ARG J 170 29.09 13.77 -25.76
N GLY J 171 29.76 13.77 -24.61
CA GLY J 171 31.21 13.69 -24.58
C GLY J 171 31.97 14.98 -24.29
N LEU J 172 31.27 16.10 -24.16
CA LEU J 172 31.93 17.30 -23.66
C LEU J 172 32.74 16.89 -22.43
N ASP J 173 32.13 16.06 -21.61
CA ASP J 173 32.81 15.44 -20.50
C ASP J 173 33.49 14.18 -21.02
N ASP J 174 34.81 14.20 -21.22
CA ASP J 174 35.71 15.31 -20.87
C ASP J 174 36.53 15.66 -22.12
N ARG J 175 35.89 15.65 -23.29
CA ARG J 175 36.60 16.02 -24.52
C ARG J 175 36.87 17.51 -24.59
N PHE J 176 36.14 18.31 -23.81
CA PHE J 176 36.49 19.71 -23.66
C PHE J 176 37.83 19.83 -22.93
N GLY J 177 38.03 18.93 -21.96
CA GLY J 177 39.28 18.90 -21.23
C GLY J 177 40.44 18.48 -22.12
N VAL J 178 40.20 17.50 -22.98
CA VAL J 178 41.22 17.09 -23.93
C VAL J 178 41.60 18.27 -24.83
N VAL J 179 40.60 18.91 -25.44
CA VAL J 179 40.81 20.06 -26.31
C VAL J 179 41.60 21.15 -25.58
N ALA J 180 41.23 21.42 -24.34
CA ALA J 180 41.87 22.47 -23.57
C ALA J 180 43.35 22.18 -23.35
N LEU J 181 43.68 20.95 -22.99
CA LEU J 181 45.07 20.63 -22.74
C LEU J 181 45.91 20.70 -24.02
N ILE J 182 45.36 20.18 -25.13
CA ILE J 182 46.05 20.29 -26.41
C ILE J 182 46.38 21.75 -26.72
N GLU J 183 45.37 22.61 -26.62
CA GLU J 183 45.54 24.04 -26.81
C GLU J 183 46.69 24.55 -25.93
N ALA J 184 46.63 24.24 -24.64
CA ALA J 184 47.65 24.71 -23.70
C ALA J 184 49.03 24.22 -24.12
N ILE J 185 49.11 22.97 -24.56
CA ILE J 185 50.38 22.39 -25.01
C ILE J 185 50.98 23.19 -26.16
N LYS J 186 50.17 23.50 -27.17
CA LYS J 186 50.66 24.24 -28.31
C LYS J 186 51.10 25.63 -27.90
N ASP J 187 50.32 26.26 -27.01
CA ASP J 187 50.64 27.62 -26.61
C ASP J 187 51.91 27.70 -25.74
N LEU J 188 52.31 26.57 -25.16
CA LEU J 188 53.34 26.60 -24.14
C LEU J 188 54.68 26.00 -24.54
N VAL J 189 54.69 25.14 -25.57
CA VAL J 189 55.89 24.40 -25.94
C VAL J 189 57.08 25.31 -26.20
N ASP J 190 56.81 26.49 -26.75
CA ASP J 190 57.88 27.40 -27.16
C ASP J 190 58.35 28.33 -26.06
N HIS J 191 57.68 28.30 -24.92
CA HIS J 191 58.08 29.13 -23.80
C HIS J 191 58.96 28.33 -22.86
N GLU J 192 59.75 29.05 -22.07
CA GLU J 192 60.59 28.40 -21.09
C GLU J 192 59.82 28.33 -19.77
N LEU J 193 59.76 27.14 -19.16
CA LEU J 193 58.95 26.93 -17.97
C LEU J 193 59.78 26.46 -16.78
N GLU J 194 59.40 26.93 -15.59
CA GLU J 194 60.07 26.54 -14.35
C GLU J 194 59.68 25.13 -13.95
N GLY J 195 60.69 24.28 -13.75
CA GLY J 195 60.44 22.86 -13.52
C GLY J 195 59.66 22.27 -14.69
N LYS J 196 59.09 21.08 -14.48
CA LYS J 196 58.27 20.42 -15.48
C LYS J 196 56.79 20.69 -15.27
N VAL J 197 56.07 20.93 -16.35
CA VAL J 197 54.61 20.96 -16.32
C VAL J 197 54.11 19.78 -17.14
N ILE J 198 53.40 18.88 -16.49
CA ILE J 198 53.03 17.64 -17.15
C ILE J 198 51.57 17.60 -17.59
N PHE J 199 51.35 17.24 -18.85
CA PHE J 199 50.02 17.11 -19.42
C PHE J 199 49.73 15.64 -19.63
N ALA J 200 48.63 15.16 -19.07
CA ALA J 200 48.32 13.75 -19.18
C ALA J 200 46.86 13.56 -19.59
N PHE J 201 46.67 12.79 -20.65
CA PHE J 201 45.35 12.45 -21.14
C PHE J 201 45.10 11.06 -20.68
N THR J 202 44.21 10.93 -19.70
CA THR J 202 44.10 9.70 -18.92
C THR J 202 43.05 8.74 -19.46
N VAL J 203 43.16 7.48 -19.03
CA VAL J 203 42.20 6.43 -19.37
C VAL J 203 41.33 6.10 -18.15
N GLN J 204 40.19 5.49 -18.44
CA GLN J 204 39.36 4.86 -17.42
C GLN J 204 39.02 5.78 -16.24
N GLU J 205 38.77 7.06 -16.49
CA GLU J 205 38.38 7.94 -15.40
C GLU J 205 36.98 7.60 -14.92
N GLU J 206 36.12 7.17 -15.85
CA GLU J 206 34.71 6.99 -15.58
C GLU J 206 34.42 5.74 -14.76
N VAL J 207 35.45 4.92 -14.56
CA VAL J 207 35.27 3.69 -13.78
C VAL J 207 36.26 3.63 -12.64
N GLY J 208 36.41 4.75 -11.92
CA GLY J 208 37.21 4.74 -10.72
C GLY J 208 38.63 5.28 -10.89
N LEU J 209 38.81 6.21 -11.83
CA LEU J 209 40.08 6.94 -11.95
C LEU J 209 41.27 6.00 -12.12
N LYS J 210 41.12 4.98 -12.96
CA LYS J 210 42.12 3.93 -13.08
C LYS J 210 43.41 4.41 -13.76
N GLY J 211 43.29 5.24 -14.79
CA GLY J 211 44.46 5.77 -15.46
C GLY J 211 45.21 6.70 -14.54
N ALA J 212 44.47 7.55 -13.83
CA ALA J 212 45.06 8.49 -12.90
C ALA J 212 45.86 7.77 -11.82
N LYS J 213 45.29 6.71 -11.24
CA LYS J 213 45.96 6.00 -10.15
C LYS J 213 47.25 5.33 -10.61
N PHE J 214 47.25 4.84 -11.85
CA PHE J 214 48.45 4.29 -12.47
C PHE J 214 49.50 5.39 -12.59
N LEU J 215 49.04 6.54 -13.09
CA LEU J 215 49.87 7.71 -13.25
C LEU J 215 50.53 8.11 -11.94
N ALA J 216 49.88 7.78 -10.81
CA ALA J 216 50.30 8.25 -9.50
C ALA J 216 51.52 7.51 -8.96
N ASN J 217 51.74 6.29 -9.41
CA ASN J 217 53.07 5.75 -9.37
C ASN J 217 53.66 6.39 -10.63
N HIS J 218 54.96 6.48 -10.80
CA HIS J 218 55.51 7.16 -12.00
C HIS J 218 55.62 8.70 -11.93
N TYR J 219 54.65 9.37 -11.32
CA TYR J 219 54.68 10.85 -11.21
C TYR J 219 54.38 11.37 -9.82
N TYR J 220 55.12 12.40 -9.43
CA TYR J 220 55.04 12.94 -8.09
C TYR J 220 55.06 14.47 -8.14
N PRO J 221 53.99 15.07 -8.70
CA PRO J 221 53.96 16.52 -8.90
C PRO J 221 53.73 17.27 -7.60
N GLN J 222 54.25 18.49 -7.53
CA GLN J 222 53.96 19.36 -6.39
C GLN J 222 52.48 19.72 -6.43
N TYR J 223 51.98 20.04 -7.62
CA TYR J 223 50.56 20.33 -7.81
C TYR J 223 49.92 19.39 -8.84
N ALA J 224 48.78 18.81 -8.49
CA ALA J 224 48.07 17.91 -9.41
C ALA J 224 46.64 18.38 -9.66
N PHE J 225 46.34 18.66 -10.93
CA PHE J 225 45.07 19.23 -11.33
C PHE J 225 44.31 18.25 -12.22
N ALA J 226 43.00 18.16 -12.02
CA ALA J 226 42.15 17.53 -13.02
C ALA J 226 41.39 18.61 -13.77
N ILE J 227 41.34 18.51 -15.09
CA ILE J 227 40.54 19.39 -15.92
C ILE J 227 39.32 18.58 -16.36
N ASP J 228 38.13 18.90 -15.81
CA ASP J 228 36.96 18.04 -15.92
C ASP J 228 35.66 18.82 -15.69
N SER J 229 34.53 18.17 -15.90
CA SER J 229 33.21 18.80 -15.80
C SER J 229 32.94 19.31 -14.39
N PHE J 230 31.99 20.22 -14.29
CA PHE J 230 31.44 20.62 -13.01
C PHE J 230 29.93 20.60 -13.24
N ALA J 231 29.27 19.57 -12.72
CA ALA J 231 27.82 19.44 -12.82
C ALA J 231 27.09 20.65 -12.26
N CYS J 232 26.19 21.22 -13.05
CA CYS J 232 25.48 22.45 -12.75
C CYS J 232 24.11 22.32 -13.40
N CYS J 233 23.06 22.91 -12.83
CA CYS J 233 23.10 23.71 -11.63
C CYS J 233 21.97 23.26 -10.71
N SER J 234 22.14 23.47 -9.41
CA SER J 234 21.12 23.09 -8.44
C SER J 234 21.45 23.80 -7.14
N PRO J 235 20.61 23.61 -6.10
CA PRO J 235 20.92 24.23 -4.80
C PRO J 235 22.28 23.82 -4.23
N LEU J 236 22.76 22.62 -4.53
CA LEU J 236 24.11 22.24 -4.08
C LEU J 236 25.22 23.11 -4.69
N THR J 237 25.00 23.61 -5.91
CA THR J 237 26.03 24.31 -6.67
C THR J 237 26.06 25.84 -6.44
N GLY J 238 25.37 26.29 -5.41
CA GLY J 238 25.36 27.71 -5.07
C GLY J 238 25.08 28.60 -6.28
N ASP J 239 25.89 29.63 -6.43
CA ASP J 239 25.74 30.60 -7.51
C ASP J 239 26.63 30.34 -8.72
N VAL J 240 27.16 29.12 -8.87
CA VAL J 240 27.89 28.77 -10.08
C VAL J 240 26.94 28.79 -11.28
N LYS J 241 27.34 29.49 -12.33
CA LYS J 241 26.52 29.65 -13.53
C LYS J 241 27.29 29.44 -14.83
N LEU J 242 26.67 28.77 -15.80
CA LEU J 242 27.21 28.75 -17.17
C LEU J 242 27.38 30.19 -17.67
N GLY J 243 28.57 30.49 -18.19
CA GLY J 243 28.85 31.81 -18.74
C GLY J 243 29.58 32.75 -17.80
N LYS J 244 29.76 32.34 -16.55
CA LYS J 244 30.42 33.19 -15.55
C LYS J 244 31.88 32.81 -15.29
N GLY J 245 32.43 31.94 -16.13
CA GLY J 245 33.84 31.63 -16.07
C GLY J 245 34.10 30.20 -15.68
N PRO J 246 35.36 29.76 -15.82
CA PRO J 246 35.77 28.43 -15.34
C PRO J 246 35.50 28.33 -13.84
N VAL J 247 35.43 27.13 -13.29
CA VAL J 247 35.07 26.93 -11.89
C VAL J 247 36.13 26.15 -11.15
N ILE J 248 36.58 26.66 -10.02
CA ILE J 248 37.34 25.85 -9.10
C ILE J 248 36.40 24.83 -8.47
N ARG J 249 36.63 23.54 -8.73
CA ARG J 249 35.83 22.51 -8.06
C ARG J 249 36.45 22.23 -6.71
N ALA J 250 36.07 22.99 -5.69
CA ALA J 250 36.74 22.95 -4.40
C ALA J 250 36.51 21.65 -3.62
N VAL J 251 35.28 21.14 -3.74
CA VAL J 251 34.84 19.95 -3.01
C VAL J 251 33.82 19.17 -3.84
N ASP J 252 34.05 17.88 -3.98
CA ASP J 252 33.08 16.96 -4.57
C ASP J 252 32.93 15.70 -3.70
N ASN J 253 32.44 14.59 -4.24
CA ASN J 253 32.25 13.39 -3.41
C ASN J 253 33.54 12.60 -3.22
N SER J 254 34.53 12.89 -4.03
CA SER J 254 35.79 12.18 -3.98
C SER J 254 36.82 12.88 -3.08
N ALA J 255 36.59 14.17 -2.81
CA ALA J 255 37.59 14.95 -2.10
C ALA J 255 37.20 16.38 -1.65
N ILE J 256 37.73 16.77 -0.51
CA ILE J 256 37.94 18.18 -0.21
C ILE J 256 39.33 18.46 -0.75
N TYR J 257 39.42 19.27 -1.80
CA TYR J 257 40.71 19.52 -2.43
C TYR J 257 41.52 20.53 -1.62
N SER J 258 42.79 20.74 -2.00
CA SER J 258 43.68 21.66 -1.27
C SER J 258 43.14 23.08 -1.30
N ARG J 259 42.79 23.59 -0.12
CA ARG J 259 42.37 24.98 0.04
C ARG J 259 43.51 25.95 -0.22
N ASP J 260 44.73 25.56 0.12
CA ASP J 260 45.93 26.34 -0.24
C ASP J 260 45.98 26.57 -1.77
N LEU J 261 45.88 25.48 -2.53
CA LEU J 261 45.96 25.55 -3.99
C LEU J 261 44.79 26.30 -4.64
N ALA J 262 43.61 26.21 -4.03
CA ALA J 262 42.48 26.92 -4.60
C ALA J 262 42.76 28.40 -4.50
N ARG J 263 43.25 28.82 -3.34
CA ARG J 263 43.52 30.23 -3.10
C ARG J 263 44.56 30.78 -4.08
N LYS J 264 45.60 30.00 -4.35
CA LYS J 264 46.59 30.42 -5.33
C LYS J 264 45.97 30.57 -6.72
N VAL J 265 45.15 29.60 -7.13
CA VAL J 265 44.54 29.65 -8.44
C VAL J 265 43.68 30.90 -8.54
N TRP J 266 42.88 31.14 -7.51
CA TRP J 266 41.96 32.27 -7.48
C TRP J 266 42.73 33.56 -7.62
N SER J 267 43.86 33.64 -6.92
CA SER J 267 44.72 34.83 -6.95
C SER J 267 45.32 35.03 -8.33
N ILE J 268 45.78 33.95 -8.94
CA ILE J 268 46.36 34.03 -10.27
C ILE J 268 45.35 34.41 -11.34
N ALA J 269 44.09 34.02 -11.17
CA ALA J 269 43.03 34.36 -12.12
C ALA J 269 42.71 35.85 -12.05
N GLU J 270 42.57 36.36 -10.83
CA GLU J 270 42.30 37.77 -10.62
C GLU J 270 43.43 38.63 -11.15
N LYS J 271 44.65 38.23 -10.86
CA LYS J 271 45.84 38.92 -11.33
C LYS J 271 45.74 39.12 -12.84
N ASN J 272 45.26 38.09 -13.53
CA ASN J 272 45.17 38.07 -14.98
C ASN J 272 43.84 38.53 -15.55
N GLY J 273 42.96 39.04 -14.69
CA GLY J 273 41.67 39.51 -15.14
C GLY J 273 40.77 38.39 -15.65
N ILE J 274 40.99 37.17 -15.16
CA ILE J 274 40.20 36.03 -15.60
C ILE J 274 39.05 35.78 -14.65
N GLU J 275 37.84 36.06 -15.11
CA GLU J 275 36.62 35.74 -14.35
C GLU J 275 36.68 34.30 -13.88
N ILE J 276 36.27 34.06 -12.65
CA ILE J 276 36.44 32.72 -12.11
C ILE J 276 35.38 32.44 -11.05
N GLN J 277 35.05 31.17 -10.89
CA GLN J 277 33.99 30.77 -9.98
C GLN J 277 34.53 29.67 -9.10
N ILE J 278 33.87 29.45 -7.96
CA ILE J 278 34.24 28.36 -7.08
C ILE J 278 32.97 27.74 -6.50
N GLY J 279 32.97 26.43 -6.31
CA GLY J 279 31.81 25.76 -5.75
C GLY J 279 31.97 24.28 -5.42
N VAL J 280 30.88 23.69 -4.97
CA VAL J 280 30.80 22.28 -4.59
C VAL J 280 29.91 21.53 -5.57
N THR J 281 30.24 20.28 -5.87
CA THR J 281 29.39 19.48 -6.75
C THR J 281 29.48 17.97 -6.48
N GLY J 282 28.87 17.17 -7.34
CA GLY J 282 28.91 15.72 -7.16
C GLY J 282 29.90 15.00 -8.05
N GLY J 283 30.32 13.81 -7.61
CA GLY J 283 31.24 12.99 -8.38
C GLY J 283 32.68 13.10 -7.92
N GLY J 284 33.59 12.50 -8.68
CA GLY J 284 35.00 12.58 -8.39
C GLY J 284 35.80 12.98 -9.63
N THR J 285 37.08 13.31 -9.45
CA THR J 285 38.00 13.56 -10.56
C THR J 285 39.32 12.80 -10.37
N ASP J 286 40.12 12.74 -11.42
CA ASP J 286 41.48 12.17 -11.39
C ASP J 286 42.35 12.80 -10.30
N ALA J 287 42.11 14.07 -10.01
CA ALA J 287 42.94 14.77 -9.03
C ALA J 287 42.90 14.07 -7.67
N SER J 288 41.78 13.44 -7.35
CA SER J 288 41.67 12.77 -6.05
C SER J 288 42.65 11.59 -5.92
N ALA J 289 43.10 11.06 -7.06
CA ALA J 289 44.09 9.96 -7.05
C ALA J 289 45.47 10.43 -6.59
N PHE J 290 45.63 11.75 -6.44
CA PHE J 290 46.93 12.30 -6.05
C PHE J 290 46.88 12.94 -4.68
N GLN J 291 45.71 12.92 -4.04
CA GLN J 291 45.52 13.51 -2.72
C GLN J 291 46.48 12.86 -1.73
N ASP J 292 46.92 11.69 -2.16
CA ASP J 292 48.01 10.89 -1.63
C ASP J 292 49.38 11.55 -1.38
N ARG J 293 49.74 12.55 -2.18
CA ARG J 293 51.14 13.02 -2.26
C ARG J 293 51.32 14.47 -2.67
N SER J 294 50.33 15.01 -3.38
CA SER J 294 50.43 16.35 -3.95
C SER J 294 49.35 17.22 -3.37
N LYS J 295 49.47 18.53 -3.55
CA LYS J 295 48.33 19.40 -3.35
C LYS J 295 47.51 19.17 -4.60
N THR J 296 46.21 18.99 -4.43
CA THR J 296 45.34 18.65 -5.55
C THR J 296 44.19 19.63 -5.70
N LEU J 297 43.75 19.82 -6.92
CA LEU J 297 42.53 20.59 -7.17
C LEU J 297 41.90 20.19 -8.51
N ALA J 298 40.61 20.44 -8.65
CA ALA J 298 39.95 20.22 -9.94
C ALA J 298 39.52 21.56 -10.45
N LEU J 299 39.65 21.73 -11.76
CA LEU J 299 39.26 22.96 -12.42
C LEU J 299 38.35 22.54 -13.56
N SER J 300 37.31 23.32 -13.82
CA SER J 300 36.25 22.89 -14.71
C SER J 300 35.66 24.02 -15.52
N VAL J 301 34.82 23.68 -16.49
CA VAL J 301 33.76 24.61 -16.84
C VAL J 301 32.47 24.00 -16.29
N PRO J 302 31.50 24.85 -15.95
CA PRO J 302 30.26 24.23 -15.48
C PRO J 302 29.59 23.53 -16.66
N ILE J 303 28.93 22.40 -16.43
CA ILE J 303 28.25 21.64 -17.48
C ILE J 303 26.81 21.21 -17.08
N LYS J 304 25.86 21.56 -17.93
CA LYS J 304 24.45 21.22 -17.70
C LYS J 304 24.16 19.87 -18.31
N TYR J 305 23.18 19.17 -17.75
CA TYR J 305 22.70 17.88 -18.27
C TYR J 305 23.81 16.84 -18.42
N LEU J 306 24.75 16.87 -17.49
CA LEU J 306 25.94 16.00 -17.55
C LEU J 306 25.55 14.55 -17.78
N HIS J 307 26.33 13.84 -18.60
CA HIS J 307 26.19 12.40 -18.80
C HIS J 307 24.95 12.03 -19.61
N SER J 308 24.62 12.88 -20.57
CA SER J 308 23.51 12.66 -21.50
C SER J 308 23.95 13.13 -22.88
N GLU J 309 23.09 12.94 -23.87
CA GLU J 309 23.36 13.40 -25.21
C GLU J 309 23.27 14.92 -25.30
N VAL J 310 22.71 15.56 -24.28
CA VAL J 310 22.47 16.99 -24.34
C VAL J 310 23.31 17.80 -23.35
N GLU J 311 24.34 17.18 -22.78
CA GLU J 311 25.23 17.94 -21.89
C GLU J 311 25.76 19.19 -22.61
N THR J 312 25.77 20.30 -21.89
CA THR J 312 25.93 21.62 -22.47
C THR J 312 26.94 22.48 -21.72
N LEU J 313 27.84 23.11 -22.47
CA LEU J 313 28.76 24.08 -21.88
C LEU J 313 28.67 25.44 -22.58
N HIS J 314 29.15 26.48 -21.91
CA HIS J 314 29.26 27.83 -22.45
C HIS J 314 30.67 28.08 -23.03
N LEU J 315 30.76 28.35 -24.32
CA LEU J 315 32.06 28.53 -24.98
C LEU J 315 33.01 29.54 -24.32
N ASN J 316 32.48 30.64 -23.78
CA ASN J 316 33.31 31.59 -23.05
C ASN J 316 34.01 31.05 -21.80
N ASP J 317 33.34 30.16 -21.07
CA ASP J 317 33.95 29.53 -19.90
C ASP J 317 35.17 28.72 -20.33
N LEU J 318 35.05 28.06 -21.47
CA LEU J 318 36.09 27.19 -22.00
C LEU J 318 37.31 27.99 -22.47
N GLU J 319 37.03 29.06 -23.21
CA GLU J 319 38.07 29.97 -23.66
C GLU J 319 38.84 30.46 -22.43
N LYS J 320 38.11 30.91 -21.41
CA LYS J 320 38.75 31.36 -20.18
C LYS J 320 39.50 30.25 -19.44
N LEU J 321 39.00 29.02 -19.54
CA LEU J 321 39.67 27.93 -18.87
C LEU J 321 41.05 27.74 -19.46
N VAL J 322 41.14 27.78 -20.79
CA VAL J 322 42.43 27.65 -21.47
C VAL J 322 43.38 28.77 -21.04
N LYS J 323 42.87 29.99 -20.93
CA LYS J 323 43.71 31.11 -20.47
C LYS J 323 44.24 30.85 -19.07
N LEU J 324 43.36 30.37 -18.19
CA LEU J 324 43.71 30.11 -16.81
C LEU J 324 44.78 29.02 -16.66
N ILE J 325 44.62 27.93 -17.42
CA ILE J 325 45.58 26.83 -17.40
C ILE J 325 46.99 27.28 -17.82
N GLU J 326 47.06 28.18 -18.80
CA GLU J 326 48.34 28.69 -19.27
C GLU J 326 48.99 29.56 -18.22
N ALA J 327 48.22 30.47 -17.63
CA ALA J 327 48.74 31.34 -16.58
C ALA J 327 49.27 30.55 -15.39
N LEU J 328 48.61 29.44 -15.08
CA LEU J 328 49.05 28.60 -13.96
C LEU J 328 50.39 27.97 -14.30
N ALA J 329 50.52 27.51 -15.54
CA ALA J 329 51.80 26.98 -16.02
C ALA J 329 52.92 28.01 -15.85
N PHE J 330 52.62 29.29 -16.05
CA PHE J 330 53.61 30.36 -15.88
C PHE J 330 53.83 30.79 -14.43
N GLU J 331 52.74 30.97 -13.68
CA GLU J 331 52.80 31.67 -12.40
C GLU J 331 52.69 30.79 -11.15
N LEU J 332 52.07 29.62 -11.26
CA LEU J 332 51.82 28.82 -10.08
C LEU J 332 53.14 28.50 -9.37
N MET K 2 26.34 -50.88 20.35
CA MET K 2 27.09 -49.63 20.27
C MET K 2 26.38 -48.53 21.06
N SER K 3 26.92 -47.32 20.98
CA SER K 3 26.38 -46.20 21.73
C SER K 3 25.08 -45.70 21.09
N MET K 4 24.31 -44.94 21.87
CA MET K 4 23.14 -44.26 21.36
C MET K 4 23.54 -43.40 20.16
N ILE K 5 24.55 -42.55 20.37
CA ILE K 5 25.04 -41.66 19.33
C ILE K 5 25.22 -42.42 18.01
N GLU K 6 25.92 -43.54 18.04
CA GLU K 6 26.17 -44.32 16.82
C GLU K 6 24.92 -45.06 16.29
N LYS K 7 24.01 -45.43 17.17
CA LYS K 7 22.75 -46.05 16.73
C LYS K 7 21.90 -45.00 16.01
N LEU K 8 21.82 -43.84 16.62
CA LEU K 8 21.11 -42.72 16.03
C LEU K 8 21.67 -42.40 14.65
N LYS K 9 23.00 -42.36 14.55
CA LYS K 9 23.65 -41.97 13.29
C LYS K 9 23.36 -43.01 12.22
N LYS K 10 23.45 -44.28 12.61
CA LYS K 10 23.19 -45.36 11.67
C LYS K 10 21.78 -45.25 11.07
N PHE K 11 20.77 -45.13 11.93
CA PHE K 11 19.40 -45.12 11.44
C PHE K 11 18.96 -43.81 10.76
N THR K 12 19.48 -42.68 11.23
CA THR K 12 19.14 -41.40 10.57
C THR K 12 19.69 -41.30 9.17
N GLN K 13 20.84 -41.93 8.94
CA GLN K 13 21.51 -41.83 7.64
C GLN K 13 20.82 -42.62 6.55
N ILE K 14 19.98 -43.58 6.94
CA ILE K 14 19.23 -44.38 5.96
C ILE K 14 18.12 -43.54 5.33
N PRO K 15 18.11 -43.44 3.99
CA PRO K 15 17.09 -42.64 3.28
C PRO K 15 15.79 -43.40 3.03
N GLY K 16 14.68 -42.81 3.45
CA GLY K 16 13.37 -43.40 3.22
C GLY K 16 12.23 -42.46 3.58
N ILE K 17 11.61 -41.86 2.56
CA ILE K 17 10.47 -40.97 2.73
C ILE K 17 9.19 -41.77 2.89
N SER K 18 8.08 -41.06 3.12
CA SER K 18 6.77 -41.69 3.24
C SER K 18 6.44 -42.52 2.00
N GLY K 19 6.09 -43.79 2.22
CA GLY K 19 5.76 -44.68 1.12
C GLY K 19 6.97 -45.38 0.55
N TYR K 20 8.17 -45.04 1.03
CA TYR K 20 9.40 -45.61 0.51
C TYR K 20 10.32 -46.05 1.63
N GLU K 21 9.73 -46.69 2.64
CA GLU K 21 10.47 -47.05 3.85
C GLU K 21 11.30 -48.35 3.78
N GLU K 22 11.52 -48.92 2.59
CA GLU K 22 12.26 -50.19 2.41
C GLU K 22 13.50 -50.33 3.25
N ARG K 23 14.43 -49.40 3.04
CA ARG K 23 15.77 -49.50 3.62
C ARG K 23 15.76 -49.45 5.13
N ILE K 24 14.90 -48.60 5.69
CA ILE K 24 14.78 -48.55 7.15
C ILE K 24 14.22 -49.87 7.69
N ARG K 25 13.16 -50.38 7.05
CA ARG K 25 12.56 -51.64 7.49
C ARG K 25 13.59 -52.80 7.45
N GLU K 26 14.33 -52.92 6.35
CA GLU K 26 15.38 -53.92 6.20
C GLU K 26 16.37 -53.89 7.35
N GLU K 27 16.84 -52.69 7.68
CA GLU K 27 17.87 -52.55 8.68
C GLU K 27 17.33 -52.83 10.08
N ILE K 28 16.05 -52.56 10.30
CA ILE K 28 15.43 -52.92 11.57
C ILE K 28 15.40 -54.44 11.69
N ILE K 29 14.86 -55.08 10.65
CA ILE K 29 14.88 -56.54 10.54
C ILE K 29 16.25 -57.11 10.88
N ARG K 30 17.30 -56.58 10.24
CA ARG K 30 18.65 -57.09 10.45
C ARG K 30 19.12 -57.11 11.91
N GLU K 31 18.53 -56.30 12.78
CA GLU K 31 18.93 -56.40 14.17
C GLU K 31 17.83 -56.72 15.16
N ILE K 32 16.69 -57.16 14.61
CA ILE K 32 15.59 -57.70 15.40
C ILE K 32 15.59 -59.23 15.22
N LYS K 33 15.66 -59.66 13.96
CA LYS K 33 15.90 -61.04 13.54
C LYS K 33 16.25 -62.02 14.65
N ASP K 34 17.46 -61.90 15.19
CA ASP K 34 18.01 -62.88 16.11
C ASP K 34 17.41 -62.82 17.50
N PHE K 35 16.53 -61.84 17.71
CA PHE K 35 15.91 -61.61 19.01
C PHE K 35 14.43 -61.91 19.00
N ALA K 36 13.78 -61.70 17.85
CA ALA K 36 12.34 -61.75 17.82
C ALA K 36 11.82 -62.07 16.44
N ASP K 37 10.63 -62.67 16.41
CA ASP K 37 9.91 -62.92 15.17
C ASP K 37 9.14 -61.67 14.78
N TYR K 38 8.79 -61.56 13.51
CA TYR K 38 8.21 -60.32 13.02
C TYR K 38 7.43 -60.60 11.76
N LYS K 39 6.64 -59.63 11.35
CA LYS K 39 5.98 -59.69 10.05
C LYS K 39 5.80 -58.29 9.48
N VAL K 40 5.44 -58.24 8.20
CA VAL K 40 5.26 -56.99 7.49
C VAL K 40 3.93 -57.03 6.79
N ASP K 41 3.07 -56.05 7.06
CA ASP K 41 1.74 -56.07 6.45
C ASP K 41 1.76 -55.49 5.03
N ALA K 42 0.59 -55.39 4.42
CA ALA K 42 0.50 -55.05 3.00
C ALA K 42 0.79 -53.58 2.70
N ILE K 43 0.88 -52.75 3.73
CA ILE K 43 1.21 -51.36 3.48
C ILE K 43 2.66 -51.09 3.83
N GLY K 44 3.22 -51.89 4.73
CA GLY K 44 4.65 -51.84 4.99
C GLY K 44 5.07 -51.73 6.44
N ASN K 45 4.10 -51.62 7.35
CA ASN K 45 4.41 -51.63 8.76
C ASN K 45 5.19 -52.91 9.10
N LEU K 46 6.06 -52.81 10.10
CA LEU K 46 6.81 -53.96 10.55
C LEU K 46 6.41 -54.20 11.98
N ILE K 47 5.74 -55.31 12.23
CA ILE K 47 5.19 -55.58 13.55
C ILE K 47 5.97 -56.66 14.27
N VAL K 48 6.22 -56.42 15.56
CA VAL K 48 6.83 -57.41 16.43
C VAL K 48 5.95 -57.60 17.65
N GLU K 49 5.61 -58.86 17.94
CA GLU K 49 4.79 -59.19 19.10
C GLU K 49 5.58 -59.90 20.19
N LEU K 50 5.50 -59.37 21.40
CA LEU K 50 6.02 -60.06 22.55
C LEU K 50 4.86 -60.59 23.38
N GLY K 51 5.01 -61.81 23.91
CA GLY K 51 4.05 -62.35 24.84
C GLY K 51 2.84 -63.00 24.22
N GLU K 52 1.85 -63.30 25.07
CA GLU K 52 0.67 -64.03 24.64
C GLU K 52 -0.54 -63.54 25.41
N GLY K 53 -1.71 -63.65 24.78
CA GLY K 53 -2.97 -63.32 25.42
C GLY K 53 -3.68 -62.17 24.74
N GLU K 54 -4.24 -61.27 25.54
CA GLU K 54 -4.93 -60.12 25.00
C GLU K 54 -3.95 -59.03 24.64
N GLU K 55 -4.26 -58.28 23.58
CA GLU K 55 -3.44 -57.16 23.16
C GLU K 55 -3.51 -56.04 24.21
N ARG K 56 -2.47 -55.91 25.02
CA ARG K 56 -2.47 -54.95 26.11
C ARG K 56 -1.92 -53.58 25.69
N ILE K 57 -0.79 -53.59 24.99
CA ILE K 57 -0.12 -52.34 24.60
C ILE K 57 0.41 -52.40 23.17
N LEU K 58 0.20 -51.30 22.44
CA LEU K 58 0.79 -51.10 21.13
C LEU K 58 1.77 -49.92 21.20
N PHE K 59 2.96 -50.11 20.68
CA PHE K 59 3.96 -49.05 20.62
C PHE K 59 4.28 -48.77 19.17
N MET K 60 4.10 -47.54 18.73
CA MET K 60 4.34 -47.15 17.35
C MET K 60 5.43 -46.08 17.23
N ALA K 61 6.30 -46.27 16.25
CA ALA K 61 7.38 -45.35 15.91
C ALA K 61 7.55 -45.42 14.41
N HIS K 62 7.41 -44.28 13.73
CA HIS K 62 7.40 -44.34 12.26
C HIS K 62 8.79 -44.35 11.64
N MET K 63 8.89 -45.05 10.52
CA MET K 63 10.15 -45.25 9.82
C MET K 63 10.37 -44.18 8.76
N ASP K 64 9.28 -43.56 8.31
CA ASP K 64 9.38 -42.61 7.21
C ASP K 64 9.92 -41.26 7.70
N GLU K 65 10.60 -40.55 6.81
CA GLU K 65 11.03 -39.18 7.04
C GLU K 65 10.40 -38.29 5.96
N ILE K 66 10.42 -36.98 6.17
CA ILE K 66 10.00 -36.08 5.12
C ILE K 66 11.08 -36.01 4.03
N GLY K 67 10.68 -35.62 2.83
CA GLY K 67 11.64 -35.47 1.76
C GLY K 67 10.98 -34.99 0.50
N LEU K 68 11.60 -35.32 -0.63
CA LEU K 68 11.16 -34.85 -1.92
C LEU K 68 10.77 -36.05 -2.80
N LEU K 69 9.81 -35.84 -3.68
CA LEU K 69 9.42 -36.85 -4.66
C LEU K 69 9.66 -36.29 -6.04
N ILE K 70 10.43 -37.02 -6.85
CA ILE K 70 10.75 -36.59 -8.20
C ILE K 70 9.53 -36.69 -9.13
N THR K 71 9.14 -35.58 -9.77
CA THR K 71 7.91 -35.56 -10.56
C THR K 71 8.18 -35.49 -12.07
N GLY K 72 9.37 -35.03 -12.43
CA GLY K 72 9.68 -34.86 -13.84
C GLY K 72 11.10 -34.39 -14.09
N ILE K 73 11.47 -34.42 -15.36
CA ILE K 73 12.79 -34.02 -15.80
C ILE K 73 12.63 -32.90 -16.81
N THR K 74 13.45 -31.87 -16.69
CA THR K 74 13.40 -30.75 -17.62
C THR K 74 14.22 -30.99 -18.89
N ASP K 75 14.05 -30.11 -19.87
CA ASP K 75 14.83 -30.17 -21.10
C ASP K 75 16.34 -30.11 -20.83
N GLU K 76 16.72 -29.43 -19.73
CA GLU K 76 18.12 -29.28 -19.37
C GLU K 76 18.61 -30.38 -18.43
N GLY K 77 17.80 -31.42 -18.24
CA GLY K 77 18.20 -32.58 -17.45
C GLY K 77 18.08 -32.41 -15.95
N LYS K 78 17.27 -31.47 -15.51
CA LYS K 78 17.11 -31.25 -14.08
C LYS K 78 15.83 -31.90 -13.55
N LEU K 79 15.80 -32.13 -12.23
CA LEU K 79 14.68 -32.82 -11.62
C LEU K 79 13.72 -31.84 -10.95
N ARG K 80 12.47 -31.86 -11.40
CA ARG K 80 11.39 -31.18 -10.70
C ARG K 80 10.87 -32.15 -9.64
N PHE K 81 10.38 -31.60 -8.54
CA PHE K 81 9.94 -32.42 -7.42
C PHE K 81 8.74 -31.83 -6.71
N ARG K 82 8.21 -32.62 -5.77
CA ARG K 82 7.08 -32.24 -4.94
C ARG K 82 7.56 -32.57 -3.53
N LYS K 83 7.04 -31.86 -2.54
CA LYS K 83 7.39 -32.17 -1.15
C LYS K 83 6.52 -33.30 -0.60
N VAL K 84 7.12 -34.16 0.21
CA VAL K 84 6.42 -35.22 0.90
C VAL K 84 6.59 -34.99 2.40
N GLY K 85 5.50 -34.65 3.08
CA GLY K 85 5.57 -34.28 4.48
C GLY K 85 5.72 -32.77 4.62
N GLY K 86 5.78 -32.29 5.85
CA GLY K 86 5.86 -30.85 6.08
C GLY K 86 7.28 -30.31 6.09
N ILE K 87 7.59 -29.45 5.12
CA ILE K 87 8.92 -28.88 5.03
C ILE K 87 8.85 -27.41 4.66
N ASP K 88 9.37 -26.55 5.53
CA ASP K 88 9.49 -25.14 5.22
C ASP K 88 10.35 -24.96 3.93
N ASP K 89 9.81 -24.28 2.93
CA ASP K 89 10.54 -23.99 1.69
C ASP K 89 11.90 -23.31 1.90
N ARG K 90 12.03 -22.54 2.96
CA ARG K 90 13.29 -21.87 3.25
C ARG K 90 14.43 -22.87 3.40
N LEU K 91 14.10 -24.12 3.70
CA LEU K 91 15.10 -25.13 3.99
C LEU K 91 15.49 -25.92 2.74
N LEU K 92 14.92 -25.54 1.60
CA LEU K 92 15.21 -26.26 0.37
C LEU K 92 16.34 -25.59 -0.42
N TYR K 93 16.54 -24.30 -0.19
CA TYR K 93 17.38 -23.46 -1.04
C TYR K 93 18.87 -23.65 -0.74
N GLY K 94 19.65 -23.95 -1.78
CA GLY K 94 21.09 -24.14 -1.64
C GLY K 94 21.50 -25.33 -0.78
N ARG K 95 20.96 -26.51 -1.10
CA ARG K 95 21.19 -27.70 -0.29
C ARG K 95 21.68 -28.89 -1.12
N HIS K 96 22.52 -29.71 -0.51
CA HIS K 96 22.86 -31.02 -1.07
C HIS K 96 21.72 -32.03 -0.81
N VAL K 97 21.45 -32.88 -1.79
CA VAL K 97 20.53 -33.99 -1.59
C VAL K 97 21.10 -35.32 -2.11
N ASN K 98 20.58 -36.41 -1.56
CA ASN K 98 20.77 -37.73 -2.14
C ASN K 98 19.54 -38.13 -2.90
N VAL K 99 19.70 -38.43 -4.17
CA VAL K 99 18.61 -38.90 -4.98
C VAL K 99 18.63 -40.43 -5.00
N VAL K 100 17.53 -41.02 -4.55
CA VAL K 100 17.44 -42.47 -4.41
C VAL K 100 16.69 -43.08 -5.58
N THR K 101 17.36 -43.97 -6.30
CA THR K 101 16.80 -44.61 -7.49
C THR K 101 16.87 -46.11 -7.35
N GLU K 102 16.28 -46.82 -8.31
CA GLU K 102 16.37 -48.28 -8.34
C GLU K 102 17.82 -48.72 -8.50
N LYS K 103 18.53 -48.06 -9.42
CA LYS K 103 19.90 -48.39 -9.74
C LYS K 103 20.90 -48.02 -8.63
N GLY K 104 20.46 -47.24 -7.64
CA GLY K 104 21.35 -46.82 -6.56
C GLY K 104 21.16 -45.37 -6.13
N ILE K 105 22.09 -44.87 -5.32
CA ILE K 105 22.02 -43.52 -4.76
C ILE K 105 22.97 -42.56 -5.47
N LEU K 106 22.50 -41.36 -5.76
CA LEU K 106 23.14 -40.50 -6.72
C LEU K 106 23.02 -39.10 -6.15
N ASP K 107 24.10 -38.33 -6.10
CA ASP K 107 23.97 -37.04 -5.42
C ASP K 107 23.53 -35.86 -6.29
N GLY K 108 22.95 -34.86 -5.63
CA GLY K 108 22.39 -33.71 -6.31
C GLY K 108 22.49 -32.45 -5.49
N VAL K 109 22.16 -31.33 -6.11
CA VAL K 109 22.14 -30.07 -5.42
C VAL K 109 20.94 -29.23 -5.86
N ILE K 110 20.33 -28.55 -4.90
CA ILE K 110 19.37 -27.50 -5.20
C ILE K 110 20.13 -26.19 -5.16
N GLY K 111 20.16 -25.49 -6.29
CA GLY K 111 21.00 -24.32 -6.44
C GLY K 111 20.62 -23.09 -5.63
N ALA K 112 21.52 -22.12 -5.61
CA ALA K 112 21.22 -20.78 -5.11
C ALA K 112 21.86 -19.80 -6.06
N THR K 113 21.17 -18.69 -6.31
CA THR K 113 21.66 -17.72 -7.26
C THR K 113 22.50 -16.65 -6.54
N PRO K 114 23.75 -16.47 -7.01
CA PRO K 114 24.75 -15.60 -6.37
C PRO K 114 24.43 -14.10 -6.49
N PRO K 115 24.86 -13.31 -5.51
CA PRO K 115 24.73 -11.85 -5.53
C PRO K 115 25.41 -11.29 -6.78
N HIS K 116 26.55 -11.88 -7.14
CA HIS K 116 27.31 -11.49 -8.35
C HIS K 116 26.47 -11.31 -9.60
N LEU K 117 25.35 -12.03 -9.70
CA LEU K 117 24.52 -12.03 -10.90
C LEU K 117 23.07 -11.62 -10.60
N SER K 124 13.57 -12.73 -1.23
CA SER K 124 12.35 -13.44 -0.83
C SER K 124 12.47 -14.97 -0.94
N VAL K 125 11.68 -15.68 -0.13
CA VAL K 125 11.67 -17.14 -0.13
C VAL K 125 11.24 -17.69 -1.49
N ILE K 126 12.08 -18.55 -2.08
CA ILE K 126 11.76 -19.18 -3.35
C ILE K 126 10.86 -20.39 -3.11
N PRO K 127 9.64 -20.38 -3.66
CA PRO K 127 8.73 -21.49 -3.38
C PRO K 127 9.27 -22.81 -3.94
N TRP K 128 8.88 -23.92 -3.32
CA TRP K 128 9.29 -25.27 -3.74
C TRP K 128 9.12 -25.53 -5.23
N TYR K 129 8.02 -25.07 -5.80
CA TYR K 129 7.72 -25.32 -7.21
C TYR K 129 8.61 -24.52 -8.18
N ASP K 130 9.36 -23.55 -7.67
CA ASP K 130 10.30 -22.84 -8.54
C ASP K 130 11.69 -23.49 -8.50
N LEU K 131 11.88 -24.45 -7.61
CA LEU K 131 13.20 -25.04 -7.42
C LEU K 131 13.35 -26.33 -8.22
N VAL K 132 14.59 -26.67 -8.58
CA VAL K 132 14.89 -27.96 -9.20
C VAL K 132 16.12 -28.61 -8.57
N ILE K 133 16.37 -29.86 -8.93
CA ILE K 133 17.57 -30.55 -8.48
C ILE K 133 18.51 -30.79 -9.66
N ASP K 134 19.73 -30.27 -9.53
CA ASP K 134 20.81 -30.43 -10.49
C ASP K 134 21.56 -31.73 -10.21
N ILE K 135 21.57 -32.67 -11.15
CA ILE K 135 22.33 -33.91 -10.91
C ILE K 135 23.55 -34.04 -11.82
N GLY K 136 23.86 -32.99 -12.57
CA GLY K 136 25.04 -32.97 -13.42
C GLY K 136 24.74 -33.52 -14.80
N ALA K 137 23.47 -33.62 -15.14
CA ALA K 137 23.07 -34.17 -16.42
C ALA K 137 22.89 -33.03 -17.39
N GLU K 138 23.30 -33.25 -18.64
CA GLU K 138 23.30 -32.21 -19.66
C GLU K 138 21.95 -32.07 -20.36
N SER K 139 21.19 -33.16 -20.40
CA SER K 139 19.93 -33.19 -21.16
C SER K 139 18.89 -34.06 -20.48
N LYS K 140 17.64 -33.93 -20.92
CA LYS K 140 16.58 -34.79 -20.39
C LYS K 140 16.98 -36.26 -20.54
N GLU K 141 17.46 -36.61 -21.73
CA GLU K 141 17.76 -38.00 -22.08
C GLU K 141 18.80 -38.60 -21.16
N GLU K 142 19.84 -37.83 -20.83
CA GLU K 142 20.88 -38.31 -19.94
C GLU K 142 20.39 -38.42 -18.49
N ALA K 143 19.55 -37.48 -18.06
CA ALA K 143 18.99 -37.50 -16.73
C ALA K 143 18.07 -38.71 -16.55
N LEU K 144 17.18 -38.95 -17.53
CA LEU K 144 16.33 -40.14 -17.52
C LEU K 144 17.14 -41.41 -17.43
N GLU K 145 18.38 -41.34 -17.90
CA GLU K 145 19.26 -42.49 -17.88
C GLU K 145 19.76 -42.71 -16.46
N LEU K 146 19.55 -41.71 -15.61
CA LEU K 146 20.06 -41.79 -14.24
C LEU K 146 18.93 -41.83 -13.22
N VAL K 147 17.83 -41.19 -13.54
CA VAL K 147 16.75 -41.01 -12.57
C VAL K 147 15.38 -41.02 -13.25
N LYS K 148 14.38 -41.62 -12.60
CA LYS K 148 13.04 -41.65 -13.18
C LYS K 148 12.03 -40.93 -12.29
N PRO K 149 10.97 -40.37 -12.89
CA PRO K 149 9.89 -39.85 -12.06
C PRO K 149 9.48 -40.88 -11.00
N LEU K 150 9.07 -40.39 -9.84
CA LEU K 150 8.67 -41.23 -8.70
C LEU K 150 9.84 -41.85 -7.97
N ASP K 151 11.07 -41.59 -8.42
CA ASP K 151 12.19 -41.77 -7.50
C ASP K 151 12.11 -40.68 -6.42
N PHE K 152 12.96 -40.74 -5.41
CA PHE K 152 12.86 -39.72 -4.37
C PHE K 152 14.19 -39.15 -3.95
N ALA K 153 14.14 -38.16 -3.08
CA ALA K 153 15.36 -37.55 -2.60
C ALA K 153 15.20 -37.07 -1.17
N VAL K 154 16.29 -37.09 -0.43
CA VAL K 154 16.32 -36.53 0.91
C VAL K 154 17.58 -35.69 1.04
N PHE K 155 17.68 -34.89 2.10
CA PHE K 155 18.87 -34.08 2.26
C PHE K 155 20.01 -34.97 2.67
N LYS K 156 21.19 -34.64 2.17
CA LYS K 156 22.42 -35.12 2.77
C LYS K 156 22.40 -34.62 4.20
N LYS K 157 22.93 -35.42 5.12
CA LYS K 157 22.74 -35.18 6.54
C LYS K 157 24.05 -35.08 7.33
N HIS K 158 24.38 -33.86 7.76
CA HIS K 158 25.41 -33.72 8.79
C HIS K 158 24.86 -34.32 10.08
N PHE K 159 25.78 -34.86 10.89
CA PHE K 159 25.44 -35.37 12.21
C PHE K 159 26.38 -34.71 13.20
N SER K 160 25.82 -34.01 14.17
CA SER K 160 26.62 -33.28 15.13
C SER K 160 26.25 -33.68 16.55
N VAL K 161 27.22 -33.55 17.45
CA VAL K 161 26.97 -33.71 18.87
C VAL K 161 27.34 -32.36 19.43
N LEU K 162 26.43 -31.72 20.15
CA LEU K 162 26.70 -30.40 20.70
C LEU K 162 27.05 -30.53 22.17
N ASN K 163 28.24 -30.07 22.52
CA ASN K 163 28.66 -30.07 23.91
C ASN K 163 28.42 -31.44 24.60
N GLY K 164 28.72 -32.52 23.91
CA GLY K 164 28.67 -33.85 24.50
C GLY K 164 27.29 -34.40 24.86
N LYS K 165 26.29 -33.51 24.94
CA LYS K 165 24.97 -33.88 25.46
C LYS K 165 23.85 -33.97 24.42
N TYR K 166 23.97 -33.24 23.32
CA TYR K 166 22.89 -33.12 22.35
C TYR K 166 23.30 -33.73 21.04
N VAL K 167 22.32 -34.28 20.33
CA VAL K 167 22.57 -34.83 19.03
C VAL K 167 21.73 -34.05 18.01
N SER K 168 22.32 -33.72 16.88
CA SER K 168 21.63 -32.91 15.91
C SER K 168 21.78 -33.46 14.50
N THR K 169 20.68 -33.82 13.87
CA THR K 169 20.72 -34.34 12.52
C THR K 169 19.28 -34.50 12.02
N ARG K 170 19.13 -34.51 10.70
CA ARG K 170 17.83 -34.72 10.10
C ARG K 170 17.37 -36.18 10.27
N GLY K 171 16.13 -36.37 10.70
CA GLY K 171 15.59 -37.72 10.86
C GLY K 171 15.52 -38.24 12.30
N LEU K 172 16.08 -37.52 13.26
CA LEU K 172 15.79 -37.86 14.65
C LEU K 172 14.31 -38.15 14.79
N ASP K 173 13.51 -37.34 14.11
CA ASP K 173 12.11 -37.61 13.97
C ASP K 173 11.91 -38.44 12.70
N ASP K 174 11.57 -39.73 12.82
CA ASP K 174 11.36 -40.42 14.10
C ASP K 174 12.28 -41.67 14.24
N ARG K 175 13.51 -41.56 13.77
CA ARG K 175 14.46 -42.64 13.91
C ARG K 175 14.86 -42.81 15.37
N PHE K 176 14.64 -41.80 16.21
CA PHE K 176 14.93 -41.98 17.63
C PHE K 176 13.93 -42.97 18.21
N GLY K 177 12.71 -42.92 17.70
CA GLY K 177 11.67 -43.81 18.18
C GLY K 177 11.95 -45.23 17.75
N VAL K 178 12.42 -45.37 16.51
CA VAL K 178 12.79 -46.67 15.96
C VAL K 178 13.84 -47.29 16.89
N VAL K 179 14.92 -46.53 17.12
CA VAL K 179 15.98 -46.98 18.00
C VAL K 179 15.50 -47.32 19.41
N ALA K 180 14.58 -46.53 19.96
CA ALA K 180 14.09 -46.79 21.31
C ALA K 180 13.30 -48.10 21.36
N LEU K 181 12.46 -48.34 20.36
CA LEU K 181 11.67 -49.55 20.35
C LEU K 181 12.53 -50.79 20.10
N ILE K 182 13.58 -50.64 19.29
CA ILE K 182 14.54 -51.72 19.10
C ILE K 182 15.23 -52.07 20.42
N GLU K 183 15.53 -51.07 21.24
CA GLU K 183 16.15 -51.31 22.52
C GLU K 183 15.20 -51.99 23.50
N ALA K 184 13.94 -51.53 23.52
CA ALA K 184 12.94 -52.12 24.41
C ALA K 184 12.71 -53.59 24.07
N ILE K 185 12.60 -53.89 22.79
CA ILE K 185 12.40 -55.27 22.36
C ILE K 185 13.50 -56.14 22.94
N LYS K 186 14.72 -55.96 22.45
CA LYS K 186 15.87 -56.70 22.98
C LYS K 186 15.84 -56.85 24.51
N ASP K 187 15.48 -55.79 25.21
CA ASP K 187 15.53 -55.81 26.66
C ASP K 187 14.35 -56.54 27.28
N LEU K 188 13.37 -56.87 26.45
CA LEU K 188 12.13 -57.46 26.96
C LEU K 188 11.90 -58.90 26.52
N VAL K 189 12.56 -59.34 25.44
CA VAL K 189 12.32 -60.69 24.92
C VAL K 189 12.50 -61.82 25.94
N ASP K 190 13.35 -61.60 26.93
CA ASP K 190 13.66 -62.66 27.91
C ASP K 190 12.89 -62.53 29.21
N HIS K 191 11.75 -61.87 29.17
CA HIS K 191 10.95 -61.72 30.37
C HIS K 191 9.52 -62.11 30.08
N GLU K 192 8.85 -62.60 31.10
CA GLU K 192 7.45 -63.01 30.96
C GLU K 192 6.59 -61.77 31.02
N LEU K 193 5.76 -61.58 30.02
CA LEU K 193 4.97 -60.35 29.92
C LEU K 193 3.50 -60.53 30.26
N GLU K 194 3.02 -59.67 31.15
CA GLU K 194 1.59 -59.49 31.34
C GLU K 194 0.93 -59.36 29.98
N GLY K 195 0.22 -60.40 29.55
CA GLY K 195 -0.45 -60.39 28.26
C GLY K 195 0.54 -60.16 27.13
N LYS K 196 0.14 -59.44 26.09
CA LYS K 196 1.06 -59.17 24.99
C LYS K 196 1.30 -57.68 24.70
N VAL K 197 2.51 -57.39 24.26
CA VAL K 197 2.95 -56.03 23.96
C VAL K 197 3.41 -56.00 22.51
N ILE K 198 2.75 -55.19 21.70
CA ILE K 198 3.04 -55.16 20.28
C ILE K 198 3.92 -53.95 19.94
N PHE K 199 4.99 -54.19 19.18
CA PHE K 199 5.86 -53.11 18.74
C PHE K 199 5.73 -52.95 17.24
N ALA K 200 5.25 -51.79 16.81
CA ALA K 200 5.08 -51.52 15.39
C ALA K 200 5.92 -50.35 14.89
N PHE K 201 6.65 -50.59 13.81
CA PHE K 201 7.43 -49.58 13.12
C PHE K 201 6.66 -49.23 11.88
N THR K 202 6.11 -48.03 11.88
CA THR K 202 5.05 -47.68 10.95
C THR K 202 5.55 -46.95 9.69
N VAL K 203 4.68 -46.89 8.70
CA VAL K 203 4.98 -46.22 7.44
C VAL K 203 4.03 -45.04 7.30
N GLN K 204 4.46 -44.02 6.54
CA GLN K 204 3.55 -42.97 6.10
C GLN K 204 2.93 -42.14 7.23
N GLU K 205 3.63 -42.01 8.35
CA GLU K 205 3.16 -41.15 9.42
C GLU K 205 3.16 -39.68 9.00
N GLU K 206 4.15 -39.26 8.20
CA GLU K 206 4.29 -37.84 7.82
C GLU K 206 3.22 -37.41 6.83
N VAL K 207 2.51 -38.38 6.24
CA VAL K 207 1.49 -38.03 5.27
C VAL K 207 0.10 -38.44 5.74
N GLY K 208 -0.13 -38.31 7.05
CA GLY K 208 -1.46 -38.53 7.58
C GLY K 208 -1.66 -39.86 8.28
N LEU K 209 -0.60 -40.36 8.89
CA LEU K 209 -0.70 -41.52 9.76
C LEU K 209 -1.24 -42.76 9.03
N LYS K 210 -0.97 -42.86 7.74
CA LYS K 210 -1.57 -43.91 6.91
C LYS K 210 -1.23 -45.35 7.34
N GLY K 211 -0.03 -45.53 7.88
CA GLY K 211 0.39 -46.83 8.38
C GLY K 211 -0.35 -47.18 9.65
N ALA K 212 -0.44 -46.23 10.56
CA ALA K 212 -1.14 -46.43 11.82
C ALA K 212 -2.59 -46.85 11.57
N LYS K 213 -3.20 -46.22 10.58
CA LYS K 213 -4.60 -46.45 10.23
C LYS K 213 -4.83 -47.88 9.71
N PHE K 214 -3.89 -48.35 8.91
CA PHE K 214 -3.94 -49.71 8.37
C PHE K 214 -3.79 -50.65 9.56
N LEU K 215 -2.88 -50.29 10.45
CA LEU K 215 -2.60 -51.07 11.64
C LEU K 215 -3.84 -51.23 12.52
N ALA K 216 -4.66 -50.18 12.59
CA ALA K 216 -5.86 -50.17 13.43
C ALA K 216 -6.97 -51.11 12.93
N ASN K 217 -6.86 -51.59 11.70
CA ASN K 217 -7.84 -52.56 11.21
C ASN K 217 -7.41 -53.99 11.46
N HIS K 218 -6.30 -54.14 12.19
CA HIS K 218 -5.72 -55.47 12.43
C HIS K 218 -5.35 -55.64 13.89
N TYR K 219 -5.31 -54.54 14.64
CA TYR K 219 -4.91 -54.60 16.04
C TYR K 219 -5.83 -53.75 16.91
N TYR K 220 -6.18 -54.28 18.07
CA TYR K 220 -7.16 -53.67 18.93
CA TYR K 220 -7.15 -53.65 18.94
C TYR K 220 -6.70 -53.73 20.38
N PRO K 221 -5.63 -52.99 20.71
CA PRO K 221 -4.98 -53.01 22.03
C PRO K 221 -5.73 -52.22 23.10
N GLN K 222 -5.39 -52.45 24.36
CA GLN K 222 -5.99 -51.70 25.43
C GLN K 222 -5.41 -50.28 25.45
N TYR K 223 -4.09 -50.22 25.34
CA TYR K 223 -3.37 -48.96 25.31
C TYR K 223 -2.59 -48.84 24.01
N ALA K 224 -2.75 -47.70 23.34
CA ALA K 224 -2.01 -47.46 22.11
C ALA K 224 -1.13 -46.21 22.26
N PHE K 225 0.19 -46.42 22.16
CA PHE K 225 1.16 -45.34 22.33
C PHE K 225 1.85 -44.99 21.03
N ALA K 226 2.14 -43.70 20.85
CA ALA K 226 3.08 -43.29 19.81
C ALA K 226 4.36 -42.77 20.48
N ILE K 227 5.49 -43.22 19.95
CA ILE K 227 6.78 -42.73 20.40
C ILE K 227 7.25 -41.82 19.28
N ASP K 228 7.15 -40.52 19.52
CA ASP K 228 7.44 -39.57 18.45
C ASP K 228 7.94 -38.24 19.03
N SER K 229 8.36 -37.33 18.16
CA SER K 229 8.86 -36.03 18.60
C SER K 229 7.84 -35.26 19.43
N PHE K 230 8.35 -34.34 20.26
CA PHE K 230 7.54 -33.28 20.85
C PHE K 230 8.26 -31.97 20.51
N ALA K 231 7.70 -31.20 19.59
CA ALA K 231 8.34 -29.95 19.19
C ALA K 231 8.51 -28.98 20.36
N CYS K 232 9.72 -28.43 20.51
CA CYS K 232 10.05 -27.57 21.62
C CYS K 232 11.01 -26.49 21.07
N CYS K 233 11.06 -25.30 21.64
CA CYS K 233 10.23 -24.83 22.76
C CYS K 233 9.64 -23.48 22.39
N SER K 234 8.47 -23.17 22.94
CA SER K 234 7.82 -21.88 22.68
C SER K 234 6.84 -21.64 23.80
N PRO K 235 6.14 -20.50 23.77
CA PRO K 235 5.15 -20.24 24.81
C PRO K 235 4.06 -21.33 24.83
N LEU K 236 3.89 -22.04 23.72
CA LEU K 236 2.89 -23.10 23.62
C LEU K 236 3.26 -24.32 24.46
N THR K 237 4.55 -24.55 24.66
CA THR K 237 5.02 -25.77 25.32
C THR K 237 5.38 -25.62 26.81
N GLY K 238 4.94 -24.56 27.45
CA GLY K 238 5.11 -24.42 28.89
C GLY K 238 6.54 -24.58 29.34
N ASP K 239 6.74 -25.33 30.43
CA ASP K 239 8.06 -25.51 31.05
C ASP K 239 8.82 -26.75 30.57
N VAL K 240 8.34 -27.39 29.50
CA VAL K 240 9.06 -28.49 28.89
C VAL K 240 10.44 -28.01 28.37
N LYS K 241 11.48 -28.81 28.63
CA LYS K 241 12.85 -28.41 28.34
C LYS K 241 13.68 -29.64 27.97
N LEU K 242 14.55 -29.52 26.97
CA LEU K 242 15.43 -30.65 26.65
C LEU K 242 16.27 -30.93 27.89
N GLY K 243 16.52 -32.20 28.17
CA GLY K 243 17.35 -32.58 29.29
C GLY K 243 16.57 -32.89 30.56
N LYS K 244 15.29 -32.54 30.58
CA LYS K 244 14.47 -32.73 31.77
C LYS K 244 13.61 -33.98 31.71
N GLY K 245 13.93 -34.86 30.76
CA GLY K 245 13.30 -36.17 30.69
C GLY K 245 12.29 -36.31 29.57
N PRO K 246 11.76 -37.53 29.37
CA PRO K 246 10.75 -37.80 28.33
C PRO K 246 9.52 -36.93 28.61
N VAL K 247 8.74 -36.64 27.57
CA VAL K 247 7.51 -35.85 27.72
C VAL K 247 6.29 -36.67 27.36
N ILE K 248 5.29 -36.59 28.22
CA ILE K 248 3.95 -37.02 27.86
C ILE K 248 3.37 -35.95 26.94
N ARG K 249 3.20 -36.27 25.66
CA ARG K 249 2.54 -35.36 24.72
C ARG K 249 1.03 -35.51 24.93
N ALA K 250 0.48 -34.73 25.87
CA ALA K 250 -0.90 -34.94 26.32
C ALA K 250 -1.97 -34.42 25.37
N VAL K 251 -1.60 -33.42 24.59
CA VAL K 251 -2.53 -32.78 23.66
C VAL K 251 -1.72 -32.18 22.53
N ASP K 252 -2.12 -32.45 21.30
CA ASP K 252 -1.55 -31.80 20.13
C ASP K 252 -2.69 -31.37 19.20
N ASN K 253 -2.40 -31.14 17.93
CA ASN K 253 -3.48 -30.78 17.02
C ASN K 253 -4.36 -31.97 16.61
N SER K 254 -3.84 -33.18 16.77
CA SER K 254 -4.54 -34.38 16.31
C SER K 254 -5.47 -34.95 17.38
N ALA K 255 -5.25 -34.57 18.63
CA ALA K 255 -6.05 -35.13 19.72
C ALA K 255 -5.78 -34.57 21.11
N ILE K 256 -6.79 -34.69 21.96
CA ILE K 256 -6.63 -34.63 23.39
C ILE K 256 -6.52 -36.08 23.84
N TYR K 257 -5.28 -36.55 24.02
CA TYR K 257 -5.04 -37.94 24.38
C TYR K 257 -5.69 -38.29 25.73
N SER K 258 -5.70 -39.59 26.02
CA SER K 258 -6.41 -40.09 27.20
C SER K 258 -5.76 -39.60 28.49
N ARG K 259 -6.54 -38.93 29.32
CA ARG K 259 -6.04 -38.38 30.59
C ARG K 259 -5.76 -39.44 31.66
N ASP K 260 -6.57 -40.50 31.68
CA ASP K 260 -6.37 -41.61 32.62
CA ASP K 260 -6.35 -41.57 32.65
C ASP K 260 -5.03 -42.29 32.34
N LEU K 261 -4.76 -42.52 31.06
CA LEU K 261 -3.54 -43.18 30.64
C LEU K 261 -2.34 -42.32 30.98
N ALA K 262 -2.46 -41.00 30.80
CA ALA K 262 -1.34 -40.11 31.11
C ALA K 262 -1.02 -40.19 32.58
N ARG K 263 -2.06 -40.26 33.39
CA ARG K 263 -1.94 -40.36 34.83
C ARG K 263 -1.16 -41.64 35.22
N LYS K 264 -1.49 -42.74 34.57
CA LYS K 264 -0.84 -44.02 34.86
C LYS K 264 0.63 -43.97 34.47
N VAL K 265 0.90 -43.41 33.29
CA VAL K 265 2.27 -43.27 32.81
C VAL K 265 3.07 -42.45 33.80
N TRP K 266 2.50 -41.33 34.23
CA TRP K 266 3.15 -40.46 35.20
C TRP K 266 3.48 -41.18 36.51
N SER K 267 2.55 -42.01 37.00
CA SER K 267 2.74 -42.76 38.24
C SER K 267 3.85 -43.80 38.15
N ILE K 268 3.81 -44.58 37.07
CA ILE K 268 4.80 -45.61 36.84
C ILE K 268 6.19 -44.97 36.73
N ALA K 269 6.26 -43.79 36.13
CA ALA K 269 7.53 -43.07 35.99
C ALA K 269 8.10 -42.68 37.35
N GLU K 270 7.29 -41.99 38.15
CA GLU K 270 7.73 -41.59 39.48
C GLU K 270 7.94 -42.78 40.40
N LYS K 271 7.20 -43.86 40.16
CA LYS K 271 7.45 -45.11 40.89
C LYS K 271 8.83 -45.67 40.52
N ASN K 272 9.24 -45.52 39.27
CA ASN K 272 10.53 -46.04 38.81
C ASN K 272 11.71 -45.05 38.86
N GLY K 273 11.48 -43.87 39.44
CA GLY K 273 12.53 -42.87 39.55
C GLY K 273 12.89 -42.15 38.25
N ILE K 274 11.97 -42.14 37.30
CA ILE K 274 12.22 -41.55 35.98
C ILE K 274 11.69 -40.13 35.87
N GLU K 275 12.58 -39.17 35.63
CA GLU K 275 12.18 -37.78 35.39
C GLU K 275 11.27 -37.71 34.16
N ILE K 276 10.10 -37.10 34.32
CA ILE K 276 9.12 -37.05 33.25
C ILE K 276 8.52 -35.66 33.12
N GLN K 277 8.20 -35.26 31.90
CA GLN K 277 7.51 -33.99 31.68
C GLN K 277 6.18 -34.20 31.00
N ILE K 278 5.36 -33.16 30.99
CA ILE K 278 4.08 -33.23 30.30
C ILE K 278 3.80 -31.87 29.68
N GLY K 279 3.24 -31.87 28.49
CA GLY K 279 2.97 -30.63 27.80
C GLY K 279 2.05 -30.77 26.62
N VAL K 280 1.80 -29.64 25.98
CA VAL K 280 0.94 -29.51 24.81
C VAL K 280 1.85 -29.08 23.66
N THR K 281 1.54 -29.50 22.44
CA THR K 281 2.36 -29.08 21.30
C THR K 281 1.59 -29.16 20.00
N GLY K 282 2.27 -28.95 18.88
CA GLY K 282 1.59 -28.94 17.60
C GLY K 282 1.82 -30.21 16.82
N GLY K 283 0.97 -30.47 15.83
CA GLY K 283 1.12 -31.64 14.98
C GLY K 283 0.27 -32.81 15.44
N GLY K 284 0.48 -33.97 14.84
CA GLY K 284 -0.23 -35.19 15.22
C GLY K 284 0.67 -36.42 15.38
N THR K 285 0.14 -37.49 15.97
CA THR K 285 0.90 -38.74 16.04
C THR K 285 0.06 -39.95 15.64
N ASP K 286 0.72 -41.09 15.48
CA ASP K 286 0.06 -42.34 15.10
C ASP K 286 -1.01 -42.74 16.13
N ALA K 287 -0.77 -42.39 17.39
CA ALA K 287 -1.68 -42.77 18.47
C ALA K 287 -3.11 -42.31 18.18
N SER K 288 -3.25 -41.19 17.49
CA SER K 288 -4.58 -40.64 17.25
C SER K 288 -5.37 -41.54 16.30
N ALA K 289 -4.69 -42.41 15.56
CA ALA K 289 -5.36 -43.35 14.67
C ALA K 289 -6.08 -44.43 15.49
N PHE K 290 -5.78 -44.49 16.78
CA PHE K 290 -6.41 -45.47 17.65
C PHE K 290 -7.38 -44.83 18.65
N GLN K 291 -7.59 -43.53 18.53
CA GLN K 291 -8.50 -42.82 19.41
C GLN K 291 -9.89 -43.42 19.20
N ASP K 292 -10.03 -44.03 18.03
CA ASP K 292 -11.15 -44.88 17.66
C ASP K 292 -11.62 -45.90 18.70
N ARG K 293 -10.68 -46.57 19.35
CA ARG K 293 -11.00 -47.79 20.07
C ARG K 293 -10.10 -48.13 21.26
N SER K 294 -9.01 -47.40 21.44
CA SER K 294 -8.09 -47.65 22.53
C SER K 294 -8.02 -46.42 23.40
N LYS K 295 -7.41 -46.57 24.58
CA LYS K 295 -6.90 -45.40 25.29
C LYS K 295 -5.57 -45.05 24.61
N THR K 296 -5.41 -43.78 24.21
CA THR K 296 -4.23 -43.32 23.46
C THR K 296 -3.40 -42.27 24.20
N LEU K 297 -2.12 -42.22 23.83
CA LEU K 297 -1.19 -41.24 24.36
C LEU K 297 0.04 -41.23 23.47
N ALA K 298 0.74 -40.11 23.43
CA ALA K 298 2.01 -40.02 22.74
C ALA K 298 3.12 -39.80 23.77
N LEU K 299 4.22 -40.53 23.63
CA LEU K 299 5.42 -40.32 24.46
C LEU K 299 6.58 -39.85 23.59
N SER K 300 7.39 -38.92 24.10
CA SER K 300 8.32 -38.22 23.25
C SER K 300 9.60 -37.86 23.96
N VAL K 301 10.63 -37.50 23.20
CA VAL K 301 11.66 -36.61 23.75
C VAL K 301 11.42 -35.23 23.12
N PRO K 302 11.67 -34.16 23.89
CA PRO K 302 11.59 -32.81 23.30
C PRO K 302 12.60 -32.70 22.19
N ILE K 303 12.19 -32.14 21.05
CA ILE K 303 13.09 -31.93 19.93
C ILE K 303 13.04 -30.48 19.45
N LYS K 304 14.21 -29.85 19.36
CA LYS K 304 14.31 -28.48 18.88
C LYS K 304 14.58 -28.46 17.39
N TYR K 305 14.06 -27.44 16.73
CA TYR K 305 14.21 -27.26 15.29
C TYR K 305 13.67 -28.42 14.47
N LEU K 306 12.53 -28.98 14.91
CA LEU K 306 11.88 -30.13 14.26
C LEU K 306 11.73 -29.93 12.75
N HIS K 307 11.97 -30.98 11.99
CA HIS K 307 11.81 -30.96 10.53
C HIS K 307 12.80 -30.07 9.77
N SER K 308 14.07 -30.06 10.22
CA SER K 308 15.15 -29.41 9.51
C SER K 308 16.38 -30.30 9.65
N GLU K 309 17.52 -29.92 9.08
CA GLU K 309 18.69 -30.79 9.23
C GLU K 309 19.38 -30.57 10.54
N VAL K 310 18.88 -29.66 11.36
CA VAL K 310 19.54 -29.36 12.63
C VAL K 310 18.68 -29.68 13.82
N GLU K 311 17.60 -30.42 13.57
CA GLU K 311 16.75 -30.86 14.66
C GLU K 311 17.59 -31.59 15.68
N THR K 312 17.29 -31.37 16.96
CA THR K 312 18.19 -31.69 18.04
C THR K 312 17.50 -32.31 19.24
N LEU K 313 18.06 -33.39 19.77
CA LEU K 313 17.54 -33.97 21.01
C LEU K 313 18.62 -34.04 22.10
N HIS K 314 18.19 -34.22 23.33
CA HIS K 314 19.08 -34.40 24.45
C HIS K 314 19.20 -35.90 24.78
N LEU K 315 20.43 -36.43 24.74
CA LEU K 315 20.66 -37.88 24.85
C LEU K 315 20.11 -38.50 26.14
N ASN K 316 20.15 -37.75 27.23
CA ASN K 316 19.65 -38.26 28.49
C ASN K 316 18.13 -38.41 28.47
N ASP K 317 17.45 -37.52 27.76
CA ASP K 317 16.01 -37.67 27.57
C ASP K 317 15.70 -39.01 26.89
N LEU K 318 16.46 -39.36 25.87
CA LEU K 318 16.21 -40.57 25.13
C LEU K 318 16.53 -41.79 25.99
N GLU K 319 17.58 -41.67 26.79
CA GLU K 319 17.97 -42.77 27.67
C GLU K 319 16.85 -43.06 28.67
N LYS K 320 16.31 -42.02 29.28
CA LYS K 320 15.20 -42.22 30.22
C LYS K 320 13.93 -42.72 29.53
N LEU K 321 13.79 -42.41 28.25
CA LEU K 321 12.58 -42.79 27.54
C LEU K 321 12.54 -44.30 27.30
N VAL K 322 13.70 -44.86 26.95
CA VAL K 322 13.81 -46.31 26.75
C VAL K 322 13.38 -47.05 28.02
N LYS K 323 13.89 -46.61 29.18
CA LYS K 323 13.52 -47.23 30.45
CA LYS K 323 13.54 -47.21 30.44
C LYS K 323 12.03 -47.08 30.71
N LEU K 324 11.49 -45.87 30.52
CA LEU K 324 10.06 -45.68 30.73
C LEU K 324 9.26 -46.68 29.91
N ILE K 325 9.62 -46.84 28.65
CA ILE K 325 8.90 -47.76 27.78
C ILE K 325 8.94 -49.19 28.32
N GLU K 326 10.03 -49.56 28.96
CA GLU K 326 10.19 -50.90 29.51
C GLU K 326 9.34 -51.05 30.77
N ALA K 327 9.40 -50.05 31.65
CA ALA K 327 8.56 -50.03 32.83
C ALA K 327 7.09 -50.15 32.46
N LEU K 328 6.68 -49.56 31.35
CA LEU K 328 5.26 -49.63 30.97
C LEU K 328 4.87 -51.05 30.55
N ALA K 329 5.71 -51.66 29.72
CA ALA K 329 5.51 -53.05 29.34
C ALA K 329 5.40 -53.94 30.57
N PHE K 330 6.16 -53.62 31.62
CA PHE K 330 6.11 -54.41 32.84
C PHE K 330 4.95 -54.08 33.76
N GLU K 331 4.52 -52.83 33.79
CA GLU K 331 3.65 -52.38 34.87
C GLU K 331 2.30 -51.78 34.49
N LEU K 332 2.12 -51.42 33.21
CA LEU K 332 0.92 -50.70 32.79
C LEU K 332 -0.35 -51.52 32.99
N MET L 2 -38.83 -28.21 37.71
CA MET L 2 -37.83 -27.43 36.99
C MET L 2 -38.29 -27.18 35.54
N SER L 3 -38.66 -25.93 35.26
CA SER L 3 -39.05 -25.51 33.91
C SER L 3 -37.94 -25.78 32.91
N MET L 4 -38.20 -25.45 31.66
CA MET L 4 -37.21 -25.67 30.61
C MET L 4 -36.06 -24.67 30.80
N ILE L 5 -36.42 -23.41 31.07
CA ILE L 5 -35.46 -22.36 31.35
C ILE L 5 -34.47 -22.79 32.44
N GLU L 6 -35.01 -23.30 33.54
CA GLU L 6 -34.19 -23.67 34.68
C GLU L 6 -33.25 -24.83 34.34
N LYS L 7 -33.73 -25.79 33.57
CA LYS L 7 -32.92 -26.93 33.19
C LYS L 7 -31.76 -26.52 32.30
N LEU L 8 -32.04 -25.60 31.37
CA LEU L 8 -31.03 -25.06 30.48
C LEU L 8 -29.96 -24.32 31.30
N LYS L 9 -30.40 -23.44 32.19
CA LYS L 9 -29.48 -22.70 33.05
C LYS L 9 -28.57 -23.65 33.85
N LYS L 10 -29.18 -24.68 34.45
CA LYS L 10 -28.43 -25.66 35.22
C LYS L 10 -27.32 -26.33 34.41
N PHE L 11 -27.65 -26.86 33.23
CA PHE L 11 -26.68 -27.62 32.48
C PHE L 11 -25.64 -26.76 31.75
N THR L 12 -26.00 -25.53 31.38
CA THR L 12 -25.04 -24.62 30.77
C THR L 12 -24.03 -24.05 31.77
N GLN L 13 -24.40 -23.96 33.04
CA GLN L 13 -23.48 -23.46 34.06
C GLN L 13 -22.36 -24.45 34.39
N ILE L 14 -22.52 -25.71 34.03
CA ILE L 14 -21.53 -26.73 34.34
C ILE L 14 -20.34 -26.69 33.38
N PRO L 15 -19.13 -26.47 33.92
CA PRO L 15 -17.95 -26.38 33.05
C PRO L 15 -17.40 -27.74 32.62
N GLY L 16 -17.21 -27.91 31.31
CA GLY L 16 -16.58 -29.10 30.77
C GLY L 16 -16.20 -28.94 29.30
N ILE L 17 -14.94 -28.62 29.04
CA ILE L 17 -14.49 -28.52 27.66
C ILE L 17 -14.26 -29.92 27.08
N SER L 18 -14.00 -29.99 25.77
CA SER L 18 -13.66 -31.26 25.13
C SER L 18 -12.59 -32.04 25.91
N GLY L 19 -12.83 -33.33 26.12
CA GLY L 19 -11.88 -34.18 26.81
C GLY L 19 -12.01 -34.09 28.32
N TYR L 20 -12.80 -33.13 28.78
CA TYR L 20 -12.97 -32.87 30.21
C TYR L 20 -14.46 -32.80 30.59
N GLU L 21 -15.25 -33.74 30.11
CA GLU L 21 -16.70 -33.68 30.29
C GLU L 21 -17.28 -34.22 31.60
N GLU L 22 -16.44 -34.72 32.51
CA GLU L 22 -16.88 -35.36 33.77
C GLU L 22 -18.08 -34.72 34.46
N ARG L 23 -18.00 -33.42 34.70
CA ARG L 23 -19.02 -32.76 35.49
C ARG L 23 -20.38 -32.82 34.81
N ILE L 24 -20.40 -32.76 33.48
CA ILE L 24 -21.68 -32.82 32.78
C ILE L 24 -22.22 -34.24 32.81
N ARG L 25 -21.36 -35.21 32.49
CA ARG L 25 -21.75 -36.62 32.51
C ARG L 25 -22.32 -36.99 33.89
N GLU L 26 -21.69 -36.53 34.97
CA GLU L 26 -22.17 -36.86 36.31
C GLU L 26 -23.54 -36.26 36.56
N GLU L 27 -23.74 -35.02 36.13
CA GLU L 27 -25.05 -34.43 36.33
C GLU L 27 -26.15 -35.17 35.54
N ILE L 28 -25.84 -35.59 34.32
CA ILE L 28 -26.81 -36.33 33.52
C ILE L 28 -27.13 -37.65 34.22
N ILE L 29 -26.10 -38.27 34.80
CA ILE L 29 -26.24 -39.49 35.57
C ILE L 29 -27.21 -39.29 36.74
N ARG L 30 -26.98 -38.26 37.54
CA ARG L 30 -27.95 -37.93 38.59
C ARG L 30 -29.34 -37.73 38.01
N GLU L 31 -29.44 -37.17 36.82
CA GLU L 31 -30.74 -36.83 36.26
C GLU L 31 -31.57 -38.02 35.72
N ILE L 32 -30.92 -39.13 35.38
CA ILE L 32 -31.64 -40.23 34.74
C ILE L 32 -31.45 -41.59 35.43
N LYS L 33 -30.62 -41.66 36.46
CA LYS L 33 -30.28 -42.95 37.07
C LYS L 33 -31.49 -43.67 37.66
N ASP L 34 -32.53 -42.93 38.01
CA ASP L 34 -33.76 -43.52 38.53
C ASP L 34 -34.68 -43.99 37.40
N PHE L 35 -34.39 -43.57 36.18
CA PHE L 35 -35.26 -43.84 35.05
C PHE L 35 -34.73 -44.92 34.14
N ALA L 36 -33.41 -45.04 34.06
CA ALA L 36 -32.85 -45.97 33.08
C ALA L 36 -31.43 -46.35 33.41
N ASP L 37 -31.02 -47.53 32.99
CA ASP L 37 -29.64 -47.91 33.15
C ASP L 37 -28.81 -47.16 32.12
N TYR L 38 -27.49 -47.19 32.31
CA TYR L 38 -26.58 -46.44 31.46
C TYR L 38 -25.22 -47.11 31.58
N LYS L 39 -24.34 -46.78 30.64
CA LYS L 39 -22.96 -47.20 30.72
C LYS L 39 -22.08 -46.07 30.22
N VAL L 40 -20.78 -46.17 30.50
CA VAL L 40 -19.84 -45.15 30.10
C VAL L 40 -18.70 -45.78 29.31
N ASP L 41 -18.39 -45.16 28.17
CA ASP L 41 -17.29 -45.54 27.27
C ASP L 41 -15.90 -45.45 27.88
N ALA L 42 -14.94 -46.03 27.16
CA ALA L 42 -13.54 -45.82 27.45
C ALA L 42 -13.12 -44.37 27.16
N ILE L 43 -13.77 -43.74 26.19
CA ILE L 43 -13.50 -42.35 25.84
C ILE L 43 -14.33 -41.33 26.66
N GLY L 44 -15.39 -41.80 27.32
CA GLY L 44 -16.21 -40.91 28.14
C GLY L 44 -17.66 -40.71 27.72
N ASN L 45 -18.06 -41.25 26.59
CA ASN L 45 -19.47 -41.20 26.20
C ASN L 45 -20.40 -41.81 27.27
N LEU L 46 -21.55 -41.17 27.48
CA LEU L 46 -22.62 -41.72 28.28
C LEU L 46 -23.70 -42.28 27.36
N ILE L 47 -24.04 -43.56 27.56
CA ILE L 47 -25.01 -44.24 26.68
C ILE L 47 -26.17 -44.86 27.45
N VAL L 48 -27.37 -44.50 27.05
CA VAL L 48 -28.60 -45.07 27.60
C VAL L 48 -29.35 -45.77 26.48
N GLU L 49 -29.59 -47.07 26.63
CA GLU L 49 -30.34 -47.83 25.63
C GLU L 49 -31.76 -48.13 26.07
N LEU L 50 -32.72 -47.82 25.21
CA LEU L 50 -34.11 -48.18 25.45
C LEU L 50 -34.57 -49.24 24.45
N GLY L 51 -35.43 -50.15 24.90
CA GLY L 51 -35.99 -51.16 24.02
C GLY L 51 -35.04 -52.33 23.87
N GLU L 52 -35.24 -53.12 22.81
CA GLU L 52 -34.41 -54.30 22.61
C GLU L 52 -34.46 -54.77 21.17
N GLY L 53 -33.52 -55.65 20.82
CA GLY L 53 -33.41 -56.16 19.47
C GLY L 53 -32.56 -55.25 18.59
N GLU L 54 -33.02 -55.01 17.36
CA GLU L 54 -32.24 -54.26 16.37
C GLU L 54 -31.99 -52.81 16.76
N GLU L 55 -30.75 -52.37 16.60
CA GLU L 55 -30.41 -50.97 16.83
C GLU L 55 -31.08 -50.11 15.78
N ARG L 56 -32.19 -49.48 16.16
CA ARG L 56 -33.04 -48.78 15.20
C ARG L 56 -32.61 -47.31 15.05
N ILE L 57 -32.58 -46.60 16.17
CA ILE L 57 -32.24 -45.18 16.13
C ILE L 57 -31.15 -44.84 17.15
N LEU L 58 -30.15 -44.09 16.70
CA LEU L 58 -29.18 -43.48 17.61
C LEU L 58 -29.43 -41.98 17.73
N PHE L 59 -29.58 -41.47 18.94
CA PHE L 59 -29.59 -40.02 19.16
C PHE L 59 -28.31 -39.55 19.84
N MET L 60 -27.65 -38.53 19.27
CA MET L 60 -26.40 -37.97 19.82
C MET L 60 -26.46 -36.48 20.17
N ALA L 61 -26.10 -36.14 21.41
CA ALA L 61 -26.00 -34.75 21.84
C ALA L 61 -24.70 -34.58 22.61
N HIS L 62 -23.87 -33.62 22.23
CA HIS L 62 -22.54 -33.56 22.86
C HIS L 62 -22.50 -32.81 24.19
N MET L 63 -21.62 -33.29 25.08
CA MET L 63 -21.51 -32.74 26.42
C MET L 63 -20.45 -31.65 26.49
N ASP L 64 -19.50 -31.68 25.56
CA ASP L 64 -18.37 -30.75 25.64
C ASP L 64 -18.76 -29.39 25.12
N GLU L 65 -18.10 -28.35 25.65
CA GLU L 65 -18.23 -27.01 25.14
C GLU L 65 -16.86 -26.56 24.68
N ILE L 66 -16.81 -25.49 23.88
CA ILE L 66 -15.53 -24.88 23.53
C ILE L 66 -14.96 -24.24 24.80
N GLY L 67 -13.66 -24.01 24.82
CA GLY L 67 -13.05 -23.39 25.98
C GLY L 67 -11.54 -23.28 25.89
N LEU L 68 -10.87 -23.15 27.04
CA LEU L 68 -9.44 -22.87 27.05
C LEU L 68 -8.68 -23.93 27.82
N LEU L 69 -7.52 -24.33 27.28
CA LEU L 69 -6.67 -25.35 27.90
C LEU L 69 -5.40 -24.68 28.42
N ILE L 70 -5.14 -24.80 29.72
CA ILE L 70 -3.95 -24.18 30.31
C ILE L 70 -2.70 -24.90 29.83
N THR L 71 -1.78 -24.17 29.22
CA THR L 71 -0.55 -24.78 28.72
C THR L 71 0.65 -24.52 29.64
N GLY L 72 0.65 -23.39 30.32
CA GLY L 72 1.78 -23.03 31.16
C GLY L 72 1.54 -21.82 32.01
N ILE L 73 2.42 -21.64 32.99
CA ILE L 73 2.38 -20.49 33.89
C ILE L 73 3.58 -19.55 33.64
N THR L 74 3.33 -18.25 33.52
CA THR L 74 4.40 -17.27 33.30
C THR L 74 5.15 -16.94 34.58
N ASP L 75 6.26 -16.22 34.45
CA ASP L 75 7.08 -15.86 35.60
C ASP L 75 6.34 -14.96 36.59
N GLU L 76 5.28 -14.31 36.11
CA GLU L 76 4.47 -13.45 36.97
C GLU L 76 3.19 -14.13 37.46
N GLY L 77 3.09 -15.43 37.24
CA GLY L 77 1.97 -16.20 37.75
C GLY L 77 0.67 -16.09 36.98
N LYS L 78 0.76 -15.72 35.70
CA LYS L 78 -0.40 -15.69 34.81
C LYS L 78 -0.48 -17.01 34.07
N LEU L 79 -1.65 -17.33 33.52
CA LEU L 79 -1.81 -18.61 32.83
C LEU L 79 -1.75 -18.39 31.33
N ARG L 80 -0.85 -19.10 30.65
CA ARG L 80 -0.90 -19.19 29.19
C ARG L 80 -1.89 -20.30 28.81
N PHE L 81 -2.51 -20.16 27.65
CA PHE L 81 -3.53 -21.11 27.23
C PHE L 81 -3.61 -21.29 25.74
N ARG L 82 -4.34 -22.33 25.36
CA ARG L 82 -4.54 -22.77 23.99
C ARG L 82 -6.05 -22.81 23.85
N LYS L 83 -6.59 -22.48 22.69
CA LYS L 83 -8.04 -22.62 22.49
C LYS L 83 -8.44 -24.06 22.19
N VAL L 84 -9.62 -24.47 22.67
CA VAL L 84 -10.17 -25.81 22.42
C VAL L 84 -11.57 -25.68 21.85
N GLY L 85 -11.76 -26.18 20.63
CA GLY L 85 -12.95 -25.85 19.85
C GLY L 85 -12.74 -24.50 19.15
N GLY L 86 -13.68 -24.10 18.32
CA GLY L 86 -13.53 -22.86 17.57
C GLY L 86 -14.02 -21.67 18.34
N ILE L 87 -13.14 -20.72 18.61
CA ILE L 87 -13.51 -19.49 19.29
C ILE L 87 -12.89 -18.31 18.56
N ASP L 88 -13.73 -17.36 18.15
CA ASP L 88 -13.26 -16.11 17.58
C ASP L 88 -12.44 -15.35 18.64
N ASP L 89 -11.20 -15.02 18.32
CA ASP L 89 -10.30 -14.33 19.25
C ASP L 89 -10.92 -13.03 19.81
N ARG L 90 -11.77 -12.40 19.03
CA ARG L 90 -12.41 -11.19 19.50
C ARG L 90 -13.20 -11.40 20.80
N LEU L 91 -13.59 -12.65 21.06
CA LEU L 91 -14.41 -12.97 22.22
C LEU L 91 -13.58 -13.30 23.47
N LEU L 92 -12.26 -13.26 23.33
CA LEU L 92 -11.39 -13.62 24.46
C LEU L 92 -11.05 -12.41 25.31
N TYR L 93 -11.12 -11.25 24.68
CA TYR L 93 -10.57 -10.01 25.23
C TYR L 93 -11.48 -9.41 26.29
N GLY L 94 -10.90 -9.11 27.46
CA GLY L 94 -11.63 -8.51 28.57
C GLY L 94 -12.81 -9.34 29.07
N ARG L 95 -12.53 -10.56 29.54
CA ARG L 95 -13.53 -11.52 29.97
C ARG L 95 -13.22 -12.19 31.32
N HIS L 96 -14.26 -12.41 32.12
CA HIS L 96 -14.18 -13.28 33.28
C HIS L 96 -14.17 -14.74 32.85
N VAL L 97 -13.39 -15.56 33.57
CA VAL L 97 -13.40 -17.00 33.33
C VAL L 97 -13.41 -17.78 34.64
N ASN L 98 -13.93 -19.01 34.58
CA ASN L 98 -13.76 -19.98 35.64
C ASN L 98 -12.63 -20.93 35.25
N VAL L 99 -11.57 -20.95 36.05
CA VAL L 99 -10.47 -21.90 35.83
C VAL L 99 -10.76 -23.15 36.65
N VAL L 100 -10.80 -24.28 35.97
CA VAL L 100 -11.23 -25.51 36.60
C VAL L 100 -10.01 -26.40 36.89
N THR L 101 -9.78 -26.70 38.16
CA THR L 101 -8.66 -27.53 38.61
C THR L 101 -9.15 -28.75 39.38
N GLU L 102 -8.22 -29.61 39.79
CA GLU L 102 -8.57 -30.80 40.58
C GLU L 102 -9.27 -30.41 41.89
N LYS L 103 -8.65 -29.49 42.63
CA LYS L 103 -9.15 -29.05 43.92
C LYS L 103 -10.52 -28.37 43.82
N GLY L 104 -10.65 -27.46 42.86
CA GLY L 104 -11.90 -26.75 42.67
C GLY L 104 -11.87 -25.71 41.56
N ILE L 105 -12.78 -24.75 41.63
CA ILE L 105 -12.89 -23.75 40.59
C ILE L 105 -12.52 -22.35 41.08
N LEU L 106 -11.60 -21.71 40.36
CA LEU L 106 -11.10 -20.39 40.71
C LEU L 106 -11.55 -19.33 39.70
N ASP L 107 -11.82 -18.12 40.20
CA ASP L 107 -12.04 -16.98 39.32
C ASP L 107 -10.73 -16.61 38.58
N GLY L 108 -10.86 -16.19 37.33
CA GLY L 108 -9.75 -15.71 36.53
C GLY L 108 -10.26 -14.60 35.62
N VAL L 109 -9.36 -13.94 34.91
CA VAL L 109 -9.73 -12.77 34.18
C VAL L 109 -8.73 -12.60 33.05
N ILE L 110 -9.21 -12.44 31.82
CA ILE L 110 -8.34 -12.06 30.72
C ILE L 110 -8.51 -10.56 30.57
N GLY L 111 -7.43 -9.81 30.75
CA GLY L 111 -7.53 -8.36 30.88
C GLY L 111 -7.79 -7.61 29.60
N ALA L 112 -8.01 -6.31 29.72
CA ALA L 112 -7.98 -5.41 28.57
C ALA L 112 -7.16 -4.17 28.93
N THR L 113 -6.53 -3.57 27.92
CA THR L 113 -5.70 -2.39 28.11
C THR L 113 -6.52 -1.12 28.04
N PRO L 114 -6.48 -0.30 29.10
CA PRO L 114 -7.30 0.92 29.12
C PRO L 114 -6.79 1.93 28.11
N PRO L 115 -7.68 2.79 27.61
CA PRO L 115 -7.26 3.91 26.77
C PRO L 115 -6.30 4.82 27.54
N HIS L 116 -6.52 4.93 28.86
CA HIS L 116 -5.69 5.78 29.72
C HIS L 116 -4.18 5.52 29.58
N LEU L 117 -3.81 4.31 29.16
CA LEU L 117 -2.41 3.90 29.06
C LEU L 117 -1.94 3.67 27.60
N SER L 124 -6.63 -3.13 17.10
CA SER L 124 -6.79 -4.37 16.34
C SER L 124 -7.04 -5.55 17.28
N VAL L 125 -7.38 -6.71 16.71
CA VAL L 125 -7.72 -7.91 17.49
C VAL L 125 -6.47 -8.56 18.09
N ILE L 126 -6.51 -8.86 19.37
CA ILE L 126 -5.35 -9.45 20.02
C ILE L 126 -5.44 -10.96 19.83
N PRO L 127 -4.40 -11.55 19.26
CA PRO L 127 -4.45 -13.00 19.02
C PRO L 127 -4.44 -13.77 20.34
N TRP L 128 -5.12 -14.92 20.35
CA TRP L 128 -5.22 -15.74 21.55
C TRP L 128 -3.85 -15.94 22.18
N TYR L 129 -2.80 -16.06 21.37
CA TYR L 129 -1.49 -16.42 21.91
C TYR L 129 -0.79 -15.25 22.61
N ASP L 130 -1.32 -14.04 22.44
CA ASP L 130 -0.83 -12.89 23.19
C ASP L 130 -1.61 -12.68 24.50
N LEU L 131 -2.67 -13.44 24.73
CA LEU L 131 -3.49 -13.24 25.93
C LEU L 131 -3.07 -14.17 27.05
N VAL L 132 -3.27 -13.74 28.29
CA VAL L 132 -3.07 -14.61 29.43
C VAL L 132 -4.22 -14.47 30.41
N ILE L 133 -4.33 -15.44 31.31
CA ILE L 133 -5.33 -15.42 32.35
C ILE L 133 -4.71 -15.01 33.67
N ASP L 134 -5.29 -13.98 34.27
CA ASP L 134 -4.85 -13.42 35.54
C ASP L 134 -5.70 -14.02 36.66
N ILE L 135 -5.08 -14.80 37.54
CA ILE L 135 -5.77 -15.41 38.67
C ILE L 135 -5.41 -14.81 40.04
N GLY L 136 -4.70 -13.68 40.04
CA GLY L 136 -4.35 -13.00 41.28
C GLY L 136 -3.14 -13.61 41.97
N ALA L 137 -2.35 -14.37 41.21
CA ALA L 137 -1.10 -14.93 41.71
C ALA L 137 -0.03 -13.89 41.49
N GLU L 138 0.98 -13.87 42.36
CA GLU L 138 2.06 -12.88 42.29
C GLU L 138 3.30 -13.47 41.63
N SER L 139 3.33 -14.78 41.47
CA SER L 139 4.52 -15.46 40.98
C SER L 139 4.21 -16.84 40.45
N LYS L 140 5.11 -17.37 39.64
CA LYS L 140 4.97 -18.70 39.11
C LYS L 140 4.71 -19.69 40.23
N GLU L 141 5.47 -19.54 41.31
CA GLU L 141 5.37 -20.46 42.44
C GLU L 141 3.98 -20.42 43.08
N GLU L 142 3.49 -19.23 43.39
CA GLU L 142 2.17 -19.11 43.97
C GLU L 142 1.09 -19.56 42.97
N ALA L 143 1.33 -19.30 41.69
CA ALA L 143 0.40 -19.76 40.65
C ALA L 143 0.32 -21.30 40.62
N LEU L 144 1.48 -21.95 40.62
CA LEU L 144 1.51 -23.40 40.48
C LEU L 144 0.82 -24.12 41.61
N GLU L 145 0.73 -23.45 42.75
CA GLU L 145 0.04 -24.03 43.90
C GLU L 145 -1.47 -23.98 43.72
N LEU L 146 -1.91 -23.21 42.72
CA LEU L 146 -3.34 -23.02 42.44
C LEU L 146 -3.82 -23.74 41.18
N VAL L 147 -2.97 -23.74 40.15
CA VAL L 147 -3.36 -24.21 38.83
C VAL L 147 -2.20 -24.93 38.17
N LYS L 148 -2.48 -26.08 37.57
CA LYS L 148 -1.46 -26.82 36.83
C LYS L 148 -1.71 -26.77 35.33
N PRO L 149 -0.64 -26.87 34.53
CA PRO L 149 -0.84 -27.11 33.11
C PRO L 149 -1.85 -28.27 32.91
N LEU L 150 -2.65 -28.20 31.84
CA LEU L 150 -3.64 -29.24 31.52
C LEU L 150 -4.91 -29.12 32.33
N ASP L 151 -4.97 -28.17 33.24
CA ASP L 151 -6.26 -27.72 33.76
C ASP L 151 -6.93 -26.94 32.64
N PHE L 152 -8.18 -26.54 32.82
CA PHE L 152 -8.87 -25.80 31.76
C PHE L 152 -9.68 -24.62 32.30
N ALA L 153 -10.25 -23.83 31.41
CA ALA L 153 -11.03 -22.65 31.80
C ALA L 153 -12.17 -22.47 30.80
N VAL L 154 -13.25 -21.86 31.27
CA VAL L 154 -14.39 -21.50 30.43
C VAL L 154 -14.84 -20.12 30.85
N PHE L 155 -15.61 -19.45 29.99
CA PHE L 155 -16.12 -18.13 30.35
C PHE L 155 -17.07 -18.23 31.53
N LYS L 156 -17.09 -17.22 32.37
CA LYS L 156 -18.23 -17.09 33.25
C LYS L 156 -19.39 -16.80 32.30
N LYS L 157 -20.59 -17.21 32.72
CA LYS L 157 -21.75 -17.24 31.84
C LYS L 157 -22.95 -16.50 32.41
N HIS L 158 -23.27 -15.35 31.83
CA HIS L 158 -24.55 -14.69 32.10
C HIS L 158 -25.62 -15.56 31.47
N PHE L 159 -26.82 -15.52 32.05
CA PHE L 159 -27.97 -16.23 31.50
C PHE L 159 -29.11 -15.23 31.35
N SER L 160 -29.57 -15.03 30.12
CA SER L 160 -30.58 -14.02 29.84
C SER L 160 -31.80 -14.64 29.20
N VAL L 161 -32.95 -14.03 29.44
CA VAL L 161 -34.17 -14.37 28.76
C VAL L 161 -34.59 -13.10 28.03
N LEU L 162 -34.77 -13.19 26.72
CA LEU L 162 -35.09 -12.01 25.94
C LEU L 162 -36.57 -12.01 25.62
N ASN L 163 -37.25 -10.97 26.07
CA ASN L 163 -38.66 -10.81 25.82
C ASN L 163 -39.46 -12.09 26.06
N GLY L 164 -39.12 -12.79 27.13
CA GLY L 164 -39.89 -13.95 27.56
C GLY L 164 -39.65 -15.24 26.81
N LYS L 165 -39.24 -15.17 25.54
CA LYS L 165 -39.21 -16.36 24.66
C LYS L 165 -37.84 -16.85 24.16
N TYR L 166 -36.80 -16.04 24.34
CA TYR L 166 -35.45 -16.40 23.92
C TYR L 166 -34.56 -16.56 25.15
N VAL L 167 -33.69 -17.57 25.10
CA VAL L 167 -32.67 -17.77 26.13
C VAL L 167 -31.30 -17.50 25.52
N SER L 168 -30.46 -16.70 26.19
CA SER L 168 -29.08 -16.47 25.72
C SER L 168 -28.05 -16.81 26.77
N THR L 169 -27.11 -17.68 26.41
CA THR L 169 -26.03 -18.03 27.30
C THR L 169 -25.05 -18.96 26.62
N ARG L 170 -23.79 -18.87 27.01
CA ARG L 170 -22.77 -19.76 26.47
C ARG L 170 -23.08 -21.20 26.82
N GLY L 171 -23.02 -22.08 25.83
CA GLY L 171 -23.21 -23.50 26.10
C GLY L 171 -24.57 -24.05 25.71
N LEU L 172 -25.45 -23.23 25.16
CA LEU L 172 -26.68 -23.76 24.61
C LEU L 172 -26.28 -24.84 23.61
N ASP L 173 -25.20 -24.55 22.91
CA ASP L 173 -24.56 -25.54 22.08
C ASP L 173 -23.52 -26.29 22.92
N ASP L 174 -23.82 -27.51 23.37
CA ASP L 174 -25.00 -28.29 23.00
C ASP L 174 -25.75 -28.81 24.24
N ARG L 175 -25.77 -28.02 25.31
CA ARG L 175 -26.49 -28.41 26.53
C ARG L 175 -27.98 -28.42 26.29
N PHE L 176 -28.45 -27.68 25.26
CA PHE L 176 -29.86 -27.79 24.88
C PHE L 176 -30.16 -29.18 24.32
N GLY L 177 -29.21 -29.75 23.60
CA GLY L 177 -29.34 -31.11 23.14
C GLY L 177 -29.37 -32.11 24.29
N VAL L 178 -28.54 -31.87 25.30
CA VAL L 178 -28.45 -32.78 26.42
C VAL L 178 -29.78 -32.79 27.16
N VAL L 179 -30.31 -31.60 27.38
CA VAL L 179 -31.59 -31.44 28.04
C VAL L 179 -32.70 -32.10 27.22
N ALA L 180 -32.64 -31.95 25.90
CA ALA L 180 -33.65 -32.53 25.02
C ALA L 180 -33.65 -34.03 25.15
N LEU L 181 -32.47 -34.63 25.10
CA LEU L 181 -32.38 -36.08 25.23
C LEU L 181 -32.79 -36.60 26.62
N ILE L 182 -32.35 -35.93 27.70
CA ILE L 182 -32.79 -36.33 29.04
C ILE L 182 -34.31 -36.39 29.13
N GLU L 183 -34.96 -35.37 28.55
CA GLU L 183 -36.40 -35.24 28.55
C GLU L 183 -37.08 -36.39 27.78
N ALA L 184 -36.54 -36.68 26.60
CA ALA L 184 -37.04 -37.76 25.76
C ALA L 184 -36.91 -39.10 26.47
N ILE L 185 -35.77 -39.30 27.14
CA ILE L 185 -35.55 -40.54 27.87
C ILE L 185 -36.61 -40.70 28.96
N LYS L 186 -36.92 -39.62 29.64
CA LYS L 186 -37.88 -39.69 30.73
C LYS L 186 -39.29 -40.01 30.24
N ASP L 187 -39.65 -39.44 29.09
CA ASP L 187 -40.99 -39.66 28.52
C ASP L 187 -41.19 -41.03 27.92
N LEU L 188 -40.12 -41.60 27.40
CA LEU L 188 -40.19 -42.81 26.56
C LEU L 188 -39.91 -44.09 27.31
N VAL L 189 -39.24 -43.97 28.45
CA VAL L 189 -38.71 -45.12 29.17
C VAL L 189 -39.77 -46.16 29.55
N ASP L 190 -40.93 -45.70 30.00
CA ASP L 190 -41.99 -46.65 30.38
C ASP L 190 -43.00 -46.90 29.26
N HIS L 191 -42.83 -46.20 28.14
CA HIS L 191 -43.63 -46.44 26.95
C HIS L 191 -43.00 -47.55 26.15
N GLU L 192 -41.95 -48.18 26.69
CA GLU L 192 -41.14 -49.15 25.95
C GLU L 192 -41.79 -49.72 24.68
N LEU L 193 -41.16 -49.46 23.54
CA LEU L 193 -41.78 -49.73 22.26
C LEU L 193 -40.82 -50.18 21.11
N GLU L 194 -41.03 -49.65 19.92
CA GLU L 194 -40.82 -50.42 18.69
C GLU L 194 -39.40 -50.78 18.22
N GLY L 195 -38.53 -51.21 19.13
CA GLY L 195 -37.21 -51.66 18.75
C GLY L 195 -36.14 -51.20 19.74
N LYS L 196 -34.95 -50.90 19.25
CA LYS L 196 -33.90 -50.39 20.13
C LYS L 196 -33.55 -48.94 19.81
N VAL L 197 -33.79 -48.05 20.76
CA VAL L 197 -33.54 -46.62 20.60
C VAL L 197 -32.46 -46.11 21.55
N ILE L 198 -31.34 -45.67 20.99
CA ILE L 198 -30.15 -45.41 21.79
C ILE L 198 -29.87 -43.91 21.97
N PHE L 199 -29.75 -43.47 23.23
CA PHE L 199 -29.39 -42.10 23.52
C PHE L 199 -27.93 -42.03 23.98
N ALA L 200 -27.14 -41.20 23.29
CA ALA L 200 -25.72 -41.08 23.59
C ALA L 200 -25.35 -39.63 23.86
N PHE L 201 -24.82 -39.39 25.05
CA PHE L 201 -24.30 -38.07 25.39
C PHE L 201 -22.80 -38.13 25.16
N THR L 202 -22.38 -37.50 24.07
CA THR L 202 -21.04 -37.75 23.52
C THR L 202 -19.95 -36.79 24.03
N VAL L 203 -18.69 -37.17 23.83
CA VAL L 203 -17.57 -36.32 24.17
C VAL L 203 -16.86 -35.81 22.92
N GLN L 204 -16.15 -34.71 23.09
CA GLN L 204 -15.16 -34.28 22.11
C GLN L 204 -15.72 -33.96 20.73
N GLU L 205 -16.97 -33.49 20.69
CA GLU L 205 -17.60 -33.16 19.42
C GLU L 205 -16.89 -31.95 18.79
N GLU L 206 -16.47 -31.02 19.65
CA GLU L 206 -15.92 -29.73 19.20
C GLU L 206 -14.49 -29.86 18.68
N VAL L 207 -13.86 -31.01 18.89
CA VAL L 207 -12.52 -31.26 18.37
C VAL L 207 -12.48 -32.41 17.36
N GLY L 208 -13.44 -32.42 16.44
CA GLY L 208 -13.47 -33.42 15.39
C GLY L 208 -14.23 -34.70 15.70
N LEU L 209 -15.30 -34.59 16.50
CA LEU L 209 -16.30 -35.68 16.65
C LEU L 209 -15.68 -36.97 17.21
N LYS L 210 -14.70 -36.84 18.12
CA LYS L 210 -13.97 -38.00 18.58
C LYS L 210 -14.86 -38.97 19.34
N GLY L 211 -15.85 -38.45 20.05
CA GLY L 211 -16.78 -39.28 20.80
C GLY L 211 -17.66 -40.12 19.89
N ALA L 212 -18.19 -39.49 18.84
CA ALA L 212 -19.07 -40.15 17.89
C ALA L 212 -18.32 -41.22 17.12
N LYS L 213 -17.07 -40.93 16.78
CA LYS L 213 -16.23 -41.88 16.07
C LYS L 213 -15.94 -43.14 16.89
N PHE L 214 -15.64 -42.97 18.18
CA PHE L 214 -15.43 -44.11 19.06
C PHE L 214 -16.74 -44.92 19.12
N LEU L 215 -17.84 -44.19 19.17
CA LEU L 215 -19.14 -44.76 19.37
C LEU L 215 -19.51 -45.58 18.12
N ALA L 216 -19.04 -45.11 16.97
CA ALA L 216 -19.35 -45.72 15.68
C ALA L 216 -18.77 -47.12 15.52
N ASN L 217 -17.76 -47.46 16.31
CA ASN L 217 -17.18 -48.79 16.29
C ASN L 217 -17.86 -49.74 17.28
N HIS L 218 -18.87 -49.26 18.00
CA HIS L 218 -19.59 -50.05 19.00
C HIS L 218 -21.07 -50.18 18.69
N TYR L 219 -21.58 -49.29 17.84
CA TYR L 219 -23.00 -49.28 17.50
C TYR L 219 -23.23 -49.18 16.00
N TYR L 220 -24.32 -49.76 15.54
CA TYR L 220 -24.59 -49.85 14.14
C TYR L 220 -26.08 -49.63 13.91
N PRO L 221 -26.56 -48.41 14.18
CA PRO L 221 -27.99 -48.13 14.05
C PRO L 221 -28.40 -48.03 12.59
N GLN L 222 -29.70 -48.19 12.35
CA GLN L 222 -30.25 -47.99 11.02
C GLN L 222 -30.31 -46.49 10.73
N TYR L 223 -30.62 -45.71 11.77
CA TYR L 223 -30.72 -44.26 11.66
C TYR L 223 -29.90 -43.59 12.74
N ALA L 224 -28.99 -42.72 12.34
CA ALA L 224 -28.11 -42.02 13.28
C ALA L 224 -28.38 -40.53 13.26
N PHE L 225 -28.83 -39.99 14.38
CA PHE L 225 -29.17 -38.57 14.51
C PHE L 225 -28.22 -37.80 15.43
N ALA L 226 -27.85 -36.60 15.01
CA ALA L 226 -27.19 -35.68 15.93
C ALA L 226 -28.19 -34.57 16.29
N ILE L 227 -28.34 -34.32 17.58
CA ILE L 227 -29.23 -33.26 18.03
C ILE L 227 -28.28 -32.15 18.44
N ASP L 228 -28.25 -31.07 17.67
CA ASP L 228 -27.20 -30.06 17.82
C ASP L 228 -27.67 -28.77 17.20
N SER L 229 -26.87 -27.72 17.35
CA SER L 229 -27.30 -26.39 16.91
C SER L 229 -27.39 -26.26 15.40
N PHE L 230 -28.06 -25.22 14.94
CA PHE L 230 -28.11 -24.87 13.52
C PHE L 230 -27.86 -23.38 13.49
N ALA L 231 -26.69 -22.96 13.02
CA ALA L 231 -26.32 -21.54 13.05
C ALA L 231 -27.20 -20.74 12.13
N CYS L 232 -27.67 -19.61 12.63
CA CYS L 232 -28.68 -18.82 11.96
C CYS L 232 -28.44 -17.38 12.43
N CYS L 233 -28.74 -16.39 11.60
CA CYS L 233 -29.30 -16.56 10.26
C CYS L 233 -28.46 -15.76 9.26
N SER L 234 -28.40 -16.22 8.02
CA SER L 234 -27.73 -15.46 6.96
C SER L 234 -28.29 -15.83 5.57
N PRO L 235 -27.74 -15.24 4.50
CA PRO L 235 -28.15 -15.66 3.16
C PRO L 235 -27.91 -17.15 2.89
N LEU L 236 -27.03 -17.79 3.66
CA LEU L 236 -26.82 -19.22 3.48
C LEU L 236 -28.00 -20.00 4.06
N THR L 237 -28.68 -19.44 5.06
CA THR L 237 -29.67 -20.20 5.83
C THR L 237 -31.11 -20.04 5.34
N GLY L 238 -31.27 -19.44 4.16
CA GLY L 238 -32.59 -19.28 3.56
C GLY L 238 -33.58 -18.59 4.46
N ASP L 239 -34.76 -19.21 4.60
CA ASP L 239 -35.84 -18.64 5.40
C ASP L 239 -35.94 -19.24 6.81
N VAL L 240 -34.97 -20.06 7.21
CA VAL L 240 -34.94 -20.57 8.57
C VAL L 240 -34.98 -19.40 9.54
N LYS L 241 -35.81 -19.51 10.57
CA LYS L 241 -35.97 -18.44 11.55
C LYS L 241 -36.20 -18.99 12.95
N LEU L 242 -35.64 -18.31 13.96
CA LEU L 242 -35.91 -18.66 15.35
C LEU L 242 -37.41 -18.46 15.59
N GLY L 243 -38.06 -19.48 16.13
CA GLY L 243 -39.47 -19.38 16.47
C GLY L 243 -40.39 -20.11 15.50
N LYS L 244 -39.83 -20.64 14.42
CA LYS L 244 -40.62 -21.31 13.41
C LYS L 244 -40.41 -22.81 13.47
N GLY L 245 -39.86 -23.27 14.59
CA GLY L 245 -39.81 -24.69 14.88
C GLY L 245 -38.43 -25.30 14.75
N PRO L 246 -38.31 -26.59 15.07
CA PRO L 246 -37.08 -27.36 14.92
C PRO L 246 -36.66 -27.31 13.48
N VAL L 247 -35.37 -27.57 13.21
CA VAL L 247 -34.83 -27.47 11.87
C VAL L 247 -34.13 -28.76 11.53
N ILE L 248 -34.41 -29.26 10.32
CA ILE L 248 -33.64 -30.34 9.76
C ILE L 248 -32.36 -29.76 9.16
N ARG L 249 -31.21 -30.22 9.63
CA ARG L 249 -29.92 -29.75 9.13
C ARG L 249 -29.55 -30.62 7.95
N ALA L 250 -30.10 -30.30 6.78
CA ALA L 250 -30.02 -31.20 5.63
C ALA L 250 -28.59 -31.34 5.13
N VAL L 251 -27.84 -30.25 5.26
CA VAL L 251 -26.52 -30.12 4.66
C VAL L 251 -25.72 -29.11 5.46
N ASP L 252 -24.50 -29.48 5.83
CA ASP L 252 -23.56 -28.53 6.41
C ASP L 252 -22.19 -28.77 5.79
N ASN L 253 -21.13 -28.31 6.45
CA ASN L 253 -19.78 -28.46 5.90
C ASN L 253 -19.23 -29.88 6.04
N SER L 254 -19.80 -30.64 6.98
CA SER L 254 -19.35 -32.01 7.19
C SER L 254 -20.08 -33.00 6.31
N ALA L 255 -21.27 -32.62 5.80
CA ALA L 255 -22.08 -33.59 5.04
C ALA L 255 -23.33 -33.10 4.33
N ILE L 256 -23.66 -33.78 3.25
CA ILE L 256 -25.03 -33.83 2.73
C ILE L 256 -25.68 -35.05 3.39
N TYR L 257 -26.54 -34.83 4.39
CA TYR L 257 -27.14 -35.92 5.14
C TYR L 257 -28.20 -36.69 4.30
N SER L 258 -28.73 -37.79 4.83
CA SER L 258 -29.70 -38.62 4.08
C SER L 258 -30.96 -37.84 3.69
N ARG L 259 -31.18 -37.69 2.39
CA ARG L 259 -32.37 -37.01 1.90
C ARG L 259 -33.65 -37.81 2.22
N ASP L 260 -33.55 -39.13 2.23
CA ASP L 260 -34.73 -39.96 2.47
C ASP L 260 -35.10 -39.98 3.95
N LEU L 261 -34.08 -40.00 4.82
CA LEU L 261 -34.34 -39.88 6.25
C LEU L 261 -34.92 -38.50 6.56
N ALA L 262 -34.51 -37.49 5.81
CA ALA L 262 -35.04 -36.16 6.00
C ALA L 262 -36.52 -36.12 5.63
N ARG L 263 -36.85 -36.72 4.49
CA ARG L 263 -38.24 -36.78 4.03
CA ARG L 263 -38.24 -36.76 4.04
C ARG L 263 -39.10 -37.49 5.06
N LYS L 264 -38.60 -38.59 5.59
CA LYS L 264 -39.29 -39.32 6.63
C LYS L 264 -39.53 -38.45 7.88
N VAL L 265 -38.50 -37.74 8.32
CA VAL L 265 -38.62 -36.91 9.50
C VAL L 265 -39.68 -35.86 9.23
N TRP L 266 -39.59 -35.26 8.05
CA TRP L 266 -40.50 -34.20 7.63
C TRP L 266 -41.94 -34.67 7.66
N SER L 267 -42.17 -35.88 7.14
CA SER L 267 -43.49 -36.49 7.11
C SER L 267 -44.03 -36.66 8.53
N ILE L 268 -43.24 -37.30 9.40
CA ILE L 268 -43.69 -37.57 10.75
C ILE L 268 -44.03 -36.28 11.47
N ALA L 269 -43.25 -35.23 11.24
CA ALA L 269 -43.52 -33.94 11.88
C ALA L 269 -44.85 -33.37 11.41
N GLU L 270 -45.15 -33.59 10.14
CA GLU L 270 -46.34 -33.01 9.54
C GLU L 270 -47.60 -33.71 10.07
N LYS L 271 -47.57 -35.04 10.08
CA LYS L 271 -48.69 -35.83 10.56
C LYS L 271 -48.91 -35.67 12.07
N ASN L 272 -47.90 -35.17 12.79
CA ASN L 272 -48.06 -34.86 14.21
C ASN L 272 -48.41 -33.41 14.46
N GLY L 273 -48.45 -32.62 13.40
CA GLY L 273 -48.82 -31.21 13.51
C GLY L 273 -47.71 -30.34 14.08
N ILE L 274 -46.47 -30.75 13.87
CA ILE L 274 -45.32 -30.07 14.44
C ILE L 274 -44.63 -29.17 13.41
N GLU L 275 -44.67 -27.86 13.63
CA GLU L 275 -44.00 -26.91 12.72
C GLU L 275 -42.53 -27.32 12.56
N ILE L 276 -42.02 -27.21 11.35
CA ILE L 276 -40.67 -27.69 11.10
C ILE L 276 -40.01 -26.91 9.97
N GLN L 277 -38.69 -26.86 9.98
CA GLN L 277 -37.94 -26.14 8.96
C GLN L 277 -36.85 -27.06 8.45
N ILE L 278 -36.25 -26.67 7.33
CA ILE L 278 -35.14 -27.43 6.76
C ILE L 278 -34.27 -26.40 6.11
N GLY L 279 -32.97 -26.66 6.03
CA GLY L 279 -32.05 -25.67 5.51
C GLY L 279 -30.59 -26.07 5.55
N VAL L 280 -29.75 -25.16 5.07
CA VAL L 280 -28.31 -25.38 4.96
C VAL L 280 -27.59 -24.45 5.94
N THR L 281 -26.53 -24.92 6.57
CA THR L 281 -25.77 -24.10 7.50
C THR L 281 -24.30 -24.51 7.47
N GLY L 282 -23.49 -23.91 8.34
CA GLY L 282 -22.08 -24.22 8.40
C GLY L 282 -21.75 -25.18 9.54
N GLY L 283 -20.57 -25.79 9.49
CA GLY L 283 -20.10 -26.66 10.55
C GLY L 283 -20.33 -28.14 10.28
N GLY L 284 -20.12 -28.96 11.31
CA GLY L 284 -20.38 -30.39 11.23
C GLY L 284 -21.06 -30.89 12.50
N THR L 285 -21.48 -32.16 12.50
CA THR L 285 -22.11 -32.78 13.67
C THR L 285 -21.68 -34.23 13.82
N ASP L 286 -21.91 -34.78 15.01
CA ASP L 286 -21.65 -36.19 15.31
C ASP L 286 -22.25 -37.13 14.27
N ALA L 287 -23.36 -36.74 13.66
CA ALA L 287 -24.05 -37.61 12.72
C ALA L 287 -23.15 -38.05 11.56
N SER L 288 -22.24 -37.16 11.14
CA SER L 288 -21.35 -37.48 10.02
C SER L 288 -20.32 -38.55 10.37
N ALA L 289 -20.13 -38.82 11.65
CA ALA L 289 -19.31 -39.95 12.07
C ALA L 289 -19.99 -41.29 11.75
N PHE L 290 -21.27 -41.26 11.40
CA PHE L 290 -21.97 -42.51 11.07
C PHE L 290 -22.38 -42.56 9.59
N GLN L 291 -21.98 -41.56 8.82
CA GLN L 291 -22.39 -41.48 7.41
C GLN L 291 -21.74 -42.64 6.69
N ASP L 292 -20.78 -43.20 7.40
CA ASP L 292 -20.06 -44.40 7.07
C ASP L 292 -20.89 -45.68 6.95
N ARG L 293 -22.04 -45.73 7.60
CA ARG L 293 -22.69 -47.03 7.90
C ARG L 293 -24.19 -46.98 8.17
N SER L 294 -24.71 -45.79 8.49
CA SER L 294 -26.12 -45.63 8.81
C SER L 294 -26.70 -44.57 7.91
N LYS L 295 -28.01 -44.41 7.97
CA LYS L 295 -28.61 -43.22 7.38
C LYS L 295 -28.52 -42.16 8.46
N THR L 296 -27.97 -41.01 8.09
CA THR L 296 -27.67 -39.99 9.06
C THR L 296 -28.48 -38.74 8.80
N LEU L 297 -28.77 -38.01 9.87
CA LEU L 297 -29.37 -36.71 9.77
C LEU L 297 -28.99 -35.90 10.99
N ALA L 298 -29.10 -34.57 10.89
CA ALA L 298 -29.01 -33.72 12.08
C ALA L 298 -30.32 -32.96 12.27
N LEU L 299 -30.73 -32.84 13.52
CA LEU L 299 -31.96 -32.17 13.87
C LEU L 299 -31.57 -31.10 14.86
N SER L 300 -32.18 -29.94 14.75
CA SER L 300 -31.63 -28.83 15.48
C SER L 300 -32.70 -27.87 15.93
N VAL L 301 -32.26 -26.91 16.73
CA VAL L 301 -33.01 -25.72 16.99
C VAL L 301 -32.12 -24.64 16.37
N PRO L 302 -32.73 -23.65 15.72
CA PRO L 302 -31.90 -22.57 15.16
C PRO L 302 -31.25 -21.76 16.28
N ILE L 303 -29.98 -21.41 16.14
CA ILE L 303 -29.28 -20.66 17.17
C ILE L 303 -28.51 -19.46 16.60
N LYS L 304 -28.80 -18.26 17.10
CA LYS L 304 -28.08 -17.04 16.69
C LYS L 304 -26.85 -16.84 17.53
N TYR L 305 -25.83 -16.23 16.94
CA TYR L 305 -24.60 -15.86 17.64
C TYR L 305 -23.85 -17.04 18.24
N LEU L 306 -23.89 -18.17 17.52
CA LEU L 306 -23.28 -19.43 17.95
C LEU L 306 -21.82 -19.29 18.42
N HIS L 307 -21.46 -20.01 19.46
CA HIS L 307 -20.08 -20.05 19.93
C HIS L 307 -19.67 -18.72 20.54
N SER L 308 -20.61 -18.10 21.27
CA SER L 308 -20.35 -16.89 22.02
C SER L 308 -21.09 -16.96 23.33
N GLU L 309 -20.91 -15.94 24.17
CA GLU L 309 -21.61 -15.88 25.44
C GLU L 309 -23.06 -15.48 25.22
N VAL L 310 -23.39 -15.01 24.01
CA VAL L 310 -24.75 -14.52 23.77
C VAL L 310 -25.54 -15.38 22.79
N GLU L 311 -25.06 -16.60 22.53
CA GLU L 311 -25.76 -17.48 21.61
C GLU L 311 -27.16 -17.70 22.16
N THR L 312 -28.14 -17.76 21.26
CA THR L 312 -29.54 -17.58 21.61
C THR L 312 -30.43 -18.58 20.90
N LEU L 313 -31.41 -19.12 21.63
CA LEU L 313 -32.40 -20.00 21.00
C LEU L 313 -33.79 -19.55 21.41
N HIS L 314 -34.79 -20.03 20.69
CA HIS L 314 -36.18 -19.73 20.97
C HIS L 314 -36.78 -20.93 21.72
N LEU L 315 -37.39 -20.67 22.89
CA LEU L 315 -37.94 -21.76 23.70
C LEU L 315 -38.97 -22.65 22.97
N ASN L 316 -39.87 -22.05 22.21
CA ASN L 316 -40.85 -22.87 21.48
C ASN L 316 -40.23 -23.88 20.52
N ASP L 317 -39.13 -23.49 19.86
CA ASP L 317 -38.43 -24.44 18.98
C ASP L 317 -37.88 -25.65 19.73
N LEU L 318 -37.34 -25.41 20.92
CA LEU L 318 -36.83 -26.49 21.73
C LEU L 318 -37.99 -27.41 22.11
N GLU L 319 -39.12 -26.83 22.50
CA GLU L 319 -40.27 -27.63 22.93
C GLU L 319 -40.69 -28.58 21.81
N LYS L 320 -40.93 -28.01 20.64
CA LYS L 320 -41.31 -28.82 19.50
C LYS L 320 -40.24 -29.84 19.17
N LEU L 321 -38.99 -29.54 19.50
CA LEU L 321 -37.92 -30.47 19.14
C LEU L 321 -38.02 -31.70 20.01
N VAL L 322 -38.39 -31.52 21.27
CA VAL L 322 -38.54 -32.65 22.17
C VAL L 322 -39.69 -33.51 21.69
N LYS L 323 -40.79 -32.87 21.32
CA LYS L 323 -41.93 -33.59 20.73
C LYS L 323 -41.53 -34.36 19.49
N LEU L 324 -40.70 -33.75 18.64
CA LEU L 324 -40.28 -34.39 17.41
C LEU L 324 -39.45 -35.65 17.66
N ILE L 325 -38.54 -35.57 18.62
CA ILE L 325 -37.67 -36.70 18.95
C ILE L 325 -38.48 -37.87 19.48
N GLU L 326 -39.49 -37.58 20.29
CA GLU L 326 -40.30 -38.64 20.86
C GLU L 326 -41.13 -39.30 19.77
N ALA L 327 -41.64 -38.48 18.86
CA ALA L 327 -42.43 -38.94 17.73
C ALA L 327 -41.63 -39.84 16.79
N LEU L 328 -40.34 -39.57 16.67
CA LEU L 328 -39.44 -40.38 15.83
C LEU L 328 -39.13 -41.70 16.53
N ALA L 329 -39.04 -41.67 17.85
CA ALA L 329 -38.83 -42.91 18.58
C ALA L 329 -40.00 -43.89 18.32
N PHE L 330 -41.20 -43.34 18.18
CA PHE L 330 -42.43 -44.12 17.99
C PHE L 330 -42.72 -44.53 16.56
N GLU L 331 -42.36 -43.69 15.59
CA GLU L 331 -42.89 -43.85 14.24
C GLU L 331 -41.86 -44.07 13.16
N LEU L 332 -40.59 -43.79 13.46
CA LEU L 332 -39.58 -43.82 12.41
C LEU L 332 -39.39 -45.26 11.91
CO CO M . 4.42 28.41 24.66
CO CO N . 3.78 31.53 25.75
CO CO O . 34.25 -15.19 -3.31
CO CO P . 37.16 -15.75 -5.03
CO CO Q . 33.90 9.78 13.68
CO CO R . 36.90 9.01 14.90
CO CO S . 1.82 7.59 -36.85
CO CO T . 1.11 7.08 -40.14
CO CO U . -23.78 25.81 13.69
CO CO V . -26.23 26.80 15.85
CO CO W . -13.80 -33.87 -9.69
CO CO X . -13.43 -37.22 -10.22
CO CO Y . -13.67 6.28 34.42
CO CO Z . -13.49 7.46 37.51
CO CO AA . -18.50 24.51 -22.49
CO CO BA . -18.59 26.68 -24.97
CO CO CA . -24.66 -4.38 -28.63
CO CO DA . -27.33 -3.46 -30.45
CO CO EA . 31.89 11.80 -16.46
CO CO FA . 34.63 13.66 -16.51
CO CO GA . 7.71 -35.42 11.56
CO CO HA . 7.30 -37.90 13.80
CO CO IA . -20.26 -26.04 18.73
CO CO JA . -22.55 -28.39 18.86
#